data_9L40
#
_entry.id   9L40
#
_cell.length_a   1.00
_cell.length_b   1.00
_cell.length_c   1.00
_cell.angle_alpha   90.00
_cell.angle_beta   90.00
_cell.angle_gamma   90.00
#
_symmetry.space_group_name_H-M   'P 1'
#
loop_
_entity.id
_entity.type
_entity.pdbx_description
1 polymer 'Serine/threonine-protein kinase ATR'
2 non-polymer VE-822
#
_entity_poly.entity_id   1
_entity_poly.type   'polypeptide(L)'
_entity_poly.pdbx_seq_one_letter_code
;MGEHGLELASMIPALRELGSATPEEYNTVVQKPRQILCQFIDRILTDVNVVAVELVKKTDSQPTSVMLLDFIQHIMKSSP
LMFVNVSGSHEAKGSCIEFSNWIITRLLRIAATPSCHLLHKKICEVICSLLFLFKSKSPAIFGVLTKELLQLFEDLVYLH
RRNVMGHAVEWPVVMSRFLSQLDEHMGYLQSAPLQLMSMQNLEFIEVTLLMVLTRIIAIVFFRRQELLLWQIGCVLLEYG
SPKIKSLAISFLTELFQLGGLPAQPASTFFSSFLELLKHLVEMDTDQLKLYEEPLSKLIKTLFPFEAEAYRNIEPVYLNM
LLEKLCVMFEDGVLMRLKSDLLKAALCHLLQYFLKFVPAGYESALQVRKVYVRNICKALLDVLGIEVDAEYLLGPLYAAL
KMESMEIIEEIQCQTQQENLSSNSDGISPKRRRLSSSLNPSKRAPKQTEEIKHVDMNQKSILWSALKQKAESLQISLEYS
GLKNPVIEMLEGIAVVLQLTALCTVHCSHQNMNCRTFKDCQHKSKKKPSVVITWMSLDFYTKVLKSCRSLLESVQKLDLE
ATIDKVVKIYDALIYMQVNSSFEDHILEDLCGMLSLPWIYSHSDDGCLKLTTFAANLLTLSCRISDSYSPQAQSRCVFLL
TLFPRRIFLEWRTAVYNWALQSSHEVIRASCVSGFFILLQQQNSCNRVPKILIDKVKDDSDIVKKEFASILGQLVCTLHG
MFYLTSSLTEPFSEHGHVDLFCRNLKATSQHECSSSQLKASVCKPFLFLLKKKIPSPVKLAFIDNLHHLCKHLDFREDET
DVKAVLGTLLNLMEDPDKDVRVAFSGNIKHILESLDSEDGFIKELFVLRMKEAYTHAQISRNNELKDTLILTTGDIGRAA
KGDLVPFALLHLLHCLLSKSASVSGAAYTEIRALVAAKSVKLQSFFSQYKKPICQFLVESLHSSQMTALPNTPCQNADVR
KQDVAHQREMALNTLSEIANVFDFPDLNRFLTRTLQVLLPDLAAKASPAASALIRTLGKQLNVNRREILINNFKYIFSHL
VCSCSKDELERALHYLKNETEIELGSLLRQDFQGLHNELLLRIGEHYQQVFNGLSILASFASSDDPYQGPRDIISPELMA
DYLQPKLLGILAFFNMQLLSSSVGIEDKKMALNSLMSLMKLMGPKHVSSVRVKMMTTLRTGLRFKDDFPELCCRAWDCFV
RCLDHACLGSLLSHVIVALLPLIHIQPKETAAIFHYLIIENRDAVQDFLHEIYFLPDHPELKKIKAVLQEYRKETSESTD
LQTTLQLSMKAIQHENVDVRIHALTSLKETLYKNQEKLIKYATDSETVEPIISQLVTVLLKGCQDANSQARLLCGECLGE
LGAIDPGRLDFSTTETQGKDFTFVTGVEDSSFAYGLLMELTRAYLAYADNSRAQDSAAYAIQELLSIYDCREMETNGPGH
QLWRRFPEHVREILEPHLNTRYKSSQKSTDWSGVKKPIYLSKLGSNFAEWSASWAGYLITKVRHDLASKIFTCCSIMMKH
DFKVTIYLLPHILVYVLLGCNQEDQQEVYAEIMAVLKHDDQHTINTQDIASDLCQLSTQTVFSMLDHLTQWARHKFQALK
AEKCPHSKSNRNKVDSMVSTVDYEDYQSVTRFLDLIPQDTLAVASFRSKAYTRAVMHFESFITEKKQNIQEHLGFLQKLY
AAMHEPDGVAGVSAIRKAEPSLKEQILEHESLGLLRDATACYDRAIQLEPDQIIHYHGVVKSMLGLGQLSTVITQVNGVH
ANRSEWTDELNTYRVEAAWKLSQWDLVENYLAADGKSTTWSVRLGQLLLSAKKRDITAFYDSLKLVRAEQIVPLSAASFE
RGSYQRGYEYIVRLHMLCELEHSIKPLFQHSPGDSSQEDSLNWVARLEMTQNSYRAKEPILALRRALLSLNKRPDYNEMV
GECWLQSARVARKAGHHQTAYNALLNAGESRLAELYVERAKWLWSKGDVHQALIVLQKGVELCFPENETPPEGKNMLIHG
RAMLLVGRFMEETANFESNAIMKKYKDVTACLPEWEDGHFYLAKYYDKLMPMVTDNKMEKQGDLIRYIVLHFGRSLQYGN
QFIYQSMPRMLTLWLDYGTKAYEWEKAGRSDRVQMRNDLGKINKVITEHTNYLAPYQFLTAFSQLISRICHSHDEVFVVL
MEIIAKVFLAYPQQAMWMMTAVSKSSYPMRVNRCKEILNKAIHMKKSLEKFVGDATRLTDKLLELCNKPVDGSSSTLSMS
THFKMLKKLVEEATFSEILIPLQSVMIPTLPSILGTHANHASHEPFPGHWAYIAGFDDMVEILASLQKPKKISLKGSDGK
FYIMMCKPKDDLRKDCRLMEFNSLINKCLRKDAESRRRELHIRTYAVIPLNDECGIIEWVNNTAGLRPILTKLYKEKGVY
MTGKELRQCMLPKSAALSEKLKVFREFLLPRHPPIFHEWFLRTFPDPTSWYSSRSAYCRSTAVMSMVGYILGLGDRHGEN
ILFDSLTGECVHVDFNCLFNKGETFEVPEIVPFRLTHNMVNGMGPMGTEGLFRRACEVTMRLMRDQREPLMSVLKTFLHD
PLVEWSKPVKGHSKAPLNETGEVVNEKAKTHVLDIEQRLQGVIKTRNRVTGLPLSIEGHVHYLIQEATDENLLCQMYLGW
TPYM
;
_entity_poly.pdbx_strand_id   A,B
#
# COMPACT_ATOMS: atom_id res chain seq x y z
N ASP A 1280 -37.75 -7.31 36.86
CA ASP A 1280 -36.54 -7.96 37.35
C ASP A 1280 -35.81 -8.67 36.21
N LEU A 1281 -36.26 -9.89 35.91
CA LEU A 1281 -35.71 -10.70 34.83
C LEU A 1281 -34.37 -11.33 35.19
N GLN A 1282 -33.75 -10.85 36.26
CA GLN A 1282 -32.55 -11.53 36.75
C GLN A 1282 -32.92 -12.81 37.48
N THR A 1283 -33.91 -12.73 38.35
CA THR A 1283 -34.46 -13.94 38.98
C THR A 1283 -34.97 -14.91 37.92
N THR A 1284 -35.73 -14.40 36.94
CA THR A 1284 -36.22 -15.25 35.88
C THR A 1284 -35.09 -15.99 35.20
N LEU A 1285 -34.05 -15.27 34.79
CA LEU A 1285 -32.96 -15.93 34.07
C LEU A 1285 -32.23 -16.92 34.96
N GLN A 1286 -32.09 -16.62 36.25
CA GLN A 1286 -31.40 -17.54 37.15
C GLN A 1286 -32.17 -18.86 37.29
N LEU A 1287 -33.46 -18.76 37.62
CA LEU A 1287 -34.24 -19.99 37.76
C LEU A 1287 -34.36 -20.73 36.44
N SER A 1288 -34.40 -20.00 35.31
CA SER A 1288 -34.45 -20.69 34.04
C SER A 1288 -33.14 -21.40 33.75
N MET A 1289 -32.02 -20.80 34.13
CA MET A 1289 -30.74 -21.47 33.97
C MET A 1289 -30.72 -22.77 34.76
N LYS A 1290 -31.30 -22.77 35.95
CA LYS A 1290 -31.27 -24.01 36.74
C LYS A 1290 -32.31 -25.01 36.25
N ALA A 1291 -33.40 -24.53 35.66
CA ALA A 1291 -34.42 -25.44 35.14
C ALA A 1291 -33.91 -26.14 33.89
N ILE A 1292 -33.23 -25.42 33.01
CA ILE A 1292 -32.69 -26.03 31.80
C ILE A 1292 -31.76 -27.18 32.16
N GLN A 1293 -31.10 -27.11 33.30
CA GLN A 1293 -30.21 -28.18 33.74
C GLN A 1293 -30.96 -29.11 34.69
N HIS A 1294 -31.96 -29.78 34.14
CA HIS A 1294 -32.75 -30.75 34.86
C HIS A 1294 -32.57 -32.10 34.19
N GLU A 1295 -32.73 -33.18 34.96
CA GLU A 1295 -32.50 -34.50 34.40
C GLU A 1295 -33.65 -34.90 33.48
N ASN A 1296 -34.89 -34.55 33.82
CA ASN A 1296 -36.02 -34.93 33.01
C ASN A 1296 -36.09 -34.08 31.75
N VAL A 1297 -35.91 -34.73 30.60
CA VAL A 1297 -35.71 -33.99 29.35
C VAL A 1297 -36.96 -33.17 29.02
N ASP A 1298 -38.12 -33.58 29.50
CA ASP A 1298 -39.31 -32.79 29.24
C ASP A 1298 -39.29 -31.48 30.02
N VAL A 1299 -38.85 -31.53 31.28
CA VAL A 1299 -38.68 -30.30 32.04
C VAL A 1299 -37.69 -29.39 31.34
N ARG A 1300 -36.59 -29.96 30.85
CA ARG A 1300 -35.62 -29.16 30.10
C ARG A 1300 -36.27 -28.51 28.90
N ILE A 1301 -37.10 -29.25 28.17
CA ILE A 1301 -37.67 -28.70 26.94
C ILE A 1301 -38.66 -27.58 27.27
N HIS A 1302 -39.44 -27.74 28.34
CA HIS A 1302 -40.37 -26.67 28.71
C HIS A 1302 -39.61 -25.44 29.18
N ALA A 1303 -38.61 -25.62 30.02
CA ALA A 1303 -37.77 -24.50 30.42
C ALA A 1303 -37.19 -23.78 29.22
N LEU A 1304 -36.74 -24.54 28.23
CA LEU A 1304 -36.09 -23.93 27.07
C LEU A 1304 -37.10 -23.15 26.23
N THR A 1305 -38.30 -23.70 26.03
CA THR A 1305 -39.31 -22.96 25.30
C THR A 1305 -39.67 -21.66 26.00
N SER A 1306 -39.91 -21.72 27.31
CA SER A 1306 -40.24 -20.49 28.03
C SER A 1306 -39.06 -19.53 28.06
N LEU A 1307 -37.84 -20.05 28.00
CA LEU A 1307 -36.67 -19.18 27.95
C LEU A 1307 -36.59 -18.45 26.64
N LYS A 1308 -36.86 -19.13 25.52
CA LYS A 1308 -36.90 -18.45 24.24
C LYS A 1308 -37.96 -17.35 24.26
N GLU A 1309 -39.14 -17.65 24.78
CA GLU A 1309 -40.17 -16.63 24.87
C GLU A 1309 -39.69 -15.44 25.71
N THR A 1310 -39.13 -15.71 26.89
CA THR A 1310 -38.66 -14.64 27.75
C THR A 1310 -37.60 -13.80 27.07
N LEU A 1311 -36.63 -14.44 26.42
CA LEU A 1311 -35.57 -13.71 25.75
C LEU A 1311 -36.15 -12.78 24.70
N TYR A 1312 -37.11 -13.25 23.91
CA TYR A 1312 -37.67 -12.35 22.91
C TYR A 1312 -38.45 -11.21 23.54
N LYS A 1313 -39.20 -11.49 24.62
CA LYS A 1313 -40.04 -10.46 25.18
C LYS A 1313 -39.23 -9.41 25.92
N ASN A 1314 -38.13 -9.81 26.55
CA ASN A 1314 -37.25 -8.89 27.26
C ASN A 1314 -36.04 -8.47 26.44
N GLN A 1315 -36.19 -8.29 25.13
CA GLN A 1315 -35.02 -8.05 24.31
C GLN A 1315 -34.36 -6.73 24.65
N GLU A 1316 -35.13 -5.75 25.10
CA GLU A 1316 -34.53 -4.46 25.43
C GLU A 1316 -33.64 -4.58 26.66
N LYS A 1317 -34.12 -5.24 27.71
CA LYS A 1317 -33.31 -5.39 28.92
C LYS A 1317 -32.09 -6.25 28.65
N LEU A 1318 -32.22 -7.27 27.80
CA LEU A 1318 -31.07 -8.12 27.52
C LEU A 1318 -30.05 -7.41 26.66
N ILE A 1319 -30.49 -6.57 25.72
CA ILE A 1319 -29.55 -5.79 24.95
C ILE A 1319 -28.83 -4.80 25.84
N LYS A 1320 -29.54 -4.23 26.81
CA LYS A 1320 -28.87 -3.36 27.78
C LYS A 1320 -27.85 -4.13 28.60
N TYR A 1321 -28.20 -5.33 29.06
CA TYR A 1321 -27.24 -6.13 29.80
C TYR A 1321 -25.99 -6.40 28.95
N ALA A 1322 -26.18 -6.72 27.68
CA ALA A 1322 -25.05 -7.16 26.87
C ALA A 1322 -24.18 -6.00 26.42
N THR A 1323 -24.75 -4.81 26.26
CA THR A 1323 -24.03 -3.74 25.60
C THR A 1323 -23.73 -2.53 26.47
N ASP A 1324 -24.12 -2.53 27.74
CA ASP A 1324 -23.95 -1.30 28.52
C ASP A 1324 -22.55 -1.18 29.12
N SER A 1325 -21.84 -2.27 29.24
CA SER A 1325 -20.47 -2.24 29.73
C SER A 1325 -19.57 -2.94 28.73
N GLU A 1326 -18.26 -2.79 28.91
CA GLU A 1326 -17.33 -3.45 28.01
C GLU A 1326 -17.43 -4.96 28.14
N THR A 1327 -18.05 -5.44 29.22
CA THR A 1327 -18.29 -6.86 29.45
C THR A 1327 -19.76 -7.09 29.74
N VAL A 1328 -20.33 -8.16 29.19
CA VAL A 1328 -21.73 -8.45 29.44
C VAL A 1328 -21.91 -8.84 30.90
N GLU A 1329 -23.06 -8.47 31.46
CA GLU A 1329 -23.35 -8.80 32.85
C GLU A 1329 -23.04 -10.26 33.11
N PRO A 1330 -22.70 -10.62 34.35
CA PRO A 1330 -22.34 -12.01 34.63
C PRO A 1330 -23.44 -13.00 34.28
N ILE A 1331 -24.70 -12.62 34.46
CA ILE A 1331 -25.79 -13.55 34.20
C ILE A 1331 -25.78 -13.97 32.74
N ILE A 1332 -25.50 -13.04 31.83
CA ILE A 1332 -25.48 -13.39 30.41
C ILE A 1332 -24.38 -14.39 30.11
N SER A 1333 -23.24 -14.26 30.78
CA SER A 1333 -22.15 -15.20 30.57
C SER A 1333 -22.53 -16.59 31.07
N GLN A 1334 -23.09 -16.66 32.27
CA GLN A 1334 -23.55 -17.96 32.77
C GLN A 1334 -24.57 -18.56 31.83
N LEU A 1335 -25.52 -17.76 31.35
CA LEU A 1335 -26.54 -18.25 30.46
C LEU A 1335 -25.94 -18.78 29.16
N VAL A 1336 -24.96 -18.09 28.61
CA VAL A 1336 -24.35 -18.55 27.37
C VAL A 1336 -23.64 -19.87 27.58
N THR A 1337 -22.89 -20.01 28.68
CA THR A 1337 -22.23 -21.30 28.90
C THR A 1337 -23.26 -22.41 29.11
N VAL A 1338 -24.31 -22.14 29.87
CA VAL A 1338 -25.32 -23.15 30.15
C VAL A 1338 -26.02 -23.58 28.87
N LEU A 1339 -26.31 -22.65 27.96
CA LEU A 1339 -26.94 -23.03 26.71
C LEU A 1339 -25.99 -23.81 25.82
N LEU A 1340 -24.76 -23.32 25.69
CA LEU A 1340 -23.78 -23.98 24.84
C LEU A 1340 -23.51 -25.40 25.34
N LYS A 1341 -23.76 -25.66 26.62
CA LYS A 1341 -23.66 -27.04 27.10
C LYS A 1341 -24.97 -27.80 26.91
N GLY A 1342 -26.11 -27.16 27.16
CA GLY A 1342 -27.37 -27.86 26.95
C GLY A 1342 -27.55 -28.24 25.50
N CYS A 1343 -26.64 -27.78 24.65
CA CYS A 1343 -26.76 -28.09 23.24
C CYS A 1343 -25.93 -29.30 22.83
N GLN A 1344 -25.24 -29.93 23.77
CA GLN A 1344 -24.75 -31.26 23.42
C GLN A 1344 -25.69 -32.31 23.97
N ASP A 1345 -26.77 -31.87 24.59
CA ASP A 1345 -27.78 -32.77 25.12
C ASP A 1345 -28.27 -33.71 24.04
N ALA A 1346 -28.74 -34.87 24.45
CA ALA A 1346 -29.06 -35.92 23.50
C ALA A 1346 -30.38 -35.64 22.79
N ASN A 1347 -31.42 -35.32 23.53
CA ASN A 1347 -32.71 -35.06 22.92
C ASN A 1347 -32.57 -33.95 21.88
N SER A 1348 -33.14 -34.19 20.70
CA SER A 1348 -32.94 -33.26 19.59
C SER A 1348 -33.68 -31.94 19.83
N GLN A 1349 -34.85 -32.01 20.46
CA GLN A 1349 -35.60 -30.79 20.72
C GLN A 1349 -34.82 -29.86 21.63
N ALA A 1350 -34.13 -30.40 22.63
CA ALA A 1350 -33.35 -29.55 23.53
C ALA A 1350 -32.20 -28.89 22.79
N ARG A 1351 -31.52 -29.62 21.92
CA ARG A 1351 -30.46 -29.01 21.13
C ARG A 1351 -31.01 -27.86 20.31
N LEU A 1352 -32.01 -28.15 19.47
CA LEU A 1352 -32.60 -27.09 18.66
C LEU A 1352 -33.03 -25.91 19.52
N LEU A 1353 -33.47 -26.18 20.75
CA LEU A 1353 -34.01 -25.10 21.56
C LEU A 1353 -32.92 -24.19 22.11
N CYS A 1354 -31.80 -24.76 22.57
CA CYS A 1354 -30.78 -23.86 23.08
C CYS A 1354 -30.19 -23.12 21.91
N GLY A 1355 -30.21 -23.75 20.73
CA GLY A 1355 -29.74 -23.06 19.55
C GLY A 1355 -30.59 -21.85 19.23
N GLU A 1356 -31.91 -22.02 19.31
CA GLU A 1356 -32.79 -20.88 19.09
C GLU A 1356 -32.60 -19.82 20.16
N CYS A 1357 -32.32 -20.24 21.40
CA CYS A 1357 -32.13 -19.24 22.46
C CYS A 1357 -30.78 -18.54 22.33
N LEU A 1358 -29.77 -19.23 21.82
CA LEU A 1358 -28.50 -18.58 21.53
C LEU A 1358 -28.64 -17.58 20.39
N GLY A 1359 -29.47 -17.90 19.41
CA GLY A 1359 -29.77 -16.92 18.38
C GLY A 1359 -30.52 -15.73 18.94
N GLU A 1360 -31.54 -15.98 19.76
CA GLU A 1360 -32.30 -14.89 20.37
C GLU A 1360 -31.41 -13.99 21.20
N LEU A 1361 -30.48 -14.58 21.94
CA LEU A 1361 -29.62 -13.80 22.82
C LEU A 1361 -28.66 -12.93 22.02
N GLY A 1362 -28.45 -13.27 20.75
CA GLY A 1362 -27.49 -12.60 19.92
C GLY A 1362 -26.19 -13.38 19.84
N ALA A 1363 -25.31 -12.91 18.96
CA ALA A 1363 -23.96 -13.46 18.87
C ALA A 1363 -23.02 -12.51 19.58
N ILE A 1364 -23.08 -12.49 20.92
CA ILE A 1364 -22.24 -11.58 21.67
C ILE A 1364 -20.77 -11.83 21.33
N ASP A 1365 -20.01 -10.76 21.23
CA ASP A 1365 -18.59 -10.88 20.96
C ASP A 1365 -17.95 -11.74 22.04
N PRO A 1366 -17.21 -12.79 21.66
CA PRO A 1366 -16.59 -13.61 22.70
C PRO A 1366 -15.74 -12.82 23.65
N GLY A 1367 -15.24 -11.66 23.22
CA GLY A 1367 -14.44 -10.84 24.11
C GLY A 1367 -15.28 -10.11 25.13
N ARG A 1368 -16.59 -10.04 24.91
CA ARG A 1368 -17.47 -9.43 25.90
C ARG A 1368 -17.86 -10.44 26.96
N LEU A 1369 -17.96 -11.71 26.59
CA LEU A 1369 -18.33 -12.74 27.55
C LEU A 1369 -17.11 -13.20 28.33
N ASP A 1370 -17.35 -13.62 29.56
CA ASP A 1370 -16.30 -14.14 30.43
C ASP A 1370 -16.57 -15.61 30.72
N PHE A 1371 -15.77 -16.48 30.12
CA PHE A 1371 -15.92 -17.92 30.30
C PHE A 1371 -14.94 -18.49 31.29
N SER A 1372 -14.35 -17.66 32.15
CA SER A 1372 -13.36 -18.17 33.08
C SER A 1372 -13.99 -19.05 34.14
N THR A 1373 -15.21 -18.72 34.56
CA THR A 1373 -15.84 -19.42 35.68
C THR A 1373 -15.92 -20.92 35.42
N THR A 1374 -16.09 -21.31 34.15
CA THR A 1374 -16.24 -22.72 33.80
C THR A 1374 -14.93 -23.27 33.26
N GLU A 1375 -13.90 -23.32 34.12
CA GLU A 1375 -12.86 -24.33 33.93
C GLU A 1375 -13.05 -25.49 34.89
N THR A 1376 -14.29 -25.96 35.03
CA THR A 1376 -14.55 -27.24 35.66
C THR A 1376 -13.58 -28.28 35.13
N GLN A 1377 -13.31 -29.30 35.95
CA GLN A 1377 -12.57 -30.45 35.46
C GLN A 1377 -13.31 -31.10 34.29
N GLY A 1378 -14.52 -31.59 34.54
CA GLY A 1378 -15.34 -32.09 33.45
C GLY A 1378 -14.82 -33.42 32.95
N LYS A 1379 -14.30 -33.39 31.72
CA LYS A 1379 -13.71 -34.59 31.12
C LYS A 1379 -12.68 -35.21 32.03
N ASP A 1380 -12.03 -34.39 32.86
CA ASP A 1380 -11.04 -34.83 33.84
C ASP A 1380 -11.78 -35.23 35.12
N PHE A 1381 -11.75 -36.52 35.47
CA PHE A 1381 -12.47 -37.04 36.67
C PHE A 1381 -11.50 -37.79 37.58
N THR A 1382 -11.37 -39.13 37.45
CA THR A 1382 -10.39 -39.95 38.21
C THR A 1382 -10.04 -41.15 37.36
N PHE A 1383 -9.45 -42.21 37.93
CA PHE A 1383 -9.18 -43.49 37.22
C PHE A 1383 -8.35 -43.22 35.94
N VAL A 1384 -7.36 -42.33 36.02
CA VAL A 1384 -6.48 -42.03 34.85
C VAL A 1384 -5.84 -43.34 34.38
N THR A 1385 -5.33 -44.17 35.29
CA THR A 1385 -4.74 -45.46 34.97
C THR A 1385 -5.27 -46.52 35.93
N GLY A 1386 -5.85 -47.58 35.38
CA GLY A 1386 -6.31 -48.70 36.18
C GLY A 1386 -6.00 -50.02 35.51
N VAL A 1387 -5.53 -51.01 36.27
CA VAL A 1387 -5.16 -52.29 35.69
C VAL A 1387 -5.93 -53.41 36.37
N GLU A 1388 -5.68 -53.60 37.66
CA GLU A 1388 -6.33 -54.65 38.44
C GLU A 1388 -7.10 -54.11 39.63
N ASP A 1389 -6.86 -52.86 40.02
CA ASP A 1389 -7.60 -52.24 41.11
C ASP A 1389 -9.11 -52.40 40.89
N SER A 1390 -9.85 -52.44 42.01
CA SER A 1390 -11.29 -52.67 41.92
C SER A 1390 -12.05 -51.39 41.60
N SER A 1391 -11.34 -50.29 41.41
CA SER A 1391 -11.90 -49.19 40.64
C SER A 1391 -12.13 -49.65 39.21
N PHE A 1392 -11.13 -50.32 38.63
CA PHE A 1392 -11.28 -51.02 37.37
C PHE A 1392 -12.43 -52.02 37.41
N ALA A 1393 -12.49 -52.84 38.47
CA ALA A 1393 -13.56 -53.82 38.57
C ALA A 1393 -14.90 -53.14 38.74
N TYR A 1394 -14.92 -51.97 39.36
CA TYR A 1394 -16.18 -51.26 39.54
C TYR A 1394 -16.69 -50.70 38.23
N GLY A 1395 -15.78 -50.16 37.42
CA GLY A 1395 -16.15 -49.81 36.05
C GLY A 1395 -16.68 -50.99 35.28
N LEU A 1396 -15.97 -52.12 35.36
CA LEU A 1396 -16.46 -53.36 34.75
C LEU A 1396 -17.88 -53.68 35.22
N LEU A 1397 -18.11 -53.62 36.53
CA LEU A 1397 -19.38 -54.05 37.08
C LEU A 1397 -20.50 -53.12 36.65
N MET A 1398 -20.24 -51.82 36.58
CA MET A 1398 -21.32 -50.92 36.21
C MET A 1398 -21.59 -50.96 34.71
N GLU A 1399 -20.55 -51.13 33.90
CA GLU A 1399 -20.82 -51.38 32.48
C GLU A 1399 -21.64 -52.66 32.32
N LEU A 1400 -21.35 -53.67 33.13
CA LEU A 1400 -22.10 -54.91 33.01
C LEU A 1400 -23.48 -54.79 33.65
N THR A 1401 -23.70 -53.77 34.46
CA THR A 1401 -25.05 -53.54 34.95
C THR A 1401 -25.89 -52.81 33.90
N ARG A 1402 -25.31 -51.82 33.24
CA ARG A 1402 -25.92 -51.32 32.01
C ARG A 1402 -26.23 -52.48 31.08
N ALA A 1403 -25.37 -53.51 31.09
CA ALA A 1403 -25.60 -54.70 30.28
C ALA A 1403 -26.77 -55.52 30.81
N TYR A 1404 -26.83 -55.74 32.12
CA TYR A 1404 -27.90 -56.55 32.70
C TYR A 1404 -29.25 -55.95 32.41
N LEU A 1405 -29.38 -54.62 32.54
CA LEU A 1405 -30.56 -53.97 31.99
C LEU A 1405 -30.61 -54.14 30.48
N ALA A 1406 -29.44 -54.30 29.84
CA ALA A 1406 -29.39 -54.58 28.41
C ALA A 1406 -29.55 -56.06 28.14
N TYR A 1407 -29.38 -56.88 29.17
CA TYR A 1407 -29.76 -58.28 29.12
C TYR A 1407 -31.26 -58.44 28.89
N ALA A 1408 -32.06 -57.69 29.66
CA ALA A 1408 -33.52 -57.77 29.58
C ALA A 1408 -34.04 -57.34 28.21
N ASP A 1409 -33.17 -56.78 27.35
CA ASP A 1409 -33.66 -56.40 26.03
C ASP A 1409 -34.42 -57.56 25.39
N ASN A 1410 -33.70 -58.62 25.06
CA ASN A 1410 -34.21 -59.89 24.58
C ASN A 1410 -33.27 -60.97 25.08
N SER A 1411 -33.81 -62.18 25.33
CA SER A 1411 -33.18 -63.13 26.25
C SER A 1411 -31.88 -63.75 25.70
N ARG A 1412 -31.74 -63.81 24.38
CA ARG A 1412 -30.49 -64.33 23.83
C ARG A 1412 -29.28 -63.64 24.48
N ALA A 1413 -29.49 -62.45 25.03
CA ALA A 1413 -28.40 -61.72 25.68
C ALA A 1413 -28.42 -61.95 27.19
N GLN A 1414 -29.61 -62.23 27.73
CA GLN A 1414 -29.71 -62.88 29.02
C GLN A 1414 -28.55 -63.87 29.15
N ASP A 1415 -28.53 -64.87 28.25
CA ASP A 1415 -27.64 -66.02 28.36
C ASP A 1415 -26.27 -65.65 28.92
N SER A 1416 -25.56 -64.72 28.27
CA SER A 1416 -24.20 -64.36 28.67
C SER A 1416 -24.18 -63.27 29.74
N ALA A 1417 -25.07 -62.27 29.64
CA ALA A 1417 -24.99 -61.16 30.57
C ALA A 1417 -25.13 -61.62 32.00
N ALA A 1418 -26.08 -62.51 32.25
CA ALA A 1418 -26.36 -62.97 33.60
C ALA A 1418 -25.15 -63.65 34.22
N TYR A 1419 -24.60 -64.66 33.54
CA TYR A 1419 -23.48 -65.39 34.11
C TYR A 1419 -22.24 -64.52 34.21
N ALA A 1420 -22.06 -63.58 33.26
CA ALA A 1420 -20.94 -62.67 33.37
C ALA A 1420 -21.02 -61.86 34.65
N ILE A 1421 -22.20 -61.29 34.94
CA ILE A 1421 -22.35 -60.54 36.18
C ILE A 1421 -22.15 -61.45 37.38
N GLN A 1422 -22.66 -62.68 37.29
CA GLN A 1422 -22.54 -63.61 38.42
C GLN A 1422 -21.08 -63.89 38.75
N GLU A 1423 -20.29 -64.25 37.74
CA GLU A 1423 -18.90 -64.59 38.00
C GLU A 1423 -18.09 -63.35 38.36
N LEU A 1424 -18.49 -62.18 37.85
CA LEU A 1424 -17.83 -60.95 38.26
C LEU A 1424 -18.06 -60.68 39.74
N LEU A 1425 -19.28 -60.92 40.22
CA LEU A 1425 -19.53 -60.82 41.66
C LEU A 1425 -18.72 -61.85 42.42
N SER A 1426 -18.64 -63.08 41.90
CA SER A 1426 -17.92 -64.13 42.60
C SER A 1426 -16.44 -63.81 42.72
N ILE A 1427 -15.84 -63.26 41.66
CA ILE A 1427 -14.40 -63.04 41.64
C ILE A 1427 -13.97 -62.20 42.83
N TYR A 1428 -14.71 -61.15 43.13
CA TYR A 1428 -14.35 -60.29 44.25
C TYR A 1428 -15.29 -60.46 45.43
N ASP A 1429 -14.96 -59.78 46.54
CA ASP A 1429 -15.89 -59.68 47.65
C ASP A 1429 -17.24 -59.20 47.14
N CYS A 1430 -18.20 -60.12 47.10
CA CYS A 1430 -19.57 -59.77 46.82
C CYS A 1430 -20.38 -59.84 48.11
N ARG A 1431 -20.34 -58.75 48.89
CA ARG A 1431 -21.21 -58.58 50.06
C ARG A 1431 -20.82 -57.33 50.84
N GLU A 1432 -21.70 -56.86 51.73
CA GLU A 1432 -21.40 -55.74 52.61
C GLU A 1432 -21.02 -56.27 53.99
N MET A 1433 -19.84 -56.88 54.09
CA MET A 1433 -19.34 -57.33 55.37
C MET A 1433 -18.73 -56.17 56.14
N GLU A 1434 -19.13 -56.03 57.41
CA GLU A 1434 -18.69 -54.90 58.20
C GLU A 1434 -17.16 -54.83 58.27
N THR A 1435 -16.49 -55.94 57.96
CA THR A 1435 -15.05 -55.90 57.72
C THR A 1435 -14.75 -55.09 56.47
N ASN A 1436 -13.79 -54.19 56.57
CA ASN A 1436 -13.37 -53.34 55.47
C ASN A 1436 -12.60 -54.16 54.44
N GLY A 1437 -13.31 -55.10 53.81
CA GLY A 1437 -12.74 -55.93 52.79
C GLY A 1437 -12.76 -55.27 51.42
N PRO A 1438 -11.72 -55.49 50.62
CA PRO A 1438 -11.63 -54.79 49.35
C PRO A 1438 -12.95 -54.74 48.57
N GLY A 1439 -13.52 -55.89 48.25
CA GLY A 1439 -14.77 -55.90 47.54
C GLY A 1439 -15.89 -55.33 48.39
N HIS A 1440 -15.72 -55.41 49.70
CA HIS A 1440 -16.60 -54.70 50.62
C HIS A 1440 -16.68 -53.23 50.26
N GLN A 1441 -15.52 -52.56 50.11
CA GLN A 1441 -15.60 -51.14 49.79
C GLN A 1441 -15.78 -50.93 48.30
N LEU A 1442 -15.87 -52.01 47.52
CA LEU A 1442 -16.36 -51.85 46.14
C LEU A 1442 -17.88 -51.85 46.08
N TRP A 1443 -18.52 -52.71 46.87
CA TRP A 1443 -19.95 -52.53 47.12
C TRP A 1443 -20.20 -51.14 47.70
N ARG A 1444 -19.29 -50.70 48.57
CA ARG A 1444 -19.17 -49.29 48.88
C ARG A 1444 -19.16 -48.46 47.60
N ARG A 1445 -18.31 -48.83 46.64
CA ARG A 1445 -18.20 -48.05 45.41
C ARG A 1445 -19.52 -47.99 44.65
N PHE A 1446 -20.20 -49.12 44.49
CA PHE A 1446 -21.34 -49.17 43.59
C PHE A 1446 -22.41 -48.19 44.05
N PRO A 1447 -22.96 -47.36 43.14
CA PRO A 1447 -24.22 -46.70 43.43
C PRO A 1447 -25.28 -47.75 43.69
N GLU A 1448 -25.63 -47.89 44.97
CA GLU A 1448 -26.14 -49.19 45.44
C GLU A 1448 -27.50 -49.51 44.85
N HIS A 1449 -27.94 -48.76 43.83
CA HIS A 1449 -28.95 -49.34 42.95
C HIS A 1449 -28.36 -50.49 42.15
N VAL A 1450 -27.29 -50.22 41.39
CA VAL A 1450 -26.58 -51.30 40.73
C VAL A 1450 -26.06 -52.30 41.75
N ARG A 1451 -25.52 -51.80 42.86
CA ARG A 1451 -25.06 -52.69 43.91
C ARG A 1451 -26.20 -53.56 44.43
N GLU A 1452 -27.42 -53.02 44.42
CA GLU A 1452 -28.59 -53.84 44.74
C GLU A 1452 -28.80 -54.91 43.68
N ILE A 1453 -28.63 -54.54 42.40
CA ILE A 1453 -28.70 -55.55 41.35
C ILE A 1453 -27.67 -56.65 41.61
N LEU A 1454 -26.47 -56.27 42.05
CA LEU A 1454 -25.44 -57.27 42.35
C LEU A 1454 -25.85 -58.15 43.51
N GLU A 1455 -26.24 -57.56 44.63
CA GLU A 1455 -26.80 -58.34 45.74
C GLU A 1455 -28.06 -59.08 45.33
N PRO A 1456 -28.83 -58.63 44.33
CA PRO A 1456 -30.07 -59.35 43.99
C PRO A 1456 -29.85 -60.83 43.76
N HIS A 1457 -28.90 -61.19 42.90
CA HIS A 1457 -28.51 -62.57 42.69
C HIS A 1457 -27.01 -62.65 42.94
N LEU A 1458 -26.63 -62.80 44.21
CA LEU A 1458 -25.22 -62.81 44.53
C LEU A 1458 -24.57 -64.12 44.10
N ASN A 1459 -25.20 -65.25 44.43
CA ASN A 1459 -24.83 -66.54 43.88
C ASN A 1459 -26.07 -67.14 43.22
N THR A 1460 -26.28 -66.79 41.95
CA THR A 1460 -27.36 -67.33 41.13
C THR A 1460 -26.78 -67.59 39.75
N ARG A 1461 -26.20 -68.78 39.57
CA ARG A 1461 -25.60 -69.11 38.29
C ARG A 1461 -26.68 -69.23 37.22
N TYR A 1462 -26.59 -68.37 36.21
CA TYR A 1462 -27.63 -68.31 35.18
C TYR A 1462 -27.24 -69.23 34.02
N LYS A 1463 -26.95 -70.48 34.39
CA LYS A 1463 -26.71 -71.56 33.44
C LYS A 1463 -25.82 -71.09 32.29
N SER A 1464 -24.54 -70.95 32.59
CA SER A 1464 -23.62 -70.37 31.64
C SER A 1464 -23.63 -71.13 30.32
N SER A 1465 -23.24 -70.43 29.25
CA SER A 1465 -22.98 -71.11 28.00
C SER A 1465 -21.87 -72.15 28.16
N GLN A 1466 -20.75 -71.74 28.74
CA GLN A 1466 -19.64 -72.65 29.04
C GLN A 1466 -18.86 -73.00 27.77
N LYS A 1467 -19.20 -72.35 26.67
CA LYS A 1467 -18.78 -72.79 25.35
C LYS A 1467 -17.94 -71.72 24.67
N SER A 1468 -16.88 -72.15 23.98
CA SER A 1468 -16.04 -71.28 23.19
C SER A 1468 -15.53 -72.05 21.99
N THR A 1469 -15.09 -71.32 20.97
CA THR A 1469 -14.57 -71.90 19.75
C THR A 1469 -13.08 -71.60 19.64
N ASP A 1470 -12.25 -72.64 19.81
CA ASP A 1470 -10.81 -72.44 19.81
C ASP A 1470 -10.35 -71.99 18.43
N TRP A 1471 -9.34 -71.11 18.43
CA TRP A 1471 -8.93 -70.39 17.23
C TRP A 1471 -7.89 -71.19 16.45
N SER A 1472 -8.37 -72.27 15.82
CA SER A 1472 -7.57 -73.08 14.91
C SER A 1472 -8.12 -72.92 13.51
N GLY A 1473 -7.27 -72.54 12.57
CA GLY A 1473 -7.70 -72.26 11.22
C GLY A 1473 -8.43 -70.94 11.06
N VAL A 1474 -8.46 -70.11 12.11
CA VAL A 1474 -9.14 -68.83 12.03
C VAL A 1474 -8.45 -67.95 11.00
N LYS A 1475 -9.20 -67.08 10.31
CA LYS A 1475 -8.63 -66.14 9.30
C LYS A 1475 -7.49 -65.32 9.94
N LYS A 1476 -6.23 -65.55 9.53
CA LYS A 1476 -5.06 -64.87 10.16
C LYS A 1476 -5.05 -63.35 9.96
N PRO A 1477 -5.38 -62.78 8.78
CA PRO A 1477 -5.57 -61.34 8.66
C PRO A 1477 -7.05 -61.19 9.18
N ILE A 1478 -7.35 -61.28 10.49
CA ILE A 1478 -8.76 -61.25 11.08
C ILE A 1478 -9.52 -60.05 10.52
N TYR A 1479 -9.32 -58.84 11.08
CA TYR A 1479 -9.81 -57.65 10.39
C TYR A 1479 -9.83 -57.87 8.89
N LEU A 1480 -10.95 -57.52 8.27
CA LEU A 1480 -11.09 -57.55 6.82
C LEU A 1480 -11.14 -58.98 6.26
N SER A 1481 -11.92 -59.84 6.90
CA SER A 1481 -12.27 -61.13 6.31
C SER A 1481 -13.28 -61.85 7.19
N LYS A 1482 -13.45 -63.14 6.88
CA LYS A 1482 -14.71 -63.82 7.12
C LYS A 1482 -15.38 -63.41 8.43
N LEU A 1483 -14.75 -63.71 9.57
CA LEU A 1483 -15.43 -63.50 10.84
C LEU A 1483 -15.23 -62.09 11.36
N GLY A 1484 -14.29 -61.34 10.77
CA GLY A 1484 -13.97 -60.01 11.23
C GLY A 1484 -14.21 -58.90 10.24
N SER A 1485 -15.34 -58.95 9.54
CA SER A 1485 -15.67 -57.94 8.54
C SER A 1485 -16.64 -56.88 9.05
N ASN A 1486 -16.99 -56.91 10.33
CA ASN A 1486 -17.79 -55.88 10.96
C ASN A 1486 -17.17 -55.53 12.30
N PHE A 1487 -17.49 -54.33 12.79
CA PHE A 1487 -16.80 -53.83 13.98
C PHE A 1487 -17.10 -54.69 15.20
N ALA A 1488 -18.38 -54.95 15.46
CA ALA A 1488 -18.71 -55.76 16.63
C ALA A 1488 -18.09 -57.15 16.52
N GLU A 1489 -18.26 -57.81 15.38
CA GLU A 1489 -17.72 -59.15 15.21
C GLU A 1489 -16.19 -59.13 15.18
N TRP A 1490 -15.60 -58.14 14.52
CA TRP A 1490 -14.15 -58.06 14.48
C TRP A 1490 -13.57 -57.86 15.87
N SER A 1491 -14.15 -56.94 16.63
CA SER A 1491 -13.72 -56.71 18.00
C SER A 1491 -13.85 -58.00 18.81
N ALA A 1492 -14.99 -58.68 18.73
CA ALA A 1492 -15.18 -59.90 19.50
C ALA A 1492 -14.14 -60.95 19.12
N SER A 1493 -13.92 -61.14 17.82
CA SER A 1493 -13.00 -62.18 17.38
C SER A 1493 -11.58 -61.89 17.85
N TRP A 1494 -11.10 -60.66 17.63
CA TRP A 1494 -9.74 -60.33 18.04
C TRP A 1494 -9.61 -60.37 19.56
N ALA A 1495 -10.63 -59.88 20.28
CA ALA A 1495 -10.59 -59.94 21.73
C ALA A 1495 -10.50 -61.39 22.20
N GLY A 1496 -11.19 -62.31 21.53
CA GLY A 1496 -11.12 -63.71 21.93
C GLY A 1496 -9.78 -64.32 21.62
N TYR A 1497 -9.25 -64.08 20.43
CA TYR A 1497 -7.93 -64.59 20.11
C TYR A 1497 -6.91 -64.10 21.13
N LEU A 1498 -7.08 -62.85 21.60
CA LEU A 1498 -6.21 -62.36 22.66
C LEU A 1498 -6.51 -63.03 23.98
N ILE A 1499 -7.80 -63.23 24.29
CA ILE A 1499 -8.19 -63.97 25.47
C ILE A 1499 -7.35 -65.22 25.61
N THR A 1500 -7.20 -65.95 24.51
CA THR A 1500 -6.41 -67.17 24.54
C THR A 1500 -4.98 -66.92 25.03
N LYS A 1501 -4.42 -65.75 24.72
CA LYS A 1501 -2.98 -65.59 24.82
C LYS A 1501 -2.52 -65.18 26.21
N VAL A 1502 -3.34 -64.43 26.94
CA VAL A 1502 -2.94 -63.91 28.24
C VAL A 1502 -2.64 -65.07 29.19
N ARG A 1503 -1.56 -64.97 29.96
CA ARG A 1503 -1.16 -66.03 30.87
C ARG A 1503 -1.34 -65.66 32.34
N HIS A 1504 -1.73 -64.43 32.64
CA HIS A 1504 -1.94 -64.03 34.03
C HIS A 1504 -3.10 -64.83 34.62
N ASP A 1505 -2.90 -65.38 35.82
CA ASP A 1505 -3.92 -66.19 36.44
C ASP A 1505 -5.21 -65.39 36.66
N LEU A 1506 -5.09 -64.20 37.26
CA LEU A 1506 -6.28 -63.42 37.60
C LEU A 1506 -6.97 -62.90 36.34
N ALA A 1507 -6.25 -62.18 35.49
CA ALA A 1507 -6.87 -61.53 34.33
C ALA A 1507 -7.60 -62.54 33.45
N SER A 1508 -6.96 -63.66 33.17
CA SER A 1508 -7.60 -64.75 32.43
C SER A 1508 -8.97 -65.05 32.99
N LYS A 1509 -9.10 -65.00 34.32
CA LYS A 1509 -10.37 -65.34 34.96
C LYS A 1509 -11.53 -64.53 34.39
N ILE A 1510 -11.45 -63.21 34.47
CA ILE A 1510 -12.59 -62.38 34.09
C ILE A 1510 -12.67 -62.21 32.58
N PHE A 1511 -11.53 -62.31 31.89
CA PHE A 1511 -11.63 -62.30 30.43
C PHE A 1511 -12.44 -63.49 29.96
N THR A 1512 -12.15 -64.69 30.50
CA THR A 1512 -13.09 -65.79 30.36
C THR A 1512 -14.50 -65.36 30.77
N CYS A 1513 -14.62 -64.74 31.95
CA CYS A 1513 -15.93 -64.33 32.45
C CYS A 1513 -16.80 -63.75 31.35
N CYS A 1514 -16.33 -62.72 30.67
CA CYS A 1514 -17.23 -62.04 29.73
C CYS A 1514 -16.90 -62.36 28.26
N SER A 1515 -16.09 -63.39 28.02
CA SER A 1515 -15.83 -63.85 26.66
C SER A 1515 -17.06 -63.76 25.77
N ILE A 1516 -18.21 -64.26 26.23
CA ILE A 1516 -19.31 -64.49 25.32
C ILE A 1516 -20.20 -63.26 25.18
N MET A 1517 -20.38 -62.49 26.25
CA MET A 1517 -21.22 -61.31 26.05
C MET A 1517 -20.48 -60.24 25.27
N MET A 1518 -19.15 -60.34 25.19
CA MET A 1518 -18.48 -59.53 24.19
C MET A 1518 -19.03 -59.79 22.79
N LYS A 1519 -19.66 -60.96 22.59
CA LYS A 1519 -20.39 -61.20 21.35
C LYS A 1519 -21.58 -60.26 21.23
N HIS A 1520 -22.41 -60.20 22.27
CA HIS A 1520 -23.60 -59.36 22.21
C HIS A 1520 -23.29 -57.94 22.64
N ASP A 1521 -22.07 -57.70 23.12
CA ASP A 1521 -21.68 -56.39 23.62
C ASP A 1521 -20.47 -55.90 22.84
N PHE A 1522 -20.66 -54.80 22.12
CA PHE A 1522 -19.51 -54.13 21.51
C PHE A 1522 -18.81 -53.24 22.51
N LYS A 1523 -19.56 -52.76 23.51
CA LYS A 1523 -19.04 -51.66 24.33
C LYS A 1523 -18.09 -52.16 25.40
N VAL A 1524 -18.37 -53.30 26.03
CA VAL A 1524 -17.39 -53.78 27.00
C VAL A 1524 -16.31 -54.57 26.28
N THR A 1525 -16.58 -55.03 25.07
CA THR A 1525 -15.47 -55.38 24.19
C THR A 1525 -14.50 -54.22 24.11
N ILE A 1526 -15.03 -53.03 23.85
CA ILE A 1526 -14.23 -51.82 23.84
C ILE A 1526 -13.57 -51.59 25.19
N TYR A 1527 -14.28 -51.90 26.27
CA TYR A 1527 -13.76 -51.62 27.61
C TYR A 1527 -12.61 -52.53 27.99
N LEU A 1528 -12.70 -53.81 27.61
CA LEU A 1528 -11.70 -54.77 28.09
C LEU A 1528 -10.54 -54.89 27.13
N LEU A 1529 -10.77 -54.61 25.84
CA LEU A 1529 -9.66 -54.67 24.88
C LEU A 1529 -8.42 -53.94 25.37
N PRO A 1530 -8.51 -52.68 25.83
CA PRO A 1530 -7.30 -52.01 26.32
C PRO A 1530 -6.50 -52.82 27.31
N HIS A 1531 -7.15 -53.44 28.29
CA HIS A 1531 -6.40 -54.21 29.29
C HIS A 1531 -6.02 -55.58 28.75
N ILE A 1532 -6.88 -56.16 27.91
CA ILE A 1532 -6.55 -57.44 27.28
C ILE A 1532 -5.21 -57.34 26.58
N LEU A 1533 -5.00 -56.27 25.84
CA LEU A 1533 -3.73 -56.12 25.11
C LEU A 1533 -2.57 -55.93 26.08
N VAL A 1534 -2.77 -55.16 27.15
CA VAL A 1534 -1.74 -55.01 28.16
C VAL A 1534 -1.29 -56.37 28.67
N TYR A 1535 -2.25 -57.22 29.03
CA TYR A 1535 -1.88 -58.51 29.61
C TYR A 1535 -1.26 -59.41 28.54
N VAL A 1536 -1.79 -59.40 27.33
CA VAL A 1536 -1.25 -60.21 26.25
C VAL A 1536 0.23 -59.89 26.04
N LEU A 1537 0.59 -58.61 26.15
CA LEU A 1537 1.96 -58.18 25.87
C LEU A 1537 2.87 -58.14 27.07
N LEU A 1538 2.33 -58.26 28.30
CA LEU A 1538 3.22 -58.24 29.45
C LEU A 1538 4.12 -59.45 29.49
N GLY A 1539 4.03 -60.30 28.48
CA GLY A 1539 4.87 -61.47 28.32
C GLY A 1539 4.10 -62.65 27.77
N CYS A 1540 4.55 -63.17 26.64
CA CYS A 1540 3.90 -64.23 25.89
C CYS A 1540 4.83 -64.61 24.76
N ASN A 1541 4.44 -65.64 24.01
CA ASN A 1541 5.24 -66.03 22.85
C ASN A 1541 5.42 -64.85 21.91
N GLN A 1542 6.61 -64.76 21.31
CA GLN A 1542 6.94 -63.60 20.48
C GLN A 1542 5.99 -63.45 19.30
N GLU A 1543 5.50 -64.57 18.75
CA GLU A 1543 4.61 -64.47 17.60
C GLU A 1543 3.18 -64.16 18.02
N ASP A 1544 2.83 -64.35 19.29
CA ASP A 1544 1.59 -63.75 19.78
C ASP A 1544 1.68 -62.23 19.74
N GLN A 1545 2.78 -61.69 20.28
CA GLN A 1545 3.16 -60.31 20.04
C GLN A 1545 3.02 -59.93 18.57
N GLN A 1546 3.66 -60.69 17.67
CA GLN A 1546 3.61 -60.34 16.26
C GLN A 1546 2.21 -60.45 15.70
N GLU A 1547 1.38 -61.33 16.27
CA GLU A 1547 0.01 -61.47 15.82
C GLU A 1547 -0.79 -60.21 16.10
N VAL A 1548 -0.73 -59.75 17.36
CA VAL A 1548 -1.42 -58.51 17.69
C VAL A 1548 -0.83 -57.34 16.90
N TYR A 1549 0.49 -57.37 16.67
CA TYR A 1549 1.12 -56.30 15.92
C TYR A 1549 0.63 -56.26 14.48
N ALA A 1550 0.54 -57.42 13.83
CA ALA A 1550 0.06 -57.46 12.46
C ALA A 1550 -1.42 -57.10 12.39
N GLU A 1551 -2.20 -57.50 13.39
CA GLU A 1551 -3.59 -57.08 13.44
C GLU A 1551 -3.69 -55.55 13.47
N ILE A 1552 -2.96 -54.92 14.40
CA ILE A 1552 -2.98 -53.47 14.49
C ILE A 1552 -2.53 -52.84 13.18
N MET A 1553 -1.41 -53.29 12.63
CA MET A 1553 -0.87 -52.68 11.43
C MET A 1553 -1.82 -52.83 10.26
N ALA A 1554 -2.55 -53.95 10.20
CA ALA A 1554 -3.55 -54.11 9.15
C ALA A 1554 -4.70 -53.15 9.34
N VAL A 1555 -5.11 -52.91 10.59
CA VAL A 1555 -6.17 -51.95 10.84
C VAL A 1555 -5.73 -50.56 10.39
N LEU A 1556 -4.55 -50.12 10.84
CA LEU A 1556 -4.09 -48.78 10.51
C LEU A 1556 -3.76 -48.66 9.04
N LYS A 1557 -2.96 -49.58 8.50
CA LYS A 1557 -2.54 -49.49 7.11
C LYS A 1557 -3.74 -49.45 6.18
N HIS A 1558 -4.76 -50.26 6.44
CA HIS A 1558 -5.90 -50.33 5.55
C HIS A 1558 -6.53 -48.95 5.38
N ASP A 1559 -7.04 -48.69 4.19
CA ASP A 1559 -7.64 -47.41 3.85
C ASP A 1559 -9.13 -47.63 3.56
N ASP A 1560 -9.97 -46.90 4.28
CA ASP A 1560 -11.40 -46.95 3.98
C ASP A 1560 -11.66 -46.43 2.57
N GLN A 1561 -12.59 -47.06 1.87
CA GLN A 1561 -12.88 -46.80 0.46
C GLN A 1561 -11.78 -47.37 -0.41
N HIS A 1562 -10.85 -48.14 0.16
CA HIS A 1562 -9.75 -48.73 -0.59
C HIS A 1562 -9.58 -50.20 -0.23
N SER A 1571 -18.27 -49.89 6.33
CA SER A 1571 -17.82 -48.51 6.27
C SER A 1571 -17.40 -48.00 7.64
N ASP A 1572 -18.25 -48.27 8.63
CA ASP A 1572 -18.00 -47.79 9.99
C ASP A 1572 -16.93 -48.63 10.68
N LEU A 1573 -16.69 -49.84 10.16
CA LEU A 1573 -15.66 -50.68 10.74
C LEU A 1573 -14.30 -49.99 10.70
N CYS A 1574 -13.94 -49.36 9.57
CA CYS A 1574 -12.70 -48.61 9.53
C CYS A 1574 -12.66 -47.61 10.67
N GLN A 1575 -13.65 -46.71 10.70
CA GLN A 1575 -13.70 -45.69 11.73
C GLN A 1575 -13.38 -46.27 13.09
N LEU A 1576 -14.22 -47.18 13.57
CA LEU A 1576 -14.13 -47.51 14.98
C LEU A 1576 -13.08 -48.57 15.25
N SER A 1577 -12.66 -49.30 14.22
CA SER A 1577 -11.47 -50.14 14.36
C SER A 1577 -10.26 -49.29 14.68
N THR A 1578 -10.02 -48.23 13.91
CA THR A 1578 -8.91 -47.35 14.23
C THR A 1578 -9.13 -46.66 15.56
N GLN A 1579 -10.35 -46.24 15.84
CA GLN A 1579 -10.59 -45.56 17.11
C GLN A 1579 -10.25 -46.45 18.30
N THR A 1580 -10.59 -47.73 18.23
CA THR A 1580 -10.30 -48.61 19.36
C THR A 1580 -8.83 -49.04 19.38
N VAL A 1581 -8.20 -49.13 18.21
CA VAL A 1581 -6.76 -49.35 18.21
C VAL A 1581 -6.06 -48.20 18.93
N PHE A 1582 -6.50 -46.97 18.66
CA PHE A 1582 -5.97 -45.83 19.38
C PHE A 1582 -6.28 -45.90 20.86
N SER A 1583 -7.47 -46.39 21.21
CA SER A 1583 -7.82 -46.61 22.61
C SER A 1583 -6.78 -47.48 23.29
N MET A 1584 -6.49 -48.63 22.70
CA MET A 1584 -5.56 -49.57 23.29
C MET A 1584 -4.16 -48.98 23.38
N LEU A 1585 -3.72 -48.28 22.34
CA LEU A 1585 -2.36 -47.73 22.37
C LEU A 1585 -2.23 -46.61 23.38
N ASP A 1586 -3.28 -45.79 23.52
CA ASP A 1586 -3.30 -44.77 24.56
C ASP A 1586 -3.16 -45.41 25.92
N HIS A 1587 -4.00 -46.42 26.21
CA HIS A 1587 -3.88 -47.08 27.50
C HIS A 1587 -2.49 -47.66 27.68
N LEU A 1588 -1.91 -48.19 26.61
CA LEU A 1588 -0.58 -48.79 26.73
C LEU A 1588 0.46 -47.78 27.15
N THR A 1589 0.52 -46.64 26.46
CA THR A 1589 1.53 -45.65 26.81
C THR A 1589 1.28 -45.06 28.20
N GLN A 1590 0.01 -44.86 28.56
CA GLN A 1590 -0.29 -44.37 29.90
C GLN A 1590 0.19 -45.35 30.95
N TRP A 1591 -0.15 -46.63 30.79
CA TRP A 1591 0.30 -47.65 31.71
C TRP A 1591 1.82 -47.70 31.77
N ALA A 1592 2.47 -47.53 30.63
CA ALA A 1592 3.93 -47.57 30.61
C ALA A 1592 4.54 -46.43 31.40
N ARG A 1593 3.96 -45.24 31.29
CA ARG A 1593 4.44 -44.11 32.09
C ARG A 1593 4.24 -44.35 33.58
N HIS A 1594 3.04 -44.81 33.95
CA HIS A 1594 2.79 -45.14 35.35
C HIS A 1594 3.77 -46.18 35.85
N LYS A 1595 4.08 -47.18 35.02
CA LYS A 1595 5.05 -48.21 35.37
C LYS A 1595 6.44 -47.62 35.58
N PHE A 1596 6.84 -46.74 34.67
CA PHE A 1596 8.15 -46.11 34.80
C PHE A 1596 8.24 -45.36 36.12
N GLN A 1597 7.18 -44.64 36.50
CA GLN A 1597 7.19 -43.95 37.78
C GLN A 1597 7.29 -44.92 38.93
N ALA A 1598 6.53 -46.01 38.88
CA ALA A 1598 6.59 -47.00 39.95
C ALA A 1598 7.99 -47.56 40.09
N LEU A 1599 8.63 -47.93 38.98
CA LEU A 1599 9.96 -48.51 39.04
C LEU A 1599 10.99 -47.48 39.51
N LYS A 1600 10.81 -46.22 39.13
CA LYS A 1600 11.69 -45.17 39.64
C LYS A 1600 11.57 -45.08 41.16
N ALA A 1601 10.35 -45.11 41.68
CA ALA A 1601 10.14 -45.10 43.11
C ALA A 1601 10.72 -46.35 43.73
N THR A 1620 14.14 -56.75 38.27
CA THR A 1620 12.91 -57.22 38.90
C THR A 1620 11.86 -57.54 37.85
N VAL A 1621 10.78 -58.20 38.28
CA VAL A 1621 9.71 -58.56 37.36
C VAL A 1621 9.05 -57.31 36.80
N ASP A 1622 8.90 -56.28 37.64
CA ASP A 1622 8.31 -55.02 37.19
C ASP A 1622 9.01 -54.50 35.95
N TYR A 1623 10.34 -54.44 35.98
CA TYR A 1623 11.09 -53.84 34.88
C TYR A 1623 10.92 -54.64 33.61
N GLU A 1624 10.93 -55.97 33.71
CA GLU A 1624 10.76 -56.80 32.52
C GLU A 1624 9.39 -56.57 31.89
N ASP A 1625 8.33 -56.53 32.69
CA ASP A 1625 7.00 -56.30 32.12
C ASP A 1625 6.90 -54.91 31.50
N TYR A 1626 7.40 -53.90 32.21
CA TYR A 1626 7.37 -52.54 31.68
C TYR A 1626 8.07 -52.49 30.32
N GLN A 1627 9.28 -53.04 30.24
CA GLN A 1627 10.00 -53.07 28.97
C GLN A 1627 9.21 -53.82 27.91
N SER A 1628 8.49 -54.86 28.31
CA SER A 1628 7.70 -55.60 27.34
C SER A 1628 6.70 -54.68 26.65
N VAL A 1629 5.85 -54.02 27.44
CA VAL A 1629 4.80 -53.22 26.80
C VAL A 1629 5.40 -52.00 26.10
N THR A 1630 6.49 -51.46 26.66
CA THR A 1630 7.15 -50.36 25.99
C THR A 1630 7.65 -50.77 24.62
N ARG A 1631 8.23 -51.96 24.51
CA ARG A 1631 8.70 -52.42 23.22
C ARG A 1631 7.55 -52.56 22.23
N PHE A 1632 6.44 -53.15 22.68
CA PHE A 1632 5.33 -53.25 21.73
C PHE A 1632 4.88 -51.88 21.27
N LEU A 1633 4.84 -50.91 22.19
CA LEU A 1633 4.48 -49.56 21.78
C LEU A 1633 5.47 -49.01 20.77
N ASP A 1634 6.75 -49.28 20.97
CA ASP A 1634 7.77 -48.76 20.06
C ASP A 1634 7.66 -49.35 18.67
N LEU A 1635 7.17 -50.58 18.57
CA LEU A 1635 7.21 -51.24 17.27
C LEU A 1635 6.28 -50.56 16.27
N ILE A 1636 5.16 -50.01 16.74
CA ILE A 1636 4.27 -49.37 15.76
C ILE A 1636 4.91 -48.07 15.29
N PRO A 1637 4.92 -47.79 13.99
CA PRO A 1637 5.54 -46.55 13.51
C PRO A 1637 4.64 -45.36 13.75
N GLN A 1638 5.23 -44.26 14.20
CA GLN A 1638 4.45 -43.09 14.57
C GLN A 1638 3.83 -42.43 13.35
N ASP A 1639 4.46 -42.56 12.19
CA ASP A 1639 3.90 -41.95 10.98
C ASP A 1639 2.72 -42.73 10.46
N THR A 1640 2.75 -44.05 10.63
CA THR A 1640 1.55 -44.84 10.32
C THR A 1640 0.37 -44.35 11.13
N LEU A 1641 0.55 -44.19 12.44
CA LEU A 1641 -0.51 -43.67 13.28
C LEU A 1641 -0.90 -42.26 12.86
N ALA A 1642 0.07 -41.46 12.43
CA ALA A 1642 -0.23 -40.10 12.03
C ALA A 1642 -1.17 -40.07 10.83
N VAL A 1643 -0.85 -40.82 9.78
CA VAL A 1643 -1.69 -40.81 8.59
C VAL A 1643 -3.01 -41.51 8.85
N ALA A 1644 -3.01 -42.54 9.70
CA ALA A 1644 -4.25 -43.17 10.09
C ALA A 1644 -5.17 -42.19 10.80
N SER A 1645 -4.61 -41.38 11.70
CA SER A 1645 -5.40 -40.38 12.40
C SER A 1645 -5.91 -39.33 11.45
N PHE A 1646 -5.08 -38.88 10.52
CA PHE A 1646 -5.56 -37.91 9.54
C PHE A 1646 -6.73 -38.49 8.75
N ARG A 1647 -6.69 -39.78 8.44
CA ARG A 1647 -7.82 -40.40 7.78
C ARG A 1647 -9.05 -40.41 8.67
N SER A 1648 -8.85 -40.67 9.96
CA SER A 1648 -9.98 -40.72 10.87
C SER A 1648 -10.54 -39.34 11.16
N LYS A 1649 -9.87 -38.29 10.70
CA LYS A 1649 -10.26 -36.92 10.99
C LYS A 1649 -9.98 -36.58 12.44
N ALA A 1650 -9.10 -37.34 13.08
CA ALA A 1650 -8.62 -37.03 14.42
C ALA A 1650 -7.37 -36.17 14.27
N TYR A 1651 -7.58 -34.91 13.88
CA TYR A 1651 -6.48 -34.07 13.45
C TYR A 1651 -5.48 -33.82 14.57
N THR A 1652 -5.97 -33.51 15.77
CA THR A 1652 -5.05 -33.22 16.86
C THR A 1652 -4.20 -34.43 17.19
N ARG A 1653 -4.78 -35.63 17.11
CA ARG A 1653 -3.99 -36.83 17.34
C ARG A 1653 -2.95 -37.01 16.24
N ALA A 1654 -3.31 -36.67 15.00
CA ALA A 1654 -2.33 -36.73 13.92
C ALA A 1654 -1.18 -35.78 14.18
N VAL A 1655 -1.46 -34.60 14.71
CA VAL A 1655 -0.41 -33.64 15.00
C VAL A 1655 0.49 -34.17 16.09
N MET A 1656 -0.09 -34.71 17.16
CA MET A 1656 0.72 -35.28 18.23
C MET A 1656 1.63 -36.37 17.71
N HIS A 1657 1.09 -37.30 16.93
CA HIS A 1657 1.88 -38.41 16.41
C HIS A 1657 2.96 -37.93 15.47
N PHE A 1658 2.64 -36.97 14.59
CA PHE A 1658 3.63 -36.48 13.66
C PHE A 1658 4.77 -35.80 14.37
N GLU A 1659 4.47 -34.98 15.39
CA GLU A 1659 5.54 -34.33 16.12
C GLU A 1659 6.41 -35.35 16.84
N SER A 1660 5.79 -36.35 17.47
CA SER A 1660 6.59 -37.37 18.14
C SER A 1660 7.43 -38.15 17.13
N PHE A 1661 6.91 -38.34 15.93
CA PHE A 1661 7.69 -39.01 14.89
C PHE A 1661 8.90 -38.18 14.51
N ILE A 1662 8.72 -36.86 14.37
CA ILE A 1662 9.82 -36.01 13.94
C ILE A 1662 10.90 -35.94 15.01
N THR A 1663 10.49 -35.81 16.27
CA THR A 1663 11.50 -35.63 17.32
C THR A 1663 12.10 -36.96 17.75
N GLU A 1664 11.26 -37.92 18.14
CA GLU A 1664 11.78 -39.19 18.63
C GLU A 1664 12.72 -39.83 17.61
N LYS A 1665 12.25 -40.05 16.39
CA LYS A 1665 13.07 -40.61 15.33
C LYS A 1665 13.58 -39.46 14.48
N LYS A 1666 14.82 -39.03 14.74
CA LYS A 1666 15.34 -37.82 14.12
C LYS A 1666 15.06 -37.84 12.62
N GLN A 1667 14.24 -36.91 12.16
CA GLN A 1667 13.86 -36.82 10.77
C GLN A 1667 13.91 -35.36 10.34
N ASN A 1668 14.32 -35.13 9.11
CA ASN A 1668 14.28 -33.77 8.59
C ASN A 1668 12.84 -33.35 8.37
N ILE A 1669 12.45 -32.25 9.02
CA ILE A 1669 11.09 -31.77 8.87
C ILE A 1669 10.79 -31.44 7.42
N GLN A 1670 11.82 -31.08 6.65
CA GLN A 1670 11.58 -30.57 5.30
C GLN A 1670 10.90 -31.60 4.42
N GLU A 1671 11.23 -32.88 4.61
CA GLU A 1671 10.66 -33.91 3.76
C GLU A 1671 9.18 -34.09 4.04
N HIS A 1672 8.72 -33.72 5.24
CA HIS A 1672 7.35 -33.94 5.66
C HIS A 1672 6.54 -32.66 5.78
N LEU A 1673 6.93 -31.57 5.10
CA LEU A 1673 6.22 -30.31 5.28
C LEU A 1673 4.86 -30.35 4.61
N GLY A 1674 4.71 -31.11 3.54
CA GLY A 1674 3.42 -31.18 2.88
C GLY A 1674 2.35 -31.75 3.78
N PHE A 1675 2.65 -32.86 4.45
CA PHE A 1675 1.69 -33.47 5.35
C PHE A 1675 1.34 -32.54 6.50
N LEU A 1676 2.32 -31.82 7.02
CA LEU A 1676 2.07 -30.91 8.13
C LEU A 1676 1.19 -29.75 7.71
N GLN A 1677 1.45 -29.20 6.52
CA GLN A 1677 0.59 -28.12 6.04
C GLN A 1677 -0.83 -28.61 5.82
N LYS A 1678 -0.98 -29.84 5.31
CA LYS A 1678 -2.33 -30.39 5.15
C LYS A 1678 -3.01 -30.56 6.51
N LEU A 1679 -2.28 -31.06 7.50
CA LEU A 1679 -2.84 -31.17 8.84
C LEU A 1679 -3.34 -29.83 9.35
N TYR A 1680 -2.51 -28.80 9.24
CA TYR A 1680 -2.85 -27.52 9.84
C TYR A 1680 -3.96 -26.83 9.04
N ALA A 1681 -4.04 -27.08 7.74
CA ALA A 1681 -5.13 -26.52 6.96
C ALA A 1681 -6.43 -27.25 7.23
N ALA A 1682 -6.35 -28.54 7.58
CA ALA A 1682 -7.56 -29.27 7.93
C ALA A 1682 -8.08 -28.85 9.29
N MET A 1683 -7.20 -28.63 10.25
CA MET A 1683 -7.61 -28.14 11.55
C MET A 1683 -8.06 -26.69 11.53
N HIS A 1684 -8.09 -26.06 10.36
CA HIS A 1684 -8.38 -24.63 10.26
C HIS A 1684 -7.48 -23.84 11.19
N GLU A 1685 -6.18 -24.11 11.11
CA GLU A 1685 -5.19 -23.42 11.93
C GLU A 1685 -4.30 -22.58 11.03
N PRO A 1686 -4.67 -21.33 10.72
CA PRO A 1686 -3.84 -20.55 9.79
C PRO A 1686 -2.41 -20.36 10.23
N ASP A 1687 -2.17 -20.35 11.55
CA ASP A 1687 -0.82 -20.09 12.04
C ASP A 1687 0.12 -21.24 11.67
N GLY A 1688 -0.38 -22.48 11.72
CA GLY A 1688 0.45 -23.59 11.33
C GLY A 1688 0.78 -23.59 9.85
N VAL A 1689 -0.18 -23.22 9.01
CA VAL A 1689 0.09 -23.10 7.59
C VAL A 1689 1.13 -22.02 7.32
N ALA A 1690 1.00 -20.87 7.99
CA ALA A 1690 1.99 -19.82 7.81
C ALA A 1690 3.36 -20.26 8.30
N GLY A 1691 3.40 -21.02 9.39
CA GLY A 1691 4.68 -21.48 9.90
C GLY A 1691 5.35 -22.46 8.97
N VAL A 1692 4.58 -23.38 8.40
CA VAL A 1692 5.14 -24.31 7.42
C VAL A 1692 5.64 -23.55 6.21
N SER A 1693 4.89 -22.54 5.79
CA SER A 1693 5.34 -21.72 4.66
C SER A 1693 6.66 -21.02 4.99
N ALA A 1694 6.85 -20.63 6.24
CA ALA A 1694 8.08 -19.94 6.61
C ALA A 1694 9.23 -20.91 6.81
N ILE A 1695 8.94 -22.17 7.09
CA ILE A 1695 10.00 -23.14 7.34
C ILE A 1695 10.55 -23.69 6.03
N ARG A 1696 9.69 -23.85 5.04
CA ARG A 1696 10.06 -24.59 3.83
C ARG A 1696 11.24 -23.91 3.13
N LYS A 1697 12.22 -24.71 2.72
CA LYS A 1697 13.31 -24.19 1.92
C LYS A 1697 13.01 -24.30 0.44
N ALA A 1698 12.61 -25.48 -0.03
CA ALA A 1698 12.28 -25.66 -1.42
C ALA A 1698 11.21 -24.67 -1.86
N GLU A 1699 11.03 -24.56 -3.17
CA GLU A 1699 10.05 -23.63 -3.68
C GLU A 1699 8.66 -24.24 -3.60
N PRO A 1700 7.65 -23.47 -3.20
CA PRO A 1700 6.32 -24.05 -2.99
C PRO A 1700 5.72 -24.56 -4.29
N SER A 1701 5.18 -25.77 -4.23
CA SER A 1701 4.35 -26.24 -5.32
C SER A 1701 3.19 -25.28 -5.54
N LEU A 1702 2.46 -25.48 -6.63
CA LEU A 1702 1.28 -24.65 -6.85
C LEU A 1702 0.16 -25.02 -5.88
N LYS A 1703 -0.02 -26.30 -5.61
CA LYS A 1703 -1.05 -26.71 -4.66
C LYS A 1703 -0.75 -26.17 -3.27
N GLU A 1704 0.52 -26.27 -2.89
CA GLU A 1704 0.99 -25.80 -1.56
C GLU A 1704 0.80 -24.29 -1.53
N GLN A 1705 1.05 -23.61 -2.65
CA GLN A 1705 0.78 -22.16 -2.72
C GLN A 1705 -0.72 -21.94 -2.57
N ILE A 1706 -1.58 -22.71 -3.24
CA ILE A 1706 -3.05 -22.47 -3.24
C ILE A 1706 -3.58 -22.68 -1.81
N LEU A 1707 -3.11 -23.68 -1.07
CA LEU A 1707 -3.47 -23.95 0.31
C LEU A 1707 -3.07 -22.80 1.22
N GLU A 1708 -1.83 -22.33 1.07
CA GLU A 1708 -1.37 -21.21 1.89
C GLU A 1708 -2.25 -19.99 1.70
N HIS A 1709 -2.67 -19.71 0.47
CA HIS A 1709 -3.48 -18.52 0.24
C HIS A 1709 -4.88 -18.69 0.80
N GLU A 1710 -5.49 -19.86 0.61
CA GLU A 1710 -6.80 -20.09 1.18
C GLU A 1710 -6.78 -19.91 2.69
N SER A 1711 -5.77 -20.47 3.35
CA SER A 1711 -5.74 -20.37 4.81
C SER A 1711 -5.42 -18.96 5.27
N LEU A 1712 -4.35 -18.35 4.75
CA LEU A 1712 -3.98 -17.02 5.20
C LEU A 1712 -5.07 -16.02 4.88
N GLY A 1713 -5.81 -16.24 3.79
CA GLY A 1713 -7.01 -15.48 3.53
C GLY A 1713 -6.89 -14.34 2.53
N LEU A 1714 -5.84 -14.32 1.71
CA LEU A 1714 -5.69 -13.29 0.68
C LEU A 1714 -6.37 -13.79 -0.59
N LEU A 1715 -7.44 -13.12 -1.00
CA LEU A 1715 -8.33 -13.69 -2.01
C LEU A 1715 -7.92 -13.27 -3.43
N ARG A 1716 -7.21 -12.15 -3.57
CA ARG A 1716 -6.79 -11.75 -4.91
C ARG A 1716 -5.61 -12.59 -5.39
N ASP A 1717 -4.55 -12.67 -4.58
CA ASP A 1717 -3.48 -13.60 -4.88
C ASP A 1717 -4.05 -14.99 -5.14
N ALA A 1718 -5.05 -15.38 -4.34
CA ALA A 1718 -5.64 -16.70 -4.51
C ALA A 1718 -6.39 -16.81 -5.83
N THR A 1719 -7.04 -15.74 -6.29
CA THR A 1719 -7.72 -15.80 -7.57
C THR A 1719 -6.73 -15.98 -8.71
N ALA A 1720 -5.62 -15.24 -8.66
CA ALA A 1720 -4.58 -15.47 -9.66
C ALA A 1720 -4.10 -16.92 -9.62
N CYS A 1721 -3.84 -17.44 -8.42
CA CYS A 1721 -3.38 -18.81 -8.29
C CYS A 1721 -4.40 -19.79 -8.86
N TYR A 1722 -5.68 -19.53 -8.63
CA TYR A 1722 -6.72 -20.42 -9.12
C TYR A 1722 -6.76 -20.43 -10.63
N ASP A 1723 -6.62 -19.27 -11.26
CA ASP A 1723 -6.57 -19.25 -12.72
C ASP A 1723 -5.39 -20.04 -13.23
N ARG A 1724 -4.21 -19.84 -12.65
CA ARG A 1724 -3.06 -20.60 -13.12
C ARG A 1724 -3.27 -22.09 -12.91
N ALA A 1725 -3.96 -22.46 -11.84
CA ALA A 1725 -4.22 -23.87 -11.57
C ALA A 1725 -5.19 -24.45 -12.59
N ILE A 1726 -6.24 -23.71 -12.91
CA ILE A 1726 -7.16 -24.15 -13.95
C ILE A 1726 -6.40 -24.37 -15.25
N GLN A 1727 -5.49 -23.46 -15.59
CA GLN A 1727 -4.71 -23.63 -16.80
C GLN A 1727 -3.89 -24.90 -16.75
N LEU A 1728 -3.33 -25.23 -15.57
CA LEU A 1728 -2.45 -26.38 -15.49
C LEU A 1728 -3.22 -27.69 -15.47
N GLU A 1729 -4.31 -27.76 -14.72
CA GLU A 1729 -5.14 -28.96 -14.63
C GLU A 1729 -6.58 -28.58 -14.94
N PRO A 1730 -7.05 -28.82 -16.16
CA PRO A 1730 -8.33 -28.21 -16.56
C PRO A 1730 -9.56 -28.88 -15.97
N ASP A 1731 -9.51 -30.18 -15.72
CA ASP A 1731 -10.71 -30.94 -15.37
C ASP A 1731 -10.96 -31.02 -13.88
N GLN A 1732 -10.12 -30.42 -13.05
CA GLN A 1732 -10.36 -30.43 -11.62
C GLN A 1732 -11.38 -29.36 -11.27
N ILE A 1733 -12.34 -29.70 -10.41
CA ILE A 1733 -13.45 -28.79 -10.14
C ILE A 1733 -13.13 -27.87 -8.97
N ILE A 1734 -12.25 -28.30 -8.08
CA ILE A 1734 -11.95 -27.49 -6.89
C ILE A 1734 -11.44 -26.12 -7.31
N HIS A 1735 -10.77 -26.05 -8.47
CA HIS A 1735 -10.23 -24.77 -8.91
C HIS A 1735 -11.34 -23.81 -9.34
N TYR A 1736 -12.35 -24.33 -10.03
CA TYR A 1736 -13.48 -23.48 -10.39
C TYR A 1736 -14.23 -23.06 -9.13
N HIS A 1737 -14.34 -23.97 -8.17
CA HIS A 1737 -14.86 -23.57 -6.87
C HIS A 1737 -14.09 -22.38 -6.32
N GLY A 1738 -12.76 -22.46 -6.36
CA GLY A 1738 -11.97 -21.36 -5.83
C GLY A 1738 -12.24 -20.05 -6.54
N VAL A 1739 -12.22 -20.06 -7.87
CA VAL A 1739 -12.37 -18.79 -8.60
C VAL A 1739 -13.74 -18.20 -8.35
N VAL A 1740 -14.79 -19.02 -8.32
CA VAL A 1740 -16.11 -18.46 -8.11
C VAL A 1740 -16.27 -17.98 -6.68
N LYS A 1741 -15.70 -18.69 -5.71
CA LYS A 1741 -15.71 -18.19 -4.34
C LYS A 1741 -15.04 -16.84 -4.24
N SER A 1742 -13.93 -16.66 -4.95
CA SER A 1742 -13.19 -15.40 -4.86
C SER A 1742 -13.94 -14.28 -5.57
N MET A 1743 -14.60 -14.60 -6.68
CA MET A 1743 -15.46 -13.60 -7.32
C MET A 1743 -16.58 -13.19 -6.38
N LEU A 1744 -17.14 -14.15 -5.64
CA LEU A 1744 -18.23 -13.84 -4.74
C LEU A 1744 -17.75 -13.04 -3.54
N GLY A 1745 -16.49 -13.24 -3.14
CA GLY A 1745 -15.95 -12.50 -2.01
C GLY A 1745 -15.66 -11.05 -2.35
N LEU A 1746 -15.23 -10.78 -3.58
CA LEU A 1746 -14.98 -9.41 -3.98
C LEU A 1746 -16.28 -8.65 -4.24
N GLY A 1747 -17.41 -9.35 -4.25
CA GLY A 1747 -18.67 -8.73 -4.52
C GLY A 1747 -19.08 -8.73 -5.97
N GLN A 1748 -18.36 -9.46 -6.83
CA GLN A 1748 -18.67 -9.51 -8.25
C GLN A 1748 -19.73 -10.57 -8.49
N LEU A 1749 -20.98 -10.16 -8.29
CA LEU A 1749 -22.07 -11.14 -8.30
C LEU A 1749 -22.51 -11.50 -9.71
N SER A 1750 -22.72 -10.50 -10.56
CA SER A 1750 -23.07 -10.78 -11.95
C SER A 1750 -21.99 -11.63 -12.61
N THR A 1751 -20.73 -11.33 -12.32
CA THR A 1751 -19.65 -12.13 -12.88
C THR A 1751 -19.74 -13.56 -12.38
N VAL A 1752 -20.16 -13.77 -11.14
CA VAL A 1752 -20.27 -15.14 -10.63
C VAL A 1752 -21.37 -15.88 -11.37
N ILE A 1753 -22.51 -15.22 -11.59
CA ILE A 1753 -23.59 -15.89 -12.29
C ILE A 1753 -23.14 -16.29 -13.69
N THR A 1754 -22.51 -15.38 -14.43
CA THR A 1754 -22.14 -15.72 -15.80
C THR A 1754 -20.98 -16.72 -15.83
N GLN A 1755 -20.09 -16.66 -14.84
CA GLN A 1755 -19.01 -17.65 -14.77
C GLN A 1755 -19.57 -19.05 -14.58
N VAL A 1756 -20.47 -19.22 -13.63
CA VAL A 1756 -21.07 -20.53 -13.42
C VAL A 1756 -21.85 -20.97 -14.65
N ASN A 1757 -22.49 -20.02 -15.33
CA ASN A 1757 -23.19 -20.37 -16.56
C ASN A 1757 -22.23 -20.88 -17.62
N GLY A 1758 -21.08 -20.25 -17.76
CA GLY A 1758 -20.11 -20.72 -18.74
C GLY A 1758 -19.60 -22.11 -18.42
N VAL A 1759 -19.19 -22.32 -17.16
CA VAL A 1759 -18.77 -23.65 -16.74
C VAL A 1759 -19.84 -24.68 -17.06
N HIS A 1760 -21.11 -24.33 -16.80
CA HIS A 1760 -22.20 -25.21 -17.19
C HIS A 1760 -22.20 -25.48 -18.68
N ALA A 1761 -22.01 -24.43 -19.48
CA ALA A 1761 -22.08 -24.58 -20.92
C ALA A 1761 -21.08 -25.60 -21.42
N ASN A 1762 -19.84 -25.54 -20.96
CA ASN A 1762 -18.85 -26.48 -21.51
C ASN A 1762 -18.84 -27.79 -20.75
N ARG A 1763 -19.21 -27.78 -19.47
CA ARG A 1763 -19.30 -28.99 -18.66
C ARG A 1763 -20.56 -28.91 -17.80
N SER A 1764 -21.55 -29.76 -18.10
CA SER A 1764 -22.80 -29.69 -17.35
C SER A 1764 -22.71 -30.42 -16.03
N GLU A 1765 -21.78 -31.36 -15.90
CA GLU A 1765 -21.68 -32.14 -14.68
C GLU A 1765 -21.33 -31.26 -13.49
N TRP A 1766 -20.51 -30.25 -13.71
CA TRP A 1766 -19.97 -29.47 -12.60
C TRP A 1766 -21.03 -28.56 -12.00
N THR A 1767 -21.99 -28.12 -12.80
CA THR A 1767 -22.97 -27.13 -12.36
C THR A 1767 -24.09 -27.82 -11.59
N ASP A 1768 -23.67 -28.62 -10.62
CA ASP A 1768 -24.50 -29.01 -9.49
C ASP A 1768 -23.75 -28.81 -8.19
N GLU A 1769 -22.42 -28.91 -8.22
CA GLU A 1769 -21.62 -28.40 -7.12
C GLU A 1769 -21.42 -26.91 -7.24
N LEU A 1770 -21.36 -26.40 -8.48
CA LEU A 1770 -21.19 -24.96 -8.65
C LEU A 1770 -22.48 -24.18 -8.47
N ASN A 1771 -23.59 -24.85 -8.18
CA ASN A 1771 -24.88 -24.16 -8.09
C ASN A 1771 -24.99 -23.34 -6.80
N THR A 1772 -24.23 -23.73 -5.78
CA THR A 1772 -24.20 -22.96 -4.54
C THR A 1772 -23.96 -21.49 -4.81
N TYR A 1773 -22.99 -21.17 -5.67
CA TYR A 1773 -22.59 -19.79 -5.86
C TYR A 1773 -23.58 -19.04 -6.74
N ARG A 1774 -24.17 -19.72 -7.72
CA ARG A 1774 -25.28 -19.11 -8.44
C ARG A 1774 -26.39 -18.71 -7.50
N VAL A 1775 -26.77 -19.60 -6.58
CA VAL A 1775 -27.89 -19.29 -5.70
C VAL A 1775 -27.53 -18.17 -4.75
N GLU A 1776 -26.32 -18.18 -4.20
CA GLU A 1776 -25.92 -17.10 -3.32
C GLU A 1776 -25.92 -15.77 -4.05
N ALA A 1777 -25.23 -15.69 -5.17
CA ALA A 1777 -25.22 -14.45 -5.94
C ALA A 1777 -26.63 -14.01 -6.29
N ALA A 1778 -27.52 -14.95 -6.58
CA ALA A 1778 -28.86 -14.58 -7.01
C ALA A 1778 -29.66 -13.97 -5.86
N TRP A 1779 -29.64 -14.61 -4.69
CA TRP A 1779 -30.43 -14.04 -3.60
C TRP A 1779 -29.75 -12.80 -3.02
N LYS A 1780 -28.49 -12.57 -3.38
CA LYS A 1780 -27.86 -11.30 -3.01
C LYS A 1780 -28.19 -10.21 -4.02
N LEU A 1781 -28.43 -10.59 -5.27
CA LEU A 1781 -28.87 -9.62 -6.26
C LEU A 1781 -30.35 -9.32 -6.11
N SER A 1782 -31.05 -10.10 -5.30
CA SER A 1782 -32.48 -9.92 -5.14
C SER A 1782 -33.23 -10.38 -6.37
N GLN A 1783 -32.58 -11.22 -7.19
CA GLN A 1783 -33.20 -11.78 -8.38
C GLN A 1783 -33.92 -13.07 -8.00
N TRP A 1784 -35.19 -12.93 -7.64
CA TRP A 1784 -35.92 -14.06 -7.09
C TRP A 1784 -36.27 -15.08 -8.15
N ASP A 1785 -36.50 -14.64 -9.39
CA ASP A 1785 -36.75 -15.59 -10.45
C ASP A 1785 -35.57 -16.52 -10.63
N LEU A 1786 -34.36 -15.96 -10.68
CA LEU A 1786 -33.18 -16.78 -10.86
C LEU A 1786 -32.97 -17.71 -9.68
N VAL A 1787 -33.23 -17.22 -8.47
CA VAL A 1787 -33.11 -18.07 -7.30
C VAL A 1787 -34.04 -19.26 -7.43
N GLU A 1788 -35.28 -19.01 -7.86
CA GLU A 1788 -36.22 -20.11 -8.03
C GLU A 1788 -35.72 -21.12 -9.04
N ASN A 1789 -35.26 -20.64 -10.21
CA ASN A 1789 -34.78 -21.56 -11.23
C ASN A 1789 -33.63 -22.41 -10.71
N TYR A 1790 -32.60 -21.75 -10.18
CA TYR A 1790 -31.41 -22.49 -9.74
C TYR A 1790 -31.76 -23.48 -8.65
N LEU A 1791 -32.62 -23.10 -7.71
CA LEU A 1791 -32.99 -24.03 -6.65
C LEU A 1791 -33.73 -25.22 -7.21
N ALA A 1792 -34.72 -24.98 -8.06
CA ALA A 1792 -35.45 -26.09 -8.65
C ALA A 1792 -34.50 -27.04 -9.38
N ALA A 1793 -33.48 -26.50 -10.04
CA ALA A 1793 -32.57 -27.35 -10.80
C ALA A 1793 -31.98 -28.46 -9.95
N ASP A 1794 -31.37 -28.12 -8.81
CA ASP A 1794 -30.68 -29.09 -7.97
C ASP A 1794 -31.23 -29.03 -6.56
N GLY A 1795 -31.71 -30.18 -6.07
CA GLY A 1795 -32.11 -30.32 -4.68
C GLY A 1795 -31.11 -31.03 -3.80
N LYS A 1796 -29.94 -31.35 -4.35
CA LYS A 1796 -28.95 -32.11 -3.59
C LYS A 1796 -28.18 -31.22 -2.63
N SER A 1797 -27.81 -30.01 -3.07
CA SER A 1797 -26.93 -29.17 -2.26
C SER A 1797 -27.62 -28.74 -0.98
N THR A 1798 -26.86 -28.83 0.12
CA THR A 1798 -27.30 -28.43 1.45
C THR A 1798 -26.41 -27.33 2.03
N THR A 1799 -25.69 -26.61 1.20
CA THR A 1799 -24.76 -25.62 1.71
C THR A 1799 -25.53 -24.42 2.26
N TRP A 1800 -24.93 -23.75 3.24
CA TRP A 1800 -25.60 -22.67 3.95
C TRP A 1800 -26.21 -21.66 2.98
N SER A 1801 -25.51 -21.36 1.90
CA SER A 1801 -26.03 -20.39 0.94
C SER A 1801 -27.31 -20.88 0.28
N VAL A 1802 -27.39 -22.18 0.03
CA VAL A 1802 -28.58 -22.72 -0.63
C VAL A 1802 -29.74 -22.79 0.36
N ARG A 1803 -29.49 -23.17 1.61
CA ARG A 1803 -30.55 -23.16 2.60
C ARG A 1803 -31.08 -21.74 2.80
N LEU A 1804 -30.19 -20.76 2.84
CA LEU A 1804 -30.61 -19.39 2.99
C LEU A 1804 -31.39 -18.91 1.77
N GLY A 1805 -31.01 -19.38 0.59
CA GLY A 1805 -31.76 -19.04 -0.60
C GLY A 1805 -33.15 -19.63 -0.60
N GLN A 1806 -33.26 -20.89 -0.16
CA GLN A 1806 -34.58 -21.51 -0.04
C GLN A 1806 -35.44 -20.77 0.96
N LEU A 1807 -34.88 -20.41 2.11
CA LEU A 1807 -35.65 -19.68 3.11
C LEU A 1807 -36.14 -18.35 2.56
N LEU A 1808 -35.24 -17.56 1.97
CA LEU A 1808 -35.65 -16.26 1.46
C LEU A 1808 -36.66 -16.40 0.33
N LEU A 1809 -36.49 -17.42 -0.52
CA LEU A 1809 -37.43 -17.62 -1.62
C LEU A 1809 -38.81 -17.99 -1.11
N SER A 1810 -38.88 -18.89 -0.13
CA SER A 1810 -40.18 -19.25 0.43
C SER A 1810 -40.80 -18.09 1.19
N ALA A 1811 -39.98 -17.19 1.72
CA ALA A 1811 -40.54 -15.97 2.30
C ALA A 1811 -41.10 -15.08 1.20
N LYS A 1812 -40.42 -15.02 0.06
CA LYS A 1812 -40.91 -14.22 -1.06
C LYS A 1812 -42.26 -14.75 -1.55
N LYS A 1813 -42.37 -16.06 -1.70
CA LYS A 1813 -43.63 -16.63 -2.18
C LYS A 1813 -44.72 -16.62 -1.12
N ARG A 1814 -44.38 -16.30 0.12
CA ARG A 1814 -45.35 -16.26 1.21
C ARG A 1814 -45.84 -17.65 1.58
N ASP A 1815 -44.92 -18.62 1.62
CA ASP A 1815 -45.25 -19.99 1.95
C ASP A 1815 -44.86 -20.26 3.40
N ILE A 1816 -45.81 -20.09 4.32
CA ILE A 1816 -45.47 -20.11 5.74
C ILE A 1816 -44.96 -21.47 6.17
N THR A 1817 -45.65 -22.54 5.78
CA THR A 1817 -45.30 -23.85 6.29
C THR A 1817 -43.96 -24.32 5.76
N ALA A 1818 -43.70 -24.14 4.47
CA ALA A 1818 -42.38 -24.46 3.93
C ALA A 1818 -41.31 -23.62 4.61
N PHE A 1819 -41.58 -22.34 4.82
CA PHE A 1819 -40.62 -21.50 5.52
C PHE A 1819 -40.25 -22.09 6.86
N TYR A 1820 -41.24 -22.44 7.67
CA TYR A 1820 -40.94 -22.86 9.03
C TYR A 1820 -40.30 -24.24 9.07
N ASP A 1821 -40.72 -25.14 8.17
CA ASP A 1821 -40.03 -26.42 8.08
C ASP A 1821 -38.56 -26.23 7.75
N SER A 1822 -38.27 -25.49 6.67
CA SER A 1822 -36.89 -25.26 6.29
C SER A 1822 -36.13 -24.56 7.40
N LEU A 1823 -36.81 -23.70 8.16
CA LEU A 1823 -36.15 -23.00 9.24
C LEU A 1823 -35.70 -23.97 10.32
N LYS A 1824 -36.57 -24.89 10.72
CA LYS A 1824 -36.17 -25.89 11.70
C LYS A 1824 -35.01 -26.74 11.18
N LEU A 1825 -35.07 -27.13 9.90
CA LEU A 1825 -34.00 -27.96 9.36
C LEU A 1825 -32.67 -27.22 9.37
N VAL A 1826 -32.67 -25.96 8.97
CA VAL A 1826 -31.43 -25.19 8.92
C VAL A 1826 -30.89 -24.97 10.33
N ARG A 1827 -31.76 -24.69 11.29
CA ARG A 1827 -31.28 -24.52 12.66
C ARG A 1827 -30.63 -25.80 13.17
N ALA A 1828 -31.25 -26.94 12.92
CA ALA A 1828 -30.62 -28.20 13.33
C ALA A 1828 -29.26 -28.37 12.69
N GLU A 1829 -29.17 -28.09 11.38
CA GLU A 1829 -27.90 -28.26 10.69
C GLU A 1829 -26.83 -27.35 11.28
N GLN A 1830 -27.21 -26.16 11.74
CA GLN A 1830 -26.21 -25.25 12.30
C GLN A 1830 -25.81 -25.66 13.71
N ILE A 1831 -26.75 -26.25 14.47
CA ILE A 1831 -26.42 -26.66 15.83
C ILE A 1831 -25.53 -27.89 15.82
N VAL A 1832 -25.61 -28.68 14.74
CA VAL A 1832 -24.81 -29.92 14.68
C VAL A 1832 -23.34 -29.66 15.00
N PRO A 1833 -22.65 -28.71 14.37
CA PRO A 1833 -21.23 -28.52 14.70
C PRO A 1833 -21.00 -27.93 16.08
N LEU A 1834 -21.94 -27.14 16.59
CA LEU A 1834 -21.80 -26.61 17.94
C LEU A 1834 -21.73 -27.72 18.97
N SER A 1835 -22.49 -28.79 18.77
CA SER A 1835 -22.50 -29.87 19.74
C SER A 1835 -21.14 -30.55 19.83
N ALA A 1836 -20.39 -30.55 18.72
CA ALA A 1836 -19.04 -31.08 18.75
C ALA A 1836 -18.06 -30.05 19.32
N ALA A 1837 -18.31 -28.76 19.07
CA ALA A 1837 -17.36 -27.73 19.50
C ALA A 1837 -17.43 -27.50 21.00
N SER A 1838 -18.61 -27.66 21.60
CA SER A 1838 -18.78 -27.28 23.00
C SER A 1838 -18.05 -28.25 23.94
N PHE A 1839 -17.58 -29.38 23.42
CA PHE A 1839 -16.85 -30.36 24.22
C PHE A 1839 -15.39 -29.94 24.33
N GLU A 1840 -15.19 -28.69 24.74
CA GLU A 1840 -13.87 -28.10 24.52
C GLU A 1840 -13.60 -26.96 25.48
N ARG A 1841 -12.38 -26.45 25.39
CA ARG A 1841 -11.97 -25.22 26.03
C ARG A 1841 -11.98 -24.09 25.01
N GLY A 1842 -12.39 -22.90 25.45
CA GLY A 1842 -12.62 -21.84 24.48
C GLY A 1842 -13.56 -22.29 23.38
N SER A 1843 -14.75 -22.75 23.77
CA SER A 1843 -15.67 -23.35 22.79
C SER A 1843 -16.48 -22.30 22.06
N TYR A 1844 -16.89 -21.24 22.77
CA TYR A 1844 -17.67 -20.19 22.13
C TYR A 1844 -16.92 -19.59 20.95
N GLN A 1845 -15.63 -19.32 21.10
CA GLN A 1845 -14.88 -18.68 20.03
C GLN A 1845 -14.63 -19.63 18.88
N ARG A 1846 -14.49 -20.91 19.16
CA ARG A 1846 -14.18 -21.86 18.09
C ARG A 1846 -15.40 -22.15 17.24
N GLY A 1847 -16.57 -22.16 17.85
CA GLY A 1847 -17.81 -22.32 17.15
C GLY A 1847 -18.54 -21.03 16.87
N TYR A 1848 -17.82 -19.91 16.74
CA TYR A 1848 -18.49 -18.63 16.61
C TYR A 1848 -19.14 -18.47 15.26
N GLU A 1849 -18.63 -19.16 14.24
CA GLU A 1849 -19.25 -19.06 12.93
C GLU A 1849 -20.69 -19.55 12.96
N TYR A 1850 -20.94 -20.63 13.69
CA TYR A 1850 -22.28 -21.20 13.74
C TYR A 1850 -23.17 -20.43 14.70
N ILE A 1851 -22.58 -19.79 15.70
CA ILE A 1851 -23.39 -18.92 16.55
C ILE A 1851 -23.81 -17.67 15.78
N VAL A 1852 -22.96 -17.19 14.89
CA VAL A 1852 -23.36 -16.08 14.04
C VAL A 1852 -24.43 -16.52 13.06
N ARG A 1853 -24.35 -17.77 12.58
CA ARG A 1853 -25.43 -18.27 11.72
C ARG A 1853 -26.74 -18.36 12.46
N LEU A 1854 -26.71 -18.75 13.74
CA LEU A 1854 -27.95 -18.77 14.51
C LEU A 1854 -28.48 -17.37 14.74
N HIS A 1855 -27.59 -16.41 15.02
CA HIS A 1855 -27.97 -15.01 15.07
C HIS A 1855 -28.70 -14.59 13.81
N MET A 1856 -28.15 -14.95 12.65
CA MET A 1856 -28.77 -14.58 11.38
C MET A 1856 -30.13 -15.25 11.23
N LEU A 1857 -30.25 -16.51 11.64
CA LEU A 1857 -31.54 -17.18 11.50
C LEU A 1857 -32.60 -16.55 12.39
N CYS A 1858 -32.21 -16.11 13.59
CA CYS A 1858 -33.16 -15.40 14.44
C CYS A 1858 -33.64 -14.11 13.80
N GLU A 1859 -32.71 -13.29 13.32
CA GLU A 1859 -33.12 -12.06 12.66
C GLU A 1859 -34.01 -12.35 11.47
N LEU A 1860 -33.68 -13.39 10.70
CA LEU A 1860 -34.48 -13.75 9.54
C LEU A 1860 -35.90 -14.09 9.94
N GLU A 1861 -36.07 -15.01 10.87
CA GLU A 1861 -37.43 -15.39 11.27
C GLU A 1861 -38.22 -14.20 11.77
N HIS A 1862 -37.60 -13.37 12.61
CA HIS A 1862 -38.35 -12.27 13.21
C HIS A 1862 -38.69 -11.21 12.18
N SER A 1863 -37.90 -11.11 11.11
CA SER A 1863 -38.23 -10.15 10.07
C SER A 1863 -39.29 -10.72 9.13
N ILE A 1864 -39.37 -12.04 9.03
CA ILE A 1864 -40.25 -12.64 8.03
C ILE A 1864 -41.67 -12.79 8.56
N LYS A 1865 -41.82 -13.10 9.85
CA LYS A 1865 -43.17 -13.34 10.36
C LYS A 1865 -44.19 -12.28 9.97
N PRO A 1866 -43.93 -10.99 10.12
CA PRO A 1866 -44.92 -9.98 9.73
C PRO A 1866 -45.32 -10.09 8.27
N LEU A 1867 -44.40 -10.43 7.39
CA LEU A 1867 -44.78 -10.71 6.00
C LEU A 1867 -45.82 -11.81 5.94
N PHE A 1868 -45.60 -12.89 6.69
CA PHE A 1868 -46.45 -14.05 6.56
C PHE A 1868 -47.86 -13.76 7.01
N GLN A 1869 -48.03 -13.18 8.20
CA GLN A 1869 -49.40 -13.03 8.68
C GLN A 1869 -50.09 -11.90 7.93
N ASP A 1879 -41.45 -6.32 14.00
CA ASP A 1879 -40.11 -6.73 14.41
C ASP A 1879 -39.57 -5.77 15.45
N SER A 1880 -39.45 -6.25 16.69
CA SER A 1880 -38.95 -5.40 17.76
C SER A 1880 -37.43 -5.50 17.88
N LEU A 1881 -36.83 -6.52 17.27
CA LEU A 1881 -35.38 -6.68 17.39
C LEU A 1881 -34.68 -5.38 17.03
N ASN A 1882 -33.67 -5.04 17.82
CA ASN A 1882 -32.86 -3.85 17.61
C ASN A 1882 -31.66 -4.25 16.77
N TRP A 1883 -31.65 -3.80 15.51
CA TRP A 1883 -30.64 -4.30 14.59
C TRP A 1883 -29.27 -3.69 14.87
N VAL A 1884 -29.25 -2.44 15.33
CA VAL A 1884 -27.97 -1.77 15.54
C VAL A 1884 -27.27 -2.31 16.78
N ALA A 1885 -28.01 -2.46 17.88
CA ALA A 1885 -27.43 -3.08 19.06
C ALA A 1885 -27.00 -4.51 18.76
N ARG A 1886 -27.81 -5.25 18.00
CA ARG A 1886 -27.47 -6.63 17.70
C ARG A 1886 -26.24 -6.72 16.83
N LEU A 1887 -25.97 -5.70 16.02
CA LEU A 1887 -24.76 -5.73 15.20
C LEU A 1887 -23.55 -5.25 15.98
N GLU A 1888 -23.75 -4.41 16.98
CA GLU A 1888 -22.61 -3.91 17.74
C GLU A 1888 -22.08 -4.97 18.71
N MET A 1889 -22.96 -5.82 19.23
CA MET A 1889 -22.48 -6.89 20.10
C MET A 1889 -21.50 -7.79 19.37
N THR A 1890 -21.75 -8.05 18.10
CA THR A 1890 -20.95 -9.02 17.36
C THR A 1890 -19.46 -8.68 17.43
N GLN A 1891 -18.63 -9.68 17.18
CA GLN A 1891 -17.19 -9.47 17.20
C GLN A 1891 -16.77 -8.59 16.04
N ASN A 1892 -15.83 -7.67 16.29
CA ASN A 1892 -15.40 -6.73 15.27
C ASN A 1892 -14.45 -7.43 14.33
N SER A 1893 -15.02 -8.26 13.47
CA SER A 1893 -14.28 -8.90 12.41
C SER A 1893 -15.11 -8.80 11.14
N TYR A 1894 -14.47 -9.06 10.01
CA TYR A 1894 -15.22 -9.09 8.76
C TYR A 1894 -16.03 -10.36 8.64
N ARG A 1895 -15.43 -11.49 9.00
CA ARG A 1895 -16.13 -12.77 8.85
C ARG A 1895 -17.35 -12.83 9.74
N ALA A 1896 -17.39 -12.03 10.81
CA ALA A 1896 -18.54 -12.07 11.70
C ALA A 1896 -19.65 -11.14 11.25
N LYS A 1897 -19.28 -9.92 10.84
CA LYS A 1897 -20.31 -8.92 10.58
C LYS A 1897 -20.78 -8.94 9.14
N GLU A 1898 -19.96 -9.42 8.21
CA GLU A 1898 -20.35 -9.33 6.82
C GLU A 1898 -21.52 -10.23 6.46
N PRO A 1899 -21.54 -11.51 6.84
CA PRO A 1899 -22.73 -12.31 6.55
C PRO A 1899 -23.99 -11.72 7.13
N ILE A 1900 -23.92 -11.18 8.35
CA ILE A 1900 -25.08 -10.59 8.98
C ILE A 1900 -25.63 -9.46 8.13
N LEU A 1901 -24.76 -8.59 7.64
CA LEU A 1901 -25.22 -7.43 6.88
C LEU A 1901 -25.75 -7.85 5.51
N ALA A 1902 -25.13 -8.85 4.89
CA ALA A 1902 -25.65 -9.32 3.62
C ALA A 1902 -27.06 -9.86 3.76
N LEU A 1903 -27.28 -10.69 4.77
CA LEU A 1903 -28.62 -11.22 4.99
C LEU A 1903 -29.58 -10.10 5.37
N ARG A 1904 -29.10 -9.07 6.07
CA ARG A 1904 -29.96 -7.96 6.42
C ARG A 1904 -30.42 -7.21 5.18
N ARG A 1905 -29.53 -6.99 4.22
CA ARG A 1905 -29.94 -6.33 2.99
C ARG A 1905 -30.97 -7.18 2.26
N ALA A 1906 -30.75 -8.49 2.19
CA ALA A 1906 -31.77 -9.34 1.59
C ALA A 1906 -33.12 -9.19 2.29
N LEU A 1907 -33.10 -9.14 3.62
CA LEU A 1907 -34.35 -9.05 4.36
C LEU A 1907 -35.04 -7.72 4.14
N LEU A 1908 -34.26 -6.64 4.02
CA LEU A 1908 -34.86 -5.35 3.72
C LEU A 1908 -35.50 -5.36 2.35
N SER A 1909 -34.90 -6.08 1.40
CA SER A 1909 -35.48 -6.15 0.07
C SER A 1909 -36.74 -7.00 0.06
N LEU A 1910 -36.84 -7.97 0.96
CA LEU A 1910 -38.00 -8.86 0.95
C LEU A 1910 -39.30 -8.10 1.22
N ASN A 1911 -39.31 -7.24 2.24
CA ASN A 1911 -40.45 -6.39 2.51
C ASN A 1911 -40.04 -4.94 2.31
N LYS A 1912 -40.64 -4.28 1.34
CA LYS A 1912 -40.22 -2.94 0.94
C LYS A 1912 -41.09 -1.92 1.67
N ARG A 1913 -40.57 -1.35 2.75
CA ARG A 1913 -41.16 -0.18 3.37
C ARG A 1913 -40.73 1.06 2.59
N PRO A 1914 -41.19 2.24 3.00
CA PRO A 1914 -40.80 3.46 2.26
C PRO A 1914 -39.32 3.79 2.39
N ASP A 1915 -38.76 3.64 3.57
CA ASP A 1915 -37.40 4.09 3.85
C ASP A 1915 -36.35 3.03 3.55
N TYR A 1916 -36.63 2.06 2.68
CA TYR A 1916 -35.69 0.97 2.54
C TYR A 1916 -34.61 1.27 1.52
N ASN A 1917 -34.86 2.21 0.62
CA ASN A 1917 -33.77 2.70 -0.21
C ASN A 1917 -32.71 3.38 0.65
N GLU A 1918 -33.13 3.88 1.82
CA GLU A 1918 -32.18 4.50 2.74
C GLU A 1918 -31.57 3.46 3.68
N MET A 1919 -32.38 2.52 4.14
CA MET A 1919 -31.87 1.50 5.05
C MET A 1919 -30.84 0.61 4.37
N VAL A 1920 -31.07 0.25 3.10
CA VAL A 1920 -30.11 -0.58 2.39
C VAL A 1920 -28.80 0.19 2.21
N GLY A 1921 -28.88 1.49 1.99
CA GLY A 1921 -27.67 2.27 1.92
C GLY A 1921 -26.91 2.28 3.23
N GLU A 1922 -27.63 2.39 4.34
CA GLU A 1922 -26.96 2.33 5.63
C GLU A 1922 -26.29 0.99 5.84
N CYS A 1923 -26.94 -0.09 5.43
CA CYS A 1923 -26.33 -1.42 5.56
C CYS A 1923 -25.07 -1.51 4.71
N TRP A 1924 -25.10 -0.94 3.51
CA TRP A 1924 -23.91 -0.97 2.67
C TRP A 1924 -22.78 -0.15 3.28
N LEU A 1925 -23.10 0.98 3.91
CA LEU A 1925 -22.06 1.76 4.57
C LEU A 1925 -21.47 1.03 5.76
N GLN A 1926 -22.31 0.32 6.52
CA GLN A 1926 -21.77 -0.49 7.61
C GLN A 1926 -20.85 -1.57 7.08
N SER A 1927 -21.24 -2.22 5.99
CA SER A 1927 -20.35 -3.18 5.35
C SER A 1927 -19.04 -2.52 4.94
N ALA A 1928 -19.12 -1.31 4.41
CA ALA A 1928 -17.91 -0.62 3.99
C ALA A 1928 -16.98 -0.38 5.17
N ARG A 1929 -17.51 0.10 6.29
CA ARG A 1929 -16.71 0.44 7.48
C ARG A 1929 -16.14 -0.83 8.09
N VAL A 1930 -16.87 -1.95 8.03
CA VAL A 1930 -16.38 -3.23 8.56
C VAL A 1930 -15.26 -3.78 7.70
N ALA A 1931 -15.43 -3.70 6.37
CA ALA A 1931 -14.41 -4.24 5.47
C ALA A 1931 -13.18 -3.35 5.45
N ARG A 1932 -13.34 -2.06 5.70
CA ARG A 1932 -12.20 -1.18 5.78
C ARG A 1932 -11.36 -1.46 7.01
N LYS A 1933 -11.99 -1.44 8.19
CA LYS A 1933 -11.24 -1.69 9.41
C LYS A 1933 -10.48 -3.00 9.33
N ALA A 1934 -11.01 -3.96 8.57
CA ALA A 1934 -10.36 -5.27 8.49
C ALA A 1934 -9.27 -5.27 7.44
N GLY A 1935 -9.33 -4.36 6.47
CA GLY A 1935 -8.33 -4.27 5.44
C GLY A 1935 -8.74 -4.78 4.08
N HIS A 1936 -10.04 -4.98 3.83
CA HIS A 1936 -10.50 -5.49 2.55
C HIS A 1936 -10.92 -4.32 1.66
N HIS A 1937 -9.92 -3.51 1.30
CA HIS A 1937 -10.20 -2.23 0.66
C HIS A 1937 -10.96 -2.40 -0.65
N GLN A 1938 -10.81 -3.53 -1.31
CA GLN A 1938 -11.55 -3.75 -2.55
C GLN A 1938 -13.05 -3.91 -2.28
N THR A 1939 -13.40 -4.78 -1.32
CA THR A 1939 -14.79 -4.94 -0.95
C THR A 1939 -15.33 -3.70 -0.25
N ALA A 1940 -14.49 -3.01 0.50
CA ALA A 1940 -14.89 -1.73 1.05
C ALA A 1940 -15.31 -0.79 -0.06
N TYR A 1941 -14.53 -0.71 -1.13
CA TYR A 1941 -14.88 0.17 -2.24
C TYR A 1941 -16.15 -0.31 -2.93
N ASN A 1942 -16.32 -1.61 -3.09
CA ASN A 1942 -17.55 -2.09 -3.71
C ASN A 1942 -18.77 -1.74 -2.87
N ALA A 1943 -18.64 -1.83 -1.55
CA ALA A 1943 -19.73 -1.45 -0.67
C ALA A 1943 -20.02 0.05 -0.80
N LEU A 1944 -18.99 0.86 -0.91
CA LEU A 1944 -19.20 2.29 -1.10
C LEU A 1944 -19.94 2.55 -2.40
N LEU A 1945 -19.57 1.83 -3.46
CA LEU A 1945 -20.28 2.00 -4.73
C LEU A 1945 -21.74 1.62 -4.60
N ASN A 1946 -22.04 0.52 -3.91
CA ASN A 1946 -23.41 0.06 -3.84
C ASN A 1946 -24.25 0.95 -2.94
N ALA A 1947 -23.62 1.60 -1.97
CA ALA A 1947 -24.32 2.57 -1.12
C ALA A 1947 -24.55 3.84 -1.93
N GLY A 1948 -25.66 3.85 -2.66
CA GLY A 1948 -25.87 4.89 -3.66
C GLY A 1948 -25.94 6.28 -3.08
N GLU A 1949 -27.00 6.58 -2.36
CA GLU A 1949 -27.21 7.93 -1.85
C GLU A 1949 -28.19 7.86 -0.68
N SER A 1950 -28.77 9.00 -0.35
CA SER A 1950 -29.68 9.23 0.77
C SER A 1950 -28.91 9.41 2.06
N ARG A 1951 -27.59 9.25 2.06
CA ARG A 1951 -26.74 9.49 3.20
C ARG A 1951 -25.46 10.13 2.69
N LEU A 1952 -25.63 11.14 1.85
CA LEU A 1952 -24.48 11.72 1.15
C LEU A 1952 -23.36 12.08 2.11
N ALA A 1953 -23.68 12.72 3.23
CA ALA A 1953 -22.63 13.10 4.17
C ALA A 1953 -21.91 11.88 4.70
N GLU A 1954 -22.65 10.88 5.17
CA GLU A 1954 -22.03 9.67 5.69
C GLU A 1954 -21.16 9.00 4.64
N LEU A 1955 -21.62 9.02 3.39
CA LEU A 1955 -20.84 8.39 2.32
C LEU A 1955 -19.53 9.12 2.09
N TYR A 1956 -19.54 10.45 2.20
CA TYR A 1956 -18.31 11.19 2.04
C TYR A 1956 -17.36 10.93 3.20
N VAL A 1957 -17.89 10.82 4.42
CA VAL A 1957 -17.02 10.52 5.55
C VAL A 1957 -16.43 9.12 5.38
N GLU A 1958 -17.20 8.18 4.86
CA GLU A 1958 -16.66 6.84 4.67
C GLU A 1958 -15.60 6.82 3.59
N ARG A 1959 -15.82 7.54 2.50
CA ARG A 1959 -14.82 7.60 1.45
C ARG A 1959 -13.54 8.26 1.96
N ALA A 1960 -13.69 9.29 2.81
CA ALA A 1960 -12.53 9.93 3.39
C ALA A 1960 -11.74 8.97 4.27
N LYS A 1961 -12.43 8.23 5.14
CA LYS A 1961 -11.73 7.27 5.99
C LYS A 1961 -11.08 6.17 5.17
N TRP A 1962 -11.75 5.72 4.11
CA TRP A 1962 -11.17 4.73 3.23
C TRP A 1962 -9.86 5.22 2.65
N LEU A 1963 -9.87 6.42 2.08
CA LEU A 1963 -8.64 6.97 1.51
C LEU A 1963 -7.56 7.14 2.57
N TRP A 1964 -7.92 7.69 3.73
CA TRP A 1964 -6.92 7.80 4.79
C TRP A 1964 -6.27 6.44 5.06
N SER A 1965 -7.07 5.39 5.20
CA SER A 1965 -6.51 4.09 5.49
C SER A 1965 -5.63 3.60 4.34
N LYS A 1966 -5.96 3.95 3.11
CA LYS A 1966 -5.05 3.66 2.02
C LYS A 1966 -3.82 4.56 2.01
N GLY A 1967 -3.65 5.41 3.03
CA GLY A 1967 -2.51 6.29 3.14
C GLY A 1967 -2.64 7.63 2.46
N ASP A 1968 -3.63 7.80 1.57
CA ASP A 1968 -3.76 8.99 0.73
C ASP A 1968 -4.46 10.09 1.51
N VAL A 1969 -3.78 10.59 2.54
CA VAL A 1969 -4.42 11.56 3.43
C VAL A 1969 -4.82 12.82 2.68
N HIS A 1970 -4.09 13.16 1.61
CA HIS A 1970 -4.44 14.38 0.88
C HIS A 1970 -5.74 14.22 0.13
N GLN A 1971 -5.84 13.20 -0.72
CA GLN A 1971 -7.08 12.98 -1.45
C GLN A 1971 -8.24 12.77 -0.50
N ALA A 1972 -7.96 12.19 0.67
CA ALA A 1972 -8.99 12.06 1.70
C ALA A 1972 -9.48 13.41 2.17
N LEU A 1973 -8.55 14.31 2.51
CA LEU A 1973 -8.96 15.64 2.94
C LEU A 1973 -9.72 16.36 1.85
N ILE A 1974 -9.30 16.19 0.60
CA ILE A 1974 -9.97 16.86 -0.52
C ILE A 1974 -11.41 16.36 -0.64
N VAL A 1975 -11.61 15.04 -0.63
CA VAL A 1975 -12.95 14.50 -0.74
C VAL A 1975 -13.80 14.92 0.44
N LEU A 1976 -13.21 14.95 1.64
CA LEU A 1976 -14.00 15.32 2.80
C LEU A 1976 -14.44 16.77 2.75
N GLN A 1977 -13.55 17.67 2.35
CA GLN A 1977 -13.93 19.07 2.24
C GLN A 1977 -15.00 19.24 1.16
N LYS A 1978 -14.85 18.55 0.03
CA LYS A 1978 -15.89 18.60 -0.98
C LYS A 1978 -17.23 18.18 -0.43
N GLY A 1979 -17.27 17.04 0.28
CA GLY A 1979 -18.54 16.56 0.80
C GLY A 1979 -19.12 17.47 1.86
N VAL A 1980 -18.28 18.07 2.69
CA VAL A 1980 -18.77 18.94 3.74
C VAL A 1980 -19.32 20.23 3.15
N GLU A 1981 -18.79 20.65 1.99
CA GLU A 1981 -19.36 21.82 1.34
C GLU A 1981 -20.62 21.46 0.57
N LEU A 1982 -20.69 20.23 0.06
CA LEU A 1982 -21.83 19.82 -0.73
C LEU A 1982 -23.05 19.56 0.15
N CYS A 1983 -22.86 18.92 1.30
CA CYS A 1983 -24.00 18.46 2.08
C CYS A 1983 -24.37 19.44 3.19
N PHE A 1984 -23.39 20.10 3.77
CA PHE A 1984 -23.61 21.09 4.83
C PHE A 1984 -23.16 22.44 4.29
N PRO A 1985 -23.83 22.94 3.26
CA PRO A 1985 -23.38 24.17 2.61
C PRO A 1985 -23.40 25.33 3.59
N GLU A 1986 -22.57 26.33 3.32
CA GLU A 1986 -22.56 27.53 4.16
C GLU A 1986 -23.94 28.17 4.20
N ASN A 1987 -24.83 27.79 3.28
CA ASN A 1987 -26.17 28.38 3.23
C ASN A 1987 -26.83 28.35 4.60
N GLU A 1988 -27.01 27.15 5.15
CA GLU A 1988 -27.96 26.87 6.22
C GLU A 1988 -27.26 26.22 7.41
N THR A 1989 -27.70 26.58 8.61
CA THR A 1989 -27.25 25.84 9.79
C THR A 1989 -27.92 24.48 9.84
N PRO A 1990 -27.15 23.40 9.86
CA PRO A 1990 -27.73 22.07 10.08
C PRO A 1990 -27.97 21.84 11.55
N PRO A 1991 -29.20 21.94 12.01
CA PRO A 1991 -29.51 21.54 13.38
C PRO A 1991 -30.17 20.18 13.40
N GLU A 1992 -30.27 19.57 12.23
CA GLU A 1992 -31.17 18.45 12.00
C GLU A 1992 -30.63 17.17 12.64
N GLY A 1993 -30.48 17.23 13.96
CA GLY A 1993 -30.24 16.02 14.73
C GLY A 1993 -29.15 15.17 14.12
N LYS A 1994 -29.54 14.02 13.57
CA LYS A 1994 -28.58 13.12 12.94
C LYS A 1994 -27.68 13.88 11.98
N ASN A 1995 -28.22 14.89 11.28
CA ASN A 1995 -27.39 15.66 10.38
C ASN A 1995 -26.40 16.52 11.15
N MET A 1996 -26.79 17.00 12.33
CA MET A 1996 -25.82 17.71 13.16
C MET A 1996 -24.72 16.79 13.65
N LEU A 1997 -25.08 15.54 13.97
CA LEU A 1997 -24.06 14.58 14.39
C LEU A 1997 -23.09 14.27 13.26
N ILE A 1998 -23.61 14.12 12.05
CA ILE A 1998 -22.74 13.86 10.90
C ILE A 1998 -21.88 15.09 10.61
N HIS A 1999 -22.44 16.28 10.76
CA HIS A 1999 -21.64 17.48 10.61
C HIS A 1999 -20.49 17.52 11.59
N GLY A 2000 -20.77 17.18 12.85
CA GLY A 2000 -19.71 17.16 13.84
C GLY A 2000 -18.64 16.13 13.53
N ARG A 2001 -19.06 14.93 13.13
CA ARG A 2001 -18.08 13.90 12.81
C ARG A 2001 -17.23 14.30 11.62
N ALA A 2002 -17.83 14.94 10.62
CA ALA A 2002 -17.07 15.37 9.45
C ALA A 2002 -16.10 16.49 9.80
N MET A 2003 -16.56 17.46 10.60
CA MET A 2003 -15.66 18.52 11.03
C MET A 2003 -14.49 17.97 11.83
N LEU A 2004 -14.75 16.99 12.69
CA LEU A 2004 -13.68 16.41 13.46
C LEU A 2004 -12.69 15.66 12.58
N LEU A 2005 -13.20 14.89 11.64
CA LEU A 2005 -12.31 14.20 10.72
C LEU A 2005 -11.45 15.18 9.95
N VAL A 2006 -12.05 16.30 9.52
CA VAL A 2006 -11.29 17.31 8.80
C VAL A 2006 -10.21 17.91 9.69
N GLY A 2007 -10.55 18.22 10.94
CA GLY A 2007 -9.54 18.75 11.84
C GLY A 2007 -8.38 17.80 12.01
N ARG A 2008 -8.66 16.51 12.15
CA ARG A 2008 -7.59 15.54 12.28
C ARG A 2008 -6.72 15.50 11.03
N PHE A 2009 -7.34 15.23 9.88
CA PHE A 2009 -6.61 15.30 8.61
C PHE A 2009 -5.69 16.50 8.57
N MET A 2010 -6.22 17.68 8.86
CA MET A 2010 -5.38 18.87 8.90
C MET A 2010 -4.19 18.68 9.83
N GLU A 2011 -4.44 18.16 11.03
CA GLU A 2011 -3.36 18.02 12.00
C GLU A 2011 -2.23 17.17 11.45
N GLU A 2012 -2.55 16.16 10.64
CA GLU A 2012 -1.49 15.31 10.10
C GLU A 2012 -0.85 15.92 8.87
N THR A 2013 -1.60 16.69 8.09
CA THR A 2013 -1.02 17.34 6.93
C THR A 2013 -0.10 18.47 7.37
N ALA A 2014 1.04 18.60 6.69
CA ALA A 2014 2.08 19.51 7.16
C ALA A 2014 1.84 20.93 6.68
N ASN A 2015 0.86 21.13 5.80
CA ASN A 2015 0.60 22.46 5.26
C ASN A 2015 0.05 23.40 6.32
N PHE A 2016 -0.91 22.91 7.10
CA PHE A 2016 -1.84 23.80 7.79
C PHE A 2016 -1.21 24.44 9.01
N GLU A 2017 -1.68 25.64 9.30
CA GLU A 2017 -1.22 26.37 10.45
C GLU A 2017 -1.79 25.73 11.70
N SER A 2018 -1.28 26.17 12.85
CA SER A 2018 -1.79 25.67 14.11
C SER A 2018 -3.14 26.26 14.46
N ASN A 2019 -3.32 27.55 14.15
CA ASN A 2019 -4.57 28.22 14.48
C ASN A 2019 -5.72 27.72 13.63
N ALA A 2020 -5.45 27.34 12.40
CA ALA A 2020 -6.50 26.75 11.58
C ALA A 2020 -7.04 25.47 12.21
N ILE A 2021 -6.13 24.59 12.62
CA ILE A 2021 -6.52 23.34 13.25
C ILE A 2021 -7.25 23.61 14.55
N MET A 2022 -6.73 24.54 15.36
CA MET A 2022 -7.37 24.88 16.62
C MET A 2022 -8.79 25.37 16.39
N LYS A 2023 -8.99 26.22 15.39
CA LYS A 2023 -10.33 26.73 15.15
C LYS A 2023 -11.25 25.64 14.64
N LYS A 2024 -10.72 24.69 13.87
CA LYS A 2024 -11.57 23.58 13.42
C LYS A 2024 -12.03 22.75 14.61
N TYR A 2025 -11.13 22.49 15.56
CA TYR A 2025 -11.50 21.73 16.75
C TYR A 2025 -12.51 22.50 17.60
N LYS A 2026 -12.31 23.81 17.76
CA LYS A 2026 -13.29 24.58 18.50
C LYS A 2026 -14.63 24.58 17.80
N ASP A 2027 -14.62 24.62 16.47
CA ASP A 2027 -15.86 24.50 15.71
C ASP A 2027 -16.59 23.22 16.07
N VAL A 2028 -15.87 22.09 16.11
CA VAL A 2028 -16.56 20.85 16.42
C VAL A 2028 -17.08 20.85 17.85
N THR A 2029 -16.29 21.36 18.79
CA THR A 2029 -16.77 21.36 20.18
C THR A 2029 -17.96 22.29 20.34
N ALA A 2030 -18.11 23.26 19.45
CA ALA A 2030 -19.28 24.14 19.53
C ALA A 2030 -20.49 23.52 18.83
N CYS A 2031 -20.27 22.83 17.71
CA CYS A 2031 -21.36 22.11 17.07
C CYS A 2031 -21.99 21.11 18.02
N LEU A 2032 -21.24 20.10 18.44
CA LEU A 2032 -21.69 19.11 19.40
C LEU A 2032 -21.01 19.38 20.73
N PRO A 2033 -21.64 20.07 21.67
CA PRO A 2033 -20.99 20.34 22.95
C PRO A 2033 -21.12 19.23 23.97
N GLU A 2034 -21.87 18.17 23.64
CA GLU A 2034 -21.98 17.00 24.50
C GLU A 2034 -21.42 15.75 23.86
N TRP A 2035 -20.35 15.89 23.08
CA TRP A 2035 -19.68 14.78 22.44
C TRP A 2035 -18.25 14.74 22.95
N GLU A 2036 -17.83 13.58 23.44
CA GLU A 2036 -16.52 13.49 24.06
C GLU A 2036 -15.40 13.70 23.05
N ASP A 2037 -15.55 13.17 21.84
CA ASP A 2037 -14.44 13.19 20.89
C ASP A 2037 -13.96 14.60 20.62
N GLY A 2038 -14.89 15.54 20.43
CA GLY A 2038 -14.48 16.90 20.15
C GLY A 2038 -13.62 17.48 21.25
N HIS A 2039 -14.09 17.40 22.50
CA HIS A 2039 -13.32 17.93 23.61
C HIS A 2039 -11.99 17.22 23.74
N PHE A 2040 -11.97 15.90 23.57
CA PHE A 2040 -10.73 15.17 23.74
C PHE A 2040 -9.70 15.60 22.72
N TYR A 2041 -10.07 15.67 21.45
CA TYR A 2041 -9.09 16.01 20.43
C TYR A 2041 -8.67 17.46 20.56
N LEU A 2042 -9.59 18.36 20.90
CA LEU A 2042 -9.18 19.73 21.17
C LEU A 2042 -8.14 19.77 22.28
N ALA A 2043 -8.38 19.06 23.38
CA ALA A 2043 -7.49 19.13 24.51
C ALA A 2043 -6.13 18.54 24.19
N LYS A 2044 -6.10 17.43 23.46
CA LYS A 2044 -4.81 16.81 23.19
C LYS A 2044 -4.04 17.58 22.13
N TYR A 2045 -4.74 18.30 21.24
CA TYR A 2045 -4.02 19.17 20.32
C TYR A 2045 -3.41 20.36 21.07
N TYR A 2046 -4.18 20.97 21.96
CA TYR A 2046 -3.60 22.01 22.80
C TYR A 2046 -2.39 21.47 23.54
N ASP A 2047 -2.48 20.25 24.03
CA ASP A 2047 -1.36 19.64 24.73
C ASP A 2047 -0.15 19.51 23.81
N LYS A 2048 -0.37 19.11 22.56
CA LYS A 2048 0.75 19.06 21.62
C LYS A 2048 1.40 20.41 21.45
N LEU A 2049 0.61 21.43 21.14
CA LEU A 2049 1.20 22.71 20.74
C LEU A 2049 1.68 23.51 21.95
N MET A 2050 1.36 23.06 23.16
CA MET A 2050 1.78 23.81 24.33
C MET A 2050 3.29 23.86 24.51
N PRO A 2051 4.05 22.77 24.37
CA PRO A 2051 5.50 22.87 24.55
C PRO A 2051 6.16 23.80 23.55
N MET A 2052 5.71 23.80 22.30
CA MET A 2052 6.28 24.71 21.31
C MET A 2052 5.94 26.15 21.62
N VAL A 2053 4.65 26.44 21.85
CA VAL A 2053 4.23 27.82 22.01
C VAL A 2053 4.95 28.49 23.17
N THR A 2054 5.09 27.78 24.29
CA THR A 2054 5.58 28.39 25.52
C THR A 2054 7.06 28.15 25.76
N ASP A 2055 7.78 27.59 24.80
CA ASP A 2055 9.22 27.41 24.92
C ASP A 2055 9.56 26.33 25.95
N ASN A 2056 8.58 25.50 26.27
CA ASN A 2056 8.77 24.41 27.21
C ASN A 2056 9.20 24.93 28.58
N LYS A 2057 8.65 26.09 28.96
CA LYS A 2057 8.81 26.62 30.32
C LYS A 2057 7.43 26.76 30.93
N MET A 2058 7.17 26.00 31.99
CA MET A 2058 5.81 25.83 32.46
C MET A 2058 5.23 27.13 33.02
N GLU A 2059 6.09 28.06 33.44
CA GLU A 2059 5.59 29.31 33.99
C GLU A 2059 4.61 29.98 33.03
N LYS A 2060 4.86 29.86 31.72
CA LYS A 2060 3.91 30.40 30.76
C LYS A 2060 2.85 29.38 30.39
N GLN A 2061 3.10 28.11 30.69
CA GLN A 2061 2.16 27.05 30.34
C GLN A 2061 0.91 27.09 31.20
N GLY A 2062 0.81 28.03 32.14
CA GLY A 2062 -0.30 27.99 33.09
C GLY A 2062 -1.65 27.92 32.42
N ASP A 2063 -2.04 28.97 31.71
CA ASP A 2063 -3.41 29.05 31.23
C ASP A 2063 -3.68 28.03 30.13
N LEU A 2064 -2.66 27.73 29.33
CA LEU A 2064 -2.79 26.62 28.41
C LEU A 2064 -3.13 25.34 29.16
N ILE A 2065 -2.48 25.12 30.30
CA ILE A 2065 -2.78 23.95 31.12
C ILE A 2065 -4.21 24.00 31.61
N ARG A 2066 -4.68 25.18 32.01
CA ARG A 2066 -6.07 25.27 32.47
C ARG A 2066 -7.03 24.87 31.37
N TYR A 2067 -6.81 25.38 30.16
CA TYR A 2067 -7.66 25.03 29.04
C TYR A 2067 -7.64 23.53 28.78
N ILE A 2068 -6.44 22.93 28.79
CA ILE A 2068 -6.32 21.51 28.50
C ILE A 2068 -7.02 20.67 29.56
N VAL A 2069 -6.78 20.98 30.83
CA VAL A 2069 -7.43 20.26 31.91
C VAL A 2069 -8.95 20.37 31.77
N LEU A 2070 -9.45 21.58 31.55
CA LEU A 2070 -10.88 21.78 31.44
C LEU A 2070 -11.48 20.91 30.34
N HIS A 2071 -10.81 20.83 29.20
CA HIS A 2071 -11.42 20.09 28.11
C HIS A 2071 -11.28 18.59 28.28
N PHE A 2072 -10.19 18.14 28.91
CA PHE A 2072 -10.12 16.73 29.27
C PHE A 2072 -11.28 16.34 30.17
N GLY A 2073 -11.56 17.15 31.20
CA GLY A 2073 -12.68 16.85 32.08
C GLY A 2073 -14.02 16.87 31.37
N ARG A 2074 -14.25 17.90 30.55
CA ARG A 2074 -15.48 17.94 29.79
C ARG A 2074 -15.64 16.67 28.97
N SER A 2075 -14.61 16.28 28.23
CA SER A 2075 -14.72 15.04 27.46
C SER A 2075 -15.12 13.89 28.37
N LEU A 2076 -14.50 13.79 29.54
CA LEU A 2076 -14.85 12.68 30.44
C LEU A 2076 -16.32 12.68 30.79
N GLN A 2077 -16.93 13.86 30.89
CA GLN A 2077 -18.33 13.89 31.31
C GLN A 2077 -19.24 13.14 30.34
N TYR A 2078 -18.85 13.05 29.07
CA TYR A 2078 -19.79 12.56 28.06
C TYR A 2078 -19.39 11.21 27.51
N GLY A 2079 -18.28 10.66 27.96
CA GLY A 2079 -17.83 9.37 27.47
C GLY A 2079 -16.59 8.91 28.20
N ASN A 2080 -16.33 7.63 28.10
CA ASN A 2080 -15.15 7.02 28.71
C ASN A 2080 -14.23 6.38 27.70
N GLN A 2081 -14.39 6.72 26.42
CA GLN A 2081 -13.66 5.99 25.40
C GLN A 2081 -12.16 6.30 25.46
N PHE A 2082 -11.80 7.52 25.85
CA PHE A 2082 -10.40 7.90 26.00
C PHE A 2082 -10.04 8.16 27.45
N ILE A 2083 -10.59 7.39 28.39
CA ILE A 2083 -10.39 7.71 29.79
C ILE A 2083 -8.93 7.51 30.18
N TYR A 2084 -8.24 6.59 29.52
CA TYR A 2084 -6.87 6.29 29.89
C TYR A 2084 -5.90 7.30 29.31
N GLN A 2085 -6.34 8.08 28.33
CA GLN A 2085 -5.52 9.20 27.86
C GLN A 2085 -5.95 10.49 28.53
N SER A 2086 -7.19 10.57 28.98
CA SER A 2086 -7.73 11.81 29.52
C SER A 2086 -7.40 11.95 31.00
N MET A 2087 -7.79 10.98 31.82
CA MET A 2087 -7.61 11.14 33.26
C MET A 2087 -6.13 11.20 33.64
N PRO A 2088 -5.28 10.28 33.22
CA PRO A 2088 -3.87 10.40 33.55
C PRO A 2088 -3.28 11.74 33.16
N ARG A 2089 -3.55 12.21 31.94
CA ARG A 2089 -2.94 13.45 31.48
C ARG A 2089 -3.47 14.65 32.24
N MET A 2090 -4.78 14.71 32.44
CA MET A 2090 -5.37 15.78 33.25
C MET A 2090 -4.69 15.87 34.61
N LEU A 2091 -4.63 14.74 35.32
CA LEU A 2091 -4.08 14.77 36.67
C LEU A 2091 -2.59 15.07 36.66
N THR A 2092 -1.86 14.54 35.67
CA THR A 2092 -0.45 14.84 35.57
C THR A 2092 -0.21 16.33 35.40
N LEU A 2093 -0.85 16.94 34.41
CA LEU A 2093 -0.66 18.36 34.18
C LEU A 2093 -0.98 19.16 35.42
N TRP A 2094 -2.13 18.92 36.03
CA TRP A 2094 -2.52 19.72 37.18
C TRP A 2094 -1.51 19.58 38.31
N LEU A 2095 -1.17 18.35 38.69
CA LEU A 2095 -0.31 18.15 39.85
C LEU A 2095 1.10 18.67 39.59
N ASP A 2096 1.59 18.52 38.36
CA ASP A 2096 2.94 18.98 38.09
C ASP A 2096 3.02 20.49 38.01
N TYR A 2097 1.96 21.14 37.51
CA TYR A 2097 1.94 22.59 37.61
C TYR A 2097 1.88 23.04 39.06
N GLY A 2098 1.18 22.29 39.90
CA GLY A 2098 1.20 22.61 41.32
C GLY A 2098 2.60 22.54 41.90
N THR A 2099 3.31 21.45 41.60
CA THR A 2099 4.69 21.32 42.07
C THR A 2099 5.55 22.49 41.61
N LYS A 2100 5.48 22.82 40.32
CA LYS A 2100 6.25 23.94 39.80
C LYS A 2100 5.91 25.23 40.54
N ALA A 2101 4.62 25.50 40.73
CA ALA A 2101 4.22 26.72 41.41
C ALA A 2101 4.80 26.77 42.82
N TYR A 2102 4.84 25.63 43.50
CA TYR A 2102 5.44 25.61 44.83
C TYR A 2102 6.92 25.94 44.78
N GLU A 2103 7.64 25.33 43.84
CA GLU A 2103 9.07 25.60 43.75
C GLU A 2103 9.35 27.06 43.46
N TRP A 2104 8.56 27.66 42.57
CA TRP A 2104 8.74 29.07 42.29
C TRP A 2104 8.39 29.92 43.50
N GLU A 2105 7.31 29.59 44.19
CA GLU A 2105 6.99 30.29 45.42
C GLU A 2105 8.19 30.32 46.35
N LYS A 2106 8.89 29.19 46.48
CA LYS A 2106 10.04 29.16 47.37
C LYS A 2106 11.24 29.86 46.76
N ALA A 2107 11.26 30.02 45.44
CA ALA A 2107 12.41 30.67 44.81
C ALA A 2107 12.29 32.19 44.87
N GLY A 2108 11.08 32.72 44.89
CA GLY A 2108 10.87 34.14 45.07
C GLY A 2108 10.71 34.95 43.80
N ARG A 2109 10.72 34.32 42.63
CA ARG A 2109 10.61 35.06 41.39
C ARG A 2109 9.28 35.78 41.31
N SER A 2110 9.23 36.81 40.47
CA SER A 2110 8.01 37.60 40.34
C SER A 2110 6.93 36.82 39.60
N ASP A 2111 7.33 35.92 38.70
CA ASP A 2111 6.36 35.14 37.95
C ASP A 2111 5.61 34.16 38.85
N ARG A 2112 6.11 33.97 40.08
CA ARG A 2112 5.50 32.99 40.96
C ARG A 2112 4.14 33.46 41.48
N VAL A 2113 3.90 34.77 41.49
CA VAL A 2113 2.58 35.25 41.83
C VAL A 2113 1.59 34.98 40.69
N GLN A 2114 2.04 35.21 39.45
CA GLN A 2114 1.29 34.75 38.29
C GLN A 2114 0.96 33.28 38.44
N MET A 2115 1.94 32.49 38.89
CA MET A 2115 1.74 31.06 39.00
C MET A 2115 0.72 30.74 40.08
N ARG A 2116 0.78 31.43 41.22
CA ARG A 2116 -0.24 31.22 42.24
C ARG A 2116 -1.63 31.46 41.69
N ASN A 2117 -1.80 32.55 40.92
CA ASN A 2117 -3.11 32.84 40.38
C ASN A 2117 -3.59 31.75 39.42
N ASP A 2118 -2.74 31.37 38.47
CA ASP A 2118 -3.18 30.39 37.49
C ASP A 2118 -3.36 29.02 38.11
N LEU A 2119 -2.60 28.73 39.16
CA LEU A 2119 -2.81 27.49 39.89
C LEU A 2119 -4.14 27.49 40.60
N GLY A 2120 -4.52 28.62 41.19
CA GLY A 2120 -5.86 28.72 41.74
C GLY A 2120 -6.94 28.43 40.71
N LYS A 2121 -6.78 29.00 39.52
CA LYS A 2121 -7.77 28.76 38.48
C LYS A 2121 -7.82 27.29 38.07
N ILE A 2122 -6.65 26.64 37.95
CA ILE A 2122 -6.62 25.23 37.62
C ILE A 2122 -7.27 24.40 38.72
N ASN A 2123 -7.04 24.78 39.98
CA ASN A 2123 -7.69 24.09 41.08
C ASN A 2123 -9.21 24.21 40.98
N LYS A 2124 -9.70 25.38 40.59
CA LYS A 2124 -11.14 25.54 40.45
C LYS A 2124 -11.68 24.65 39.34
N VAL A 2125 -10.96 24.57 38.22
CA VAL A 2125 -11.39 23.67 37.14
C VAL A 2125 -11.44 22.24 37.65
N ILE A 2126 -10.42 21.82 38.38
CA ILE A 2126 -10.37 20.45 38.88
C ILE A 2126 -11.49 20.20 39.87
N THR A 2127 -11.85 21.22 40.65
CA THR A 2127 -12.95 21.04 41.59
C THR A 2127 -14.27 20.84 40.86
N GLU A 2128 -14.54 21.66 39.85
CA GLU A 2128 -15.76 21.45 39.08
C GLU A 2128 -15.77 20.07 38.45
N HIS A 2129 -14.62 19.61 37.96
CA HIS A 2129 -14.55 18.25 37.45
C HIS A 2129 -14.89 17.23 38.53
N THR A 2130 -14.31 17.39 39.71
CA THR A 2130 -14.65 16.51 40.82
C THR A 2130 -16.15 16.43 41.02
N ASN A 2131 -16.84 17.57 40.91
CA ASN A 2131 -18.28 17.57 41.14
C ASN A 2131 -19.02 16.85 40.02
N TYR A 2132 -18.59 17.04 38.77
CA TYR A 2132 -19.39 16.55 37.66
C TYR A 2132 -19.09 15.08 37.33
N LEU A 2133 -17.86 14.66 37.47
CA LEU A 2133 -17.49 13.32 37.03
C LEU A 2133 -17.92 12.27 38.04
N ALA A 2134 -18.02 11.03 37.58
CA ALA A 2134 -18.48 9.96 38.44
C ALA A 2134 -17.29 9.29 39.14
N PRO A 2135 -17.51 8.73 40.33
CA PRO A 2135 -16.38 8.21 41.11
C PRO A 2135 -15.60 7.12 40.42
N TYR A 2136 -16.23 6.27 39.60
CA TYR A 2136 -15.49 5.19 38.98
C TYR A 2136 -14.46 5.73 38.00
N GLN A 2137 -14.72 6.91 37.43
CA GLN A 2137 -13.76 7.50 36.51
C GLN A 2137 -12.47 7.88 37.21
N PHE A 2138 -12.56 8.35 38.46
CA PHE A 2138 -11.35 8.55 39.22
C PHE A 2138 -10.80 7.24 39.74
N LEU A 2139 -11.67 6.26 39.95
CA LEU A 2139 -11.22 4.95 40.35
C LEU A 2139 -10.23 4.38 39.36
N THR A 2140 -10.41 4.69 38.09
CA THR A 2140 -9.47 4.17 37.09
C THR A 2140 -8.07 4.74 37.27
N ALA A 2141 -7.94 5.85 37.99
CA ALA A 2141 -6.64 6.48 38.24
C ALA A 2141 -6.27 6.52 39.71
N PHE A 2142 -7.03 5.82 40.54
CA PHE A 2142 -6.81 5.89 41.99
C PHE A 2142 -5.36 5.66 42.37
N SER A 2143 -4.66 4.75 41.69
CA SER A 2143 -3.29 4.46 42.10
C SER A 2143 -2.38 5.66 41.86
N GLN A 2144 -2.57 6.36 40.74
CA GLN A 2144 -1.83 7.59 40.52
C GLN A 2144 -2.20 8.65 41.55
N LEU A 2145 -3.50 8.85 41.76
CA LEU A 2145 -3.93 9.80 42.76
C LEU A 2145 -3.26 9.55 44.10
N ILE A 2146 -3.18 8.29 44.50
CA ILE A 2146 -2.56 7.96 45.78
C ILE A 2146 -1.07 8.20 45.72
N SER A 2147 -0.45 7.90 44.59
CA SER A 2147 0.97 8.17 44.45
C SER A 2147 1.29 9.63 44.72
N ARG A 2148 0.37 10.53 44.36
CA ARG A 2148 0.62 11.95 44.52
C ARG A 2148 0.14 12.53 45.83
N ILE A 2149 -0.10 11.72 46.86
CA ILE A 2149 -0.68 12.27 48.08
C ILE A 2149 0.30 13.12 48.85
N CYS A 2150 1.60 12.94 48.64
CA CYS A 2150 2.61 13.73 49.32
C CYS A 2150 2.96 14.99 48.54
N HIS A 2151 2.05 15.51 47.74
CA HIS A 2151 2.29 16.74 47.02
C HIS A 2151 2.70 17.84 47.99
N SER A 2152 3.59 18.72 47.54
CA SER A 2152 4.10 19.76 48.43
C SER A 2152 3.11 20.90 48.58
N HIS A 2153 2.46 21.29 47.50
CA HIS A 2153 1.52 22.40 47.55
C HIS A 2153 0.28 22.01 48.32
N ASP A 2154 -0.12 22.84 49.28
CA ASP A 2154 -1.16 22.42 50.23
C ASP A 2154 -2.55 22.57 49.64
N GLU A 2155 -2.78 23.59 48.80
CA GLU A 2155 -4.08 23.71 48.16
C GLU A 2155 -4.29 22.59 47.15
N VAL A 2156 -3.24 22.25 46.39
CA VAL A 2156 -3.33 21.10 45.51
C VAL A 2156 -3.65 19.85 46.32
N PHE A 2157 -3.09 19.74 47.52
CA PHE A 2157 -3.40 18.56 48.32
C PHE A 2157 -4.84 18.59 48.79
N VAL A 2158 -5.39 19.76 49.07
CA VAL A 2158 -6.79 19.80 49.48
C VAL A 2158 -7.69 19.31 48.35
N VAL A 2159 -7.42 19.75 47.13
CA VAL A 2159 -8.24 19.29 46.01
C VAL A 2159 -8.05 17.79 45.79
N LEU A 2160 -6.81 17.32 45.87
CA LEU A 2160 -6.55 15.89 45.73
C LEU A 2160 -7.25 15.09 46.80
N MET A 2161 -7.29 15.62 48.03
CA MET A 2161 -7.96 14.94 49.12
C MET A 2161 -9.46 14.86 48.86
N GLU A 2162 -10.04 15.90 48.30
CA GLU A 2162 -11.45 15.82 47.91
C GLU A 2162 -11.68 14.69 46.92
N ILE A 2163 -10.84 14.62 45.88
CA ILE A 2163 -11.01 13.56 44.88
C ILE A 2163 -10.89 12.18 45.54
N ILE A 2164 -9.85 12.00 46.34
CA ILE A 2164 -9.60 10.69 46.96
C ILE A 2164 -10.72 10.32 47.89
N ALA A 2165 -11.25 11.28 48.64
CA ALA A 2165 -12.34 10.98 49.57
C ALA A 2165 -13.62 10.64 48.83
N LYS A 2166 -13.88 11.31 47.71
CA LYS A 2166 -15.03 10.91 46.91
C LYS A 2166 -14.90 9.48 46.44
N VAL A 2167 -13.75 9.12 45.89
CA VAL A 2167 -13.56 7.75 45.41
C VAL A 2167 -13.62 6.77 46.56
N PHE A 2168 -13.19 7.17 47.75
CA PHE A 2168 -13.23 6.27 48.89
C PHE A 2168 -14.66 6.03 49.35
N LEU A 2169 -15.49 7.07 49.38
CA LEU A 2169 -16.88 6.88 49.78
C LEU A 2169 -17.62 6.02 48.76
N ALA A 2170 -17.28 6.15 47.48
CA ALA A 2170 -17.97 5.34 46.49
C ALA A 2170 -17.58 3.87 46.60
N TYR A 2171 -16.29 3.59 46.69
CA TYR A 2171 -15.76 2.23 46.72
C TYR A 2171 -14.79 2.09 47.88
N PRO A 2172 -15.29 1.90 49.09
CA PRO A 2172 -14.39 1.86 50.25
C PRO A 2172 -13.53 0.63 50.29
N GLN A 2173 -13.99 -0.51 49.76
CA GLN A 2173 -13.18 -1.72 49.79
C GLN A 2173 -11.94 -1.57 48.92
N GLN A 2174 -12.13 -1.32 47.63
CA GLN A 2174 -11.01 -1.13 46.72
C GLN A 2174 -10.09 -0.03 47.20
N ALA A 2175 -10.65 1.11 47.59
CA ALA A 2175 -9.83 2.24 48.02
C ALA A 2175 -9.02 1.89 49.26
N MET A 2176 -9.64 1.19 50.21
CA MET A 2176 -8.92 0.84 51.43
C MET A 2176 -7.76 -0.11 51.12
N TRP A 2177 -8.00 -1.07 50.23
CA TRP A 2177 -6.91 -1.96 49.85
C TRP A 2177 -5.80 -1.21 49.16
N MET A 2178 -6.14 -0.15 48.42
CA MET A 2178 -5.09 0.58 47.70
C MET A 2178 -4.34 1.54 48.60
N MET A 2179 -4.96 1.98 49.69
CA MET A 2179 -4.30 2.91 50.61
C MET A 2179 -3.66 2.24 51.82
N THR A 2180 -3.91 0.95 52.04
CA THR A 2180 -3.27 0.27 53.16
C THR A 2180 -1.78 0.56 53.20
N ALA A 2181 -1.12 0.38 52.06
CA ALA A 2181 0.34 0.50 52.03
C ALA A 2181 0.80 1.85 52.55
N VAL A 2182 0.27 2.93 51.98
CA VAL A 2182 0.74 4.27 52.36
C VAL A 2182 0.36 4.58 53.80
N SER A 2183 -0.80 4.08 54.25
CA SER A 2183 -1.21 4.39 55.61
C SER A 2183 -0.25 3.81 56.64
N LYS A 2184 0.52 2.80 56.27
CA LYS A 2184 1.39 2.14 57.25
C LYS A 2184 2.85 2.51 57.04
N SER A 2185 3.18 3.16 55.94
CA SER A 2185 4.55 3.54 55.63
C SER A 2185 5.35 4.04 56.83
N PRO A 2188 6.51 8.97 57.03
CA PRO A 2188 5.80 9.76 58.04
C PRO A 2188 4.84 10.74 57.40
N MET A 2189 5.32 11.48 56.42
CA MET A 2189 4.43 12.36 55.67
C MET A 2189 3.34 11.56 54.97
N ARG A 2190 3.69 10.39 54.43
CA ARG A 2190 2.68 9.55 53.81
C ARG A 2190 1.64 9.13 54.82
N VAL A 2191 2.09 8.70 56.01
CA VAL A 2191 1.15 8.29 57.04
C VAL A 2191 0.21 9.44 57.38
N ASN A 2192 0.75 10.63 57.62
CA ASN A 2192 -0.07 11.76 58.02
C ASN A 2192 -1.07 12.14 56.94
N ARG A 2193 -0.61 12.23 55.68
CA ARG A 2193 -1.51 12.59 54.61
C ARG A 2193 -2.61 11.56 54.43
N CYS A 2194 -2.27 10.28 54.45
CA CYS A 2194 -3.30 9.27 54.25
C CYS A 2194 -4.26 9.24 55.43
N LYS A 2195 -3.77 9.53 56.64
CA LYS A 2195 -4.65 9.61 57.79
C LYS A 2195 -5.62 10.78 57.67
N GLU A 2196 -5.16 11.90 57.13
CA GLU A 2196 -6.06 13.02 56.90
C GLU A 2196 -7.14 12.65 55.88
N ILE A 2197 -6.74 11.99 54.80
CA ILE A 2197 -7.72 11.58 53.79
C ILE A 2197 -8.75 10.65 54.41
N LEU A 2198 -8.30 9.68 55.19
CA LEU A 2198 -9.24 8.77 55.84
C LEU A 2198 -10.17 9.51 56.79
N ASN A 2199 -9.61 10.36 57.65
CA ASN A 2199 -10.43 11.13 58.57
C ASN A 2199 -11.51 11.90 57.83
N LYS A 2200 -11.16 12.55 56.73
CA LYS A 2200 -12.17 13.25 55.96
C LYS A 2200 -13.24 12.29 55.45
N ALA A 2201 -12.82 11.13 54.96
CA ALA A 2201 -13.80 10.15 54.47
C ALA A 2201 -14.76 9.73 55.59
N ILE A 2202 -14.22 9.49 56.78
CA ILE A 2202 -15.07 9.11 57.91
C ILE A 2202 -16.03 10.24 58.25
N HIS A 2203 -15.54 11.48 58.21
CA HIS A 2203 -16.40 12.61 58.51
C HIS A 2203 -17.57 12.68 57.53
N MET A 2204 -17.32 12.42 56.26
CA MET A 2204 -18.40 12.48 55.27
C MET A 2204 -19.42 11.38 55.51
N LYS A 2205 -18.98 10.20 55.95
CA LYS A 2205 -19.87 9.08 56.24
C LYS A 2205 -19.26 8.28 57.38
N LYS A 2206 -19.96 8.23 58.52
CA LYS A 2206 -19.35 7.66 59.72
C LYS A 2206 -19.51 6.15 59.76
N SER A 2207 -20.38 5.60 58.91
CA SER A 2207 -20.43 4.13 58.80
C SER A 2207 -19.07 3.58 58.40
N LEU A 2208 -18.28 4.37 57.67
CA LEU A 2208 -16.96 3.91 57.27
C LEU A 2208 -16.01 3.85 58.44
N GLU A 2209 -16.38 4.44 59.57
CA GLU A 2209 -15.51 4.40 60.75
C GLU A 2209 -15.18 2.97 61.15
N LYS A 2210 -16.21 2.17 61.40
CA LYS A 2210 -15.99 0.79 61.82
C LYS A 2210 -15.24 0.01 60.76
N PHE A 2211 -15.58 0.20 59.49
CA PHE A 2211 -14.91 -0.54 58.43
C PHE A 2211 -13.43 -0.19 58.37
N VAL A 2212 -13.10 1.10 58.48
CA VAL A 2212 -11.69 1.49 58.44
C VAL A 2212 -10.94 0.91 59.62
N GLY A 2213 -11.54 0.94 60.81
CA GLY A 2213 -10.88 0.35 61.96
C GLY A 2213 -10.64 -1.13 61.79
N ASP A 2214 -11.67 -1.87 61.37
CA ASP A 2214 -11.52 -3.30 61.18
C ASP A 2214 -10.47 -3.61 60.12
N ALA A 2215 -10.45 -2.83 59.04
CA ALA A 2215 -9.47 -3.07 57.99
C ALA A 2215 -8.06 -2.81 58.49
N THR A 2216 -7.84 -1.74 59.26
CA THR A 2216 -6.50 -1.49 59.77
C THR A 2216 -6.05 -2.61 60.69
N ARG A 2217 -6.94 -3.11 61.54
CA ARG A 2217 -6.55 -4.19 62.44
C ARG A 2217 -6.23 -5.45 61.66
N LEU A 2218 -7.11 -5.86 60.76
CA LEU A 2218 -6.82 -7.03 59.94
C LEU A 2218 -5.49 -6.88 59.22
N THR A 2219 -5.19 -5.68 58.73
CA THR A 2219 -4.02 -5.53 57.88
C THR A 2219 -2.74 -5.53 58.71
N ASP A 2220 -2.73 -4.89 59.88
CA ASP A 2220 -1.49 -4.92 60.65
C ASP A 2220 -1.28 -6.30 61.28
N LYS A 2221 -2.35 -7.09 61.45
CA LYS A 2221 -2.13 -8.45 61.89
C LYS A 2221 -1.62 -9.33 60.76
N LEU A 2222 -2.08 -9.09 59.53
CA LEU A 2222 -1.46 -9.76 58.39
C LEU A 2222 0.01 -9.36 58.27
N LEU A 2223 0.33 -8.12 58.60
CA LEU A 2223 1.73 -7.69 58.59
C LEU A 2223 2.55 -8.48 59.61
N GLU A 2224 2.06 -8.58 60.84
CA GLU A 2224 2.74 -9.41 61.82
C GLU A 2224 2.94 -10.81 61.30
N LEU A 2225 1.92 -11.39 60.67
CA LEU A 2225 2.06 -12.71 60.08
C LEU A 2225 3.20 -12.74 59.07
N CYS A 2226 3.23 -11.78 58.15
CA CYS A 2226 4.30 -11.74 57.15
C CYS A 2226 5.66 -11.72 57.82
N ASN A 2227 5.83 -10.87 58.83
CA ASN A 2227 7.15 -10.67 59.43
C ASN A 2227 7.44 -11.61 60.60
N LYS A 2228 6.47 -12.43 61.01
CA LYS A 2228 6.71 -13.32 62.12
C LYS A 2228 7.89 -14.24 61.80
N PRO A 2229 8.88 -14.33 62.68
CA PRO A 2229 10.01 -15.24 62.42
C PRO A 2229 9.60 -16.69 62.66
N VAL A 2230 9.78 -17.51 61.63
CA VAL A 2230 9.43 -18.91 61.74
C VAL A 2230 10.37 -19.59 62.74
N ASP A 2231 9.77 -20.31 63.69
CA ASP A 2231 10.50 -20.94 64.79
C ASP A 2231 11.33 -22.10 64.25
N GLY A 2232 12.65 -21.91 64.20
CA GLY A 2232 13.52 -22.96 63.69
C GLY A 2232 13.12 -23.39 62.30
N SER A 2233 12.75 -24.67 62.17
CA SER A 2233 12.40 -25.26 60.89
C SER A 2233 11.19 -26.17 61.04
N SER A 2234 10.13 -25.85 60.32
CA SER A 2234 9.07 -26.79 60.00
C SER A 2234 8.16 -26.11 58.99
N SER A 2235 7.79 -26.86 57.95
CA SER A 2235 7.12 -26.25 56.80
C SER A 2235 5.70 -25.83 57.13
N THR A 2236 5.23 -26.12 58.34
CA THR A 2236 3.85 -25.83 58.69
C THR A 2236 3.77 -25.11 60.02
N LEU A 2237 3.00 -24.02 60.07
CA LEU A 2237 2.67 -23.31 61.28
C LEU A 2237 1.16 -23.25 61.40
N SER A 2238 0.64 -23.66 62.55
CA SER A 2238 -0.80 -23.68 62.74
C SER A 2238 -1.34 -22.30 63.06
N MET A 2239 -2.45 -21.95 62.42
CA MET A 2239 -3.14 -20.71 62.75
C MET A 2239 -3.66 -20.75 64.18
N SER A 2240 -4.15 -21.90 64.62
CA SER A 2240 -4.77 -22.00 65.94
C SER A 2240 -3.74 -21.78 67.04
N THR A 2241 -2.50 -22.20 66.82
CA THR A 2241 -1.47 -22.13 67.84
C THR A 2241 -0.57 -20.91 67.72
N HIS A 2242 -0.15 -20.57 66.50
CA HIS A 2242 0.96 -19.63 66.35
C HIS A 2242 0.48 -18.19 66.31
N PHE A 2243 -0.75 -17.96 65.86
CA PHE A 2243 -1.23 -16.60 65.69
C PHE A 2243 -2.35 -16.34 66.67
N LYS A 2244 -3.46 -17.08 66.63
CA LYS A 2244 -4.54 -17.05 67.60
C LYS A 2244 -5.18 -15.69 67.73
N MET A 2245 -4.70 -14.67 67.03
CA MET A 2245 -5.28 -13.35 67.11
C MET A 2245 -5.90 -12.92 65.79
N LEU A 2246 -5.21 -13.17 64.67
CA LEU A 2246 -5.85 -12.97 63.38
C LEU A 2246 -7.12 -13.80 63.28
N LYS A 2247 -7.06 -15.04 63.76
CA LYS A 2247 -8.24 -15.90 63.71
C LYS A 2247 -9.37 -15.35 64.56
N LYS A 2248 -9.07 -14.99 65.81
CA LYS A 2248 -10.08 -14.35 66.64
C LYS A 2248 -10.68 -13.14 65.94
N LEU A 2249 -9.83 -12.23 65.49
CA LEU A 2249 -10.29 -11.00 64.88
C LEU A 2249 -11.25 -11.27 63.74
N VAL A 2250 -10.93 -12.21 62.86
CA VAL A 2250 -11.81 -12.46 61.72
C VAL A 2250 -13.05 -13.23 62.16
N GLU A 2251 -12.98 -13.92 63.31
CA GLU A 2251 -14.09 -14.76 63.72
C GLU A 2251 -15.21 -13.96 64.38
N GLU A 2252 -14.85 -12.84 65.01
CA GLU A 2252 -15.87 -12.02 65.67
C GLU A 2252 -17.04 -11.77 64.74
N ALA A 2253 -18.21 -11.55 65.32
CA ALA A 2253 -19.39 -11.23 64.52
C ALA A 2253 -19.43 -9.74 64.17
N THR A 2254 -18.82 -8.91 65.01
CA THR A 2254 -18.82 -7.47 64.74
C THR A 2254 -17.85 -7.11 63.62
N PHE A 2255 -16.86 -7.94 63.38
CA PHE A 2255 -15.82 -7.62 62.42
C PHE A 2255 -16.42 -7.35 61.05
N SER A 2256 -16.13 -6.18 60.50
CA SER A 2256 -16.66 -5.79 59.20
C SER A 2256 -16.16 -6.72 58.11
N GLU A 2257 -16.96 -6.89 57.07
CA GLU A 2257 -16.58 -7.79 55.99
C GLU A 2257 -15.58 -7.11 55.06
N ILE A 2258 -14.40 -7.70 54.95
CA ILE A 2258 -13.31 -7.16 54.15
C ILE A 2258 -13.22 -7.96 52.86
N LEU A 2259 -13.37 -7.28 51.73
CA LEU A 2259 -13.30 -7.93 50.45
C LEU A 2259 -11.97 -8.65 50.28
N ILE A 2260 -12.00 -9.82 49.68
CA ILE A 2260 -10.76 -10.49 49.28
C ILE A 2260 -10.19 -9.79 48.06
N PRO A 2261 -8.99 -9.26 48.11
CA PRO A 2261 -8.52 -8.37 47.04
C PRO A 2261 -8.07 -9.11 45.78
N LEU A 2262 -8.98 -9.83 45.16
CA LEU A 2262 -8.63 -10.45 43.89
C LEU A 2262 -8.64 -9.41 42.79
N GLN A 2263 -8.07 -9.79 41.65
CA GLN A 2263 -7.96 -8.83 40.55
C GLN A 2263 -9.32 -8.47 39.98
N SER A 2264 -10.27 -9.38 40.05
CA SER A 2264 -11.57 -9.14 39.45
C SER A 2264 -12.30 -8.00 40.15
N VAL A 2265 -12.01 -7.79 41.44
CA VAL A 2265 -12.75 -6.78 42.20
C VAL A 2265 -11.90 -5.53 42.37
N MET A 2266 -10.66 -5.55 41.89
CA MET A 2266 -9.80 -4.38 42.02
C MET A 2266 -9.77 -3.57 40.75
N ILE A 2267 -9.97 -4.21 39.61
CA ILE A 2267 -9.87 -3.56 38.30
C ILE A 2267 -11.29 -3.19 37.85
N PRO A 2268 -11.54 -1.93 37.52
CA PRO A 2268 -12.91 -1.52 37.18
C PRO A 2268 -13.28 -1.83 35.75
N THR A 2269 -14.59 -1.93 35.51
CA THR A 2269 -15.15 -2.20 34.19
C THR A 2269 -15.88 -0.95 33.73
N LEU A 2270 -15.41 -0.35 32.66
CA LEU A 2270 -15.96 0.93 32.28
C LEU A 2270 -17.12 0.76 31.32
N PRO A 2271 -18.08 1.68 31.33
CA PRO A 2271 -19.25 1.55 30.46
C PRO A 2271 -18.83 1.59 29.00
N SER A 2272 -19.70 1.06 28.14
CA SER A 2272 -19.38 0.97 26.74
C SER A 2272 -19.87 2.20 26.00
N ILE A 2273 -19.44 2.32 24.74
CA ILE A 2273 -19.81 3.47 23.93
C ILE A 2273 -21.31 3.50 23.68
N LEU A 2274 -21.95 2.33 23.65
CA LEU A 2274 -23.39 2.29 23.39
C LEU A 2274 -24.17 2.92 24.53
N GLY A 2275 -23.74 2.70 25.76
CA GLY A 2275 -24.59 3.05 26.89
C GLY A 2275 -24.70 4.54 27.16
N THR A 2276 -25.86 5.14 26.89
CA THR A 2276 -26.02 6.56 27.19
C THR A 2276 -26.15 6.80 28.69
N HIS A 2277 -27.11 6.15 29.34
CA HIS A 2277 -27.46 6.51 30.73
C HIS A 2277 -26.63 5.74 31.74
N ALA A 2278 -26.05 4.61 31.35
CA ALA A 2278 -25.11 3.95 32.24
C ALA A 2278 -23.87 4.81 32.43
N ASN A 2279 -23.52 5.60 31.41
CA ASN A 2279 -22.31 6.40 31.48
C ASN A 2279 -22.46 7.53 32.48
N HIS A 2280 -21.35 7.90 33.09
CA HIS A 2280 -21.18 9.01 34.01
C HIS A 2280 -22.02 8.83 35.27
N ALA A 2281 -22.88 7.83 35.35
CA ALA A 2281 -23.61 7.53 36.58
C ALA A 2281 -24.45 6.29 36.33
N SER A 2282 -24.88 5.66 37.43
CA SER A 2282 -25.76 4.49 37.33
C SER A 2282 -25.03 3.28 36.78
N HIS A 2283 -23.70 3.33 36.82
CA HIS A 2283 -22.87 2.27 36.29
C HIS A 2283 -22.10 1.64 37.43
N GLU A 2284 -22.19 0.33 37.56
CA GLU A 2284 -21.48 -0.37 38.60
C GLU A 2284 -20.20 -0.96 38.06
N PRO A 2285 -19.03 -0.40 38.38
CA PRO A 2285 -17.80 -1.12 38.13
C PRO A 2285 -17.68 -2.26 39.13
N PHE A 2286 -16.81 -3.19 38.83
CA PHE A 2286 -16.75 -4.35 39.71
C PHE A 2286 -18.09 -5.05 39.74
N PRO A 2287 -18.64 -5.43 38.60
CA PRO A 2287 -19.78 -6.34 38.61
C PRO A 2287 -19.28 -7.74 38.84
N GLY A 2288 -20.12 -8.56 39.47
CA GLY A 2288 -19.79 -9.94 39.72
C GLY A 2288 -19.62 -10.24 41.19
N HIS A 2289 -19.22 -11.48 41.45
CA HIS A 2289 -19.20 -11.99 42.81
C HIS A 2289 -18.13 -11.31 43.64
N TRP A 2290 -18.51 -10.88 44.84
CA TRP A 2290 -17.57 -10.36 45.83
C TRP A 2290 -17.48 -11.36 46.96
N ALA A 2291 -16.28 -11.82 47.26
CA ALA A 2291 -16.05 -12.78 48.33
C ALA A 2291 -15.33 -12.10 49.46
N TYR A 2292 -15.98 -12.02 50.62
CA TYR A 2292 -15.39 -11.38 51.77
C TYR A 2292 -14.62 -12.38 52.61
N ILE A 2293 -13.76 -11.86 53.49
CA ILE A 2293 -12.89 -12.70 54.29
C ILE A 2293 -13.73 -13.29 55.43
N ALA A 2294 -14.22 -14.51 55.23
CA ALA A 2294 -15.06 -15.14 56.25
C ALA A 2294 -14.24 -15.73 57.37
N GLY A 2295 -13.04 -16.20 57.06
CA GLY A 2295 -12.20 -16.81 58.07
C GLY A 2295 -10.96 -17.40 57.46
N PHE A 2296 -10.07 -17.86 58.32
CA PHE A 2296 -8.77 -18.37 57.93
C PHE A 2296 -8.75 -19.88 58.05
N ASP A 2297 -8.21 -20.55 57.05
CA ASP A 2297 -7.91 -21.96 57.20
C ASP A 2297 -6.75 -22.13 58.17
N ASP A 2298 -6.77 -23.21 58.94
CA ASP A 2298 -5.85 -23.31 60.06
C ASP A 2298 -4.41 -23.44 59.60
N MET A 2299 -4.15 -24.28 58.61
CA MET A 2299 -2.77 -24.59 58.26
C MET A 2299 -2.12 -23.43 57.52
N VAL A 2300 -0.92 -23.07 57.97
CA VAL A 2300 -0.08 -22.09 57.29
C VAL A 2300 1.14 -22.81 56.76
N GLU A 2301 1.50 -22.54 55.52
CA GLU A 2301 2.57 -23.24 54.82
C GLU A 2301 3.74 -22.29 54.63
N ILE A 2302 4.92 -22.66 55.14
CA ILE A 2302 6.17 -21.88 54.92
C ILE A 2302 6.79 -22.42 53.63
N LEU A 2303 7.35 -21.57 52.79
CA LEU A 2303 7.90 -21.97 51.46
C LEU A 2303 9.42 -21.85 51.48
N ALA A 2304 10.12 -22.89 51.03
CA ALA A 2304 11.60 -22.86 50.93
C ALA A 2304 12.01 -22.11 49.68
N SER A 2305 11.19 -22.13 48.63
CA SER A 2305 11.50 -21.44 47.35
C SER A 2305 11.67 -19.93 47.56
N LEU A 2306 10.59 -19.16 47.49
CA LEU A 2306 10.68 -17.68 47.62
C LEU A 2306 11.16 -17.45 49.05
N GLN A 2307 12.03 -16.47 49.32
CA GLN A 2307 12.70 -16.26 50.64
C GLN A 2307 11.75 -16.39 51.85
N LYS A 2308 11.47 -17.62 52.32
CA LYS A 2308 10.59 -17.92 53.48
C LYS A 2308 9.34 -17.02 53.59
N PRO A 2309 8.36 -17.05 52.66
CA PRO A 2309 7.09 -16.35 52.80
C PRO A 2309 6.05 -17.38 53.10
N LYS A 2310 5.22 -17.07 54.08
CA LYS A 2310 4.15 -18.01 54.48
C LYS A 2310 3.12 -18.11 53.36
N LYS A 2311 2.21 -19.07 53.42
CA LYS A 2311 1.07 -19.22 52.52
C LYS A 2311 -0.19 -19.47 53.33
N ILE A 2312 -0.81 -18.40 53.80
CA ILE A 2312 -2.12 -18.51 54.40
C ILE A 2312 -3.16 -18.65 53.30
N SER A 2313 -4.28 -19.27 53.62
CA SER A 2313 -5.37 -19.44 52.67
C SER A 2313 -6.65 -18.90 53.30
N LEU A 2314 -7.21 -17.89 52.66
CA LEU A 2314 -8.40 -17.23 53.19
C LEU A 2314 -9.66 -17.98 52.76
N LYS A 2315 -10.60 -18.08 53.68
CA LYS A 2315 -11.91 -18.68 53.42
C LYS A 2315 -12.87 -17.56 53.04
N GLY A 2316 -13.48 -17.69 51.87
CA GLY A 2316 -14.38 -16.65 51.40
C GLY A 2316 -15.78 -16.81 51.94
N SER A 2317 -16.57 -15.74 51.82
CA SER A 2317 -17.97 -15.84 52.17
C SER A 2317 -18.67 -16.90 51.34
N ASP A 2318 -18.16 -17.14 50.13
CA ASP A 2318 -18.79 -18.11 49.23
C ASP A 2318 -18.38 -19.54 49.58
N GLY A 2319 -17.46 -19.71 50.51
CA GLY A 2319 -17.00 -21.02 50.89
C GLY A 2319 -15.72 -21.47 50.21
N LYS A 2320 -15.36 -20.86 49.09
CA LYS A 2320 -14.13 -21.20 48.43
C LYS A 2320 -12.93 -20.67 49.21
N PHE A 2321 -11.77 -21.26 48.97
CA PHE A 2321 -10.54 -20.89 49.64
C PHE A 2321 -9.61 -20.20 48.66
N TYR A 2322 -8.97 -19.13 49.11
CA TYR A 2322 -8.04 -18.37 48.28
C TYR A 2322 -6.67 -18.37 48.94
N ILE A 2323 -5.69 -18.96 48.27
CA ILE A 2323 -4.33 -19.07 48.78
C ILE A 2323 -3.64 -17.74 48.55
N MET A 2324 -3.07 -17.17 49.62
CA MET A 2324 -2.42 -15.87 49.55
C MET A 2324 -1.04 -15.98 50.19
N MET A 2325 0.00 -15.82 49.37
CA MET A 2325 1.34 -15.81 49.92
C MET A 2325 1.62 -14.48 50.59
N CYS A 2326 2.24 -14.52 51.76
CA CYS A 2326 2.54 -13.31 52.57
C CYS A 2326 4.04 -13.01 52.43
N LYS A 2327 4.46 -12.53 51.25
CA LYS A 2327 5.89 -12.29 50.98
C LYS A 2327 6.44 -11.16 51.88
N PRO A 2328 7.65 -11.28 52.45
CA PRO A 2328 8.28 -10.19 53.18
C PRO A 2328 9.51 -9.61 52.50
N LYS A 2329 10.05 -8.50 52.98
CA LYS A 2329 11.31 -7.95 52.49
C LYS A 2329 11.27 -7.68 50.98
N ASP A 2330 10.14 -7.17 50.50
CA ASP A 2330 9.99 -6.78 49.11
C ASP A 2330 8.99 -5.65 49.01
N ASP A 2331 9.25 -4.73 48.08
CA ASP A 2331 8.35 -3.62 47.83
C ASP A 2331 7.52 -3.94 46.59
N LEU A 2332 6.24 -4.20 46.80
CA LEU A 2332 5.36 -4.69 45.74
C LEU A 2332 4.59 -3.59 45.03
N ARG A 2333 4.84 -2.32 45.36
CA ARG A 2333 4.14 -1.25 44.67
C ARG A 2333 4.37 -1.34 43.18
N LYS A 2334 5.61 -1.61 42.76
CA LYS A 2334 5.89 -1.76 41.35
C LYS A 2334 5.08 -2.90 40.75
N ASP A 2335 4.97 -4.02 41.46
CA ASP A 2335 4.18 -5.15 40.97
C ASP A 2335 2.70 -4.80 40.88
N CYS A 2336 2.19 -4.04 41.85
CA CYS A 2336 0.80 -3.62 41.80
C CYS A 2336 0.52 -2.79 40.55
N ARG A 2337 1.33 -1.77 40.32
CA ARG A 2337 1.14 -0.94 39.13
C ARG A 2337 1.29 -1.77 37.86
N LEU A 2338 2.22 -2.72 37.87
CA LEU A 2338 2.41 -3.56 36.69
C LEU A 2338 1.19 -4.41 36.42
N MET A 2339 0.54 -4.91 37.48
CA MET A 2339 -0.67 -5.70 37.26
C MET A 2339 -1.78 -4.83 36.70
N GLU A 2340 -1.90 -3.59 37.16
CA GLU A 2340 -2.86 -2.68 36.53
C GLU A 2340 -2.58 -2.52 35.04
N PHE A 2341 -1.33 -2.30 34.68
CA PHE A 2341 -0.97 -2.16 33.27
C PHE A 2341 -1.31 -3.43 32.49
N ASN A 2342 -0.96 -4.59 33.04
CA ASN A 2342 -1.25 -5.84 32.35
C ASN A 2342 -2.74 -6.04 32.17
N SER A 2343 -3.55 -5.58 33.12
CA SER A 2343 -4.99 -5.73 32.96
C SER A 2343 -5.52 -4.81 31.88
N LEU A 2344 -4.93 -3.63 31.73
CA LEU A 2344 -5.29 -2.79 30.59
C LEU A 2344 -4.95 -3.46 29.27
N ILE A 2345 -3.74 -4.02 29.17
CA ILE A 2345 -3.37 -4.76 27.96
C ILE A 2345 -4.31 -5.92 27.74
N ASN A 2346 -4.82 -6.52 28.82
CA ASN A 2346 -5.77 -7.61 28.69
C ASN A 2346 -7.08 -7.15 28.09
N LYS A 2347 -7.59 -6.01 28.55
CA LYS A 2347 -8.77 -5.44 27.90
C LYS A 2347 -8.52 -5.27 26.40
N CYS A 2348 -7.40 -4.65 26.05
CA CYS A 2348 -7.13 -4.41 24.63
C CYS A 2348 -7.03 -5.70 23.85
N LEU A 2349 -6.51 -6.77 24.47
CA LEU A 2349 -6.40 -8.03 23.76
C LEU A 2349 -7.76 -8.70 23.61
N ARG A 2350 -8.63 -8.53 24.61
CA ARG A 2350 -9.98 -9.07 24.50
C ARG A 2350 -10.74 -8.41 23.36
N LYS A 2351 -10.64 -7.09 23.24
CA LYS A 2351 -11.45 -6.40 22.25
C LYS A 2351 -10.99 -6.68 20.83
N ASP A 2352 -9.70 -6.94 20.64
CA ASP A 2352 -9.18 -7.20 19.31
C ASP A 2352 -9.68 -8.54 18.79
N ALA A 2353 -10.09 -8.57 17.52
CA ALA A 2353 -10.65 -9.79 16.98
C ALA A 2353 -9.61 -10.89 16.85
N GLU A 2354 -8.43 -10.58 16.31
CA GLU A 2354 -7.42 -11.61 16.09
C GLU A 2354 -6.78 -12.04 17.39
N SER A 2355 -6.55 -11.11 18.30
CA SER A 2355 -6.08 -11.48 19.62
C SER A 2355 -7.03 -12.43 20.29
N ARG A 2356 -8.34 -12.15 20.22
CA ARG A 2356 -9.29 -13.03 20.89
C ARG A 2356 -9.40 -14.37 20.17
N ARG A 2357 -9.38 -14.36 18.84
CA ARG A 2357 -9.42 -15.62 18.12
C ARG A 2357 -8.27 -16.52 18.54
N ARG A 2358 -7.09 -15.94 18.74
CA ARG A 2358 -5.98 -16.73 19.26
C ARG A 2358 -6.07 -16.91 20.76
N GLU A 2359 -6.87 -16.11 21.44
CA GLU A 2359 -7.06 -16.22 22.89
C GLU A 2359 -5.84 -15.72 23.64
N LEU A 2360 -5.16 -14.72 23.08
CA LEU A 2360 -4.03 -14.13 23.78
C LEU A 2360 -4.51 -13.50 25.07
N HIS A 2361 -3.68 -13.59 26.11
CA HIS A 2361 -4.10 -13.20 27.44
C HIS A 2361 -2.88 -13.23 28.34
N ILE A 2362 -2.84 -12.30 29.29
CA ILE A 2362 -1.80 -12.24 30.29
C ILE A 2362 -2.40 -12.66 31.62
N ARG A 2363 -1.82 -13.66 32.25
CA ARG A 2363 -2.30 -14.17 33.53
C ARG A 2363 -1.84 -13.25 34.65
N THR A 2364 -2.76 -12.47 35.21
CA THR A 2364 -2.44 -11.47 36.21
C THR A 2364 -2.98 -11.92 37.55
N TYR A 2365 -2.09 -12.16 38.49
CA TYR A 2365 -2.50 -12.40 39.85
C TYR A 2365 -2.70 -11.06 40.56
N ALA A 2366 -3.03 -11.12 41.84
CA ALA A 2366 -3.26 -9.91 42.63
C ALA A 2366 -2.11 -9.68 43.58
N VAL A 2367 -1.55 -8.48 43.55
CA VAL A 2367 -0.51 -8.06 44.47
C VAL A 2367 -1.01 -6.88 45.27
N ILE A 2368 -1.03 -7.00 46.59
CA ILE A 2368 -1.46 -5.93 47.48
C ILE A 2368 -0.34 -5.67 48.47
N PRO A 2369 0.36 -4.57 48.38
CA PRO A 2369 1.39 -4.27 49.38
C PRO A 2369 0.80 -3.76 50.69
N LEU A 2370 1.04 -4.48 51.78
CA LEU A 2370 0.52 -4.06 53.07
C LEU A 2370 1.39 -2.96 53.67
N ASN A 2371 2.60 -2.80 53.17
CA ASN A 2371 3.57 -1.93 53.82
C ASN A 2371 4.73 -1.75 52.86
N ASP A 2372 5.63 -0.83 53.21
CA ASP A 2372 6.76 -0.52 52.33
C ASP A 2372 7.57 -1.76 52.00
N GLU A 2373 7.69 -2.69 52.95
CA GLU A 2373 8.52 -3.86 52.75
C GLU A 2373 7.75 -5.18 52.87
N CYS A 2374 6.43 -5.15 52.84
CA CYS A 2374 5.63 -6.36 52.98
C CYS A 2374 4.54 -6.39 51.91
N GLY A 2375 3.77 -7.47 51.89
CA GLY A 2375 2.66 -7.56 50.97
C GLY A 2375 2.12 -8.97 50.94
N ILE A 2376 0.90 -9.08 50.44
CA ILE A 2376 0.27 -10.38 50.22
C ILE A 2376 0.02 -10.51 48.73
N ILE A 2377 0.43 -11.64 48.16
CA ILE A 2377 0.29 -11.90 46.74
C ILE A 2377 -0.62 -13.10 46.57
N GLU A 2378 -1.56 -12.99 45.63
CA GLU A 2378 -2.44 -14.11 45.35
C GLU A 2378 -1.67 -15.26 44.73
N TRP A 2379 -1.67 -16.40 45.39
CA TRP A 2379 -0.96 -17.55 44.87
C TRP A 2379 -1.60 -18.07 43.59
N VAL A 2380 -0.78 -18.35 42.60
CA VAL A 2380 -1.23 -18.91 41.33
C VAL A 2380 -1.13 -20.43 41.44
N ASN A 2381 -2.27 -21.10 41.44
CA ASN A 2381 -2.30 -22.54 41.68
C ASN A 2381 -1.91 -23.31 40.43
N ASN A 2382 -1.36 -24.50 40.65
CA ASN A 2382 -1.10 -25.43 39.55
C ASN A 2382 -0.01 -24.94 38.63
N THR A 2383 1.03 -24.34 39.19
CA THR A 2383 2.14 -23.81 38.41
C THR A 2383 3.44 -24.24 39.05
N ALA A 2384 4.47 -24.44 38.23
CA ALA A 2384 5.82 -24.66 38.72
C ALA A 2384 6.79 -23.99 37.78
N GLY A 2385 7.84 -23.42 38.35
CA GLY A 2385 8.82 -22.73 37.53
C GLY A 2385 9.34 -23.62 36.42
N LEU A 2386 9.93 -22.99 35.41
CA LEU A 2386 10.53 -23.76 34.33
C LEU A 2386 11.70 -24.58 34.83
N ARG A 2387 12.47 -24.04 35.78
CA ARG A 2387 13.63 -24.78 36.28
C ARG A 2387 13.25 -26.03 37.04
N PRO A 2388 12.29 -26.01 37.98
CA PRO A 2388 11.91 -27.27 38.63
C PRO A 2388 11.31 -28.28 37.67
N ILE A 2389 10.43 -27.83 36.78
CA ILE A 2389 9.86 -28.70 35.77
C ILE A 2389 10.97 -29.42 35.02
N LEU A 2390 11.96 -28.66 34.53
CA LEU A 2390 13.01 -29.27 33.72
C LEU A 2390 13.92 -30.14 34.55
N THR A 2391 14.21 -29.73 35.78
CA THR A 2391 15.10 -30.51 36.62
C THR A 2391 14.50 -31.87 36.94
N LYS A 2392 13.19 -31.92 37.15
CA LYS A 2392 12.57 -33.21 37.40
C LYS A 2392 12.71 -34.13 36.20
N LEU A 2393 12.49 -33.61 34.99
CA LEU A 2393 12.61 -34.43 33.81
C LEU A 2393 14.05 -34.88 33.59
N TYR A 2394 15.01 -34.02 33.89
CA TYR A 2394 16.41 -34.43 33.75
C TYR A 2394 16.77 -35.50 34.77
N LYS A 2395 16.19 -35.42 35.97
CA LYS A 2395 16.48 -36.43 36.98
C LYS A 2395 15.88 -37.77 36.61
N GLU A 2396 14.64 -37.77 36.09
CA GLU A 2396 14.03 -39.01 35.63
C GLU A 2396 14.86 -39.66 34.54
N LYS A 2397 15.39 -38.85 33.61
CA LYS A 2397 16.20 -39.40 32.53
C LYS A 2397 17.55 -39.85 33.04
N GLY A 2398 17.93 -39.43 34.24
CA GLY A 2398 19.21 -39.78 34.79
C GLY A 2398 20.37 -38.91 34.36
N VAL A 2399 20.15 -38.00 33.42
CA VAL A 2399 21.19 -37.05 32.99
C VAL A 2399 20.98 -35.77 33.76
N TYR A 2400 21.90 -35.46 34.67
CA TYR A 2400 21.77 -34.28 35.50
C TYR A 2400 23.15 -33.78 35.88
N MET A 2401 23.21 -32.49 36.20
CA MET A 2401 24.47 -31.84 36.56
C MET A 2401 24.32 -31.19 37.92
N THR A 2402 25.09 -31.68 38.89
CA THR A 2402 25.05 -31.10 40.22
C THR A 2402 25.71 -29.72 40.22
N GLY A 2403 25.50 -28.99 41.31
CA GLY A 2403 26.15 -27.70 41.45
C GLY A 2403 27.65 -27.79 41.27
N LYS A 2404 28.23 -28.96 41.53
CA LYS A 2404 29.68 -29.13 41.43
C LYS A 2404 30.17 -28.85 40.01
N GLU A 2405 29.74 -29.69 39.05
CA GLU A 2405 30.25 -29.55 37.70
C GLU A 2405 29.74 -28.28 37.03
N LEU A 2406 28.62 -27.74 37.51
CA LEU A 2406 28.23 -26.41 37.07
C LEU A 2406 29.27 -25.38 37.51
N ARG A 2407 29.68 -25.44 38.77
CA ARG A 2407 30.79 -24.61 39.23
C ARG A 2407 31.96 -24.73 38.28
N GLN A 2408 32.47 -25.94 38.11
CA GLN A 2408 33.63 -26.13 37.26
C GLN A 2408 33.36 -25.65 35.83
N CYS A 2409 32.09 -25.59 35.45
CA CYS A 2409 31.76 -25.11 34.10
C CYS A 2409 31.75 -23.59 34.03
N MET A 2410 31.45 -22.93 35.14
CA MET A 2410 31.41 -21.48 35.14
C MET A 2410 32.81 -20.90 35.07
N LEU A 2411 32.95 -19.81 34.33
CA LEU A 2411 34.20 -19.10 34.17
C LEU A 2411 34.00 -17.62 34.43
N PRO A 2412 35.06 -16.89 34.74
CA PRO A 2412 34.91 -15.50 35.21
C PRO A 2412 34.45 -14.58 34.08
N LYS A 2413 33.77 -13.50 34.49
CA LYS A 2413 33.28 -12.53 33.50
C LYS A 2413 34.43 -11.91 32.74
N SER A 2414 35.64 -11.98 33.30
CA SER A 2414 36.83 -11.56 32.58
C SER A 2414 37.05 -12.38 31.32
N ALA A 2415 36.73 -13.67 31.38
CA ALA A 2415 37.02 -14.58 30.28
C ALA A 2415 36.47 -14.02 28.97
N ALA A 2416 37.15 -14.31 27.87
CA ALA A 2416 36.73 -13.81 26.58
C ALA A 2416 35.47 -14.52 26.11
N LEU A 2417 34.73 -13.86 25.22
CA LEU A 2417 33.46 -14.42 24.76
C LEU A 2417 33.65 -15.81 24.18
N SER A 2418 34.80 -16.06 23.53
CA SER A 2418 35.00 -17.35 22.88
C SER A 2418 35.10 -18.48 23.90
N GLU A 2419 35.76 -18.23 25.03
CA GLU A 2419 35.82 -19.24 26.07
C GLU A 2419 34.42 -19.55 26.59
N LYS A 2420 33.63 -18.52 26.88
CA LYS A 2420 32.27 -18.74 27.35
C LYS A 2420 31.47 -19.54 26.33
N LEU A 2421 31.60 -19.20 25.05
CA LEU A 2421 30.82 -19.89 24.03
C LEU A 2421 31.24 -21.35 23.93
N LYS A 2422 32.54 -21.61 24.03
CA LYS A 2422 32.99 -22.99 23.98
C LYS A 2422 32.45 -23.78 25.17
N VAL A 2423 32.57 -23.23 26.37
CA VAL A 2423 32.00 -23.91 27.53
C VAL A 2423 30.54 -24.19 27.31
N PHE A 2424 29.76 -23.17 26.94
CA PHE A 2424 28.29 -23.32 26.75
C PHE A 2424 28.00 -24.41 25.73
N ARG A 2425 28.52 -24.31 24.52
CA ARG A 2425 28.28 -25.29 23.43
C ARG A 2425 28.82 -26.68 23.75
N GLU A 2426 29.99 -26.81 24.39
CA GLU A 2426 30.65 -28.13 24.59
C GLU A 2426 30.25 -28.87 25.88
N PHE A 2427 29.83 -28.19 26.95
CA PHE A 2427 29.50 -28.84 28.21
C PHE A 2427 28.06 -28.60 28.65
N LEU A 2428 27.56 -27.36 28.59
CA LEU A 2428 26.28 -27.10 29.23
C LEU A 2428 25.12 -27.54 28.34
N LEU A 2429 25.26 -27.36 27.04
CA LEU A 2429 24.19 -27.72 26.13
C LEU A 2429 24.14 -29.23 25.90
N PRO A 2430 25.28 -29.89 25.73
CA PRO A 2430 25.24 -31.36 25.61
C PRO A 2430 24.66 -32.06 26.83
N ARG A 2431 24.96 -31.57 28.02
CA ARG A 2431 24.44 -32.24 29.22
C ARG A 2431 22.93 -32.06 29.33
N HIS A 2432 22.40 -30.95 28.82
CA HIS A 2432 20.98 -30.67 28.94
C HIS A 2432 20.32 -30.80 27.58
N PRO A 2433 19.93 -31.98 27.15
CA PRO A 2433 19.16 -32.11 25.93
C PRO A 2433 17.82 -31.43 26.09
N PRO A 2434 17.13 -31.14 25.00
CA PRO A 2434 15.81 -30.54 25.10
C PRO A 2434 14.75 -31.59 25.36
N ILE A 2435 13.99 -31.42 26.43
CA ILE A 2435 13.03 -32.41 26.91
C ILE A 2435 11.68 -31.79 27.21
N PHE A 2436 11.53 -30.48 27.02
CA PHE A 2436 10.34 -29.82 27.52
C PHE A 2436 9.07 -30.33 26.86
N HIS A 2437 9.21 -31.01 25.72
CA HIS A 2437 8.04 -31.58 25.06
C HIS A 2437 7.46 -32.74 25.86
N GLU A 2438 8.30 -33.41 26.64
CA GLU A 2438 7.83 -34.54 27.43
C GLU A 2438 6.95 -34.08 28.57
N TRP A 2439 7.16 -32.88 29.08
CA TRP A 2439 6.25 -32.35 30.09
C TRP A 2439 4.85 -32.21 29.53
N PHE A 2440 4.73 -31.75 28.29
CA PHE A 2440 3.42 -31.64 27.67
C PHE A 2440 2.83 -33.02 27.40
N LEU A 2441 3.67 -33.97 27.00
CA LEU A 2441 3.16 -35.31 26.72
C LEU A 2441 2.65 -35.96 28.00
N ARG A 2442 3.34 -35.78 29.12
CA ARG A 2442 2.97 -36.47 30.34
C ARG A 2442 1.87 -35.75 31.08
N THR A 2443 1.77 -34.43 30.93
CA THR A 2443 0.79 -33.68 31.69
C THR A 2443 -0.57 -33.68 31.01
N PHE A 2444 -0.59 -33.60 29.69
CA PHE A 2444 -1.84 -33.59 28.92
C PHE A 2444 -1.84 -34.84 28.04
N PRO A 2445 -2.31 -35.96 28.57
CA PRO A 2445 -2.27 -37.20 27.77
C PRO A 2445 -3.28 -37.23 26.64
N ASP A 2446 -4.47 -36.67 26.84
CA ASP A 2446 -5.45 -36.63 25.77
C ASP A 2446 -4.92 -35.79 24.61
N PRO A 2447 -5.06 -36.25 23.37
CA PRO A 2447 -4.53 -35.45 22.26
C PRO A 2447 -5.22 -34.11 22.09
N THR A 2448 -6.53 -34.04 22.35
CA THR A 2448 -7.20 -32.74 22.25
C THR A 2448 -6.66 -31.76 23.28
N SER A 2449 -6.52 -32.21 24.53
CA SER A 2449 -6.01 -31.32 25.57
C SER A 2449 -4.52 -31.07 25.36
N TRP A 2450 -3.78 -32.06 24.88
CA TRP A 2450 -2.38 -31.82 24.56
C TRP A 2450 -2.25 -30.71 23.53
N TYR A 2451 -3.04 -30.76 22.47
CA TYR A 2451 -2.93 -29.74 21.45
C TYR A 2451 -3.37 -28.38 21.99
N SER A 2452 -4.51 -28.33 22.66
CA SER A 2452 -4.96 -27.06 23.21
C SER A 2452 -3.91 -26.45 24.12
N SER A 2453 -3.24 -27.29 24.93
CA SER A 2453 -2.31 -26.75 25.90
C SER A 2453 -0.97 -26.39 25.26
N ARG A 2454 -0.53 -27.15 24.25
CA ARG A 2454 0.67 -26.76 23.54
C ARG A 2454 0.47 -25.42 22.85
N SER A 2455 -0.67 -25.22 22.21
CA SER A 2455 -0.91 -23.94 21.56
C SER A 2455 -1.11 -22.82 22.58
N ALA A 2456 -1.70 -23.13 23.73
CA ALA A 2456 -1.82 -22.13 24.78
C ALA A 2456 -0.46 -21.71 25.30
N TYR A 2457 0.46 -22.66 25.42
CA TYR A 2457 1.82 -22.34 25.84
C TYR A 2457 2.50 -21.43 24.83
N CYS A 2458 2.41 -21.78 23.55
CA CYS A 2458 3.00 -20.92 22.52
C CYS A 2458 2.43 -19.52 22.59
N ARG A 2459 1.11 -19.38 22.58
CA ARG A 2459 0.50 -18.05 22.57
C ARG A 2459 0.86 -17.26 23.82
N SER A 2460 0.86 -17.89 24.99
CA SER A 2460 1.13 -17.16 26.22
C SER A 2460 2.58 -16.72 26.29
N THR A 2461 3.50 -17.61 25.95
CA THR A 2461 4.90 -17.23 25.89
C THR A 2461 5.10 -16.08 24.93
N ALA A 2462 4.40 -16.07 23.81
CA ALA A 2462 4.56 -14.99 22.85
C ALA A 2462 4.05 -13.67 23.41
N VAL A 2463 2.83 -13.67 23.93
CA VAL A 2463 2.27 -12.43 24.47
C VAL A 2463 3.19 -11.86 25.52
N MET A 2464 3.67 -12.69 26.44
CA MET A 2464 4.43 -12.15 27.54
C MET A 2464 5.86 -11.81 27.12
N SER A 2465 6.39 -12.47 26.09
CA SER A 2465 7.66 -12.07 25.52
C SER A 2465 7.58 -10.67 24.94
N MET A 2466 6.57 -10.41 24.12
CA MET A 2466 6.44 -9.09 23.54
C MET A 2466 6.20 -8.03 24.62
N VAL A 2467 5.31 -8.30 25.58
CA VAL A 2467 5.02 -7.30 26.59
C VAL A 2467 6.23 -7.06 27.48
N GLY A 2468 6.99 -8.11 27.78
CA GLY A 2468 8.19 -7.93 28.58
C GLY A 2468 9.25 -7.15 27.84
N TYR A 2469 9.39 -7.40 26.53
CA TYR A 2469 10.31 -6.58 25.75
C TYR A 2469 9.91 -5.12 25.81
N ILE A 2470 8.63 -4.82 25.60
CA ILE A 2470 8.20 -3.44 25.65
C ILE A 2470 8.52 -2.82 27.00
N LEU A 2471 8.23 -3.53 28.08
CA LEU A 2471 8.45 -2.99 29.41
C LEU A 2471 9.87 -3.20 29.91
N GLY A 2472 10.75 -3.81 29.12
CA GLY A 2472 12.09 -4.07 29.61
C GLY A 2472 12.14 -5.04 30.76
N LEU A 2473 11.25 -6.03 30.76
CA LEU A 2473 11.21 -7.01 31.83
C LEU A 2473 12.45 -7.88 31.80
N GLY A 2474 13.15 -7.95 32.93
CA GLY A 2474 14.35 -8.74 33.04
C GLY A 2474 14.26 -9.71 34.20
N ASP A 2475 15.32 -10.49 34.37
CA ASP A 2475 15.40 -11.47 35.44
C ASP A 2475 14.38 -12.58 35.24
N ARG A 2476 14.26 -13.05 34.00
CA ARG A 2476 13.33 -14.13 33.66
C ARG A 2476 14.02 -15.48 33.84
N HIS A 2477 14.52 -15.70 35.06
CA HIS A 2477 15.17 -16.97 35.28
C HIS A 2477 14.13 -18.08 35.45
N GLY A 2478 14.60 -19.32 35.69
CA GLY A 2478 13.72 -20.50 35.77
C GLY A 2478 12.47 -20.27 36.57
N GLU A 2479 12.57 -19.98 37.85
CA GLU A 2479 11.38 -19.87 38.75
C GLU A 2479 10.47 -18.72 38.30
N ASN A 2480 11.01 -17.58 37.86
CA ASN A 2480 10.22 -16.39 37.46
C ASN A 2480 9.30 -16.70 36.28
N ILE A 2481 9.42 -17.84 35.59
CA ILE A 2481 8.45 -18.27 34.59
C ILE A 2481 7.81 -19.55 35.07
N LEU A 2482 6.50 -19.52 35.29
CA LEU A 2482 5.76 -20.66 35.75
C LEU A 2482 4.82 -21.12 34.66
N PHE A 2483 4.57 -22.42 34.60
CA PHE A 2483 3.70 -22.99 33.58
C PHE A 2483 2.56 -23.72 34.23
N ASP A 2484 1.36 -23.49 33.74
CA ASP A 2484 0.16 -24.01 34.36
C ASP A 2484 0.01 -25.50 34.04
N SER A 2485 -0.24 -26.29 35.09
CA SER A 2485 -0.39 -27.73 34.89
C SER A 2485 -1.69 -28.05 34.17
N LEU A 2486 -2.67 -27.16 34.27
CA LEU A 2486 -4.00 -27.48 33.75
C LEU A 2486 -4.24 -26.86 32.39
N THR A 2487 -3.73 -25.66 32.16
CA THR A 2487 -3.95 -24.97 30.89
C THR A 2487 -2.73 -24.95 29.99
N GLY A 2488 -1.53 -25.17 30.52
CA GLY A 2488 -0.27 -25.09 29.74
C GLY A 2488 0.22 -23.67 29.62
N GLU A 2489 -0.60 -22.68 29.97
CA GLU A 2489 -0.27 -21.24 29.81
C GLU A 2489 0.87 -20.77 30.71
N CYS A 2490 1.75 -19.90 30.21
CA CYS A 2490 2.89 -19.33 30.98
C CYS A 2490 2.44 -18.22 31.93
N VAL A 2491 2.99 -18.14 33.15
CA VAL A 2491 2.71 -17.10 34.12
C VAL A 2491 4.04 -16.53 34.59
N HIS A 2492 4.21 -15.22 34.47
CA HIS A 2492 5.41 -14.53 34.88
C HIS A 2492 5.20 -13.93 36.26
N VAL A 2493 6.25 -13.98 37.09
CA VAL A 2493 6.18 -13.46 38.44
C VAL A 2493 7.44 -12.65 38.71
N ASP A 2494 7.54 -12.05 39.89
CA ASP A 2494 8.74 -11.24 40.28
C ASP A 2494 8.94 -10.12 39.25
N PHE A 2495 8.02 -9.17 39.22
CA PHE A 2495 8.14 -8.06 38.28
C PHE A 2495 8.94 -6.90 38.83
N ASN A 2496 9.89 -7.16 39.74
CA ASN A 2496 10.68 -6.08 40.31
C ASN A 2496 11.59 -5.44 39.28
N CYS A 2497 12.37 -6.24 38.56
CA CYS A 2497 13.33 -5.70 37.61
C CYS A 2497 12.62 -5.27 36.33
N LEU A 2498 12.29 -4.00 36.23
CA LEU A 2498 11.53 -3.50 35.10
C LEU A 2498 12.29 -2.37 34.45
N PHE A 2499 11.95 -2.10 33.19
CA PHE A 2499 12.51 -0.97 32.46
C PHE A 2499 14.02 -1.10 32.34
N ASN A 2500 14.47 -2.30 31.97
CA ASN A 2500 15.88 -2.51 31.64
C ASN A 2500 16.77 -2.27 32.85
N LYS A 2501 16.29 -2.64 34.03
CA LYS A 2501 17.17 -2.65 35.19
C LYS A 2501 18.15 -3.80 35.11
N GLY A 2502 17.89 -4.78 34.26
CA GLY A 2502 18.79 -5.91 34.15
C GLY A 2502 20.16 -5.51 33.63
N GLU A 2503 20.20 -4.56 32.70
CA GLU A 2503 21.48 -4.14 32.15
C GLU A 2503 22.39 -3.58 33.23
N THR A 2504 21.84 -3.26 34.40
CA THR A 2504 22.64 -2.69 35.46
C THR A 2504 23.32 -3.76 36.29
N PHE A 2505 22.83 -4.99 36.24
CA PHE A 2505 23.41 -6.06 37.05
C PHE A 2505 24.88 -6.25 36.70
N GLU A 2506 25.60 -6.90 37.61
CA GLU A 2506 27.03 -7.11 37.38
C GLU A 2506 27.27 -7.94 36.13
N VAL A 2507 26.51 -9.00 35.94
CA VAL A 2507 26.48 -9.74 34.69
C VAL A 2507 25.25 -9.29 33.91
N PRO A 2508 25.37 -8.30 33.03
CA PRO A 2508 24.17 -7.68 32.45
C PRO A 2508 23.35 -8.68 31.66
N GLU A 2509 22.11 -8.31 31.41
CA GLU A 2509 21.20 -9.12 30.60
C GLU A 2509 21.11 -8.52 29.21
N ILE A 2510 21.48 -9.31 28.20
CA ILE A 2510 21.60 -8.83 26.85
C ILE A 2510 20.53 -9.40 25.93
N VAL A 2511 19.62 -10.20 26.46
CA VAL A 2511 18.56 -10.83 25.68
C VAL A 2511 17.28 -10.04 25.91
N PRO A 2512 16.42 -9.89 24.91
CA PRO A 2512 15.19 -9.12 25.13
C PRO A 2512 14.18 -9.85 25.99
N PHE A 2513 14.11 -11.18 25.88
CA PHE A 2513 13.26 -11.98 26.73
C PHE A 2513 13.87 -13.37 26.81
N ARG A 2514 13.19 -14.27 27.49
CA ARG A 2514 13.73 -15.61 27.69
C ARG A 2514 13.16 -16.55 26.64
N LEU A 2515 14.01 -17.01 25.73
CA LEU A 2515 13.67 -18.09 24.80
C LEU A 2515 14.86 -19.03 24.70
N THR A 2516 14.98 -19.94 25.66
CA THR A 2516 16.07 -20.88 25.62
C THR A 2516 15.71 -22.05 24.72
N HIS A 2517 16.60 -23.04 24.65
CA HIS A 2517 16.39 -24.12 23.68
C HIS A 2517 15.32 -25.09 24.15
N ASN A 2518 15.12 -25.23 25.46
CA ASN A 2518 14.08 -26.11 25.95
C ASN A 2518 12.70 -25.53 25.73
N MET A 2519 12.56 -24.22 25.84
CA MET A 2519 11.28 -23.58 25.53
C MET A 2519 10.95 -23.73 24.05
N VAL A 2520 11.90 -23.39 23.19
CA VAL A 2520 11.67 -23.57 21.76
C VAL A 2520 11.33 -25.02 21.45
N ASN A 2521 11.94 -25.95 22.18
CA ASN A 2521 11.58 -27.36 22.00
C ASN A 2521 10.14 -27.60 22.38
N GLY A 2522 9.72 -27.11 23.53
CA GLY A 2522 8.32 -27.24 23.91
C GLY A 2522 7.39 -26.75 22.83
N MET A 2523 7.84 -25.77 22.04
CA MET A 2523 6.97 -25.18 21.02
C MET A 2523 6.69 -26.14 19.87
N GLY A 2524 7.54 -27.15 19.68
CA GLY A 2524 7.27 -28.15 18.67
C GLY A 2524 8.39 -28.30 17.67
N PRO A 2525 8.12 -29.02 16.58
CA PRO A 2525 9.14 -29.21 15.56
C PRO A 2525 9.32 -28.01 14.65
N MET A 2526 8.27 -27.21 14.48
CA MET A 2526 8.42 -25.97 13.72
C MET A 2526 9.18 -24.93 14.53
N GLY A 2527 9.04 -24.95 15.85
CA GLY A 2527 9.83 -24.07 16.68
C GLY A 2527 9.19 -22.72 16.81
N THR A 2528 10.02 -21.67 16.80
CA THR A 2528 9.49 -20.32 16.96
C THR A 2528 8.62 -19.93 15.77
N GLU A 2529 8.88 -20.49 14.61
CA GLU A 2529 7.96 -20.29 13.50
C GLU A 2529 6.60 -20.86 13.86
N GLY A 2530 5.57 -20.40 13.16
CA GLY A 2530 4.26 -20.99 13.39
C GLY A 2530 3.43 -20.15 14.34
N LEU A 2531 3.12 -20.73 15.50
CA LEU A 2531 2.17 -20.08 16.41
C LEU A 2531 2.84 -19.03 17.26
N PHE A 2532 4.06 -19.29 17.71
CA PHE A 2532 4.75 -18.32 18.54
C PHE A 2532 5.00 -17.02 17.80
N ARG A 2533 5.54 -17.10 16.59
CA ARG A 2533 5.84 -15.90 15.84
C ARG A 2533 4.57 -15.14 15.49
N ARG A 2534 3.51 -15.84 15.16
CA ARG A 2534 2.29 -15.16 14.75
C ARG A 2534 1.59 -14.50 15.95
N ALA A 2535 1.67 -15.13 17.11
CA ALA A 2535 1.17 -14.47 18.32
C ALA A 2535 2.02 -13.27 18.69
N CYS A 2536 3.33 -13.36 18.49
CA CYS A 2536 4.20 -12.23 18.73
C CYS A 2536 3.83 -11.07 17.82
N GLU A 2537 3.51 -11.35 16.56
CA GLU A 2537 3.16 -10.29 15.64
C GLU A 2537 1.81 -9.69 15.96
N VAL A 2538 0.84 -10.51 16.36
CA VAL A 2538 -0.45 -9.95 16.74
C VAL A 2538 -0.30 -9.06 17.97
N THR A 2539 0.47 -9.49 18.96
CA THR A 2539 0.67 -8.67 20.14
C THR A 2539 1.41 -7.38 19.81
N MET A 2540 2.43 -7.45 18.96
CA MET A 2540 3.16 -6.24 18.60
C MET A 2540 2.27 -5.26 17.84
N ARG A 2541 1.49 -5.77 16.89
CA ARG A 2541 0.59 -4.90 16.14
C ARG A 2541 -0.41 -4.23 17.08
N LEU A 2542 -0.95 -4.98 18.03
CA LEU A 2542 -1.94 -4.41 18.93
C LEU A 2542 -1.30 -3.43 19.89
N MET A 2543 -0.06 -3.66 20.29
CA MET A 2543 0.60 -2.74 21.23
C MET A 2543 1.05 -1.48 20.52
N ARG A 2544 1.26 -1.55 19.22
CA ARG A 2544 1.55 -0.33 18.47
C ARG A 2544 0.29 0.46 18.20
N ASP A 2545 -0.82 -0.23 17.93
CA ASP A 2545 -2.08 0.48 17.70
C ASP A 2545 -2.52 1.25 18.93
N GLN A 2546 -2.38 0.65 20.10
CA GLN A 2546 -2.75 1.27 21.37
C GLN A 2546 -1.57 1.94 22.04
N ARG A 2547 -0.67 2.56 21.28
CA ARG A 2547 0.52 3.12 21.89
C ARG A 2547 0.19 4.27 22.82
N GLU A 2548 -0.90 4.99 22.53
CA GLU A 2548 -1.15 6.22 23.27
C GLU A 2548 -1.77 5.99 24.65
N PRO A 2549 -2.81 5.17 24.81
CA PRO A 2549 -3.26 4.84 26.17
C PRO A 2549 -2.22 4.10 26.99
N LEU A 2550 -1.59 3.09 26.40
CA LEU A 2550 -0.52 2.38 27.10
C LEU A 2550 0.57 3.34 27.54
N MET A 2551 0.91 4.29 26.69
CA MET A 2551 2.01 5.18 27.02
C MET A 2551 1.59 6.20 28.07
N SER A 2552 0.32 6.60 28.07
CA SER A 2552 -0.18 7.42 29.16
C SER A 2552 -0.02 6.72 30.50
N VAL A 2553 -0.53 5.49 30.59
CA VAL A 2553 -0.46 4.77 31.85
C VAL A 2553 0.98 4.52 32.25
N LEU A 2554 1.85 4.24 31.29
CA LEU A 2554 3.25 3.99 31.61
C LEU A 2554 3.94 5.25 32.07
N LYS A 2555 3.61 6.40 31.48
CA LYS A 2555 4.18 7.64 31.95
C LYS A 2555 3.78 7.89 33.40
N THR A 2556 2.52 7.64 33.74
CA THR A 2556 2.11 7.84 35.12
C THR A 2556 2.78 6.84 36.05
N PHE A 2557 3.13 5.67 35.54
CA PHE A 2557 3.79 4.67 36.38
C PHE A 2557 5.25 5.01 36.62
N LEU A 2558 5.94 5.51 35.59
CA LEU A 2558 7.38 5.75 35.69
C LEU A 2558 7.68 6.97 36.54
N HIS A 2559 6.72 7.87 36.68
CA HIS A 2559 6.86 9.04 37.52
C HIS A 2559 6.23 8.85 38.89
N ASP A 2560 5.97 7.62 39.28
CA ASP A 2560 5.34 7.35 40.56
C ASP A 2560 6.31 7.65 41.69
N PRO A 2561 5.98 8.55 42.61
CA PRO A 2561 6.94 8.89 43.67
C PRO A 2561 7.00 7.85 44.77
N LEU A 2562 6.03 6.94 44.84
CA LEU A 2562 6.01 5.99 45.94
C LEU A 2562 6.80 4.72 45.61
N VAL A 2563 6.88 4.38 44.32
CA VAL A 2563 7.65 3.21 43.94
C VAL A 2563 9.10 3.43 44.33
N GLU A 2564 9.68 2.42 44.98
CA GLU A 2564 11.09 2.51 45.44
C GLU A 2564 12.03 2.33 44.25
N TRP A 2565 12.32 3.41 43.55
CA TRP A 2565 13.22 3.36 42.40
C TRP A 2565 14.65 3.16 42.84
N SER A 2566 15.05 3.79 43.94
CA SER A 2566 16.40 3.70 44.47
C SER A 2566 16.33 3.10 45.86
N LYS A 2567 17.09 2.03 46.08
CA LYS A 2567 17.14 1.43 47.40
C LYS A 2567 17.46 2.50 48.44
N PRO A 2568 16.73 2.54 49.55
CA PRO A 2568 16.94 3.60 50.54
C PRO A 2568 18.38 3.63 51.03
N VAL A 2569 18.88 4.84 51.26
CA VAL A 2569 20.27 5.01 51.71
C VAL A 2569 20.46 4.37 53.07
N LYS A 2570 21.71 4.02 53.37
CA LYS A 2570 22.01 3.37 54.65
C LYS A 2570 21.77 4.31 55.83
N GLY A 2571 22.31 5.52 55.75
CA GLY A 2571 22.12 6.46 56.85
C GLY A 2571 20.67 6.88 56.98
N HIS A 2572 20.15 6.79 58.19
CA HIS A 2572 18.76 7.16 58.46
C HIS A 2572 18.61 7.77 59.86
N GLU A 2579 11.78 15.18 55.85
CA GLU A 2579 11.90 14.88 54.43
C GLU A 2579 10.53 14.71 53.79
N THR A 2580 10.50 14.53 52.47
CA THR A 2580 9.27 14.30 51.73
C THR A 2580 9.18 12.82 51.39
N GLY A 2581 7.97 12.27 51.50
CA GLY A 2581 7.78 10.87 51.15
C GLY A 2581 8.13 10.58 49.71
N GLU A 2582 8.05 11.60 48.85
CA GLU A 2582 8.32 11.40 47.44
C GLU A 2582 9.79 11.04 47.20
N VAL A 2583 10.02 10.18 46.22
CA VAL A 2583 11.36 9.87 45.74
C VAL A 2583 11.33 9.93 44.22
N VAL A 2584 11.95 10.96 43.65
CA VAL A 2584 11.87 11.16 42.22
C VAL A 2584 12.68 10.09 41.50
N ASN A 2585 12.20 9.71 40.32
CA ASN A 2585 12.89 8.74 39.47
C ASN A 2585 13.73 9.51 38.46
N GLU A 2586 15.05 9.37 38.56
CA GLU A 2586 15.94 10.11 37.67
C GLU A 2586 15.82 9.64 36.23
N LYS A 2587 15.78 8.34 36.02
CA LYS A 2587 15.74 7.78 34.70
C LYS A 2587 14.34 7.81 34.08
N ALA A 2588 13.41 8.54 34.69
CA ALA A 2588 12.05 8.56 34.17
C ALA A 2588 12.03 8.95 32.70
N LYS A 2589 12.71 10.03 32.34
CA LYS A 2589 12.73 10.47 30.95
C LYS A 2589 13.37 9.44 30.05
N THR A 2590 14.52 8.90 30.46
CA THR A 2590 15.17 7.86 29.67
C THR A 2590 14.23 6.69 29.43
N HIS A 2591 13.59 6.21 30.50
CA HIS A 2591 12.72 5.05 30.39
C HIS A 2591 11.54 5.33 29.48
N VAL A 2592 10.95 6.51 29.58
CA VAL A 2592 9.80 6.81 28.74
C VAL A 2592 10.21 6.88 27.29
N LEU A 2593 11.34 7.53 27.00
CA LEU A 2593 11.79 7.62 25.62
C LEU A 2593 12.08 6.24 25.05
N ASP A 2594 12.71 5.38 25.85
CA ASP A 2594 13.05 4.05 25.35
C ASP A 2594 11.80 3.22 25.12
N ILE A 2595 10.83 3.29 26.02
CA ILE A 2595 9.61 2.54 25.84
C ILE A 2595 8.89 2.98 24.58
N GLU A 2596 8.81 4.29 24.36
CA GLU A 2596 8.07 4.75 23.19
C GLU A 2596 8.84 4.47 21.91
N GLN A 2597 10.17 4.40 21.98
CA GLN A 2597 10.92 3.93 20.84
C GLN A 2597 10.57 2.49 20.52
N ARG A 2598 10.65 1.61 21.52
CA ARG A 2598 10.32 0.21 21.30
C ARG A 2598 8.91 0.07 20.75
N LEU A 2599 8.00 0.93 21.15
CA LEU A 2599 6.63 0.86 20.62
C LEU A 2599 6.55 1.39 19.21
N GLN A 2600 7.53 2.19 18.79
CA GLN A 2600 7.50 2.74 17.44
C GLN A 2600 8.21 1.82 16.45
N GLY A 2601 9.04 0.92 16.95
CA GLY A 2601 9.83 0.06 16.11
C GLY A 2601 11.28 0.47 16.00
N VAL A 2602 11.68 1.57 16.63
CA VAL A 2602 13.05 2.05 16.54
C VAL A 2602 13.96 1.18 17.39
N ILE A 2603 15.09 0.77 16.82
CA ILE A 2603 16.03 -0.13 17.48
C ILE A 2603 17.13 0.70 18.10
N LYS A 2604 17.33 0.54 19.41
CA LYS A 2604 18.42 1.21 20.09
C LYS A 2604 19.76 0.93 19.42
N THR A 2605 19.90 -0.28 18.87
CA THR A 2605 21.17 -0.73 18.30
C THR A 2605 21.45 0.00 16.99
N ARG A 2606 21.72 1.30 17.11
CA ARG A 2606 22.21 2.04 15.96
C ARG A 2606 23.68 1.72 15.70
N ASN A 2607 24.55 2.03 16.65
CA ASN A 2607 25.98 1.71 16.56
C ASN A 2607 26.53 2.05 15.18
N ARG A 2608 26.45 3.33 14.81
CA ARG A 2608 26.91 3.87 13.53
C ARG A 2608 25.98 3.50 12.39
N VAL A 2609 24.69 3.32 12.65
CA VAL A 2609 23.69 3.01 11.63
C VAL A 2609 22.48 3.88 11.89
N THR A 2610 21.95 4.49 10.84
CA THR A 2610 20.71 5.25 10.90
C THR A 2610 19.70 4.61 9.96
N GLY A 2611 18.58 4.15 10.51
CA GLY A 2611 17.59 3.45 9.74
C GLY A 2611 16.19 3.85 10.14
N LEU A 2612 15.23 3.40 9.35
CA LEU A 2612 13.83 3.67 9.63
C LEU A 2612 13.29 2.68 10.65
N PRO A 2613 12.12 2.95 11.22
CA PRO A 2613 11.54 2.02 12.18
C PRO A 2613 11.22 0.68 11.54
N LEU A 2614 11.52 -0.40 12.25
CA LEU A 2614 11.28 -1.73 11.72
C LEU A 2614 9.79 -1.99 11.59
N SER A 2615 9.42 -2.81 10.61
CA SER A 2615 8.05 -3.28 10.54
C SER A 2615 7.77 -4.25 11.67
N ILE A 2616 6.50 -4.56 11.86
CA ILE A 2616 6.14 -5.47 12.95
C ILE A 2616 6.79 -6.82 12.74
N GLU A 2617 6.70 -7.36 11.53
CA GLU A 2617 7.35 -8.64 11.25
C GLU A 2617 8.86 -8.54 11.41
N GLY A 2618 9.45 -7.45 10.92
CA GLY A 2618 10.89 -7.29 11.06
C GLY A 2618 11.31 -7.16 12.51
N HIS A 2619 10.57 -6.38 13.29
CA HIS A 2619 10.87 -6.25 14.70
C HIS A 2619 10.78 -7.59 15.41
N VAL A 2620 9.71 -8.33 15.16
CA VAL A 2620 9.55 -9.62 15.83
C VAL A 2620 10.65 -10.59 15.42
N HIS A 2621 11.01 -10.61 14.14
CA HIS A 2621 12.09 -11.49 13.70
C HIS A 2621 13.40 -11.13 14.37
N TYR A 2622 13.74 -9.85 14.40
CA TYR A 2622 14.98 -9.42 15.05
C TYR A 2622 14.97 -9.80 16.51
N LEU A 2623 13.84 -9.63 17.19
CA LEU A 2623 13.76 -9.95 18.60
C LEU A 2623 13.95 -11.43 18.86
N ILE A 2624 13.28 -12.28 18.08
CA ILE A 2624 13.40 -13.71 18.28
C ILE A 2624 14.82 -14.16 18.04
N GLN A 2625 15.47 -13.63 16.99
CA GLN A 2625 16.81 -14.09 16.68
C GLN A 2625 17.82 -13.54 17.69
N GLU A 2626 17.51 -12.44 18.35
CA GLU A 2626 18.36 -11.98 19.45
C GLU A 2626 18.16 -12.80 20.69
N ALA A 2627 16.93 -13.24 20.95
CA ALA A 2627 16.66 -14.00 22.16
C ALA A 2627 17.20 -15.41 22.06
N THR A 2628 17.21 -16.00 20.88
CA THR A 2628 17.68 -17.36 20.71
C THR A 2628 19.15 -17.43 20.28
N ASP A 2629 19.86 -16.31 20.24
CA ASP A 2629 21.25 -16.32 19.79
C ASP A 2629 22.15 -16.89 20.88
N GLU A 2630 22.96 -17.87 20.53
CA GLU A 2630 23.81 -18.51 21.53
C GLU A 2630 24.97 -17.62 21.94
N ASN A 2631 25.40 -16.75 21.04
CA ASN A 2631 26.48 -15.83 21.39
C ASN A 2631 26.05 -14.87 22.48
N LEU A 2632 24.75 -14.56 22.55
CA LEU A 2632 24.25 -13.76 23.66
C LEU A 2632 23.97 -14.63 24.87
N LEU A 2633 23.36 -15.79 24.68
CA LEU A 2633 22.97 -16.62 25.81
C LEU A 2633 24.18 -17.08 26.60
N CYS A 2634 25.30 -17.34 25.94
CA CYS A 2634 26.47 -17.82 26.65
C CYS A 2634 26.98 -16.80 27.64
N GLN A 2635 26.64 -15.53 27.45
CA GLN A 2635 27.16 -14.47 28.32
C GLN A 2635 26.28 -14.26 29.54
N MET A 2636 25.03 -14.72 29.49
CA MET A 2636 24.12 -14.49 30.58
C MET A 2636 24.61 -15.16 31.86
N TYR A 2637 24.29 -14.56 32.99
CA TYR A 2637 24.58 -15.17 34.27
C TYR A 2637 24.05 -16.60 34.30
N LEU A 2638 24.68 -17.46 35.09
CA LEU A 2638 24.28 -18.86 35.09
C LEU A 2638 23.03 -19.08 35.93
N GLY A 2639 22.79 -18.21 36.92
CA GLY A 2639 21.52 -18.28 37.63
C GLY A 2639 20.35 -18.19 36.69
N TRP A 2640 20.48 -17.41 35.62
CA TRP A 2640 19.47 -17.36 34.58
C TRP A 2640 19.31 -18.71 33.90
N THR A 2641 20.23 -19.64 34.12
CA THR A 2641 20.25 -20.96 33.49
C THR A 2641 20.00 -20.82 31.99
N PRO A 2642 20.91 -20.20 31.26
CA PRO A 2642 20.73 -20.12 29.80
C PRO A 2642 20.83 -21.47 29.14
N TYR A 2643 21.50 -22.42 29.77
CA TYR A 2643 21.65 -23.75 29.16
C TYR A 2643 20.35 -24.53 29.24
N MET A 2644 19.64 -24.42 30.35
CA MET A 2644 18.37 -25.13 30.52
C MET A 2644 17.29 -24.52 29.65
N LEU B 1281 27.81 2.17 -43.49
CA LEU B 1281 26.38 1.93 -43.56
C LEU B 1281 25.64 3.25 -43.59
N GLN B 1282 26.23 4.26 -42.96
CA GLN B 1282 25.58 5.57 -42.93
C GLN B 1282 25.53 6.19 -44.30
N THR B 1283 26.54 5.94 -45.13
CA THR B 1283 26.45 6.42 -46.50
C THR B 1283 25.28 5.76 -47.21
N THR B 1284 25.14 4.44 -47.08
CA THR B 1284 24.00 3.76 -47.68
C THR B 1284 22.68 4.34 -47.19
N LEU B 1285 22.56 4.54 -45.87
CA LEU B 1285 21.29 5.01 -45.32
C LEU B 1285 20.96 6.41 -45.82
N GLN B 1286 21.97 7.26 -45.99
CA GLN B 1286 21.68 8.61 -46.47
C GLN B 1286 21.28 8.60 -47.94
N LEU B 1287 21.92 7.76 -48.75
CA LEU B 1287 21.47 7.62 -50.13
C LEU B 1287 20.03 7.13 -50.18
N SER B 1288 19.69 6.16 -49.35
CA SER B 1288 18.31 5.65 -49.32
C SER B 1288 17.34 6.71 -48.85
N MET B 1289 17.74 7.53 -47.88
CA MET B 1289 16.88 8.62 -47.46
C MET B 1289 16.63 9.60 -48.59
N LYS B 1290 17.65 9.87 -49.40
CA LYS B 1290 17.45 10.69 -50.59
C LYS B 1290 16.44 10.05 -51.52
N ALA B 1291 16.64 8.77 -51.84
CA ALA B 1291 15.75 8.11 -52.78
C ALA B 1291 14.31 8.15 -52.30
N ILE B 1292 14.05 7.64 -51.10
CA ILE B 1292 12.69 7.49 -50.59
C ILE B 1292 11.89 8.77 -50.79
N GLN B 1293 12.55 9.92 -50.68
CA GLN B 1293 11.82 11.18 -50.78
C GLN B 1293 11.70 11.64 -52.22
N HIS B 1294 12.21 10.85 -53.16
CA HIS B 1294 12.17 11.24 -54.56
C HIS B 1294 10.73 11.46 -55.02
N GLU B 1295 10.58 12.04 -56.22
CA GLU B 1295 9.26 12.48 -56.64
C GLU B 1295 8.44 11.33 -57.21
N ASN B 1296 8.94 10.64 -58.24
CA ASN B 1296 8.11 9.63 -58.91
C ASN B 1296 7.95 8.37 -58.06
N VAL B 1297 6.75 7.77 -58.13
CA VAL B 1297 6.43 6.70 -57.19
C VAL B 1297 7.35 5.51 -57.37
N ASP B 1298 7.78 5.24 -58.61
CA ASP B 1298 8.55 4.03 -58.88
C ASP B 1298 9.82 3.97 -58.05
N VAL B 1299 10.62 5.04 -58.07
CA VAL B 1299 11.87 5.01 -57.33
C VAL B 1299 11.62 5.07 -55.83
N ARG B 1300 10.55 5.75 -55.41
CA ARG B 1300 10.20 5.67 -54.00
C ARG B 1300 10.03 4.22 -53.58
N ILE B 1301 9.27 3.45 -54.34
CA ILE B 1301 8.98 2.07 -53.96
C ILE B 1301 10.23 1.21 -54.06
N HIS B 1302 11.03 1.41 -55.10
CA HIS B 1302 12.26 0.63 -55.21
C HIS B 1302 13.21 0.95 -54.06
N ALA B 1303 13.30 2.22 -53.67
CA ALA B 1303 14.17 2.61 -52.58
C ALA B 1303 13.67 2.06 -51.27
N LEU B 1304 12.36 2.03 -51.06
CA LEU B 1304 11.84 1.47 -49.83
C LEU B 1304 12.12 -0.02 -49.74
N THR B 1305 11.97 -0.75 -50.85
CA THR B 1305 12.28 -2.17 -50.81
C THR B 1305 13.76 -2.40 -50.52
N SER B 1306 14.63 -1.71 -51.25
CA SER B 1306 16.06 -1.82 -51.01
C SER B 1306 16.39 -1.48 -49.57
N LEU B 1307 15.74 -0.45 -49.03
CA LEU B 1307 16.03 -0.01 -47.67
C LEU B 1307 15.61 -1.04 -46.65
N LYS B 1308 14.42 -1.63 -46.81
CA LYS B 1308 13.99 -2.61 -45.82
C LYS B 1308 14.89 -3.83 -45.85
N GLU B 1309 15.37 -4.21 -47.04
CA GLU B 1309 16.29 -5.34 -47.06
C GLU B 1309 17.64 -4.95 -46.46
N THR B 1310 18.07 -3.72 -46.67
CA THR B 1310 19.30 -3.23 -46.04
C THR B 1310 19.18 -3.22 -44.53
N LEU B 1311 18.02 -2.81 -44.02
CA LEU B 1311 17.81 -2.75 -42.57
C LEU B 1311 17.78 -4.14 -41.98
N TYR B 1312 17.28 -5.12 -42.71
CA TYR B 1312 17.30 -6.47 -42.14
C TYR B 1312 18.70 -7.06 -42.18
N LYS B 1313 19.44 -6.84 -43.26
CA LYS B 1313 20.75 -7.49 -43.35
C LYS B 1313 21.79 -6.79 -42.49
N ASN B 1314 21.64 -5.47 -42.29
CA ASN B 1314 22.53 -4.70 -41.45
C ASN B 1314 22.02 -4.57 -40.03
N GLN B 1315 21.32 -5.60 -39.54
CA GLN B 1315 20.58 -5.47 -38.29
C GLN B 1315 21.48 -5.19 -37.11
N GLU B 1316 22.68 -5.78 -37.08
CA GLU B 1316 23.52 -5.62 -35.89
C GLU B 1316 24.07 -4.21 -35.78
N LYS B 1317 24.54 -3.64 -36.89
CA LYS B 1317 25.04 -2.26 -36.84
C LYS B 1317 23.92 -1.29 -36.50
N LEU B 1318 22.71 -1.56 -36.96
CA LEU B 1318 21.60 -0.68 -36.62
C LEU B 1318 21.22 -0.80 -35.16
N ILE B 1319 21.28 -2.02 -34.61
CA ILE B 1319 21.06 -2.16 -33.17
C ILE B 1319 22.11 -1.39 -32.40
N LYS B 1320 23.34 -1.40 -32.88
CA LYS B 1320 24.37 -0.62 -32.20
C LYS B 1320 24.06 0.87 -32.28
N TYR B 1321 23.77 1.37 -33.48
CA TYR B 1321 23.38 2.78 -33.60
C TYR B 1321 22.27 3.13 -32.63
N ALA B 1322 21.28 2.25 -32.49
CA ALA B 1322 20.12 2.60 -31.67
C ALA B 1322 20.43 2.56 -30.19
N THR B 1323 21.27 1.63 -29.75
CA THR B 1323 21.39 1.36 -28.32
C THR B 1323 22.76 1.64 -27.73
N ASP B 1324 23.70 2.23 -28.47
CA ASP B 1324 25.03 2.42 -27.92
C ASP B 1324 25.11 3.63 -26.99
N SER B 1325 24.29 4.66 -27.23
CA SER B 1325 24.32 5.85 -26.41
C SER B 1325 22.95 6.07 -25.78
N GLU B 1326 22.83 7.16 -25.04
CA GLU B 1326 21.53 7.50 -24.48
C GLU B 1326 20.53 7.84 -25.57
N THR B 1327 21.01 8.33 -26.71
CA THR B 1327 20.18 8.72 -27.82
C THR B 1327 20.66 8.04 -29.09
N VAL B 1328 19.73 7.70 -29.97
CA VAL B 1328 20.09 7.05 -31.22
C VAL B 1328 20.95 7.98 -32.06
N GLU B 1329 21.82 7.39 -32.85
CA GLU B 1329 22.68 8.19 -33.69
C GLU B 1329 21.84 9.03 -34.64
N PRO B 1330 22.31 10.20 -35.03
CA PRO B 1330 21.45 11.13 -35.78
C PRO B 1330 20.86 10.54 -37.05
N ILE B 1331 21.62 9.71 -37.76
CA ILE B 1331 21.09 9.12 -38.99
C ILE B 1331 19.81 8.36 -38.69
N ILE B 1332 19.74 7.70 -37.54
CA ILE B 1332 18.55 6.95 -37.19
C ILE B 1332 17.37 7.88 -36.94
N SER B 1333 17.63 9.04 -36.33
CA SER B 1333 16.56 10.00 -36.11
C SER B 1333 16.01 10.51 -37.43
N GLN B 1334 16.90 10.86 -38.36
CA GLN B 1334 16.44 11.34 -39.66
C GLN B 1334 15.68 10.26 -40.42
N LEU B 1335 16.18 9.03 -40.38
CA LEU B 1335 15.48 7.95 -41.05
C LEU B 1335 14.08 7.74 -40.47
N VAL B 1336 13.97 7.78 -39.15
CA VAL B 1336 12.65 7.60 -38.54
C VAL B 1336 11.70 8.71 -38.97
N THR B 1337 12.20 9.95 -39.00
CA THR B 1337 11.34 11.05 -39.45
C THR B 1337 10.90 10.86 -40.89
N VAL B 1338 11.83 10.46 -41.76
CA VAL B 1338 11.51 10.32 -43.17
C VAL B 1338 10.47 9.22 -43.37
N LEU B 1339 10.60 8.12 -42.65
CA LEU B 1339 9.63 7.03 -42.81
C LEU B 1339 8.27 7.42 -42.23
N LEU B 1340 8.27 8.10 -41.09
CA LEU B 1340 7.01 8.59 -40.56
C LEU B 1340 6.29 9.48 -41.55
N LYS B 1341 7.04 10.33 -42.26
CA LYS B 1341 6.39 11.17 -43.28
C LYS B 1341 5.95 10.34 -44.47
N GLY B 1342 6.79 9.40 -44.91
CA GLY B 1342 6.38 8.53 -45.99
C GLY B 1342 5.05 7.85 -45.71
N CYS B 1343 4.78 7.57 -44.44
CA CYS B 1343 3.46 7.05 -44.08
C CYS B 1343 2.34 7.96 -44.57
N GLN B 1344 2.66 9.21 -44.91
CA GLN B 1344 1.67 10.12 -45.46
C GLN B 1344 1.47 9.89 -46.95
N ASP B 1345 2.32 9.09 -47.56
CA ASP B 1345 2.27 8.88 -49.00
C ASP B 1345 0.87 8.48 -49.44
N ALA B 1346 0.57 8.76 -50.72
CA ALA B 1346 -0.74 8.38 -51.26
C ALA B 1346 -0.73 6.95 -51.75
N ASN B 1347 0.30 6.56 -52.50
CA ASN B 1347 0.41 5.19 -52.96
C ASN B 1347 0.39 4.23 -51.78
N SER B 1348 -0.54 3.28 -51.81
CA SER B 1348 -0.68 2.38 -50.66
C SER B 1348 0.52 1.46 -50.52
N GLN B 1349 1.20 1.15 -51.63
CA GLN B 1349 2.32 0.24 -51.53
C GLN B 1349 3.49 0.87 -50.82
N ALA B 1350 3.74 2.17 -51.03
CA ALA B 1350 4.81 2.84 -50.32
C ALA B 1350 4.49 2.98 -48.84
N ARG B 1351 3.24 3.35 -48.53
CA ARG B 1351 2.79 3.37 -47.15
C ARG B 1351 3.08 2.04 -46.48
N LEU B 1352 2.64 0.95 -47.08
CA LEU B 1352 2.93 -0.35 -46.49
C LEU B 1352 4.42 -0.59 -46.36
N LEU B 1353 5.20 -0.18 -47.36
CA LEU B 1353 6.60 -0.58 -47.41
C LEU B 1353 7.35 0.06 -46.29
N CYS B 1354 6.96 1.26 -45.90
CA CYS B 1354 7.72 1.85 -44.81
C CYS B 1354 6.99 1.74 -43.49
N GLY B 1355 5.74 1.27 -43.48
CA GLY B 1355 5.28 0.60 -42.26
C GLY B 1355 6.24 -0.53 -41.89
N GLU B 1356 6.55 -1.37 -42.87
CA GLU B 1356 7.58 -2.39 -42.67
C GLU B 1356 8.93 -1.76 -42.38
N CYS B 1357 9.26 -0.63 -43.03
CA CYS B 1357 10.50 0.08 -42.72
C CYS B 1357 10.62 0.33 -41.23
N LEU B 1358 9.62 0.97 -40.65
CA LEU B 1358 9.68 1.30 -39.25
C LEU B 1358 9.71 0.04 -38.42
N GLY B 1359 8.81 -0.90 -38.71
CA GLY B 1359 8.81 -2.13 -37.96
C GLY B 1359 10.16 -2.80 -37.94
N GLU B 1360 10.92 -2.67 -39.03
CA GLU B 1360 12.23 -3.30 -39.12
C GLU B 1360 13.27 -2.53 -38.32
N LEU B 1361 13.15 -1.20 -38.28
CA LEU B 1361 14.02 -0.44 -37.38
C LEU B 1361 13.81 -0.87 -35.94
N GLY B 1362 12.56 -1.11 -35.55
CA GLY B 1362 12.17 -1.36 -34.18
C GLY B 1362 11.28 -0.24 -33.71
N ALA B 1363 10.79 -0.37 -32.48
CA ALA B 1363 10.03 0.68 -31.83
C ALA B 1363 10.97 1.38 -30.87
N ILE B 1364 11.79 2.28 -31.41
CA ILE B 1364 12.79 2.93 -30.58
C ILE B 1364 12.10 3.92 -29.66
N ASP B 1365 12.40 3.81 -28.37
CA ASP B 1365 11.85 4.71 -27.39
C ASP B 1365 11.88 6.14 -27.92
N PRO B 1366 10.75 6.84 -27.95
CA PRO B 1366 10.77 8.21 -28.46
C PRO B 1366 11.71 9.11 -27.68
N GLY B 1367 12.16 8.67 -26.51
CA GLY B 1367 13.11 9.45 -25.75
C GLY B 1367 14.52 9.30 -26.27
N ARG B 1368 14.79 8.20 -26.96
CA ARG B 1368 16.10 8.03 -27.57
C ARG B 1368 16.20 8.79 -28.88
N LEU B 1369 15.07 9.01 -29.54
CA LEU B 1369 15.07 9.72 -30.81
C LEU B 1369 15.06 11.22 -30.57
N ASP B 1370 15.66 11.95 -31.50
CA ASP B 1370 15.77 13.39 -31.43
C ASP B 1370 15.05 14.02 -32.60
N PHE B 1371 13.89 14.61 -32.34
CA PHE B 1371 13.08 15.23 -33.39
C PHE B 1371 13.23 16.74 -33.29
N SER B 1372 14.23 17.28 -33.97
CA SER B 1372 14.27 18.69 -34.30
C SER B 1372 14.09 18.95 -35.78
N THR B 1373 14.29 17.94 -36.62
CA THR B 1373 13.89 18.02 -38.03
C THR B 1373 12.45 18.48 -38.15
N THR B 1374 11.61 18.17 -37.16
CA THR B 1374 10.17 18.21 -37.30
C THR B 1374 9.57 19.49 -36.71
N GLU B 1375 9.94 20.62 -37.34
CA GLU B 1375 9.14 21.83 -37.13
C GLU B 1375 7.91 21.80 -38.01
N THR B 1376 8.05 21.32 -39.25
CA THR B 1376 6.98 20.99 -40.19
C THR B 1376 5.91 22.07 -40.28
N GLN B 1377 6.25 23.33 -40.00
CA GLN B 1377 5.34 24.45 -40.19
C GLN B 1377 5.60 25.02 -41.58
N GLY B 1378 4.87 24.51 -42.57
CA GLY B 1378 5.05 24.90 -43.95
C GLY B 1378 4.13 25.99 -44.44
N LYS B 1379 3.30 26.55 -43.58
CA LYS B 1379 2.33 27.57 -43.96
C LYS B 1379 2.44 28.77 -43.04
N ASP B 1380 2.54 29.96 -43.63
CA ASP B 1380 2.51 31.23 -42.92
C ASP B 1380 1.69 32.22 -43.71
N PHE B 1381 1.04 33.14 -43.00
CA PHE B 1381 0.23 34.16 -43.66
C PHE B 1381 -0.79 33.53 -44.61
N THR B 1382 -1.16 32.28 -44.30
CA THR B 1382 -2.04 31.53 -45.20
C THR B 1382 -3.35 32.28 -45.43
N PHE B 1383 -3.79 33.06 -44.43
CA PHE B 1383 -5.03 33.80 -44.59
C PHE B 1383 -4.94 34.76 -45.76
N VAL B 1384 -6.07 34.96 -46.44
CA VAL B 1384 -6.16 35.81 -47.61
C VAL B 1384 -7.23 36.87 -47.35
N THR B 1385 -6.97 38.09 -47.83
CA THR B 1385 -7.86 39.21 -47.51
C THR B 1385 -9.18 39.11 -48.25
N GLY B 1386 -9.15 38.71 -49.51
CA GLY B 1386 -10.38 38.60 -50.27
C GLY B 1386 -10.07 38.51 -51.76
N VAL B 1387 -11.06 38.94 -52.55
CA VAL B 1387 -10.91 38.91 -54.00
C VAL B 1387 -9.79 39.83 -54.45
N GLU B 1388 -9.50 40.87 -53.67
CA GLU B 1388 -8.53 41.87 -54.08
C GLU B 1388 -7.17 41.24 -54.35
N ASP B 1389 -6.60 40.57 -53.35
CA ASP B 1389 -5.23 40.07 -53.48
C ASP B 1389 -5.12 39.11 -54.66
N SER B 1390 -4.20 39.42 -55.57
CA SER B 1390 -3.99 38.55 -56.73
C SER B 1390 -3.48 37.18 -56.31
N SER B 1391 -2.92 37.07 -55.10
CA SER B 1391 -2.65 35.75 -54.55
C SER B 1391 -3.94 34.92 -54.53
N PHE B 1392 -5.03 35.52 -54.05
CA PHE B 1392 -6.32 34.85 -53.97
C PHE B 1392 -6.84 34.45 -55.35
N ALA B 1393 -7.04 35.43 -56.23
CA ALA B 1393 -7.52 35.15 -57.57
C ALA B 1393 -6.61 34.14 -58.27
N TYR B 1394 -5.32 34.14 -57.93
CA TYR B 1394 -4.40 33.21 -58.57
C TYR B 1394 -4.58 31.80 -58.03
N GLY B 1395 -4.89 31.68 -56.74
CA GLY B 1395 -5.34 30.40 -56.24
C GLY B 1395 -6.54 29.88 -57.01
N LEU B 1396 -7.51 30.77 -57.25
CA LEU B 1396 -8.65 30.38 -58.09
C LEU B 1396 -8.17 29.96 -59.48
N LEU B 1397 -7.22 30.70 -60.02
CA LEU B 1397 -6.60 30.37 -61.30
C LEU B 1397 -6.18 28.90 -61.31
N MET B 1398 -5.28 28.54 -60.40
CA MET B 1398 -4.76 27.18 -60.37
C MET B 1398 -5.88 26.17 -60.16
N GLU B 1399 -6.86 26.51 -59.31
CA GLU B 1399 -8.00 25.62 -59.11
C GLU B 1399 -8.66 25.28 -60.44
N LEU B 1400 -9.07 26.31 -61.19
CA LEU B 1400 -9.82 26.07 -62.42
C LEU B 1400 -8.96 25.41 -63.48
N THR B 1401 -7.66 25.70 -63.50
CA THR B 1401 -6.79 25.09 -64.51
C THR B 1401 -6.59 23.61 -64.22
N ARG B 1402 -6.30 23.28 -62.97
CA ARG B 1402 -6.21 21.87 -62.59
C ARG B 1402 -7.55 21.18 -62.76
N ALA B 1403 -8.65 21.93 -62.74
CA ALA B 1403 -9.94 21.34 -63.06
C ALA B 1403 -10.03 21.00 -64.54
N TYR B 1404 -9.72 21.97 -65.41
CA TYR B 1404 -9.71 21.71 -66.84
C TYR B 1404 -8.92 20.46 -67.16
N LEU B 1405 -7.70 20.35 -66.64
CA LEU B 1405 -6.87 19.21 -66.99
C LEU B 1405 -7.20 17.97 -66.16
N ALA B 1406 -7.97 18.15 -65.08
CA ALA B 1406 -8.24 17.04 -64.18
C ALA B 1406 -9.24 16.06 -64.79
N TYR B 1407 -10.21 16.58 -65.54
CA TYR B 1407 -11.20 15.75 -66.20
C TYR B 1407 -11.25 16.11 -67.68
N ALA B 1408 -10.89 15.15 -68.53
CA ALA B 1408 -11.35 15.15 -69.91
C ALA B 1408 -12.75 14.58 -70.01
N ASP B 1409 -13.40 14.34 -68.87
CA ASP B 1409 -14.74 13.78 -68.86
C ASP B 1409 -15.70 14.60 -69.71
N ASN B 1410 -15.84 15.88 -69.41
CA ASN B 1410 -16.82 16.74 -70.05
C ASN B 1410 -16.12 17.80 -70.88
N SER B 1411 -16.43 17.84 -72.17
CA SER B 1411 -16.10 19.00 -72.97
C SER B 1411 -16.75 20.25 -72.40
N ARG B 1412 -17.97 20.11 -71.87
CA ARG B 1412 -18.64 21.23 -71.23
C ARG B 1412 -17.81 21.82 -70.10
N ALA B 1413 -17.29 20.96 -69.22
CA ALA B 1413 -16.60 21.46 -68.03
C ALA B 1413 -15.20 21.95 -68.37
N GLN B 1414 -14.51 21.27 -69.29
CA GLN B 1414 -13.25 21.80 -69.77
C GLN B 1414 -13.46 23.16 -70.41
N ASP B 1415 -14.52 23.32 -71.20
CA ASP B 1415 -14.84 24.62 -71.76
C ASP B 1415 -15.14 25.62 -70.66
N SER B 1416 -15.72 25.16 -69.54
CA SER B 1416 -15.96 26.05 -68.41
C SER B 1416 -14.64 26.56 -67.84
N ALA B 1417 -13.68 25.65 -67.66
CA ALA B 1417 -12.35 26.07 -67.23
C ALA B 1417 -11.72 27.02 -68.24
N ALA B 1418 -11.81 26.72 -69.53
CA ALA B 1418 -11.25 27.63 -70.51
C ALA B 1418 -11.91 28.98 -70.37
N TYR B 1419 -13.24 28.98 -70.26
CA TYR B 1419 -14.03 30.18 -70.05
C TYR B 1419 -13.50 30.99 -68.89
N ALA B 1420 -13.40 30.38 -67.71
CA ALA B 1420 -12.94 31.09 -66.52
C ALA B 1420 -11.50 31.57 -66.67
N ILE B 1421 -10.69 30.84 -67.44
CA ILE B 1421 -9.32 31.30 -67.68
C ILE B 1421 -9.35 32.60 -68.48
N GLN B 1422 -10.20 32.66 -69.51
CA GLN B 1422 -10.38 33.92 -70.23
C GLN B 1422 -11.00 34.99 -69.34
N GLU B 1423 -11.88 34.59 -68.42
CA GLU B 1423 -12.62 35.56 -67.62
C GLU B 1423 -11.77 36.11 -66.48
N LEU B 1424 -10.73 35.38 -66.09
CA LEU B 1424 -9.77 35.91 -65.11
C LEU B 1424 -9.06 37.12 -65.69
N LEU B 1425 -8.65 37.05 -66.95
CA LEU B 1425 -8.02 38.20 -67.58
C LEU B 1425 -9.07 39.23 -67.95
N SER B 1426 -10.31 38.78 -68.16
CA SER B 1426 -11.47 39.65 -68.08
C SER B 1426 -11.44 40.48 -66.81
N ILE B 1427 -11.05 39.86 -65.69
CA ILE B 1427 -11.18 40.51 -64.40
C ILE B 1427 -9.98 41.42 -64.14
N TYR B 1428 -8.77 40.94 -64.43
CA TYR B 1428 -7.56 41.70 -64.19
C TYR B 1428 -6.52 41.34 -65.26
N ASP B 1429 -5.59 42.26 -65.50
CA ASP B 1429 -4.66 42.17 -66.62
C ASP B 1429 -3.96 40.81 -66.64
N CYS B 1430 -3.56 40.37 -67.84
CA CYS B 1430 -2.62 39.25 -67.91
C CYS B 1430 -1.18 39.74 -67.87
N HIS B 1440 1.64 41.09 -66.88
CA HIS B 1440 2.35 41.65 -65.74
C HIS B 1440 3.25 40.52 -65.29
N GLN B 1441 3.78 40.60 -64.08
CA GLN B 1441 4.31 39.42 -63.42
C GLN B 1441 3.21 38.47 -63.00
N LEU B 1442 1.94 38.88 -63.16
CA LEU B 1442 0.80 38.15 -62.60
C LEU B 1442 0.68 36.74 -63.18
N TRP B 1443 1.02 36.57 -64.46
CA TRP B 1443 1.00 35.23 -65.10
C TRP B 1443 2.29 34.52 -64.71
N ARG B 1444 3.39 35.27 -64.58
CA ARG B 1444 4.72 34.70 -64.24
C ARG B 1444 4.64 34.06 -62.85
N ARG B 1445 3.92 34.69 -61.93
CA ARG B 1445 3.82 34.20 -60.53
C ARG B 1445 3.15 32.81 -60.57
N PHE B 1446 2.15 32.64 -61.43
CA PHE B 1446 1.50 31.30 -61.59
C PHE B 1446 2.57 30.32 -61.97
N PRO B 1447 2.54 29.04 -61.52
CA PRO B 1447 3.64 28.16 -61.91
C PRO B 1447 3.80 28.15 -63.41
N GLU B 1448 5.02 28.46 -63.87
CA GLU B 1448 5.24 28.73 -65.28
C GLU B 1448 4.86 27.53 -66.16
N HIS B 1449 4.69 26.35 -65.56
CA HIS B 1449 4.03 25.25 -66.27
C HIS B 1449 2.52 25.39 -66.16
N VAL B 1450 2.03 25.77 -64.98
CA VAL B 1450 0.68 26.29 -64.88
C VAL B 1450 0.52 27.45 -65.85
N ARG B 1451 1.62 28.15 -66.17
CA ARG B 1451 1.57 29.16 -67.22
C ARG B 1451 1.52 28.52 -68.61
N GLU B 1452 2.24 27.42 -68.79
CA GLU B 1452 2.17 26.69 -70.05
C GLU B 1452 0.73 26.38 -70.41
N ILE B 1453 0.01 25.73 -69.51
CA ILE B 1453 -1.41 25.49 -69.77
C ILE B 1453 -2.24 26.75 -69.49
N LEU B 1454 -1.61 27.76 -68.87
CA LEU B 1454 -2.24 29.07 -68.71
C LEU B 1454 -2.62 29.64 -70.05
N GLU B 1455 -1.64 29.76 -70.94
CA GLU B 1455 -1.83 30.60 -72.11
C GLU B 1455 -2.96 30.15 -73.02
N PRO B 1456 -2.92 28.96 -73.64
CA PRO B 1456 -3.98 28.63 -74.63
C PRO B 1456 -5.36 29.04 -74.18
N HIS B 1457 -5.61 29.07 -72.87
CA HIS B 1457 -6.86 29.60 -72.38
C HIS B 1457 -6.70 31.03 -71.90
N LEU B 1458 -5.50 31.61 -72.06
CA LEU B 1458 -5.25 32.94 -71.52
C LEU B 1458 -6.18 33.98 -72.14
N ASN B 1459 -6.15 34.07 -73.47
CA ASN B 1459 -6.98 35.00 -74.23
C ASN B 1459 -7.90 34.28 -75.20
N THR B 1460 -8.12 32.98 -74.97
CA THR B 1460 -8.86 32.10 -75.91
C THR B 1460 -10.23 32.64 -76.22
N ARG B 1461 -11.07 32.82 -75.20
CA ARG B 1461 -12.47 33.29 -75.36
C ARG B 1461 -13.38 32.09 -75.67
N TYR B 1462 -14.58 32.05 -75.08
CA TYR B 1462 -15.57 31.01 -75.27
C TYR B 1462 -16.88 31.47 -74.67
N LYS B 1463 -17.97 30.94 -75.21
CA LYS B 1463 -19.28 31.37 -74.74
C LYS B 1463 -19.84 30.36 -73.75
N SER B 1464 -20.69 30.86 -72.86
CA SER B 1464 -20.94 30.20 -71.57
C SER B 1464 -21.00 28.69 -71.70
N SER B 1465 -20.32 28.01 -70.79
CA SER B 1465 -20.25 26.55 -70.85
C SER B 1465 -21.63 25.92 -70.64
N GLN B 1466 -22.43 26.47 -69.74
CA GLN B 1466 -23.72 25.88 -69.39
C GLN B 1466 -24.80 26.93 -69.49
N LYS B 1467 -26.04 26.45 -69.62
CA LYS B 1467 -27.19 27.33 -69.63
C LYS B 1467 -27.45 27.87 -68.23
N SER B 1468 -27.87 29.14 -68.17
CA SER B 1468 -27.97 29.83 -66.90
C SER B 1468 -29.02 29.19 -65.99
N THR B 1469 -28.66 29.02 -64.72
CA THR B 1469 -29.58 28.58 -63.69
C THR B 1469 -29.91 29.76 -62.78
N ASP B 1470 -31.09 29.70 -62.17
CA ASP B 1470 -31.55 30.75 -61.27
C ASP B 1470 -31.79 30.13 -59.90
N TRP B 1471 -31.23 30.77 -58.86
CA TRP B 1471 -31.08 30.09 -57.57
C TRP B 1471 -32.22 30.42 -56.62
N SER B 1472 -33.01 31.46 -56.92
CA SER B 1472 -34.22 31.67 -56.14
C SER B 1472 -35.22 30.55 -56.38
N GLY B 1473 -35.23 29.97 -57.59
CA GLY B 1473 -36.00 28.76 -57.81
C GLY B 1473 -35.55 27.63 -56.90
N VAL B 1474 -34.25 27.60 -56.58
CA VAL B 1474 -33.76 26.75 -55.52
C VAL B 1474 -34.54 27.04 -54.24
N LYS B 1475 -34.80 25.99 -53.45
CA LYS B 1475 -35.67 26.14 -52.29
C LYS B 1475 -34.84 26.31 -51.02
N LYS B 1476 -35.53 26.34 -49.88
CA LYS B 1476 -34.97 26.95 -48.67
C LYS B 1476 -33.62 26.38 -48.26
N PRO B 1477 -33.52 25.18 -47.64
CA PRO B 1477 -32.21 24.56 -47.48
C PRO B 1477 -31.99 23.60 -48.63
N ILE B 1478 -30.91 23.76 -49.36
CA ILE B 1478 -30.61 22.77 -50.38
C ILE B 1478 -30.45 21.41 -49.72
N TYR B 1479 -30.06 21.40 -48.45
CA TYR B 1479 -30.09 20.19 -47.64
C TYR B 1479 -31.51 19.72 -47.39
N LEU B 1480 -31.67 18.40 -47.31
CA LEU B 1480 -32.98 17.79 -47.11
C LEU B 1480 -33.96 18.22 -48.20
N SER B 1481 -33.41 18.45 -49.38
CA SER B 1481 -34.20 18.63 -50.58
C SER B 1481 -33.33 18.22 -51.75
N LYS B 1482 -33.97 17.98 -52.89
CA LYS B 1482 -33.33 17.23 -53.96
C LYS B 1482 -32.04 17.89 -54.41
N LEU B 1483 -31.87 19.18 -54.11
CA LEU B 1483 -30.63 19.86 -54.50
C LEU B 1483 -29.48 19.49 -53.57
N GLY B 1484 -29.79 19.10 -52.34
CA GLY B 1484 -28.79 18.74 -51.36
C GLY B 1484 -28.86 17.32 -50.83
N SER B 1485 -29.23 16.34 -51.67
CA SER B 1485 -29.05 14.94 -51.30
C SER B 1485 -27.63 14.67 -50.88
N ASN B 1486 -26.68 14.82 -51.81
CA ASN B 1486 -25.27 14.64 -51.51
C ASN B 1486 -24.62 15.97 -51.14
N PHE B 1487 -23.28 15.98 -51.14
CA PHE B 1487 -22.55 17.16 -50.69
C PHE B 1487 -22.35 18.19 -51.80
N ALA B 1488 -21.68 17.80 -52.90
CA ALA B 1488 -21.25 18.77 -53.90
C ALA B 1488 -22.43 19.50 -54.51
N GLU B 1489 -23.50 18.76 -54.84
CA GLU B 1489 -24.73 19.40 -55.28
C GLU B 1489 -25.15 20.50 -54.32
N TRP B 1490 -25.14 20.22 -53.01
CA TRP B 1490 -25.55 21.21 -52.02
C TRP B 1490 -24.60 22.41 -52.02
N SER B 1491 -23.29 22.13 -52.05
CA SER B 1491 -22.32 23.22 -52.07
C SER B 1491 -22.56 24.14 -53.25
N ALA B 1492 -22.78 23.57 -54.44
CA ALA B 1492 -23.00 24.39 -55.63
C ALA B 1492 -24.32 25.14 -55.55
N SER B 1493 -25.38 24.47 -55.10
CA SER B 1493 -26.67 25.14 -54.98
C SER B 1493 -26.57 26.35 -54.06
N TRP B 1494 -26.07 26.12 -52.84
CA TRP B 1494 -25.91 27.19 -51.86
C TRP B 1494 -24.99 28.29 -52.38
N ALA B 1495 -23.90 27.91 -53.05
CA ALA B 1495 -22.98 28.91 -53.58
C ALA B 1495 -23.67 29.78 -54.63
N GLY B 1496 -24.49 29.16 -55.48
CA GLY B 1496 -25.23 29.95 -56.46
C GLY B 1496 -26.21 30.90 -55.80
N TYR B 1497 -26.99 30.39 -54.85
CA TYR B 1497 -27.91 31.26 -54.13
C TYR B 1497 -27.19 32.44 -53.52
N LEU B 1498 -26.01 32.19 -52.92
CA LEU B 1498 -25.28 33.27 -52.27
C LEU B 1498 -24.75 34.27 -53.30
N ILE B 1499 -24.03 33.79 -54.32
CA ILE B 1499 -23.53 34.69 -55.34
C ILE B 1499 -24.66 35.57 -55.86
N THR B 1500 -25.86 34.99 -55.97
CA THR B 1500 -27.03 35.80 -56.31
C THR B 1500 -27.29 36.84 -55.22
N LYS B 1501 -27.13 36.46 -53.96
CA LYS B 1501 -27.43 37.39 -52.87
C LYS B 1501 -26.38 38.49 -52.76
N VAL B 1502 -25.17 38.26 -53.28
CA VAL B 1502 -24.11 39.23 -53.14
C VAL B 1502 -24.44 40.50 -53.91
N ARG B 1503 -24.17 41.66 -53.28
CA ARG B 1503 -24.41 42.96 -53.89
C ARG B 1503 -23.14 43.61 -54.42
N HIS B 1504 -22.01 42.90 -54.39
CA HIS B 1504 -20.72 43.44 -54.82
C HIS B 1504 -20.39 42.85 -56.20
N ASP B 1505 -20.06 43.71 -57.16
CA ASP B 1505 -20.25 43.30 -58.55
C ASP B 1505 -18.96 42.80 -59.21
N LEU B 1506 -17.78 43.19 -58.71
CA LEU B 1506 -16.57 42.58 -59.27
C LEU B 1506 -16.27 41.26 -58.58
N ALA B 1507 -16.55 41.17 -57.29
CA ALA B 1507 -16.62 39.85 -56.67
C ALA B 1507 -17.74 39.03 -57.30
N SER B 1508 -18.84 39.68 -57.65
CA SER B 1508 -19.89 39.00 -58.40
C SER B 1508 -19.37 38.52 -59.75
N LYS B 1509 -18.47 39.28 -60.35
CA LYS B 1509 -17.87 38.87 -61.61
C LYS B 1509 -17.02 37.63 -61.43
N ILE B 1510 -16.16 37.64 -60.40
CA ILE B 1510 -15.40 36.44 -60.04
C ILE B 1510 -16.33 35.24 -59.94
N PHE B 1511 -17.40 35.38 -59.13
CA PHE B 1511 -18.26 34.25 -58.84
C PHE B 1511 -18.99 33.77 -60.09
N THR B 1512 -19.45 34.71 -60.92
CA THR B 1512 -20.13 34.33 -62.15
C THR B 1512 -19.17 33.62 -63.11
N CYS B 1513 -17.93 34.12 -63.19
CA CYS B 1513 -16.93 33.46 -64.02
C CYS B 1513 -16.75 32.02 -63.61
N CYS B 1514 -16.69 31.75 -62.30
CA CYS B 1514 -16.37 30.39 -61.87
C CYS B 1514 -17.61 29.56 -61.51
N SER B 1515 -18.82 30.13 -61.61
CA SER B 1515 -20.03 29.41 -61.23
C SER B 1515 -20.25 28.18 -62.11
N ILE B 1516 -19.89 28.26 -63.38
CA ILE B 1516 -20.01 27.09 -64.26
C ILE B 1516 -19.23 25.92 -63.70
N MET B 1517 -17.98 26.16 -63.29
CA MET B 1517 -17.13 25.06 -62.86
C MET B 1517 -17.49 24.58 -61.46
N MET B 1518 -17.88 25.51 -60.57
CA MET B 1518 -18.32 25.10 -59.24
C MET B 1518 -19.27 23.91 -59.30
N LYS B 1519 -20.27 23.98 -60.17
CA LYS B 1519 -21.30 22.95 -60.19
C LYS B 1519 -20.71 21.59 -60.55
N HIS B 1520 -19.56 21.59 -61.24
CA HIS B 1520 -18.99 20.33 -61.69
C HIS B 1520 -17.97 19.80 -60.69
N ASP B 1521 -17.20 20.69 -60.05
CA ASP B 1521 -16.05 20.31 -59.25
C ASP B 1521 -16.28 20.62 -57.79
N PHE B 1522 -16.01 19.63 -56.92
CA PHE B 1522 -16.03 19.87 -55.48
C PHE B 1522 -15.02 20.94 -55.10
N LYS B 1523 -13.74 20.72 -55.44
CA LYS B 1523 -12.67 21.51 -54.89
C LYS B 1523 -12.85 23.00 -55.15
N VAL B 1524 -13.26 23.35 -56.37
CA VAL B 1524 -13.40 24.78 -56.68
C VAL B 1524 -14.44 25.41 -55.78
N THR B 1525 -15.64 24.82 -55.69
CA THR B 1525 -16.70 25.42 -54.90
C THR B 1525 -16.33 25.46 -53.42
N ILE B 1526 -15.61 24.44 -52.95
CA ILE B 1526 -15.10 24.47 -51.59
C ILE B 1526 -14.22 25.70 -51.39
N TYR B 1527 -13.32 25.96 -52.35
CA TYR B 1527 -12.49 27.16 -52.29
C TYR B 1527 -13.34 28.43 -52.41
N LEU B 1528 -14.50 28.32 -53.05
CA LEU B 1528 -15.34 29.49 -53.30
C LEU B 1528 -16.05 29.96 -52.03
N LEU B 1529 -16.63 29.01 -51.30
CA LEU B 1529 -17.57 29.37 -50.24
C LEU B 1529 -17.01 30.33 -49.19
N PRO B 1530 -15.79 30.14 -48.69
CA PRO B 1530 -15.29 31.07 -47.65
C PRO B 1530 -15.41 32.54 -48.02
N HIS B 1531 -14.97 32.93 -49.21
CA HIS B 1531 -15.01 34.35 -49.57
C HIS B 1531 -16.41 34.76 -50.03
N ILE B 1532 -17.13 33.83 -50.66
CA ILE B 1532 -18.51 34.12 -51.03
C ILE B 1532 -19.29 34.57 -49.82
N LEU B 1533 -19.15 33.85 -48.70
CA LEU B 1533 -19.87 34.24 -47.49
C LEU B 1533 -19.42 35.60 -47.00
N VAL B 1534 -18.12 35.86 -47.04
CA VAL B 1534 -17.61 37.16 -46.59
C VAL B 1534 -18.27 38.27 -47.38
N TYR B 1535 -18.29 38.15 -48.70
CA TYR B 1535 -18.80 39.24 -49.53
C TYR B 1535 -20.31 39.38 -49.37
N VAL B 1536 -21.02 38.26 -49.23
CA VAL B 1536 -22.43 38.35 -48.90
C VAL B 1536 -22.62 39.16 -47.63
N LEU B 1537 -21.75 38.95 -46.63
CA LEU B 1537 -21.97 39.58 -45.33
C LEU B 1537 -21.59 41.06 -45.37
N LEU B 1538 -20.61 41.43 -46.20
CA LEU B 1538 -20.23 42.84 -46.29
C LEU B 1538 -21.44 43.72 -46.58
N GLY B 1539 -22.33 43.28 -47.47
CA GLY B 1539 -23.57 43.98 -47.72
C GLY B 1539 -24.67 43.07 -48.21
N CYS B 1540 -25.81 43.09 -47.54
CA CYS B 1540 -26.96 42.29 -47.95
C CYS B 1540 -28.11 42.53 -46.99
N ASN B 1541 -29.31 42.19 -47.44
CA ASN B 1541 -30.49 42.34 -46.61
C ASN B 1541 -30.42 41.40 -45.41
N GLN B 1542 -31.01 41.84 -44.30
CA GLN B 1542 -30.81 41.14 -43.03
C GLN B 1542 -31.61 39.84 -42.98
N GLU B 1543 -32.70 39.75 -43.75
CA GLU B 1543 -33.40 38.47 -43.79
C GLU B 1543 -32.66 37.47 -44.67
N ASP B 1544 -31.89 37.95 -45.64
CA ASP B 1544 -31.00 37.05 -46.36
C ASP B 1544 -29.95 36.46 -45.42
N GLN B 1545 -29.40 37.29 -44.53
CA GLN B 1545 -28.43 36.76 -43.57
C GLN B 1545 -29.11 35.84 -42.57
N GLN B 1546 -30.37 36.12 -42.23
CA GLN B 1546 -31.11 35.16 -41.43
C GLN B 1546 -31.25 33.83 -42.15
N GLU B 1547 -31.40 33.88 -43.47
CA GLU B 1547 -31.49 32.65 -44.25
C GLU B 1547 -30.16 31.90 -44.26
N VAL B 1548 -29.05 32.63 -44.42
CA VAL B 1548 -27.74 31.96 -44.39
C VAL B 1548 -27.49 31.33 -43.04
N TYR B 1549 -27.83 32.06 -41.97
CA TYR B 1549 -27.77 31.48 -40.64
C TYR B 1549 -28.62 30.22 -40.54
N ALA B 1550 -29.82 30.25 -41.11
CA ALA B 1550 -30.68 29.08 -41.09
C ALA B 1550 -30.00 27.90 -41.77
N GLU B 1551 -29.34 28.15 -42.89
CA GLU B 1551 -28.70 27.04 -43.60
C GLU B 1551 -27.57 26.44 -42.78
N ILE B 1552 -26.69 27.29 -42.25
CA ILE B 1552 -25.55 26.77 -41.50
C ILE B 1552 -26.01 26.06 -40.22
N MET B 1553 -26.99 26.65 -39.52
CA MET B 1553 -27.59 25.96 -38.39
C MET B 1553 -28.16 24.61 -38.80
N ALA B 1554 -28.83 24.55 -39.94
CA ALA B 1554 -29.36 23.29 -40.43
C ALA B 1554 -28.24 22.26 -40.53
N VAL B 1555 -27.12 22.64 -41.13
CA VAL B 1555 -25.98 21.73 -41.16
C VAL B 1555 -25.60 21.29 -39.75
N LEU B 1556 -25.35 22.24 -38.86
CA LEU B 1556 -24.83 21.90 -37.53
C LEU B 1556 -25.86 21.15 -36.69
N LYS B 1557 -27.11 21.64 -36.66
CA LYS B 1557 -28.14 20.95 -35.89
C LYS B 1557 -28.40 19.56 -36.44
N HIS B 1558 -28.27 19.39 -37.75
CA HIS B 1558 -28.50 18.08 -38.36
C HIS B 1558 -27.45 17.08 -37.90
N ASP B 1559 -27.91 15.88 -37.57
CA ASP B 1559 -27.02 14.80 -37.13
C ASP B 1559 -27.25 13.57 -38.01
N ASP B 1560 -26.15 12.93 -38.44
CA ASP B 1560 -26.25 11.73 -39.26
C ASP B 1560 -27.14 10.68 -38.62
N GLN B 1561 -26.80 10.27 -37.39
CA GLN B 1561 -27.61 9.26 -36.70
C GLN B 1561 -28.98 9.80 -36.32
N HIS B 1562 -29.04 11.11 -36.04
CA HIS B 1562 -30.30 11.71 -35.61
C HIS B 1562 -31.32 11.76 -36.74
N THR B 1563 -30.86 11.98 -37.97
CA THR B 1563 -31.75 12.28 -39.07
C THR B 1563 -32.49 11.03 -39.57
N ILE B 1564 -33.61 11.27 -40.24
CA ILE B 1564 -34.30 10.27 -41.06
C ILE B 1564 -33.92 10.56 -42.51
N ASN B 1565 -33.38 9.56 -43.20
CA ASN B 1565 -32.68 9.92 -44.42
C ASN B 1565 -32.15 8.66 -45.09
N THR B 1566 -31.87 8.79 -46.40
CA THR B 1566 -31.03 7.82 -47.09
C THR B 1566 -29.58 8.04 -46.65
N GLN B 1567 -29.08 7.16 -45.79
CA GLN B 1567 -28.15 7.59 -44.75
C GLN B 1567 -26.79 7.99 -45.31
N ASP B 1568 -26.17 7.16 -46.16
CA ASP B 1568 -24.83 7.50 -46.59
C ASP B 1568 -24.85 8.51 -47.74
N ILE B 1569 -25.90 8.48 -48.55
CA ILE B 1569 -26.22 9.65 -49.37
C ILE B 1569 -26.34 10.88 -48.48
N ALA B 1570 -26.55 10.66 -47.17
CA ALA B 1570 -26.64 11.81 -46.28
C ALA B 1570 -25.35 12.05 -45.50
N SER B 1571 -24.79 11.01 -44.86
CA SER B 1571 -23.78 11.26 -43.82
C SER B 1571 -22.41 11.53 -44.40
N ASP B 1572 -22.12 11.08 -45.61
CA ASP B 1572 -20.97 11.62 -46.32
C ASP B 1572 -21.20 13.09 -46.60
N LEU B 1573 -22.40 13.38 -47.08
CA LEU B 1573 -22.87 14.74 -47.24
C LEU B 1573 -22.72 15.52 -45.93
N CYS B 1574 -23.32 15.02 -44.85
CA CYS B 1574 -23.28 15.74 -43.57
C CYS B 1574 -21.86 15.92 -43.09
N GLN B 1575 -21.02 14.90 -43.27
CA GLN B 1575 -19.63 15.04 -42.87
C GLN B 1575 -19.01 16.24 -43.55
N LEU B 1576 -18.94 16.23 -44.89
CA LEU B 1576 -18.24 17.33 -45.57
C LEU B 1576 -18.99 18.65 -45.39
N SER B 1577 -20.29 18.57 -45.14
CA SER B 1577 -21.10 19.73 -44.83
C SER B 1577 -20.56 20.44 -43.60
N THR B 1578 -20.56 19.74 -42.47
CA THR B 1578 -20.00 20.32 -41.26
C THR B 1578 -18.57 20.79 -41.49
N GLN B 1579 -17.79 20.02 -42.24
CA GLN B 1579 -16.38 20.35 -42.39
C GLN B 1579 -16.20 21.71 -43.05
N THR B 1580 -16.86 21.94 -44.19
CA THR B 1580 -16.64 23.21 -44.88
C THR B 1580 -17.52 24.32 -44.32
N VAL B 1581 -18.55 23.98 -43.55
CA VAL B 1581 -19.18 25.01 -42.75
C VAL B 1581 -18.17 25.59 -41.78
N PHE B 1582 -17.37 24.71 -41.18
CA PHE B 1582 -16.24 25.16 -40.37
C PHE B 1582 -15.23 25.93 -41.21
N SER B 1583 -14.95 25.44 -42.41
CA SER B 1583 -14.10 26.18 -43.32
C SER B 1583 -14.52 27.64 -43.41
N MET B 1584 -15.76 27.87 -43.87
CA MET B 1584 -16.28 29.23 -44.01
C MET B 1584 -16.20 30.01 -42.69
N LEU B 1585 -16.60 29.39 -41.59
CA LEU B 1585 -16.66 30.13 -40.34
C LEU B 1585 -15.28 30.55 -39.89
N ASP B 1586 -14.29 29.69 -40.07
CA ASP B 1586 -12.93 30.06 -39.70
C ASP B 1586 -12.40 31.19 -40.57
N HIS B 1587 -12.69 31.13 -41.87
CA HIS B 1587 -12.27 32.25 -42.71
C HIS B 1587 -12.88 33.55 -42.23
N LEU B 1588 -14.19 33.53 -41.93
CA LEU B 1588 -14.84 34.70 -41.37
C LEU B 1588 -14.12 35.22 -40.14
N THR B 1589 -13.83 34.32 -39.20
CA THR B 1589 -13.22 34.73 -37.93
C THR B 1589 -11.87 35.41 -38.15
N GLN B 1590 -11.03 34.83 -39.01
CA GLN B 1590 -9.71 35.43 -39.18
C GLN B 1590 -9.78 36.73 -39.98
N TRP B 1591 -10.69 36.79 -40.95
CA TRP B 1591 -10.93 38.06 -41.62
C TRP B 1591 -11.25 39.14 -40.61
N ALA B 1592 -12.16 38.85 -39.68
CA ALA B 1592 -12.47 39.82 -38.63
C ALA B 1592 -11.23 40.17 -37.82
N ARG B 1593 -10.49 39.17 -37.34
CA ARG B 1593 -9.32 39.50 -36.54
C ARG B 1593 -8.42 40.48 -37.28
N HIS B 1594 -8.11 40.20 -38.54
CA HIS B 1594 -7.10 40.99 -39.22
C HIS B 1594 -7.64 42.36 -39.61
N LYS B 1595 -8.95 42.52 -39.78
CA LYS B 1595 -9.42 43.86 -40.11
C LYS B 1595 -9.63 44.72 -38.86
N PHE B 1596 -9.89 44.09 -37.72
CA PHE B 1596 -9.79 44.88 -36.49
C PHE B 1596 -8.36 45.35 -36.30
N GLN B 1597 -7.39 44.49 -36.60
CA GLN B 1597 -6.01 44.96 -36.72
C GLN B 1597 -5.93 46.12 -37.71
N ALA B 1598 -6.66 46.03 -38.81
CA ALA B 1598 -6.62 47.07 -39.84
C ALA B 1598 -6.94 48.44 -39.25
N LEU B 1599 -8.08 48.57 -38.57
CA LEU B 1599 -8.44 49.91 -38.11
C LEU B 1599 -7.72 50.27 -36.81
N LYS B 1600 -7.23 49.27 -36.06
CA LYS B 1600 -6.24 49.58 -35.04
C LYS B 1600 -5.06 50.30 -35.66
N ALA B 1601 -4.72 49.94 -36.89
CA ALA B 1601 -3.78 50.70 -37.70
C ALA B 1601 -4.51 51.83 -38.41
N SER B 1619 -18.26 55.03 -39.46
CA SER B 1619 -17.33 55.89 -40.17
C SER B 1619 -16.81 55.29 -41.49
N THR B 1620 -16.81 53.97 -41.56
CA THR B 1620 -16.21 53.26 -42.69
C THR B 1620 -17.14 52.14 -43.11
N VAL B 1621 -17.36 52.00 -44.41
CA VAL B 1621 -18.02 50.80 -44.91
C VAL B 1621 -17.08 49.60 -44.76
N ASP B 1622 -15.77 49.86 -44.70
CA ASP B 1622 -14.84 48.84 -44.21
C ASP B 1622 -15.17 48.45 -42.77
N TYR B 1623 -15.23 49.44 -41.89
CA TYR B 1623 -15.57 49.19 -40.49
C TYR B 1623 -16.89 48.45 -40.36
N GLU B 1624 -17.84 48.73 -41.24
CA GLU B 1624 -19.18 48.15 -41.09
C GLU B 1624 -19.28 46.77 -41.74
N ASP B 1625 -18.54 46.52 -42.82
CA ASP B 1625 -18.36 45.13 -43.22
C ASP B 1625 -17.76 44.34 -42.09
N TYR B 1626 -16.79 44.94 -41.40
CA TYR B 1626 -16.20 44.35 -40.22
C TYR B 1626 -17.26 43.97 -39.19
N GLN B 1627 -18.01 44.96 -38.71
CA GLN B 1627 -19.02 44.70 -37.69
C GLN B 1627 -20.05 43.70 -38.18
N SER B 1628 -20.34 43.71 -39.48
CA SER B 1628 -21.31 42.78 -40.04
C SER B 1628 -20.83 41.34 -39.88
N VAL B 1629 -19.62 41.05 -40.33
CA VAL B 1629 -19.13 39.68 -40.22
C VAL B 1629 -18.96 39.28 -38.76
N THR B 1630 -18.52 40.21 -37.91
CA THR B 1630 -18.44 39.91 -36.49
C THR B 1630 -19.80 39.50 -35.93
N ARG B 1631 -20.84 40.26 -36.27
CA ARG B 1631 -22.17 39.96 -35.75
C ARG B 1631 -22.67 38.62 -36.27
N PHE B 1632 -22.39 38.31 -37.54
CA PHE B 1632 -22.82 37.01 -38.03
C PHE B 1632 -22.09 35.89 -37.31
N LEU B 1633 -20.78 36.02 -37.13
CA LEU B 1633 -20.06 34.99 -36.38
C LEU B 1633 -20.66 34.80 -35.00
N ASP B 1634 -20.94 35.91 -34.29
CA ASP B 1634 -21.43 35.77 -32.92
C ASP B 1634 -22.88 35.32 -32.90
N LEU B 1635 -23.58 35.39 -34.04
CA LEU B 1635 -24.90 34.78 -34.11
C LEU B 1635 -24.79 33.25 -34.03
N ILE B 1636 -23.68 32.71 -34.50
CA ILE B 1636 -23.50 31.25 -34.43
C ILE B 1636 -23.27 30.83 -32.99
N PRO B 1637 -23.99 29.85 -32.46
CA PRO B 1637 -23.81 29.47 -31.06
C PRO B 1637 -22.65 28.51 -30.86
N GLN B 1638 -21.76 28.85 -29.92
CA GLN B 1638 -20.53 28.07 -29.75
C GLN B 1638 -20.83 26.66 -29.27
N ASP B 1639 -21.92 26.47 -28.52
CA ASP B 1639 -22.24 25.14 -28.04
C ASP B 1639 -22.74 24.25 -29.17
N THR B 1640 -23.52 24.81 -30.09
CA THR B 1640 -23.91 24.05 -31.27
C THR B 1640 -22.69 23.65 -32.08
N LEU B 1641 -21.75 24.58 -32.28
CA LEU B 1641 -20.53 24.25 -32.99
C LEU B 1641 -19.74 23.16 -32.27
N ALA B 1642 -19.67 23.23 -30.95
CA ALA B 1642 -18.92 22.23 -30.20
C ALA B 1642 -19.54 20.84 -30.36
N VAL B 1643 -20.87 20.75 -30.27
CA VAL B 1643 -21.52 19.45 -30.42
C VAL B 1643 -21.36 18.94 -31.84
N ALA B 1644 -21.51 19.81 -32.83
CA ALA B 1644 -21.30 19.42 -34.21
C ALA B 1644 -19.90 18.88 -34.43
N SER B 1645 -18.89 19.58 -33.89
CA SER B 1645 -17.52 19.11 -34.01
C SER B 1645 -17.34 17.77 -33.34
N PHE B 1646 -17.91 17.60 -32.15
CA PHE B 1646 -17.76 16.33 -31.46
C PHE B 1646 -18.34 15.19 -32.28
N ARG B 1647 -19.53 15.38 -32.86
CA ARG B 1647 -20.12 14.27 -33.60
C ARG B 1647 -19.39 14.02 -34.91
N SER B 1648 -18.68 15.03 -35.41
CA SER B 1648 -17.90 14.85 -36.63
C SER B 1648 -16.50 14.34 -36.36
N LYS B 1649 -16.15 14.09 -35.10
CA LYS B 1649 -14.86 13.52 -34.72
C LYS B 1649 -13.73 14.54 -34.81
N ALA B 1650 -14.07 15.83 -34.85
CA ALA B 1650 -13.06 16.89 -34.80
C ALA B 1650 -12.94 17.35 -33.35
N TYR B 1651 -12.22 16.57 -32.56
CA TYR B 1651 -12.23 16.77 -31.11
C TYR B 1651 -11.56 18.06 -30.70
N THR B 1652 -10.44 18.40 -31.35
CA THR B 1652 -9.74 19.61 -30.96
C THR B 1652 -10.60 20.84 -31.22
N ARG B 1653 -11.32 20.87 -32.33
CA ARG B 1653 -12.21 21.99 -32.59
C ARG B 1653 -13.35 22.00 -31.58
N ALA B 1654 -13.80 20.83 -31.15
CA ALA B 1654 -14.79 20.77 -30.09
C ALA B 1654 -14.26 21.41 -28.82
N VAL B 1655 -13.04 21.09 -28.44
CA VAL B 1655 -12.46 21.68 -27.23
C VAL B 1655 -12.35 23.18 -27.37
N MET B 1656 -11.90 23.66 -28.53
CA MET B 1656 -11.77 25.11 -28.72
C MET B 1656 -13.11 25.80 -28.58
N HIS B 1657 -14.12 25.32 -29.30
CA HIS B 1657 -15.43 25.97 -29.26
C HIS B 1657 -16.02 25.90 -27.87
N PHE B 1658 -15.89 24.75 -27.19
CA PHE B 1658 -16.43 24.63 -25.85
C PHE B 1658 -15.75 25.59 -24.89
N GLU B 1659 -14.42 25.69 -24.96
CA GLU B 1659 -13.72 26.59 -24.07
C GLU B 1659 -14.14 28.03 -24.30
N SER B 1660 -14.27 28.43 -25.57
CA SER B 1660 -14.64 29.82 -25.82
C SER B 1660 -16.11 30.07 -25.54
N PHE B 1661 -16.91 29.00 -25.52
CA PHE B 1661 -18.32 29.15 -25.15
C PHE B 1661 -18.46 29.29 -23.64
N ILE B 1662 -17.55 28.68 -22.90
CA ILE B 1662 -17.52 28.88 -21.45
C ILE B 1662 -17.02 30.29 -21.14
N THR B 1663 -16.00 30.74 -21.86
CA THR B 1663 -15.39 32.02 -21.51
C THR B 1663 -16.21 33.19 -22.05
N GLU B 1664 -16.40 33.27 -23.37
CA GLU B 1664 -17.12 34.42 -23.93
C GLU B 1664 -18.48 34.60 -23.29
N LYS B 1665 -19.24 33.52 -23.15
CA LYS B 1665 -20.46 33.51 -22.38
C LYS B 1665 -20.14 32.88 -21.03
N LYS B 1666 -19.97 33.70 -20.00
CA LYS B 1666 -19.62 33.13 -18.71
C LYS B 1666 -20.68 32.13 -18.28
N GLN B 1667 -20.31 30.85 -18.30
CA GLN B 1667 -21.17 29.78 -17.87
C GLN B 1667 -20.49 29.02 -16.76
N ASN B 1668 -21.27 28.48 -15.85
CA ASN B 1668 -20.70 27.61 -14.83
C ASN B 1668 -20.18 26.34 -15.46
N ILE B 1669 -18.88 26.10 -15.31
CA ILE B 1669 -18.26 24.93 -15.92
C ILE B 1669 -18.93 23.66 -15.42
N GLN B 1670 -19.70 23.76 -14.33
CA GLN B 1670 -20.23 22.57 -13.67
C GLN B 1670 -21.37 21.96 -14.47
N GLU B 1671 -22.14 22.77 -15.19
CA GLU B 1671 -23.26 22.22 -15.93
C GLU B 1671 -22.80 21.42 -17.13
N HIS B 1672 -21.61 21.72 -17.65
CA HIS B 1672 -21.11 21.10 -18.87
C HIS B 1672 -19.93 20.19 -18.64
N LEU B 1673 -19.78 19.64 -17.43
CA LEU B 1673 -18.61 18.82 -17.15
C LEU B 1673 -18.72 17.46 -17.82
N GLY B 1674 -19.94 16.97 -18.03
CA GLY B 1674 -20.09 15.70 -18.70
C GLY B 1674 -19.61 15.75 -20.13
N PHE B 1675 -20.03 16.77 -20.87
CA PHE B 1675 -19.56 16.94 -22.24
C PHE B 1675 -18.05 17.09 -22.28
N LEU B 1676 -17.49 17.88 -21.38
CA LEU B 1676 -16.05 18.10 -21.39
C LEU B 1676 -15.29 16.83 -21.10
N GLN B 1677 -15.76 16.04 -20.13
CA GLN B 1677 -15.06 14.81 -19.81
C GLN B 1677 -15.14 13.82 -20.95
N LYS B 1678 -16.28 13.77 -21.64
CA LYS B 1678 -16.39 12.88 -22.79
C LYS B 1678 -15.49 13.33 -23.93
N LEU B 1679 -15.37 14.64 -24.14
CA LEU B 1679 -14.39 15.14 -25.11
C LEU B 1679 -13.00 14.66 -24.77
N TYR B 1680 -12.55 14.92 -23.55
CA TYR B 1680 -11.17 14.59 -23.18
C TYR B 1680 -10.94 13.09 -23.22
N ALA B 1681 -11.97 12.31 -22.94
CA ALA B 1681 -11.83 10.86 -23.06
C ALA B 1681 -11.73 10.44 -24.52
N ALA B 1682 -12.40 11.17 -25.42
CA ALA B 1682 -12.29 10.86 -26.83
C ALA B 1682 -10.92 11.26 -27.39
N MET B 1683 -10.42 12.42 -26.96
CA MET B 1683 -9.08 12.83 -27.39
C MET B 1683 -8.01 11.90 -26.83
N HIS B 1684 -8.36 11.08 -25.85
CA HIS B 1684 -7.43 10.23 -25.13
C HIS B 1684 -6.53 11.02 -24.20
N GLU B 1685 -7.01 12.17 -23.70
CA GLU B 1685 -6.26 12.95 -22.73
C GLU B 1685 -6.65 12.49 -21.34
N PRO B 1686 -5.89 11.61 -20.70
CA PRO B 1686 -6.23 11.25 -19.32
C PRO B 1686 -6.11 12.41 -18.36
N ASP B 1687 -5.27 13.39 -18.67
CA ASP B 1687 -5.09 14.52 -17.78
C ASP B 1687 -6.34 15.39 -17.76
N GLY B 1688 -7.01 15.55 -18.89
CA GLY B 1688 -8.24 16.30 -18.90
C GLY B 1688 -9.36 15.61 -18.15
N VAL B 1689 -9.43 14.28 -18.27
CA VAL B 1689 -10.41 13.52 -17.50
C VAL B 1689 -10.14 13.68 -16.02
N ALA B 1690 -8.87 13.62 -15.62
CA ALA B 1690 -8.53 13.81 -14.21
C ALA B 1690 -8.88 15.23 -13.75
N GLY B 1691 -8.68 16.21 -14.61
CA GLY B 1691 -9.05 17.56 -14.25
C GLY B 1691 -10.54 17.71 -14.05
N VAL B 1692 -11.33 17.19 -14.98
CA VAL B 1692 -12.78 17.27 -14.83
C VAL B 1692 -13.22 16.53 -13.58
N SER B 1693 -12.54 15.44 -13.23
CA SER B 1693 -12.86 14.74 -12.00
C SER B 1693 -12.58 15.60 -10.79
N ALA B 1694 -11.45 16.31 -10.79
CA ALA B 1694 -11.11 17.15 -9.66
C ALA B 1694 -12.00 18.38 -9.57
N ILE B 1695 -12.65 18.75 -10.67
CA ILE B 1695 -13.41 19.99 -10.70
C ILE B 1695 -14.84 19.76 -10.20
N ARG B 1696 -15.42 18.59 -10.47
CA ARG B 1696 -16.83 18.38 -10.15
C ARG B 1696 -17.09 18.62 -8.68
N LYS B 1697 -18.10 19.44 -8.39
CA LYS B 1697 -18.60 19.56 -7.02
C LYS B 1697 -19.63 18.49 -6.71
N ALA B 1698 -20.42 18.10 -7.71
CA ALA B 1698 -21.46 17.11 -7.50
C ALA B 1698 -20.87 15.71 -7.41
N GLU B 1699 -21.62 14.79 -6.83
CA GLU B 1699 -21.18 13.42 -6.75
C GLU B 1699 -21.12 12.82 -8.16
N PRO B 1700 -20.07 12.10 -8.51
CA PRO B 1700 -19.94 11.59 -9.87
C PRO B 1700 -20.96 10.50 -10.15
N SER B 1701 -21.49 10.49 -11.36
CA SER B 1701 -22.35 9.41 -11.80
C SER B 1701 -21.56 8.11 -11.81
N LEU B 1702 -22.25 7.01 -12.15
CA LEU B 1702 -21.54 5.75 -12.34
C LEU B 1702 -20.92 5.67 -13.71
N LYS B 1703 -21.58 6.25 -14.71
CA LYS B 1703 -20.98 6.32 -16.04
C LYS B 1703 -19.73 7.18 -16.01
N GLU B 1704 -19.76 8.27 -15.24
CA GLU B 1704 -18.59 9.13 -15.13
C GLU B 1704 -17.47 8.44 -14.38
N GLN B 1705 -17.79 7.63 -13.38
CA GLN B 1705 -16.76 6.86 -12.70
C GLN B 1705 -16.14 5.83 -13.64
N ILE B 1706 -16.97 5.16 -14.44
CA ILE B 1706 -16.45 4.21 -15.40
C ILE B 1706 -15.54 4.90 -16.39
N LEU B 1707 -15.90 6.11 -16.84
CA LEU B 1707 -15.10 6.89 -17.83
C LEU B 1707 -13.80 7.34 -17.16
N GLU B 1708 -13.86 7.73 -15.89
CA GLU B 1708 -12.67 8.14 -15.11
C GLU B 1708 -11.69 6.98 -14.94
N HIS B 1709 -12.19 5.77 -14.72
CA HIS B 1709 -11.34 4.58 -14.47
C HIS B 1709 -10.80 4.06 -15.80
N GLU B 1710 -11.61 3.97 -16.85
CA GLU B 1710 -11.09 3.57 -18.15
C GLU B 1710 -10.02 4.53 -18.63
N SER B 1711 -10.17 5.82 -18.33
CA SER B 1711 -9.19 6.79 -18.79
C SER B 1711 -7.88 6.68 -18.02
N LEU B 1712 -7.95 6.67 -16.70
CA LEU B 1712 -6.78 6.52 -15.85
C LEU B 1712 -6.75 5.11 -15.30
N GLY B 1713 -5.99 4.24 -15.96
CA GLY B 1713 -6.07 2.81 -15.73
C GLY B 1713 -5.98 2.35 -14.30
N LEU B 1714 -7.06 1.78 -13.78
CA LEU B 1714 -7.03 1.06 -12.51
C LEU B 1714 -7.38 -0.39 -12.75
N LEU B 1715 -8.52 -0.61 -13.40
CA LEU B 1715 -9.09 -1.89 -13.83
C LEU B 1715 -9.64 -2.70 -12.66
N ARG B 1716 -9.32 -2.35 -11.42
CA ARG B 1716 -9.93 -2.99 -10.26
C ARG B 1716 -11.07 -2.16 -9.72
N ASP B 1717 -10.80 -0.89 -9.39
CA ASP B 1717 -11.90 0.08 -9.31
C ASP B 1717 -12.83 -0.10 -10.48
N ALA B 1718 -12.26 -0.31 -11.68
CA ALA B 1718 -13.05 -0.36 -12.89
C ALA B 1718 -13.84 -1.66 -12.99
N THR B 1719 -13.25 -2.79 -12.57
CA THR B 1719 -14.02 -4.04 -12.61
C THR B 1719 -15.16 -4.01 -11.61
N ALA B 1720 -14.93 -3.43 -10.43
CA ALA B 1720 -16.03 -3.21 -9.50
C ALA B 1720 -17.12 -2.38 -10.16
N CYS B 1721 -16.74 -1.27 -10.79
CA CYS B 1721 -17.72 -0.40 -11.41
C CYS B 1721 -18.46 -1.12 -12.53
N TYR B 1722 -17.75 -1.95 -13.30
CA TYR B 1722 -18.38 -2.63 -14.41
C TYR B 1722 -19.42 -3.62 -13.92
N ASP B 1723 -19.09 -4.40 -12.90
CA ASP B 1723 -20.10 -5.29 -12.35
C ASP B 1723 -21.27 -4.52 -11.77
N ARG B 1724 -21.00 -3.40 -11.08
CA ARG B 1724 -22.10 -2.60 -10.56
C ARG B 1724 -23.00 -2.12 -11.67
N ALA B 1725 -22.42 -1.74 -12.81
CA ALA B 1725 -23.22 -1.28 -13.93
C ALA B 1725 -24.02 -2.41 -14.53
N ILE B 1726 -23.39 -3.58 -14.71
CA ILE B 1726 -24.11 -4.75 -15.18
C ILE B 1726 -25.33 -5.01 -14.31
N GLN B 1727 -25.19 -4.81 -13.00
CA GLN B 1727 -26.33 -5.00 -12.12
C GLN B 1727 -27.38 -3.92 -12.34
N LEU B 1728 -26.94 -2.69 -12.64
CA LEU B 1728 -27.90 -1.61 -12.82
C LEU B 1728 -28.49 -1.60 -14.23
N GLU B 1729 -27.67 -1.81 -15.24
CA GLU B 1729 -28.11 -1.79 -16.63
C GLU B 1729 -27.69 -3.11 -17.28
N PRO B 1730 -28.53 -4.13 -17.26
CA PRO B 1730 -28.09 -5.49 -17.65
C PRO B 1730 -28.17 -5.81 -19.14
N ASP B 1731 -28.60 -4.88 -19.99
CA ASP B 1731 -28.72 -5.15 -21.42
C ASP B 1731 -27.71 -4.38 -22.25
N GLN B 1732 -26.66 -3.85 -21.64
CA GLN B 1732 -25.62 -3.11 -22.33
C GLN B 1732 -24.42 -4.02 -22.55
N ILE B 1733 -24.01 -4.19 -23.80
CA ILE B 1733 -22.86 -5.03 -24.09
C ILE B 1733 -21.58 -4.33 -23.65
N ILE B 1734 -21.64 -3.00 -23.50
CA ILE B 1734 -20.44 -2.24 -23.17
C ILE B 1734 -19.85 -2.71 -21.86
N HIS B 1735 -20.71 -3.01 -20.88
CA HIS B 1735 -20.20 -3.36 -19.56
C HIS B 1735 -19.56 -4.75 -19.58
N TYR B 1736 -20.09 -5.66 -20.41
CA TYR B 1736 -19.44 -6.96 -20.53
C TYR B 1736 -18.11 -6.83 -21.25
N HIS B 1737 -18.04 -5.96 -22.25
CA HIS B 1737 -16.75 -5.60 -22.81
C HIS B 1737 -15.78 -5.20 -21.72
N GLY B 1738 -16.20 -4.28 -20.86
CA GLY B 1738 -15.32 -3.81 -19.81
C GLY B 1738 -14.88 -4.92 -18.87
N VAL B 1739 -15.83 -5.74 -18.42
CA VAL B 1739 -15.50 -6.79 -17.47
C VAL B 1739 -14.49 -7.75 -18.08
N VAL B 1740 -14.72 -8.19 -19.32
CA VAL B 1740 -13.83 -9.18 -19.91
C VAL B 1740 -12.48 -8.56 -20.21
N LYS B 1741 -12.45 -7.31 -20.64
CA LYS B 1741 -11.16 -6.67 -20.89
C LYS B 1741 -10.37 -6.52 -19.60
N SER B 1742 -11.05 -6.25 -18.49
CA SER B 1742 -10.35 -6.17 -17.21
C SER B 1742 -9.83 -7.53 -16.79
N MET B 1743 -10.64 -8.59 -16.96
CA MET B 1743 -10.14 -9.92 -16.64
C MET B 1743 -8.93 -10.25 -17.49
N LEU B 1744 -8.94 -9.83 -18.75
CA LEU B 1744 -7.82 -10.13 -19.64
C LEU B 1744 -6.58 -9.35 -19.23
N GLY B 1745 -6.76 -8.12 -18.75
CA GLY B 1745 -5.61 -7.33 -18.34
C GLY B 1745 -4.93 -7.87 -17.09
N LEU B 1746 -5.68 -8.57 -16.24
CA LEU B 1746 -5.10 -9.11 -15.02
C LEU B 1746 -4.32 -10.38 -15.29
N GLY B 1747 -4.53 -11.01 -16.43
CA GLY B 1747 -3.90 -12.26 -16.75
C GLY B 1747 -4.74 -13.49 -16.57
N GLN B 1748 -6.04 -13.33 -16.28
CA GLN B 1748 -6.94 -14.46 -16.06
C GLN B 1748 -7.55 -14.89 -17.39
N LEU B 1749 -6.84 -15.79 -18.07
CA LEU B 1749 -7.24 -16.15 -19.41
C LEU B 1749 -8.35 -17.21 -19.40
N SER B 1750 -8.19 -18.27 -18.62
CA SER B 1750 -9.23 -19.28 -18.55
C SER B 1750 -10.53 -18.70 -18.03
N THR B 1751 -10.45 -17.86 -17.01
CA THR B 1751 -11.64 -17.17 -16.52
C THR B 1751 -12.30 -16.37 -17.62
N VAL B 1752 -11.50 -15.77 -18.50
CA VAL B 1752 -12.07 -14.95 -19.57
C VAL B 1752 -12.81 -15.82 -20.56
N ILE B 1753 -12.23 -16.96 -20.93
CA ILE B 1753 -12.92 -17.85 -21.85
C ILE B 1753 -14.26 -18.29 -21.25
N THR B 1754 -14.25 -18.66 -19.97
CA THR B 1754 -15.49 -19.12 -19.35
C THR B 1754 -16.51 -17.99 -19.26
N GLN B 1755 -16.07 -16.78 -18.96
CA GLN B 1755 -16.99 -15.65 -18.88
C GLN B 1755 -17.65 -15.38 -20.22
N VAL B 1756 -16.85 -15.38 -21.28
CA VAL B 1756 -17.43 -15.15 -22.61
C VAL B 1756 -18.38 -16.27 -22.97
N ASN B 1757 -18.07 -17.50 -22.56
CA ASN B 1757 -18.98 -18.60 -22.85
C ASN B 1757 -20.28 -18.45 -22.10
N GLY B 1758 -20.25 -17.93 -20.88
CA GLY B 1758 -21.50 -17.70 -20.17
C GLY B 1758 -22.35 -16.61 -20.81
N VAL B 1759 -21.73 -15.48 -21.12
CA VAL B 1759 -22.43 -14.43 -21.85
C VAL B 1759 -23.05 -14.98 -23.13
N HIS B 1760 -22.31 -15.84 -23.83
CA HIS B 1760 -22.85 -16.47 -25.03
C HIS B 1760 -23.98 -17.42 -24.69
N ALA B 1761 -23.93 -18.04 -23.51
CA ALA B 1761 -24.97 -18.99 -23.13
C ALA B 1761 -26.31 -18.30 -22.98
N ASN B 1762 -26.37 -17.17 -22.27
CA ASN B 1762 -27.69 -16.58 -22.05
C ASN B 1762 -28.05 -15.56 -23.11
N ARG B 1763 -27.08 -15.12 -23.92
CA ARG B 1763 -27.36 -14.22 -25.02
C ARG B 1763 -26.40 -14.53 -26.16
N SER B 1764 -26.95 -14.82 -27.33
CA SER B 1764 -26.11 -15.26 -28.46
C SER B 1764 -25.65 -14.08 -29.29
N GLU B 1765 -26.43 -13.00 -29.33
CA GLU B 1765 -26.07 -11.86 -30.16
C GLU B 1765 -24.73 -11.28 -29.72
N TRP B 1766 -24.46 -11.29 -28.41
CA TRP B 1766 -23.27 -10.64 -27.90
C TRP B 1766 -22.02 -11.46 -28.15
N THR B 1767 -22.18 -12.73 -28.55
CA THR B 1767 -21.02 -13.61 -28.69
C THR B 1767 -20.09 -13.12 -29.79
N ASP B 1768 -20.64 -12.57 -30.87
CA ASP B 1768 -19.77 -12.12 -31.95
C ASP B 1768 -18.95 -10.92 -31.53
N GLU B 1769 -19.52 -10.03 -30.73
CA GLU B 1769 -18.77 -8.86 -30.28
C GLU B 1769 -17.75 -9.23 -29.21
N LEU B 1770 -18.05 -10.24 -28.40
CA LEU B 1770 -17.13 -10.65 -27.35
C LEU B 1770 -16.16 -11.73 -27.80
N ASN B 1771 -16.24 -12.18 -29.06
CA ASN B 1771 -15.30 -13.18 -29.54
C ASN B 1771 -13.86 -12.71 -29.46
N THR B 1772 -13.64 -11.40 -29.53
CA THR B 1772 -12.29 -10.87 -29.48
C THR B 1772 -11.53 -11.39 -28.28
N TYR B 1773 -12.15 -11.35 -27.11
CA TYR B 1773 -11.43 -11.62 -25.88
C TYR B 1773 -11.17 -13.10 -25.71
N ARG B 1774 -12.09 -13.94 -26.18
CA ARG B 1774 -11.84 -15.37 -26.11
C ARG B 1774 -10.77 -15.77 -27.11
N VAL B 1775 -10.71 -15.13 -28.27
CA VAL B 1775 -9.64 -15.44 -29.22
C VAL B 1775 -8.29 -15.01 -28.65
N GLU B 1776 -8.25 -13.85 -28.01
CA GLU B 1776 -7.00 -13.41 -27.41
C GLU B 1776 -6.57 -14.34 -26.28
N ALA B 1777 -7.49 -14.66 -25.37
CA ALA B 1777 -7.15 -15.58 -24.30
C ALA B 1777 -6.75 -16.94 -24.84
N ALA B 1778 -7.26 -17.31 -26.01
CA ALA B 1778 -6.93 -18.62 -26.56
C ALA B 1778 -5.55 -18.64 -27.17
N TRP B 1779 -5.17 -17.61 -27.91
CA TRP B 1779 -3.82 -17.64 -28.48
C TRP B 1779 -2.78 -17.27 -27.43
N LYS B 1780 -3.21 -16.68 -26.31
CA LYS B 1780 -2.27 -16.47 -25.20
C LYS B 1780 -2.12 -17.73 -24.37
N LEU B 1781 -3.20 -18.48 -24.18
CA LEU B 1781 -3.11 -19.76 -23.50
C LEU B 1781 -2.43 -20.81 -24.38
N SER B 1782 -2.29 -20.51 -25.66
CA SER B 1782 -1.63 -21.40 -26.60
C SER B 1782 -2.52 -22.57 -27.00
N GLN B 1783 -3.82 -22.44 -26.78
CA GLN B 1783 -4.77 -23.48 -27.20
C GLN B 1783 -5.22 -23.19 -28.61
N TRP B 1784 -4.61 -23.88 -29.57
CA TRP B 1784 -4.86 -23.53 -30.96
C TRP B 1784 -6.20 -24.10 -31.44
N ASP B 1785 -6.70 -25.13 -30.77
CA ASP B 1785 -8.00 -25.67 -31.14
C ASP B 1785 -9.10 -24.65 -30.85
N LEU B 1786 -9.09 -24.08 -29.65
CA LEU B 1786 -10.06 -23.05 -29.31
C LEU B 1786 -9.94 -21.85 -30.25
N VAL B 1787 -8.70 -21.42 -30.54
CA VAL B 1787 -8.51 -20.32 -31.48
C VAL B 1787 -9.16 -20.64 -32.80
N GLU B 1788 -8.96 -21.87 -33.29
CA GLU B 1788 -9.54 -22.24 -34.58
C GLU B 1788 -11.06 -22.16 -34.53
N ASN B 1789 -11.67 -22.72 -33.50
CA ASN B 1789 -13.14 -22.66 -33.41
C ASN B 1789 -13.61 -21.21 -33.38
N TYR B 1790 -13.12 -20.43 -32.43
CA TYR B 1790 -13.58 -19.06 -32.27
C TYR B 1790 -13.39 -18.24 -33.54
N LEU B 1791 -12.30 -18.50 -34.28
CA LEU B 1791 -12.10 -17.75 -35.51
C LEU B 1791 -13.08 -18.22 -36.58
N ALA B 1792 -13.21 -19.52 -36.78
CA ALA B 1792 -14.16 -20.02 -37.75
C ALA B 1792 -15.53 -19.41 -37.53
N ALA B 1793 -15.92 -19.21 -36.28
CA ALA B 1793 -17.22 -18.61 -35.98
C ALA B 1793 -17.11 -17.09 -35.86
N ASP B 1794 -16.48 -16.47 -36.86
CA ASP B 1794 -16.40 -15.02 -36.89
C ASP B 1794 -15.88 -14.56 -38.25
N GLY B 1795 -16.49 -13.51 -38.77
CA GLY B 1795 -15.98 -12.85 -39.96
C GLY B 1795 -15.96 -11.34 -39.87
N LYS B 1796 -16.60 -10.78 -38.84
CA LYS B 1796 -16.78 -9.33 -38.78
C LYS B 1796 -15.69 -8.66 -37.97
N SER B 1797 -15.02 -9.40 -37.10
CA SER B 1797 -14.05 -8.80 -36.20
C SER B 1797 -12.75 -8.49 -36.94
N THR B 1798 -12.36 -7.23 -36.92
CA THR B 1798 -11.06 -6.79 -37.41
C THR B 1798 -10.16 -6.33 -36.28
N THR B 1799 -10.40 -6.84 -35.07
CA THR B 1799 -9.60 -6.43 -33.93
C THR B 1799 -8.15 -6.83 -34.13
N TRP B 1800 -7.26 -6.13 -33.44
CA TRP B 1800 -5.86 -6.54 -33.40
C TRP B 1800 -5.72 -7.91 -32.79
N SER B 1801 -6.52 -8.21 -31.78
CA SER B 1801 -6.48 -9.52 -31.14
C SER B 1801 -6.79 -10.61 -32.15
N VAL B 1802 -7.86 -10.43 -32.92
CA VAL B 1802 -8.26 -11.46 -33.88
C VAL B 1802 -7.26 -11.57 -35.02
N ARG B 1803 -6.68 -10.44 -35.44
CA ARG B 1803 -5.70 -10.50 -36.52
C ARG B 1803 -4.45 -11.24 -36.07
N LEU B 1804 -3.97 -10.93 -34.87
CA LEU B 1804 -2.84 -11.66 -34.34
C LEU B 1804 -3.17 -13.13 -34.19
N GLY B 1805 -4.39 -13.46 -33.78
CA GLY B 1805 -4.78 -14.85 -33.68
C GLY B 1805 -4.79 -15.55 -35.02
N GLN B 1806 -5.30 -14.88 -36.05
CA GLN B 1806 -5.30 -15.46 -37.39
C GLN B 1806 -3.89 -15.71 -37.89
N LEU B 1807 -2.98 -14.77 -37.65
CA LEU B 1807 -1.60 -14.97 -38.09
C LEU B 1807 -0.94 -16.12 -37.35
N LEU B 1808 -1.17 -16.21 -36.04
CA LEU B 1808 -0.57 -17.31 -35.30
C LEU B 1808 -1.16 -18.64 -35.71
N LEU B 1809 -2.44 -18.67 -36.07
CA LEU B 1809 -3.04 -19.92 -36.52
C LEU B 1809 -2.55 -20.31 -37.89
N SER B 1810 -2.36 -19.35 -38.78
CA SER B 1810 -1.76 -19.65 -40.08
C SER B 1810 -0.35 -20.17 -39.91
N ALA B 1811 0.36 -19.70 -38.89
CA ALA B 1811 1.68 -20.27 -38.60
C ALA B 1811 1.56 -21.71 -38.09
N LYS B 1812 0.66 -21.93 -37.12
CA LYS B 1812 0.50 -23.27 -36.58
C LYS B 1812 0.17 -24.28 -37.67
N LYS B 1813 -0.85 -23.99 -38.47
CA LYS B 1813 -1.19 -24.78 -39.64
C LYS B 1813 -0.40 -24.22 -40.81
N ARG B 1814 0.72 -24.85 -41.14
CA ARG B 1814 1.61 -24.21 -42.11
C ARG B 1814 0.83 -23.83 -43.35
N ASP B 1815 0.65 -22.52 -43.53
CA ASP B 1815 -0.12 -21.98 -44.63
C ASP B 1815 0.56 -20.68 -45.09
N ILE B 1816 1.54 -20.80 -45.98
CA ILE B 1816 2.27 -19.61 -46.40
C ILE B 1816 1.33 -18.64 -47.08
N THR B 1817 0.39 -19.17 -47.87
CA THR B 1817 -0.56 -18.31 -48.56
C THR B 1817 -1.26 -17.37 -47.58
N ALA B 1818 -2.07 -17.93 -46.69
CA ALA B 1818 -2.86 -17.10 -45.79
C ALA B 1818 -1.97 -16.30 -44.87
N PHE B 1819 -0.84 -16.87 -44.43
CA PHE B 1819 0.02 -16.10 -43.55
C PHE B 1819 0.46 -14.80 -44.21
N TYR B 1820 1.00 -14.87 -45.42
CA TYR B 1820 1.54 -13.64 -46.00
C TYR B 1820 0.43 -12.69 -46.43
N ASP B 1821 -0.70 -13.22 -46.89
CA ASP B 1821 -1.80 -12.32 -47.22
C ASP B 1821 -2.29 -11.57 -45.99
N SER B 1822 -2.56 -12.30 -44.91
CA SER B 1822 -3.04 -11.67 -43.69
C SER B 1822 -1.98 -10.73 -43.13
N LEU B 1823 -0.70 -11.03 -43.36
CA LEU B 1823 0.33 -10.15 -42.85
C LEU B 1823 0.30 -8.81 -43.56
N LYS B 1824 0.22 -8.83 -44.89
CA LYS B 1824 0.09 -7.57 -45.62
C LYS B 1824 -1.13 -6.80 -45.13
N LEU B 1825 -2.26 -7.49 -44.95
CA LEU B 1825 -3.47 -6.79 -44.56
C LEU B 1825 -3.34 -6.15 -43.18
N VAL B 1826 -2.81 -6.91 -42.21
CA VAL B 1826 -2.65 -6.38 -40.86
C VAL B 1826 -1.69 -5.21 -40.84
N ARG B 1827 -0.60 -5.29 -41.60
CA ARG B 1827 0.32 -4.17 -41.65
C ARG B 1827 -0.36 -2.92 -42.18
N ALA B 1828 -1.14 -3.04 -43.24
CA ALA B 1828 -1.84 -1.87 -43.76
C ALA B 1828 -2.80 -1.31 -42.71
N GLU B 1829 -3.53 -2.19 -42.02
CA GLU B 1829 -4.44 -1.71 -40.98
C GLU B 1829 -3.69 -0.90 -39.94
N GLN B 1830 -2.53 -1.39 -39.49
CA GLN B 1830 -1.79 -0.67 -38.45
C GLN B 1830 -1.23 0.64 -38.98
N ILE B 1831 -0.90 0.70 -40.27
CA ILE B 1831 -0.29 1.91 -40.80
C ILE B 1831 -1.32 3.02 -40.95
N VAL B 1832 -2.58 2.65 -41.17
CA VAL B 1832 -3.63 3.68 -41.29
C VAL B 1832 -3.58 4.68 -40.14
N PRO B 1833 -3.76 4.29 -38.88
CA PRO B 1833 -3.75 5.29 -37.80
C PRO B 1833 -2.44 6.03 -37.69
N LEU B 1834 -1.34 5.43 -38.14
CA LEU B 1834 -0.08 6.16 -38.25
C LEU B 1834 -0.17 7.22 -39.35
N SER B 1835 -0.78 6.85 -40.47
CA SER B 1835 -1.04 7.83 -41.52
C SER B 1835 -1.79 9.02 -40.96
N ALA B 1836 -2.60 8.80 -39.92
CA ALA B 1836 -3.22 9.94 -39.25
C ALA B 1836 -2.21 10.65 -38.34
N ALA B 1837 -1.70 9.95 -37.34
CA ALA B 1837 -0.83 10.55 -36.34
C ALA B 1837 0.30 11.35 -36.97
N SER B 1838 0.60 11.10 -38.24
CA SER B 1838 1.76 11.72 -38.85
C SER B 1838 1.56 13.21 -39.13
N PHE B 1839 0.32 13.66 -39.28
CA PHE B 1839 0.11 15.07 -39.65
C PHE B 1839 0.08 15.93 -38.38
N GLU B 1840 1.10 15.73 -37.54
CA GLU B 1840 1.09 16.41 -36.24
C GLU B 1840 2.51 16.68 -35.78
N ARG B 1841 2.60 17.35 -34.64
CA ARG B 1841 3.86 17.50 -33.91
C ARG B 1841 3.96 16.40 -32.86
N GLY B 1842 5.18 15.92 -32.63
CA GLY B 1842 5.31 14.77 -31.76
C GLY B 1842 4.45 13.63 -32.23
N SER B 1843 4.54 13.29 -33.51
CA SER B 1843 3.69 12.25 -34.08
C SER B 1843 4.21 10.87 -33.75
N TYR B 1844 5.53 10.73 -33.61
CA TYR B 1844 6.08 9.44 -33.24
C TYR B 1844 5.53 8.97 -31.91
N GLN B 1845 5.52 9.86 -30.91
CA GLN B 1845 5.05 9.46 -29.59
C GLN B 1845 3.53 9.33 -29.56
N ARG B 1846 2.82 10.04 -30.44
CA ARG B 1846 1.38 9.90 -30.50
C ARG B 1846 0.99 8.57 -31.11
N GLY B 1847 1.68 8.15 -32.16
CA GLY B 1847 1.41 6.89 -32.80
C GLY B 1847 2.23 5.73 -32.30
N TYR B 1848 2.88 5.88 -31.15
CA TYR B 1848 3.79 4.85 -30.69
C TYR B 1848 3.07 3.52 -30.51
N GLU B 1849 1.78 3.55 -30.24
CA GLU B 1849 1.01 2.32 -30.17
C GLU B 1849 1.14 1.52 -31.46
N TYR B 1850 0.93 2.17 -32.59
CA TYR B 1850 0.94 1.45 -33.86
C TYR B 1850 2.36 1.19 -34.33
N ILE B 1851 3.32 1.99 -33.87
CA ILE B 1851 4.71 1.68 -34.18
C ILE B 1851 5.13 0.42 -33.43
N VAL B 1852 4.65 0.24 -32.21
CA VAL B 1852 4.94 -0.98 -31.48
C VAL B 1852 4.22 -2.16 -32.12
N ARG B 1853 3.04 -1.92 -32.67
CA ARG B 1853 2.37 -2.99 -33.40
C ARG B 1853 3.16 -3.40 -34.64
N LEU B 1854 3.73 -2.43 -35.36
CA LEU B 1854 4.56 -2.78 -36.51
C LEU B 1854 5.81 -3.53 -36.08
N HIS B 1855 6.43 -3.10 -34.98
CA HIS B 1855 7.52 -3.86 -34.38
C HIS B 1855 7.13 -5.31 -34.15
N MET B 1856 5.99 -5.54 -33.50
CA MET B 1856 5.54 -6.90 -33.23
C MET B 1856 5.32 -7.67 -34.52
N LEU B 1857 4.78 -7.02 -35.55
CA LEU B 1857 4.53 -7.71 -36.81
C LEU B 1857 5.84 -8.11 -37.48
N CYS B 1858 6.86 -7.26 -37.39
CA CYS B 1858 8.16 -7.64 -37.92
C CYS B 1858 8.71 -8.86 -37.20
N GLU B 1859 8.67 -8.83 -35.87
CA GLU B 1859 9.15 -9.98 -35.11
C GLU B 1859 8.39 -11.24 -35.50
N LEU B 1860 7.08 -11.14 -35.65
CA LEU B 1860 6.27 -12.28 -36.03
C LEU B 1860 6.68 -12.83 -37.38
N GLU B 1861 6.78 -11.97 -38.39
CA GLU B 1861 7.20 -12.43 -39.70
C GLU B 1861 8.52 -13.16 -39.64
N HIS B 1862 9.50 -12.58 -38.97
CA HIS B 1862 10.84 -13.16 -39.02
C HIS B 1862 10.93 -14.43 -38.19
N SER B 1863 10.09 -14.57 -37.17
CA SER B 1863 10.15 -15.78 -36.37
C SER B 1863 9.39 -16.91 -37.05
N ILE B 1864 8.39 -16.58 -37.88
CA ILE B 1864 7.59 -17.64 -38.50
C ILE B 1864 8.20 -18.08 -39.81
N LYS B 1865 8.90 -17.20 -40.51
CA LYS B 1865 9.49 -17.59 -41.80
C LYS B 1865 10.25 -18.90 -41.75
N PRO B 1866 11.18 -19.12 -40.82
CA PRO B 1866 11.88 -20.41 -40.77
C PRO B 1866 10.96 -21.60 -40.69
N LEU B 1867 9.89 -21.50 -39.91
CA LEU B 1867 8.92 -22.59 -39.86
C LEU B 1867 8.40 -22.91 -41.24
N PHE B 1868 7.92 -21.89 -41.96
CA PHE B 1868 7.34 -22.12 -43.28
C PHE B 1868 8.34 -22.79 -44.21
N GLN B 1869 9.58 -22.33 -44.20
CA GLN B 1869 10.56 -22.97 -45.06
C GLN B 1869 11.35 -24.02 -44.28
N ASP B 1879 15.83 -16.60 -37.88
CA ASP B 1879 15.48 -15.40 -37.11
C ASP B 1879 16.74 -14.66 -36.70
N SER B 1880 17.14 -13.69 -37.50
CA SER B 1880 18.35 -12.93 -37.20
C SER B 1880 18.11 -11.95 -36.05
N LEU B 1881 16.85 -11.59 -35.83
CA LEU B 1881 16.53 -10.51 -34.90
C LEU B 1881 17.09 -10.77 -33.51
N ASN B 1882 17.62 -9.73 -32.90
CA ASN B 1882 18.16 -9.78 -31.55
C ASN B 1882 17.07 -9.35 -30.59
N TRP B 1883 16.43 -10.32 -29.94
CA TRP B 1883 15.23 -10.01 -29.17
C TRP B 1883 15.55 -9.16 -27.95
N VAL B 1884 16.73 -9.34 -27.35
CA VAL B 1884 17.08 -8.55 -26.18
C VAL B 1884 17.20 -7.08 -26.54
N ALA B 1885 18.07 -6.77 -27.50
CA ALA B 1885 18.21 -5.38 -27.92
C ALA B 1885 16.89 -4.82 -28.40
N ARG B 1886 16.13 -5.60 -29.15
CA ARG B 1886 14.83 -5.13 -29.61
C ARG B 1886 13.94 -4.73 -28.45
N LEU B 1887 13.98 -5.47 -27.34
CA LEU B 1887 13.13 -5.11 -26.22
C LEU B 1887 13.67 -3.92 -25.46
N GLU B 1888 15.00 -3.78 -25.40
CA GLU B 1888 15.57 -2.69 -24.61
C GLU B 1888 15.42 -1.35 -25.30
N MET B 1889 15.33 -1.34 -26.63
CA MET B 1889 15.10 -0.10 -27.35
C MET B 1889 13.77 0.52 -26.98
N THR B 1890 12.74 -0.29 -26.78
CA THR B 1890 11.39 0.22 -26.63
C THR B 1890 11.29 1.12 -25.40
N GLN B 1891 10.21 1.89 -25.35
CA GLN B 1891 9.98 2.78 -24.23
C GLN B 1891 9.80 1.99 -22.95
N ASN B 1892 10.15 2.60 -21.82
CA ASN B 1892 10.05 1.93 -20.52
C ASN B 1892 8.61 2.02 -20.02
N SER B 1893 7.74 1.29 -20.69
CA SER B 1893 6.33 1.31 -20.38
C SER B 1893 5.80 -0.11 -20.24
N TYR B 1894 4.72 -0.26 -19.51
CA TYR B 1894 3.94 -1.48 -19.62
C TYR B 1894 3.18 -1.50 -20.94
N ARG B 1895 2.58 -0.37 -21.30
CA ARG B 1895 1.92 -0.22 -22.59
C ARG B 1895 2.77 -0.76 -23.73
N ALA B 1896 4.05 -0.39 -23.75
CA ALA B 1896 4.89 -0.74 -24.89
C ALA B 1896 5.42 -2.16 -24.76
N LYS B 1897 6.02 -2.49 -23.63
CA LYS B 1897 6.71 -3.77 -23.51
C LYS B 1897 5.76 -4.94 -23.45
N GLU B 1898 4.65 -4.82 -22.72
CA GLU B 1898 3.83 -5.99 -22.47
C GLU B 1898 3.31 -6.66 -23.73
N PRO B 1899 2.72 -5.97 -24.69
CA PRO B 1899 2.28 -6.65 -25.91
C PRO B 1899 3.40 -7.39 -26.62
N ILE B 1900 4.57 -6.77 -26.72
CA ILE B 1900 5.68 -7.42 -27.39
C ILE B 1900 6.02 -8.73 -26.70
N LEU B 1901 6.02 -8.74 -25.37
CA LEU B 1901 6.40 -9.95 -24.65
C LEU B 1901 5.33 -11.03 -24.77
N ALA B 1902 4.06 -10.64 -24.74
CA ALA B 1902 3.01 -11.63 -24.97
C ALA B 1902 3.15 -12.28 -26.33
N LEU B 1903 3.31 -11.47 -27.37
CA LEU B 1903 3.50 -12.06 -28.69
C LEU B 1903 4.75 -12.91 -28.75
N ARG B 1904 5.79 -12.52 -28.02
CA ARG B 1904 7.01 -13.30 -28.05
C ARG B 1904 6.82 -14.66 -27.41
N ARG B 1905 6.03 -14.74 -26.35
CA ARG B 1905 5.73 -16.03 -25.77
C ARG B 1905 4.93 -16.90 -26.73
N ALA B 1906 3.95 -16.29 -27.41
CA ALA B 1906 3.22 -17.07 -28.41
C ALA B 1906 4.15 -17.59 -29.50
N LEU B 1907 5.09 -16.76 -29.95
CA LEU B 1907 6.01 -17.17 -31.00
C LEU B 1907 6.96 -18.25 -30.52
N LEU B 1908 7.43 -18.16 -29.28
CA LEU B 1908 8.23 -19.24 -28.73
C LEU B 1908 7.43 -20.52 -28.67
N SER B 1909 6.12 -20.41 -28.45
CA SER B 1909 5.31 -21.62 -28.39
C SER B 1909 5.14 -22.25 -29.76
N LEU B 1910 5.01 -21.44 -30.82
CA LEU B 1910 4.79 -22.02 -32.14
C LEU B 1910 5.93 -22.93 -32.54
N ASN B 1911 7.13 -22.40 -32.69
CA ASN B 1911 8.31 -23.24 -32.72
C ASN B 1911 8.34 -24.06 -31.45
N LYS B 1912 9.29 -24.95 -31.38
CA LYS B 1912 9.60 -25.60 -30.12
C LYS B 1912 11.01 -26.16 -30.22
N ARG B 1913 11.98 -25.38 -29.79
CA ARG B 1913 13.31 -25.91 -29.62
C ARG B 1913 13.43 -26.48 -28.21
N PRO B 1914 14.58 -27.01 -27.85
CA PRO B 1914 14.73 -27.50 -26.47
C PRO B 1914 14.74 -26.40 -25.42
N ASP B 1915 15.36 -25.25 -25.72
CA ASP B 1915 15.53 -24.21 -24.71
C ASP B 1915 14.24 -23.42 -24.49
N TYR B 1916 13.14 -23.82 -25.11
CA TYR B 1916 11.93 -23.00 -25.07
C TYR B 1916 11.33 -22.94 -23.68
N ASN B 1917 11.34 -24.05 -22.94
CA ASN B 1917 10.63 -24.00 -21.67
C ASN B 1917 11.34 -23.06 -20.70
N GLU B 1918 12.62 -22.80 -20.94
CA GLU B 1918 13.33 -21.81 -20.15
C GLU B 1918 13.18 -20.41 -20.75
N MET B 1919 13.09 -20.32 -22.07
CA MET B 1919 12.97 -19.00 -22.70
C MET B 1919 11.61 -18.38 -22.43
N VAL B 1920 10.56 -19.20 -22.38
CA VAL B 1920 9.24 -18.69 -22.01
C VAL B 1920 9.24 -18.24 -20.56
N GLY B 1921 9.97 -18.96 -19.71
CA GLY B 1921 10.12 -18.51 -18.34
C GLY B 1921 10.81 -17.17 -18.24
N GLU B 1922 11.85 -16.97 -19.07
CA GLU B 1922 12.53 -15.69 -19.05
C GLU B 1922 11.66 -14.56 -19.60
N CYS B 1923 10.84 -14.86 -20.60
CA CYS B 1923 9.89 -13.85 -21.07
C CYS B 1923 8.89 -13.50 -19.99
N TRP B 1924 8.42 -14.49 -19.23
CA TRP B 1924 7.52 -14.18 -18.13
C TRP B 1924 8.22 -13.38 -17.07
N LEU B 1925 9.50 -13.63 -16.86
CA LEU B 1925 10.25 -12.89 -15.86
C LEU B 1925 10.40 -11.43 -16.28
N GLN B 1926 10.61 -11.19 -17.57
CA GLN B 1926 10.67 -9.81 -18.05
C GLN B 1926 9.31 -9.13 -17.96
N SER B 1927 8.24 -9.88 -18.21
CA SER B 1927 6.91 -9.30 -18.00
C SER B 1927 6.71 -8.89 -16.56
N ALA B 1928 7.10 -9.76 -15.63
CA ALA B 1928 7.03 -9.42 -14.21
C ALA B 1928 7.80 -8.15 -13.91
N ARG B 1929 9.03 -8.06 -14.40
CA ARG B 1929 9.83 -6.88 -14.11
C ARG B 1929 9.20 -5.62 -14.67
N VAL B 1930 8.77 -5.66 -15.93
CA VAL B 1930 8.18 -4.50 -16.58
C VAL B 1930 6.94 -4.05 -15.85
N ALA B 1931 6.09 -4.99 -15.44
CA ALA B 1931 4.87 -4.63 -14.74
C ALA B 1931 5.18 -4.06 -13.36
N ARG B 1932 6.13 -4.65 -12.65
CA ARG B 1932 6.49 -4.14 -11.35
C ARG B 1932 6.98 -2.71 -11.43
N LYS B 1933 7.89 -2.41 -12.35
CA LYS B 1933 8.39 -1.05 -12.44
C LYS B 1933 7.27 -0.08 -12.75
N ALA B 1934 6.24 -0.54 -13.45
CA ALA B 1934 5.14 0.34 -13.80
C ALA B 1934 4.21 0.56 -12.61
N GLY B 1935 3.97 -0.47 -11.83
CA GLY B 1935 3.07 -0.38 -10.70
C GLY B 1935 1.96 -1.39 -10.67
N HIS B 1936 1.88 -2.28 -11.67
CA HIS B 1936 0.84 -3.29 -11.72
C HIS B 1936 1.31 -4.53 -10.95
N HIS B 1937 1.24 -4.42 -9.63
CA HIS B 1937 1.84 -5.43 -8.78
C HIS B 1937 1.16 -6.78 -8.93
N GLN B 1938 -0.14 -6.79 -9.22
CA GLN B 1938 -0.83 -8.07 -9.31
C GLN B 1938 -0.54 -8.77 -10.63
N THR B 1939 -0.39 -8.01 -11.71
CA THR B 1939 0.05 -8.62 -12.97
C THR B 1939 1.50 -9.07 -12.86
N ALA B 1940 2.32 -8.34 -12.12
CA ALA B 1940 3.66 -8.82 -11.83
C ALA B 1940 3.62 -10.14 -11.08
N TYR B 1941 2.70 -10.26 -10.13
CA TYR B 1941 2.59 -11.51 -9.39
C TYR B 1941 2.15 -12.65 -10.29
N ASN B 1942 1.19 -12.39 -11.18
CA ASN B 1942 0.78 -13.44 -12.11
C ASN B 1942 1.91 -13.84 -13.04
N ALA B 1943 2.73 -12.87 -13.44
CA ALA B 1943 3.88 -13.18 -14.27
C ALA B 1943 4.87 -14.05 -13.52
N LEU B 1944 5.13 -13.73 -12.26
CA LEU B 1944 5.96 -14.60 -11.45
C LEU B 1944 5.37 -16.00 -11.36
N LEU B 1945 4.06 -16.09 -11.11
CA LEU B 1945 3.39 -17.38 -11.13
C LEU B 1945 3.75 -18.17 -12.37
N ASN B 1946 3.57 -17.57 -13.55
CA ASN B 1946 3.74 -18.31 -14.79
C ASN B 1946 5.20 -18.55 -15.11
N ALA B 1947 6.09 -17.79 -14.48
CA ALA B 1947 7.52 -17.97 -14.76
C ALA B 1947 7.95 -19.40 -14.48
N GLY B 1948 7.71 -19.89 -13.27
CA GLY B 1948 8.10 -21.24 -12.92
C GLY B 1948 9.57 -21.33 -12.61
N GLU B 1949 9.98 -22.55 -12.20
CA GLU B 1949 11.33 -22.81 -11.72
C GLU B 1949 12.28 -23.07 -12.87
N SER B 1950 11.97 -22.55 -14.05
CA SER B 1950 12.69 -22.89 -15.26
C SER B 1950 14.07 -22.25 -15.24
N ARG B 1951 15.01 -22.89 -14.55
CA ARG B 1951 16.38 -22.39 -14.43
C ARG B 1951 16.38 -20.95 -13.92
N LEU B 1952 15.92 -20.76 -12.68
CA LEU B 1952 15.63 -19.44 -12.17
C LEU B 1952 15.95 -19.33 -10.69
N ALA B 1953 17.09 -18.71 -10.37
CA ALA B 1953 17.25 -17.86 -9.21
C ALA B 1953 16.93 -16.41 -9.53
N GLU B 1954 16.94 -16.08 -10.83
CA GLU B 1954 16.28 -14.88 -11.30
C GLU B 1954 14.89 -14.77 -10.69
N LEU B 1955 14.20 -15.88 -10.54
CA LEU B 1955 12.86 -15.85 -9.96
C LEU B 1955 12.90 -15.31 -8.54
N TYR B 1956 13.90 -15.71 -7.76
CA TYR B 1956 13.98 -15.25 -6.38
C TYR B 1956 14.38 -13.78 -6.32
N VAL B 1957 15.31 -13.36 -7.18
CA VAL B 1957 15.66 -11.95 -7.20
C VAL B 1957 14.45 -11.10 -7.57
N GLU B 1958 13.63 -11.59 -8.50
CA GLU B 1958 12.48 -10.81 -8.92
C GLU B 1958 11.40 -10.81 -7.85
N ARG B 1959 11.21 -11.92 -7.15
CA ARG B 1959 10.29 -11.91 -6.01
C ARG B 1959 10.75 -10.91 -4.96
N ALA B 1960 12.04 -10.89 -4.67
CA ALA B 1960 12.55 -9.96 -3.67
C ALA B 1960 12.30 -8.52 -4.10
N LYS B 1961 12.57 -8.20 -5.37
CA LYS B 1961 12.34 -6.84 -5.84
C LYS B 1961 10.86 -6.49 -5.81
N TRP B 1962 10.00 -7.44 -6.15
CA TRP B 1962 8.56 -7.20 -6.10
C TRP B 1962 8.11 -6.89 -4.68
N LEU B 1963 8.56 -7.68 -3.71
CA LEU B 1963 8.18 -7.43 -2.33
C LEU B 1963 8.71 -6.09 -1.84
N TRP B 1964 9.96 -5.78 -2.17
CA TRP B 1964 10.51 -4.48 -1.79
C TRP B 1964 9.69 -3.35 -2.38
N SER B 1965 9.18 -3.53 -3.60
CA SER B 1965 8.36 -2.49 -4.20
C SER B 1965 7.03 -2.36 -3.48
N LYS B 1966 6.44 -3.48 -3.06
CA LYS B 1966 5.23 -3.40 -2.26
C LYS B 1966 5.47 -2.77 -0.90
N GLY B 1967 6.72 -2.54 -0.53
CA GLY B 1967 7.06 -1.98 0.77
C GLY B 1967 7.46 -2.98 1.81
N ASP B 1968 7.40 -4.28 1.51
CA ASP B 1968 7.66 -5.34 2.48
C ASP B 1968 9.14 -5.70 2.45
N VAL B 1969 9.96 -4.78 2.96
CA VAL B 1969 11.41 -4.94 2.85
C VAL B 1969 11.87 -6.17 3.63
N HIS B 1970 11.23 -6.48 4.75
CA HIS B 1970 11.66 -7.62 5.54
C HIS B 1970 11.44 -8.93 4.80
N GLN B 1971 10.22 -9.20 4.37
CA GLN B 1971 9.97 -10.45 3.67
C GLN B 1971 10.75 -10.51 2.37
N ALA B 1972 11.01 -9.35 1.77
CA ALA B 1972 11.93 -9.30 0.65
C ALA B 1972 13.28 -9.88 1.02
N LEU B 1973 13.88 -9.37 2.10
CA LEU B 1973 15.19 -9.87 2.50
C LEU B 1973 15.13 -11.36 2.82
N ILE B 1974 14.07 -11.80 3.47
CA ILE B 1974 13.94 -13.20 3.86
C ILE B 1974 13.90 -14.09 2.62
N VAL B 1975 13.02 -13.77 1.68
CA VAL B 1975 12.91 -14.56 0.46
C VAL B 1975 14.21 -14.54 -0.32
N LEU B 1976 14.88 -13.39 -0.35
CA LEU B 1976 16.11 -13.31 -1.13
C LEU B 1976 17.21 -14.16 -0.52
N GLN B 1977 17.36 -14.09 0.80
CA GLN B 1977 18.46 -14.83 1.46
C GLN B 1977 18.15 -16.32 1.37
N LYS B 1978 16.89 -16.73 1.46
CA LYS B 1978 16.47 -18.15 1.32
C LYS B 1978 16.77 -18.67 -0.08
N GLY B 1979 16.56 -17.86 -1.10
CA GLY B 1979 16.78 -18.25 -2.51
C GLY B 1979 18.24 -18.19 -2.88
N VAL B 1980 19.03 -17.35 -2.22
CA VAL B 1980 20.47 -17.36 -2.42
C VAL B 1980 21.08 -18.60 -1.79
N GLU B 1981 20.52 -19.07 -0.69
CA GLU B 1981 21.05 -20.26 -0.05
C GLU B 1981 20.61 -21.52 -0.79
N LEU B 1982 19.45 -21.47 -1.42
CA LEU B 1982 19.01 -22.61 -2.22
C LEU B 1982 19.78 -22.72 -3.53
N CYS B 1983 19.85 -21.62 -4.29
CA CYS B 1983 20.38 -21.71 -5.65
C CYS B 1983 21.90 -21.63 -5.67
N PHE B 1984 22.50 -21.00 -4.67
CA PHE B 1984 23.95 -20.85 -4.59
C PHE B 1984 24.44 -21.41 -3.27
N PRO B 1985 24.32 -22.72 -3.07
CA PRO B 1985 24.83 -23.33 -1.84
C PRO B 1985 26.32 -23.08 -1.73
N GLU B 1986 26.78 -22.85 -0.49
CA GLU B 1986 28.15 -22.44 -0.27
C GLU B 1986 29.15 -23.50 -0.74
N ASN B 1987 28.73 -24.76 -0.75
CA ASN B 1987 29.65 -25.84 -1.10
C ASN B 1987 30.27 -25.62 -2.47
N GLU B 1988 29.43 -25.46 -3.50
CA GLU B 1988 29.89 -25.31 -4.86
C GLU B 1988 29.79 -23.85 -5.29
N THR B 1989 30.92 -23.28 -5.71
CA THR B 1989 30.93 -21.90 -6.16
C THR B 1989 30.20 -21.76 -7.49
N PRO B 1990 29.45 -20.68 -7.69
CA PRO B 1990 29.00 -20.35 -9.03
C PRO B 1990 30.12 -19.66 -9.79
N PRO B 1991 30.84 -20.38 -10.64
CA PRO B 1991 31.86 -19.76 -11.51
C PRO B 1991 31.37 -19.46 -12.91
N GLU B 1992 30.13 -19.81 -13.23
CA GLU B 1992 29.68 -19.99 -14.59
C GLU B 1992 28.97 -18.75 -15.08
N GLY B 1993 29.48 -18.16 -16.15
CA GLY B 1993 28.69 -17.30 -17.01
C GLY B 1993 27.60 -16.55 -16.28
N LYS B 1994 26.35 -16.78 -16.70
CA LYS B 1994 25.25 -15.98 -16.17
C LYS B 1994 25.03 -16.24 -14.69
N ASN B 1995 25.47 -17.39 -14.18
CA ASN B 1995 25.20 -17.70 -12.79
C ASN B 1995 26.03 -16.84 -11.86
N MET B 1996 27.28 -16.53 -12.24
CA MET B 1996 28.04 -15.58 -11.44
C MET B 1996 27.42 -14.20 -11.49
N LEU B 1997 26.91 -13.82 -12.66
CA LEU B 1997 26.19 -12.54 -12.77
C LEU B 1997 25.02 -12.48 -11.81
N ILE B 1998 24.19 -13.52 -11.81
CA ILE B 1998 23.00 -13.50 -10.95
C ILE B 1998 23.40 -13.59 -9.50
N HIS B 1999 24.46 -14.33 -9.20
CA HIS B 1999 24.95 -14.38 -7.82
C HIS B 1999 25.35 -13.00 -7.35
N GLY B 2000 26.06 -12.24 -8.20
CA GLY B 2000 26.44 -10.90 -7.82
C GLY B 2000 25.25 -9.97 -7.68
N ARG B 2001 24.32 -10.05 -8.62
CA ARG B 2001 23.10 -9.25 -8.53
C ARG B 2001 22.39 -9.49 -7.21
N ALA B 2002 22.25 -10.76 -6.83
CA ALA B 2002 21.54 -11.10 -5.61
C ALA B 2002 22.31 -10.68 -4.38
N MET B 2003 23.63 -10.84 -4.38
CA MET B 2003 24.41 -10.40 -3.22
C MET B 2003 24.33 -8.90 -3.04
N LEU B 2004 24.35 -8.15 -4.14
CA LEU B 2004 24.21 -6.70 -4.03
C LEU B 2004 22.82 -6.33 -3.51
N LEU B 2005 21.79 -6.97 -4.04
CA LEU B 2005 20.44 -6.68 -3.56
C LEU B 2005 20.32 -7.00 -2.08
N VAL B 2006 20.98 -8.06 -1.62
CA VAL B 2006 20.96 -8.39 -0.19
C VAL B 2006 21.66 -7.32 0.61
N GLY B 2007 22.82 -6.88 0.14
CA GLY B 2007 23.51 -5.80 0.84
C GLY B 2007 22.65 -4.55 0.94
N ARG B 2008 21.89 -4.25 -0.11
CA ARG B 2008 21.10 -3.04 -0.09
C ARG B 2008 19.91 -3.17 0.84
N PHE B 2009 19.24 -4.32 0.83
CA PHE B 2009 18.21 -4.57 1.83
C PHE B 2009 18.76 -4.43 3.23
N MET B 2010 19.89 -5.08 3.51
CA MET B 2010 20.52 -4.96 4.83
C MET B 2010 20.76 -3.51 5.18
N GLU B 2011 21.28 -2.72 4.25
CA GLU B 2011 21.53 -1.32 4.53
C GLU B 2011 20.26 -0.59 4.89
N GLU B 2012 19.16 -0.93 4.23
CA GLU B 2012 17.90 -0.25 4.54
C GLU B 2012 17.35 -0.66 5.90
N THR B 2013 17.57 -1.91 6.28
CA THR B 2013 17.05 -2.40 7.56
C THR B 2013 17.93 -1.91 8.72
N ALA B 2014 17.31 -1.70 9.87
CA ALA B 2014 17.98 -0.98 10.96
C ALA B 2014 18.75 -1.91 11.87
N ASN B 2015 18.37 -3.19 11.93
CA ASN B 2015 18.99 -4.08 12.90
C ASN B 2015 20.41 -4.46 12.50
N PHE B 2016 20.68 -4.58 11.21
CA PHE B 2016 22.01 -4.90 10.74
C PHE B 2016 22.97 -3.75 11.03
N GLU B 2017 24.15 -4.09 11.53
CA GLU B 2017 25.13 -3.04 11.78
C GLU B 2017 26.21 -3.07 10.71
N SER B 2018 27.01 -2.00 10.67
CA SER B 2018 27.73 -1.64 9.45
C SER B 2018 28.71 -2.70 9.00
N ASN B 2019 29.39 -3.37 9.93
CA ASN B 2019 30.43 -4.29 9.52
C ASN B 2019 29.91 -5.36 8.57
N ALA B 2020 28.73 -5.91 8.86
CA ALA B 2020 28.18 -6.95 8.00
C ALA B 2020 27.83 -6.41 6.63
N ILE B 2021 27.26 -5.20 6.57
CA ILE B 2021 26.90 -4.62 5.29
C ILE B 2021 28.15 -4.38 4.45
N MET B 2022 29.18 -3.80 5.06
CA MET B 2022 30.43 -3.59 4.33
C MET B 2022 30.99 -4.90 3.82
N LYS B 2023 30.93 -5.96 4.63
CA LYS B 2023 31.45 -7.23 4.18
C LYS B 2023 30.64 -7.77 3.01
N LYS B 2024 29.33 -7.55 3.02
CA LYS B 2024 28.51 -8.01 1.91
C LYS B 2024 28.85 -7.25 0.63
N TYR B 2025 29.04 -5.95 0.72
CA TYR B 2025 29.40 -5.16 -0.45
C TYR B 2025 30.76 -5.57 -1.00
N LYS B 2026 31.73 -5.79 -0.11
CA LYS B 2026 33.02 -6.27 -0.55
C LYS B 2026 32.91 -7.65 -1.19
N ASP B 2027 32.04 -8.49 -0.66
CA ASP B 2027 31.76 -9.77 -1.30
C ASP B 2027 31.32 -9.55 -2.74
N VAL B 2028 30.36 -8.66 -2.94
CA VAL B 2028 29.87 -8.41 -4.30
C VAL B 2028 31.01 -7.96 -5.20
N THR B 2029 31.82 -7.01 -4.74
CA THR B 2029 32.87 -6.50 -5.62
C THR B 2029 33.91 -7.57 -5.91
N ALA B 2030 34.11 -8.51 -4.99
CA ALA B 2030 35.07 -9.58 -5.23
C ALA B 2030 34.50 -10.62 -6.19
N CYS B 2031 33.19 -10.83 -6.16
CA CYS B 2031 32.57 -11.79 -7.06
C CYS B 2031 32.54 -11.27 -8.49
N LEU B 2032 32.17 -10.01 -8.67
CA LEU B 2032 32.08 -9.37 -9.99
C LEU B 2032 32.93 -8.12 -9.97
N PRO B 2033 34.24 -8.25 -10.21
CA PRO B 2033 35.11 -7.07 -10.17
C PRO B 2033 34.93 -6.14 -11.36
N GLU B 2034 34.33 -6.63 -12.45
CA GLU B 2034 34.17 -5.81 -13.64
C GLU B 2034 32.84 -5.05 -13.59
N TRP B 2035 31.97 -5.43 -12.67
CA TRP B 2035 30.65 -4.82 -12.55
C TRP B 2035 30.76 -3.48 -11.86
N GLU B 2036 30.02 -2.49 -12.36
CA GLU B 2036 30.14 -1.14 -11.82
C GLU B 2036 29.33 -0.97 -10.55
N ASP B 2037 28.11 -1.52 -10.52
CA ASP B 2037 27.23 -1.28 -9.39
C ASP B 2037 27.87 -1.71 -8.08
N GLY B 2038 28.63 -2.80 -8.11
CA GLY B 2038 29.28 -3.24 -6.88
C GLY B 2038 30.17 -2.18 -6.29
N HIS B 2039 31.10 -1.65 -7.09
CA HIS B 2039 31.99 -0.61 -6.60
C HIS B 2039 31.22 0.64 -6.22
N PHE B 2040 30.24 1.01 -7.03
CA PHE B 2040 29.50 2.22 -6.70
C PHE B 2040 28.84 2.11 -5.34
N TYR B 2041 28.15 1.01 -5.07
CA TYR B 2041 27.41 0.89 -3.83
C TYR B 2041 28.34 0.70 -2.65
N LEU B 2042 29.44 -0.03 -2.83
CA LEU B 2042 30.44 -0.08 -1.79
C LEU B 2042 30.90 1.31 -1.41
N ALA B 2043 31.28 2.12 -2.40
CA ALA B 2043 31.79 3.45 -2.11
C ALA B 2043 30.72 4.35 -1.53
N LYS B 2044 29.48 4.20 -1.97
CA LYS B 2044 28.39 5.00 -1.41
C LYS B 2044 28.21 4.68 0.06
N TYR B 2045 28.20 3.39 0.42
CA TYR B 2045 28.05 3.04 1.83
C TYR B 2045 29.21 3.55 2.64
N TYR B 2046 30.43 3.44 2.12
CA TYR B 2046 31.56 3.95 2.87
C TYR B 2046 31.44 5.45 3.08
N ASP B 2047 31.01 6.17 2.05
CA ASP B 2047 30.81 7.60 2.18
C ASP B 2047 29.76 7.91 3.23
N LYS B 2048 28.69 7.11 3.29
CA LYS B 2048 27.65 7.35 4.27
C LYS B 2048 28.17 7.14 5.68
N LEU B 2049 28.86 6.03 5.93
CA LEU B 2049 29.26 5.74 7.30
C LEU B 2049 30.55 6.47 7.68
N MET B 2050 31.15 7.20 6.75
CA MET B 2050 32.35 7.95 7.11
C MET B 2050 32.10 9.03 8.15
N PRO B 2051 31.11 9.91 8.01
CA PRO B 2051 30.92 10.96 9.02
C PRO B 2051 30.78 10.42 10.42
N MET B 2052 30.06 9.31 10.59
CA MET B 2052 29.85 8.78 11.93
C MET B 2052 31.12 8.18 12.50
N VAL B 2053 31.80 7.35 11.73
CA VAL B 2053 32.99 6.65 12.24
C VAL B 2053 34.06 7.65 12.68
N THR B 2054 34.19 8.77 11.96
CA THR B 2054 35.30 9.67 12.19
C THR B 2054 34.90 10.96 12.90
N ASP B 2055 33.67 11.09 13.34
CA ASP B 2055 33.25 12.23 14.17
C ASP B 2055 33.18 13.52 13.35
N ASN B 2056 33.03 13.38 12.03
CA ASN B 2056 32.94 14.55 11.15
C ASN B 2056 34.23 15.36 11.16
N LYS B 2057 35.36 14.67 11.33
CA LYS B 2057 36.66 15.31 11.35
C LYS B 2057 37.49 14.79 10.18
N MET B 2058 37.86 15.69 9.27
CA MET B 2058 38.49 15.27 8.03
C MET B 2058 39.81 14.57 8.27
N GLU B 2059 40.47 14.88 9.39
CA GLU B 2059 41.82 14.37 9.62
C GLU B 2059 41.85 12.85 9.58
N LYS B 2060 40.92 12.22 10.26
CA LYS B 2060 40.87 10.76 10.26
C LYS B 2060 40.17 10.24 9.00
N GLN B 2061 39.58 11.15 8.23
CA GLN B 2061 38.84 10.76 7.04
C GLN B 2061 39.75 10.46 5.86
N GLY B 2062 41.06 10.60 6.02
CA GLY B 2062 41.95 10.41 4.89
C GLY B 2062 41.86 9.02 4.28
N ASP B 2063 42.03 7.99 5.12
CA ASP B 2063 42.05 6.63 4.61
C ASP B 2063 40.70 6.22 4.03
N LEU B 2064 39.62 6.54 4.73
CA LEU B 2064 38.30 6.30 4.19
C LEU B 2064 38.11 7.02 2.87
N ILE B 2065 38.60 8.26 2.77
CA ILE B 2065 38.45 9.00 1.53
C ILE B 2065 39.18 8.30 0.40
N ARG B 2066 40.36 7.75 0.70
CA ARG B 2066 41.08 7.03 -0.35
C ARG B 2066 40.28 5.83 -0.83
N TYR B 2067 39.75 5.03 0.10
CA TYR B 2067 38.95 3.88 -0.33
C TYR B 2067 37.74 4.33 -1.16
N ILE B 2068 37.09 5.41 -0.72
CA ILE B 2068 35.90 5.89 -1.40
C ILE B 2068 36.21 6.33 -2.82
N VAL B 2069 37.27 7.13 -2.99
CA VAL B 2069 37.59 7.61 -4.34
C VAL B 2069 38.05 6.45 -5.21
N LEU B 2070 38.82 5.52 -4.64
CA LEU B 2070 39.25 4.37 -5.42
C LEU B 2070 38.06 3.62 -6.00
N HIS B 2071 37.04 3.38 -5.18
CA HIS B 2071 35.94 2.57 -5.68
C HIS B 2071 35.02 3.37 -6.59
N PHE B 2072 34.84 4.66 -6.32
CA PHE B 2072 34.17 5.52 -7.29
C PHE B 2072 34.84 5.42 -8.66
N GLY B 2073 36.17 5.49 -8.68
CA GLY B 2073 36.88 5.46 -9.94
C GLY B 2073 36.73 4.15 -10.68
N ARG B 2074 36.85 3.03 -9.98
CA ARG B 2074 36.65 1.75 -10.66
C ARG B 2074 35.23 1.64 -11.20
N SER B 2075 34.24 1.95 -10.36
CA SER B 2075 32.89 2.11 -10.84
C SER B 2075 32.86 2.78 -12.20
N LEU B 2076 33.49 3.96 -12.28
CA LEU B 2076 33.46 4.69 -13.56
C LEU B 2076 34.11 3.88 -14.66
N GLN B 2077 35.22 3.20 -14.37
CA GLN B 2077 35.87 2.43 -15.42
C GLN B 2077 34.93 1.42 -16.05
N TYR B 2078 33.99 0.89 -15.27
CA TYR B 2078 33.24 -0.24 -15.80
C TYR B 2078 31.87 0.16 -16.33
N GLY B 2079 31.44 1.39 -16.08
CA GLY B 2079 30.14 1.83 -16.55
C GLY B 2079 29.91 3.30 -16.25
N ASN B 2080 28.90 3.86 -16.90
CA ASN B 2080 28.57 5.26 -16.73
C ASN B 2080 27.22 5.48 -16.08
N GLN B 2081 26.62 4.42 -15.53
CA GLN B 2081 25.23 4.56 -15.11
C GLN B 2081 25.09 5.53 -13.95
N PHE B 2082 26.05 5.55 -13.04
CA PHE B 2082 26.02 6.45 -11.90
C PHE B 2082 27.08 7.54 -11.99
N ILE B 2083 27.33 8.07 -13.19
CA ILE B 2083 28.44 8.98 -13.35
C ILE B 2083 28.17 10.29 -12.60
N TYR B 2084 26.91 10.70 -12.54
CA TYR B 2084 26.59 11.99 -11.95
C TYR B 2084 26.57 11.92 -10.43
N GLN B 2085 26.63 10.71 -9.88
CA GLN B 2085 26.77 10.59 -8.42
C GLN B 2085 28.21 10.31 -8.04
N SER B 2086 28.99 9.74 -8.95
CA SER B 2086 30.30 9.23 -8.58
C SER B 2086 31.41 10.19 -8.95
N MET B 2087 31.35 10.80 -10.13
CA MET B 2087 32.44 11.70 -10.47
C MET B 2087 32.41 12.96 -9.60
N PRO B 2088 31.27 13.63 -9.51
CA PRO B 2088 31.20 14.80 -8.63
C PRO B 2088 31.63 14.52 -7.21
N ARG B 2089 31.14 13.44 -6.62
CA ARG B 2089 31.46 13.15 -5.22
C ARG B 2089 32.93 12.81 -5.05
N MET B 2090 33.49 12.06 -6.00
CA MET B 2090 34.91 11.73 -5.95
C MET B 2090 35.76 12.99 -5.98
N LEU B 2091 35.47 13.89 -6.92
CA LEU B 2091 36.27 15.11 -7.02
C LEU B 2091 36.07 15.99 -5.81
N THR B 2092 34.84 16.08 -5.29
CA THR B 2092 34.62 16.87 -4.09
C THR B 2092 35.42 16.36 -2.92
N LEU B 2093 35.34 15.07 -2.64
CA LEU B 2093 36.12 14.49 -1.56
C LEU B 2093 37.59 14.81 -1.72
N TRP B 2094 38.16 14.49 -2.88
CA TRP B 2094 39.60 14.66 -3.05
C TRP B 2094 40.01 16.11 -2.88
N LEU B 2095 39.31 17.03 -3.52
CA LEU B 2095 39.74 18.42 -3.49
C LEU B 2095 39.53 19.04 -2.12
N ASP B 2096 38.46 18.67 -1.41
CA ASP B 2096 38.26 19.24 -0.09
C ASP B 2096 39.25 18.67 0.92
N TYR B 2097 39.63 17.40 0.77
CA TYR B 2097 40.69 16.91 1.63
C TYR B 2097 41.99 17.64 1.36
N GLY B 2098 42.26 17.95 0.09
CA GLY B 2098 43.45 18.75 -0.21
C GLY B 2098 43.40 20.11 0.45
N THR B 2099 42.25 20.77 0.38
CA THR B 2099 42.10 22.06 1.06
C THR B 2099 42.35 21.93 2.55
N LYS B 2100 41.80 20.90 3.17
CA LYS B 2100 42.04 20.70 4.61
C LYS B 2100 43.52 20.52 4.90
N ALA B 2101 44.20 19.68 4.13
CA ALA B 2101 45.62 19.46 4.37
C ALA B 2101 46.40 20.76 4.28
N TYR B 2102 46.08 21.60 3.30
CA TYR B 2102 46.72 22.90 3.22
C TYR B 2102 46.46 23.72 4.46
N GLU B 2103 45.18 23.85 4.84
CA GLU B 2103 44.83 24.53 6.08
C GLU B 2103 45.70 24.09 7.22
N TRP B 2104 45.90 22.78 7.35
CA TRP B 2104 46.48 22.24 8.58
C TRP B 2104 47.98 22.39 8.60
N GLU B 2105 48.63 22.27 7.44
CA GLU B 2105 50.07 22.52 7.45
C GLU B 2105 50.37 24.01 7.58
N LYS B 2106 49.44 24.87 7.16
CA LYS B 2106 49.67 26.30 7.41
C LYS B 2106 49.41 26.67 8.85
N ALA B 2107 48.38 26.08 9.46
CA ALA B 2107 48.01 26.48 10.80
C ALA B 2107 49.06 26.04 11.82
N GLY B 2108 49.86 25.04 11.46
CA GLY B 2108 50.76 24.46 12.43
C GLY B 2108 50.13 23.44 13.34
N ARG B 2109 48.94 22.94 13.00
CA ARG B 2109 48.32 21.89 13.79
C ARG B 2109 49.11 20.59 13.61
N SER B 2110 49.01 19.70 14.62
CA SER B 2110 49.99 18.63 14.78
C SER B 2110 49.79 17.52 13.76
N ASP B 2111 48.56 17.08 13.55
CA ASP B 2111 48.29 16.00 12.62
C ASP B 2111 48.38 16.54 11.18
N ARG B 2112 49.60 16.91 10.81
CA ARG B 2112 49.89 17.37 9.46
C ARG B 2112 50.67 16.36 8.64
N VAL B 2113 51.58 15.62 9.26
CA VAL B 2113 52.34 14.62 8.50
C VAL B 2113 51.41 13.52 8.02
N GLN B 2114 50.51 13.07 8.89
CA GLN B 2114 49.55 12.05 8.48
C GLN B 2114 48.67 12.57 7.34
N MET B 2115 48.22 13.82 7.44
CA MET B 2115 47.40 14.38 6.38
C MET B 2115 48.17 14.45 5.08
N ARG B 2116 49.46 14.81 5.14
CA ARG B 2116 50.26 14.84 3.92
C ARG B 2116 50.38 13.46 3.31
N ASN B 2117 50.66 12.45 4.12
CA ASN B 2117 50.77 11.10 3.58
C ASN B 2117 49.47 10.67 2.91
N ASP B 2118 48.34 10.88 3.60
CA ASP B 2118 47.07 10.43 3.03
C ASP B 2118 46.71 11.23 1.79
N LEU B 2119 47.08 12.50 1.75
CA LEU B 2119 46.86 13.28 0.54
C LEU B 2119 47.68 12.74 -0.61
N GLY B 2120 48.94 12.40 -0.36
CA GLY B 2120 49.74 11.80 -1.42
C GLY B 2120 49.11 10.52 -1.95
N LYS B 2121 48.60 9.68 -1.04
CA LYS B 2121 47.97 8.44 -1.49
C LYS B 2121 46.72 8.73 -2.33
N ILE B 2122 45.91 9.69 -1.90
CA ILE B 2122 44.72 10.03 -2.67
C ILE B 2122 45.10 10.58 -4.04
N ASN B 2123 46.19 11.35 -4.09
CA ASN B 2123 46.64 11.88 -5.37
C ASN B 2123 47.09 10.76 -6.30
N LYS B 2124 47.75 9.73 -5.75
CA LYS B 2124 48.15 8.61 -6.60
C LYS B 2124 46.93 7.86 -7.12
N VAL B 2125 45.92 7.69 -6.26
CA VAL B 2125 44.68 7.07 -6.74
C VAL B 2125 44.07 7.89 -7.85
N ILE B 2126 44.07 9.22 -7.71
CA ILE B 2126 43.47 10.08 -8.72
C ILE B 2126 44.27 10.01 -10.02
N THR B 2127 45.59 9.85 -9.92
CA THR B 2127 46.40 9.69 -11.12
C THR B 2127 46.05 8.40 -11.85
N GLU B 2128 45.91 7.30 -11.10
CA GLU B 2128 45.48 6.07 -11.74
C GLU B 2128 44.13 6.23 -12.42
N HIS B 2129 43.20 6.91 -11.76
CA HIS B 2129 41.90 7.15 -12.38
C HIS B 2129 42.05 7.98 -13.65
N THR B 2130 42.90 9.00 -13.61
CA THR B 2130 43.12 9.81 -14.80
C THR B 2130 43.64 8.97 -15.95
N ASN B 2131 44.46 7.97 -15.64
CA ASN B 2131 45.00 7.14 -16.71
C ASN B 2131 43.93 6.19 -17.26
N TYR B 2132 43.13 5.60 -16.38
CA TYR B 2132 42.18 4.58 -16.84
C TYR B 2132 40.91 5.20 -17.42
N LEU B 2133 40.38 6.24 -16.78
CA LEU B 2133 39.10 6.78 -17.18
C LEU B 2133 39.21 7.50 -18.52
N ALA B 2134 38.14 7.41 -19.31
CA ALA B 2134 38.12 8.06 -20.61
C ALA B 2134 37.82 9.55 -20.45
N PRO B 2135 38.33 10.39 -21.35
CA PRO B 2135 38.22 11.83 -21.13
C PRO B 2135 36.80 12.35 -21.10
N TYR B 2136 35.85 11.70 -21.77
CA TYR B 2136 34.48 12.23 -21.75
C TYR B 2136 33.88 12.10 -20.36
N GLN B 2137 34.30 11.10 -19.60
CA GLN B 2137 33.82 10.98 -18.23
C GLN B 2137 34.27 12.14 -17.37
N PHE B 2138 35.43 12.72 -17.67
CA PHE B 2138 35.84 13.92 -16.97
C PHE B 2138 35.16 15.15 -17.58
N LEU B 2139 34.88 15.09 -18.88
CA LEU B 2139 34.13 16.18 -19.50
C LEU B 2139 32.80 16.38 -18.81
N THR B 2140 32.21 15.29 -18.33
CA THR B 2140 30.93 15.40 -17.62
C THR B 2140 31.03 16.35 -16.43
N ALA B 2141 32.21 16.47 -15.83
CA ALA B 2141 32.42 17.30 -14.66
C ALA B 2141 33.38 18.46 -14.91
N PHE B 2142 33.72 18.70 -16.18
CA PHE B 2142 34.67 19.76 -16.51
C PHE B 2142 34.32 21.08 -15.83
N SER B 2143 33.04 21.40 -15.69
CA SER B 2143 32.69 22.68 -15.07
C SER B 2143 33.18 22.75 -13.63
N GLN B 2144 32.94 21.69 -12.86
CA GLN B 2144 33.46 21.65 -11.49
C GLN B 2144 34.98 21.66 -11.48
N LEU B 2145 35.59 20.82 -12.30
CA LEU B 2145 37.06 20.80 -12.38
C LEU B 2145 37.61 22.20 -12.60
N ILE B 2146 37.00 22.96 -13.50
CA ILE B 2146 37.49 24.30 -13.78
C ILE B 2146 37.25 25.20 -12.58
N SER B 2147 36.10 25.06 -11.93
CA SER B 2147 35.83 25.89 -10.76
C SER B 2147 36.93 25.73 -9.72
N ARG B 2148 37.49 24.53 -9.59
CA ARG B 2148 38.48 24.30 -8.54
C ARG B 2148 39.92 24.56 -8.97
N ILE B 2149 40.15 25.34 -10.02
CA ILE B 2149 41.52 25.51 -10.50
C ILE B 2149 42.36 26.40 -9.59
N CYS B 2150 41.73 27.15 -8.70
CA CYS B 2150 42.46 27.98 -7.76
C CYS B 2150 42.79 27.25 -6.48
N HIS B 2151 42.85 25.93 -6.52
CA HIS B 2151 43.09 25.16 -5.31
C HIS B 2151 44.37 25.60 -4.64
N SER B 2152 44.38 25.52 -3.31
CA SER B 2152 45.50 26.04 -2.54
C SER B 2152 46.70 25.11 -2.62
N HIS B 2153 46.47 23.81 -2.44
CA HIS B 2153 47.55 22.85 -2.44
C HIS B 2153 48.15 22.71 -3.83
N ASP B 2154 49.47 22.67 -3.91
CA ASP B 2154 50.13 22.68 -5.21
C ASP B 2154 50.12 21.31 -5.87
N GLU B 2155 50.33 20.25 -5.09
CA GLU B 2155 50.23 18.91 -5.66
C GLU B 2155 48.84 18.64 -6.20
N VAL B 2156 47.82 19.03 -5.44
CA VAL B 2156 46.46 18.87 -5.91
C VAL B 2156 46.26 19.61 -7.21
N PHE B 2157 46.91 20.76 -7.37
CA PHE B 2157 46.75 21.49 -8.62
C PHE B 2157 47.49 20.80 -9.75
N VAL B 2158 48.62 20.15 -9.47
CA VAL B 2158 49.30 19.43 -10.54
C VAL B 2158 48.41 18.31 -11.05
N VAL B 2159 47.82 17.54 -10.14
CA VAL B 2159 46.94 16.46 -10.58
C VAL B 2159 45.72 17.01 -11.31
N LEU B 2160 45.11 18.07 -10.78
CA LEU B 2160 43.98 18.69 -11.43
C LEU B 2160 44.34 19.20 -12.81
N MET B 2161 45.53 19.77 -12.95
CA MET B 2161 45.97 20.27 -14.24
C MET B 2161 46.15 19.14 -15.23
N GLU B 2162 46.64 17.99 -14.77
CA GLU B 2162 46.75 16.87 -15.69
C GLU B 2162 45.38 16.41 -16.15
N ILE B 2163 44.40 16.36 -15.24
CA ILE B 2163 43.04 15.99 -15.63
C ILE B 2163 42.49 16.97 -16.66
N ILE B 2164 42.61 18.27 -16.39
CA ILE B 2164 42.06 19.27 -17.28
C ILE B 2164 42.74 19.22 -18.63
N ALA B 2165 44.06 19.00 -18.64
CA ALA B 2165 44.78 18.96 -19.91
C ALA B 2165 44.35 17.76 -20.73
N LYS B 2166 44.14 16.60 -20.08
CA LYS B 2166 43.62 15.46 -20.80
C LYS B 2166 42.27 15.78 -21.44
N VAL B 2167 41.35 16.37 -20.67
CA VAL B 2167 40.05 16.69 -21.24
C VAL B 2167 40.17 17.72 -22.35
N PHE B 2168 41.15 18.62 -22.24
CA PHE B 2168 41.30 19.64 -23.26
C PHE B 2168 41.82 19.06 -24.55
N LEU B 2169 42.82 18.18 -24.49
CA LEU B 2169 43.30 17.53 -25.68
C LEU B 2169 42.20 16.71 -26.33
N ALA B 2170 41.38 16.04 -25.53
CA ALA B 2170 40.32 15.23 -26.13
C ALA B 2170 39.30 16.10 -26.85
N TYR B 2171 38.86 17.19 -26.22
CA TYR B 2171 37.80 18.05 -26.75
C TYR B 2171 38.22 19.50 -26.64
N PRO B 2172 39.03 19.98 -27.57
CA PRO B 2172 39.53 21.35 -27.46
C PRO B 2172 38.45 22.40 -27.56
N GLN B 2173 37.42 22.17 -28.38
CA GLN B 2173 36.41 23.20 -28.60
C GLN B 2173 35.60 23.46 -27.33
N GLN B 2174 34.94 22.42 -26.83
CA GLN B 2174 34.14 22.57 -25.62
C GLN B 2174 35.00 23.05 -24.45
N ALA B 2175 36.19 22.46 -24.29
CA ALA B 2175 37.04 22.85 -23.19
C ALA B 2175 37.42 24.32 -23.29
N MET B 2176 37.75 24.80 -24.50
CA MET B 2176 38.14 26.19 -24.63
C MET B 2176 36.97 27.12 -24.34
N TRP B 2177 35.78 26.76 -24.79
CA TRP B 2177 34.63 27.60 -24.49
C TRP B 2177 34.36 27.66 -23.00
N MET B 2178 34.58 26.54 -22.30
CA MET B 2178 34.29 26.52 -20.87
C MET B 2178 35.41 27.16 -20.06
N MET B 2179 36.60 27.28 -20.64
CA MET B 2179 37.73 27.86 -19.93
C MET B 2179 37.94 29.34 -20.24
N THR B 2180 37.37 29.84 -21.34
CA THR B 2180 37.61 31.22 -21.72
C THR B 2180 37.38 32.18 -20.57
N ALA B 2181 36.31 31.98 -19.81
CA ALA B 2181 35.96 32.94 -18.77
C ALA B 2181 37.08 33.12 -17.77
N VAL B 2182 37.52 32.04 -17.14
CA VAL B 2182 38.61 32.14 -16.16
C VAL B 2182 39.90 32.55 -16.85
N SER B 2183 40.02 32.26 -18.14
CA SER B 2183 41.22 32.66 -18.87
C SER B 2183 41.50 34.14 -18.69
N LYS B 2184 40.45 34.97 -18.72
CA LYS B 2184 40.61 36.41 -18.62
C LYS B 2184 39.85 37.01 -17.46
N SER B 2185 39.76 36.30 -16.34
CA SER B 2185 39.18 36.87 -15.14
C SER B 2185 40.02 38.05 -14.66
N SER B 2186 39.43 38.85 -13.77
CA SER B 2186 40.17 39.94 -13.18
C SER B 2186 41.13 39.44 -12.09
N TYR B 2187 40.75 38.38 -11.40
CA TYR B 2187 41.60 37.80 -10.39
C TYR B 2187 42.86 37.25 -11.04
N PRO B 2188 44.05 37.71 -10.67
CA PRO B 2188 45.26 37.24 -11.34
C PRO B 2188 45.51 35.75 -11.17
N MET B 2189 45.07 35.15 -10.07
CA MET B 2189 45.37 33.74 -9.85
C MET B 2189 44.61 32.86 -10.83
N ARG B 2190 43.35 33.16 -11.08
CA ARG B 2190 42.60 32.39 -12.08
C ARG B 2190 43.28 32.49 -13.44
N VAL B 2191 43.71 33.69 -13.82
CA VAL B 2191 44.39 33.87 -15.09
C VAL B 2191 45.65 33.02 -15.15
N ASN B 2192 46.48 33.08 -14.12
CA ASN B 2192 47.74 32.34 -14.14
C ASN B 2192 47.51 30.84 -14.18
N ARG B 2193 46.53 30.35 -13.41
CA ARG B 2193 46.28 28.92 -13.39
C ARG B 2193 45.75 28.44 -14.73
N CYS B 2194 44.80 29.15 -15.32
CA CYS B 2194 44.31 28.74 -16.62
C CYS B 2194 45.40 28.82 -17.68
N LYS B 2195 46.29 29.81 -17.56
CA LYS B 2195 47.41 29.89 -18.49
C LYS B 2195 48.34 28.69 -18.33
N GLU B 2196 48.60 28.27 -17.09
CA GLU B 2196 49.42 27.08 -16.87
C GLU B 2196 48.78 25.87 -17.55
N ILE B 2197 47.49 25.67 -17.34
CA ILE B 2197 46.81 24.53 -17.95
C ILE B 2197 46.92 24.59 -19.47
N LEU B 2198 46.74 25.78 -20.04
CA LEU B 2198 46.78 25.91 -21.50
C LEU B 2198 48.17 25.65 -22.05
N ASN B 2199 49.20 26.21 -21.40
CA ASN B 2199 50.55 25.94 -21.85
C ASN B 2199 50.90 24.46 -21.74
N LYS B 2200 50.43 23.81 -20.68
CA LYS B 2200 50.66 22.37 -20.57
C LYS B 2200 50.01 21.62 -21.71
N ALA B 2201 48.75 21.93 -21.99
CA ALA B 2201 48.08 21.26 -23.10
C ALA B 2201 48.80 21.51 -24.40
N ILE B 2202 49.31 22.73 -24.61
CA ILE B 2202 50.02 23.04 -25.83
C ILE B 2202 51.30 22.23 -25.92
N HIS B 2203 51.99 22.06 -24.81
CA HIS B 2203 53.16 21.17 -24.80
C HIS B 2203 52.77 19.76 -25.20
N MET B 2204 51.64 19.27 -24.70
CA MET B 2204 51.22 17.92 -25.06
C MET B 2204 50.95 17.78 -26.55
N LYS B 2205 50.33 18.79 -27.15
CA LYS B 2205 50.02 18.80 -28.57
C LYS B 2205 50.23 20.22 -29.09
N LYS B 2206 51.08 20.36 -30.11
CA LYS B 2206 51.42 21.69 -30.58
C LYS B 2206 50.37 22.22 -31.55
N SER B 2207 49.58 21.34 -32.15
CA SER B 2207 48.49 21.80 -33.01
C SER B 2207 47.55 22.72 -32.26
N LEU B 2208 47.31 22.43 -30.98
CA LEU B 2208 46.37 23.20 -30.20
C LEU B 2208 46.82 24.65 -30.05
N GLU B 2209 48.09 24.92 -30.35
CA GLU B 2209 48.64 26.25 -30.11
C GLU B 2209 47.95 27.30 -30.97
N LYS B 2210 47.87 27.05 -32.28
CA LYS B 2210 47.20 27.99 -33.17
C LYS B 2210 45.73 28.12 -32.83
N PHE B 2211 45.07 27.01 -32.53
CA PHE B 2211 43.66 27.07 -32.16
C PHE B 2211 43.44 27.92 -30.92
N VAL B 2212 44.31 27.79 -29.92
CA VAL B 2212 44.13 28.53 -28.69
C VAL B 2212 44.38 30.01 -28.94
N GLY B 2213 45.41 30.35 -29.71
CA GLY B 2213 45.60 31.74 -30.08
C GLY B 2213 44.39 32.31 -30.80
N ASP B 2214 43.85 31.56 -31.75
CA ASP B 2214 42.68 32.02 -32.49
C ASP B 2214 41.49 32.26 -31.57
N ALA B 2215 41.18 31.30 -30.72
CA ALA B 2215 40.05 31.46 -29.81
C ALA B 2215 40.25 32.64 -28.88
N THR B 2216 41.47 32.83 -28.37
CA THR B 2216 41.74 33.98 -27.54
C THR B 2216 41.45 35.27 -28.28
N ARG B 2217 41.99 35.42 -29.50
CA ARG B 2217 41.75 36.64 -30.25
C ARG B 2217 40.26 36.86 -30.50
N LEU B 2218 39.55 35.80 -30.89
CA LEU B 2218 38.14 35.95 -31.19
C LEU B 2218 37.35 36.40 -29.97
N THR B 2219 37.60 35.78 -28.82
CA THR B 2219 36.80 36.15 -27.65
C THR B 2219 37.19 37.52 -27.14
N ASP B 2220 38.43 37.94 -27.37
CA ASP B 2220 38.78 39.31 -27.02
C ASP B 2220 38.01 40.31 -27.88
N LYS B 2221 37.90 40.03 -29.18
CA LYS B 2221 37.11 40.89 -30.03
C LYS B 2221 35.65 40.89 -29.60
N LEU B 2222 35.12 39.73 -29.21
CA LEU B 2222 33.73 39.67 -28.77
C LEU B 2222 33.52 40.45 -27.49
N LEU B 2223 34.48 40.44 -26.58
CA LEU B 2223 34.39 41.27 -25.39
C LEU B 2223 34.37 42.74 -25.77
N GLU B 2224 35.28 43.16 -26.64
CA GLU B 2224 35.26 44.53 -27.12
C GLU B 2224 33.88 44.89 -27.67
N LEU B 2225 33.29 43.97 -28.44
CA LEU B 2225 31.96 44.21 -28.98
C LEU B 2225 30.94 44.41 -27.85
N CYS B 2226 30.85 43.45 -26.94
CA CYS B 2226 29.89 43.57 -25.84
C CYS B 2226 30.06 44.90 -25.11
N ASN B 2227 31.27 45.23 -24.71
CA ASN B 2227 31.53 46.44 -23.95
C ASN B 2227 31.60 47.69 -24.81
N LYS B 2228 31.39 47.56 -26.12
CA LYS B 2228 31.43 48.72 -26.99
C LYS B 2228 30.37 49.73 -26.54
N PRO B 2229 30.73 50.99 -26.38
CA PRO B 2229 29.73 52.00 -26.00
C PRO B 2229 28.91 52.46 -27.20
N VAL B 2230 27.59 52.39 -27.07
CA VAL B 2230 26.71 52.81 -28.15
C VAL B 2230 26.72 54.33 -28.29
N ASP B 2231 26.55 54.80 -29.52
CA ASP B 2231 26.51 56.23 -29.81
C ASP B 2231 25.07 56.66 -30.00
N GLY B 2232 24.63 57.64 -29.21
CA GLY B 2232 23.25 58.07 -29.27
C GLY B 2232 22.31 56.89 -29.08
N SER B 2233 21.18 56.93 -29.78
CA SER B 2233 20.31 55.77 -29.79
C SER B 2233 20.84 54.70 -30.74
N SER B 2234 20.96 55.04 -32.03
CA SER B 2234 21.56 54.16 -33.02
C SER B 2234 21.18 52.70 -32.74
N SER B 2235 19.90 52.41 -32.87
CA SER B 2235 19.42 51.11 -32.42
C SER B 2235 20.17 49.97 -33.09
N THR B 2236 20.75 50.22 -34.26
CA THR B 2236 21.44 49.18 -35.01
C THR B 2236 22.79 49.70 -35.50
N LEU B 2237 23.82 48.88 -35.31
CA LEU B 2237 25.16 49.13 -35.84
C LEU B 2237 25.49 48.08 -36.87
N SER B 2238 26.34 48.42 -37.83
CA SER B 2238 26.77 47.45 -38.81
C SER B 2238 28.23 47.06 -38.56
N MET B 2239 28.52 45.77 -38.77
CA MET B 2239 29.85 45.24 -38.47
C MET B 2239 30.93 45.99 -39.25
N SER B 2240 30.70 46.19 -40.54
CA SER B 2240 31.74 46.77 -41.38
C SER B 2240 32.11 48.16 -40.91
N THR B 2241 31.17 48.88 -40.30
CA THR B 2241 31.48 50.25 -39.91
C THR B 2241 32.21 50.29 -38.57
N HIS B 2242 31.75 49.55 -37.55
CA HIS B 2242 32.33 49.67 -36.21
C HIS B 2242 33.25 48.53 -35.84
N PHE B 2243 32.84 47.31 -36.11
CA PHE B 2243 33.61 46.12 -35.77
C PHE B 2243 34.42 45.65 -36.98
N LYS B 2244 35.36 46.50 -37.40
CA LYS B 2244 36.24 46.15 -38.51
C LYS B 2244 37.02 44.89 -38.22
N MET B 2245 37.78 44.89 -37.12
CA MET B 2245 38.80 43.87 -36.93
C MET B 2245 38.19 42.52 -36.60
N LEU B 2246 36.99 42.50 -36.04
CA LEU B 2246 36.34 41.21 -35.81
C LEU B 2246 36.02 40.52 -37.13
N LYS B 2247 35.35 41.24 -38.03
CA LYS B 2247 35.05 40.70 -39.34
C LYS B 2247 36.32 40.29 -40.07
N LYS B 2248 37.34 41.16 -40.07
CA LYS B 2248 38.61 40.79 -40.69
C LYS B 2248 39.18 39.52 -40.07
N LEU B 2249 39.26 39.48 -38.75
CA LEU B 2249 39.85 38.35 -38.05
C LEU B 2249 39.20 37.04 -38.45
N VAL B 2250 37.88 36.99 -38.46
CA VAL B 2250 37.23 35.74 -38.82
C VAL B 2250 37.29 35.51 -40.32
N GLU B 2251 37.61 36.56 -41.08
CA GLU B 2251 37.66 36.42 -42.54
C GLU B 2251 38.92 35.69 -42.98
N GLU B 2252 40.05 35.98 -42.35
CA GLU B 2252 41.31 35.42 -42.81
C GLU B 2252 41.20 33.91 -42.98
N ALA B 2253 41.95 33.38 -43.95
CA ALA B 2253 41.78 31.99 -44.34
C ALA B 2253 42.42 31.03 -43.35
N THR B 2254 43.50 31.46 -42.71
CA THR B 2254 44.20 30.57 -41.78
C THR B 2254 43.47 30.46 -40.46
N PHE B 2255 42.54 31.36 -40.18
CA PHE B 2255 41.83 31.37 -38.91
C PHE B 2255 41.22 30.01 -38.63
N SER B 2256 41.51 29.48 -37.44
CA SER B 2256 41.06 28.15 -37.09
C SER B 2256 39.55 28.10 -36.88
N GLU B 2257 38.97 26.93 -37.08
CA GLU B 2257 37.53 26.80 -36.92
C GLU B 2257 37.15 26.80 -35.45
N ILE B 2258 36.26 27.72 -35.08
CA ILE B 2258 35.79 27.86 -33.70
C ILE B 2258 34.35 27.39 -33.65
N LEU B 2259 34.08 26.40 -32.82
CA LEU B 2259 32.74 25.87 -32.69
C LEU B 2259 31.78 26.94 -32.19
N ILE B 2260 30.60 27.01 -32.80
CA ILE B 2260 29.58 27.92 -32.30
C ILE B 2260 28.97 27.33 -31.03
N PRO B 2261 29.15 27.94 -29.87
CA PRO B 2261 28.70 27.31 -28.63
C PRO B 2261 27.19 27.15 -28.62
N LEU B 2262 26.74 25.90 -28.55
CA LEU B 2262 25.32 25.61 -28.47
C LEU B 2262 25.12 24.46 -27.51
N GLN B 2263 23.96 24.43 -26.87
CA GLN B 2263 23.66 23.35 -25.94
C GLN B 2263 23.83 22.01 -26.62
N SER B 2264 23.63 21.95 -27.93
CA SER B 2264 23.79 20.70 -28.65
C SER B 2264 25.21 20.16 -28.51
N VAL B 2265 26.20 21.04 -28.64
CA VAL B 2265 27.58 20.58 -28.75
C VAL B 2265 28.35 20.86 -27.47
N MET B 2266 27.66 21.28 -26.40
CA MET B 2266 28.35 21.56 -25.15
C MET B 2266 28.10 20.48 -24.12
N ILE B 2267 26.92 19.88 -24.12
CA ILE B 2267 26.51 18.91 -23.12
C ILE B 2267 26.78 17.51 -23.65
N PRO B 2268 27.53 16.67 -22.93
CA PRO B 2268 27.93 15.39 -23.49
C PRO B 2268 26.81 14.37 -23.49
N THR B 2269 26.94 13.39 -24.37
CA THR B 2269 26.04 12.24 -24.43
C THR B 2269 26.81 11.00 -24.01
N LEU B 2270 26.27 10.25 -23.06
CA LEU B 2270 27.08 9.20 -22.50
C LEU B 2270 26.63 7.84 -23.01
N PRO B 2271 27.51 6.85 -23.03
CA PRO B 2271 27.14 5.54 -23.54
C PRO B 2271 26.04 4.90 -22.71
N SER B 2272 25.38 3.92 -23.31
CA SER B 2272 24.22 3.32 -22.67
C SER B 2272 24.64 2.13 -21.82
N ILE B 2273 23.72 1.69 -20.96
CA ILE B 2273 23.95 0.50 -20.16
C ILE B 2273 24.01 -0.72 -21.06
N LEU B 2274 23.21 -0.73 -22.12
CA LEU B 2274 23.14 -1.90 -23.00
C LEU B 2274 24.47 -2.15 -23.69
N GLY B 2275 25.07 -1.12 -24.27
CA GLY B 2275 26.34 -1.28 -24.94
C GLY B 2275 27.49 -0.55 -24.28
N THR B 2276 28.41 -1.31 -23.68
CA THR B 2276 29.61 -0.73 -23.09
C THR B 2276 30.87 -1.50 -23.49
N HIS B 2277 30.81 -2.28 -24.55
CA HIS B 2277 31.98 -2.95 -25.11
C HIS B 2277 32.68 -1.97 -26.03
N ALA B 2278 33.81 -1.43 -25.59
CA ALA B 2278 34.60 -0.42 -26.27
C ALA B 2278 33.84 0.91 -26.34
N ASN B 2279 32.60 0.96 -25.87
CA ASN B 2279 31.92 2.24 -25.73
C ASN B 2279 32.69 3.15 -24.79
N HIS B 2280 33.17 2.60 -23.67
CA HIS B 2280 33.91 3.42 -22.72
C HIS B 2280 35.17 4.02 -23.34
N ALA B 2281 35.64 3.45 -24.46
CA ALA B 2281 36.86 3.96 -25.06
C ALA B 2281 36.59 4.86 -26.25
N SER B 2282 35.65 4.48 -27.11
CA SER B 2282 35.43 5.15 -28.38
C SER B 2282 34.06 5.79 -28.49
N HIS B 2283 33.43 6.18 -27.38
CA HIS B 2283 32.19 6.92 -27.47
C HIS B 2283 32.46 8.31 -28.00
N GLU B 2284 31.61 8.74 -28.94
CA GLU B 2284 31.64 10.11 -29.40
C GLU B 2284 30.66 10.91 -28.58
N PRO B 2285 31.11 11.66 -27.56
CA PRO B 2285 30.13 12.31 -26.67
C PRO B 2285 29.25 13.29 -27.40
N PHE B 2286 29.73 13.81 -28.52
CA PHE B 2286 29.04 14.89 -29.24
C PHE B 2286 28.74 14.42 -30.66
N PRO B 2287 27.86 13.44 -30.81
CA PRO B 2287 27.40 13.09 -32.14
C PRO B 2287 26.40 14.12 -32.62
N GLY B 2288 26.54 14.53 -33.86
CA GLY B 2288 25.66 15.56 -34.38
C GLY B 2288 26.39 16.40 -35.41
N HIS B 2289 25.90 17.63 -35.53
CA HIS B 2289 26.36 18.57 -36.55
C HIS B 2289 27.06 19.73 -35.88
N TRP B 2290 28.35 19.88 -36.15
CA TRP B 2290 29.15 20.95 -35.57
C TRP B 2290 29.25 22.08 -36.58
N ALA B 2291 28.73 23.25 -36.20
CA ALA B 2291 28.76 24.43 -37.05
C ALA B 2291 29.82 25.37 -36.52
N TYR B 2292 30.82 25.66 -37.34
CA TYR B 2292 31.89 26.56 -36.95
C TYR B 2292 31.59 27.98 -37.42
N ILE B 2293 32.15 28.95 -36.70
CA ILE B 2293 31.92 30.35 -37.01
C ILE B 2293 32.54 30.67 -38.36
N ALA B 2294 31.70 30.93 -39.35
CA ALA B 2294 32.15 31.24 -40.69
C ALA B 2294 32.12 32.73 -41.00
N GLY B 2295 31.62 33.55 -40.10
CA GLY B 2295 31.53 34.97 -40.33
C GLY B 2295 30.32 35.55 -39.62
N PHE B 2296 30.26 36.87 -39.62
CA PHE B 2296 29.21 37.61 -38.95
C PHE B 2296 28.32 38.29 -39.98
N ASP B 2297 27.04 38.42 -39.65
CA ASP B 2297 26.15 39.18 -40.50
C ASP B 2297 26.37 40.67 -40.27
N ASP B 2298 26.15 41.45 -41.33
CA ASP B 2298 26.64 42.83 -41.35
C ASP B 2298 26.04 43.68 -40.23
N MET B 2299 24.80 43.39 -39.83
CA MET B 2299 24.05 44.25 -38.91
C MET B 2299 24.06 43.68 -37.50
N VAL B 2300 24.30 44.53 -36.51
CA VAL B 2300 24.22 44.15 -35.11
C VAL B 2300 23.16 45.02 -34.46
N GLU B 2301 22.13 44.38 -33.93
CA GLU B 2301 21.00 45.09 -33.34
C GLU B 2301 21.32 45.51 -31.91
N ILE B 2302 20.74 46.63 -31.49
CA ILE B 2302 20.86 47.11 -30.11
C ILE B 2302 19.48 47.08 -29.49
N LEU B 2303 19.34 46.34 -28.39
CA LEU B 2303 18.07 46.16 -27.71
C LEU B 2303 17.94 47.19 -26.60
N ALA B 2304 16.80 47.88 -26.55
CA ALA B 2304 16.56 48.86 -25.51
C ALA B 2304 16.44 48.20 -24.14
N SER B 2305 15.68 47.09 -24.10
CA SER B 2305 15.55 46.30 -22.85
C SER B 2305 16.88 45.60 -22.54
N LEU B 2306 17.06 45.04 -21.36
CA LEU B 2306 18.31 44.32 -21.01
C LEU B 2306 19.50 45.28 -21.18
N GLN B 2307 19.34 46.57 -20.89
CA GLN B 2307 20.46 47.56 -20.84
C GLN B 2307 21.33 47.70 -22.11
N LYS B 2308 20.79 47.72 -23.32
CA LYS B 2308 21.55 48.03 -24.59
C LYS B 2308 22.21 46.78 -25.18
N PRO B 2309 22.01 45.58 -24.62
CA PRO B 2309 22.54 44.34 -25.17
C PRO B 2309 22.59 44.36 -26.69
N LYS B 2310 23.78 44.10 -27.23
CA LYS B 2310 23.93 43.92 -28.66
C LYS B 2310 23.42 42.56 -29.07
N LYS B 2311 22.90 42.46 -30.29
CA LYS B 2311 22.46 41.18 -30.84
C LYS B 2311 23.18 40.90 -32.15
N ILE B 2312 24.37 40.34 -32.06
CA ILE B 2312 25.08 39.91 -33.25
C ILE B 2312 24.44 38.63 -33.78
N SER B 2313 24.80 38.25 -34.99
CA SER B 2313 24.28 37.04 -35.61
C SER B 2313 25.41 36.33 -36.34
N LEU B 2314 25.89 35.24 -35.76
CA LEU B 2314 26.98 34.49 -36.34
C LEU B 2314 26.50 33.70 -37.55
N LYS B 2315 27.43 33.34 -38.41
CA LYS B 2315 27.14 32.57 -39.61
C LYS B 2315 27.84 31.22 -39.55
N GLY B 2316 27.07 30.16 -39.40
CA GLY B 2316 27.65 28.85 -39.30
C GLY B 2316 28.30 28.40 -40.59
N SER B 2317 29.15 27.38 -40.49
CA SER B 2317 29.72 26.80 -41.69
C SER B 2317 28.64 26.21 -42.58
N ASP B 2318 27.53 25.77 -41.97
CA ASP B 2318 26.43 25.21 -42.74
C ASP B 2318 25.61 26.29 -43.41
N GLY B 2319 25.89 27.56 -43.11
CA GLY B 2319 25.12 28.65 -43.64
C GLY B 2319 24.10 29.24 -42.69
N LYS B 2320 23.51 28.43 -41.82
CA LYS B 2320 22.54 28.95 -40.86
C LYS B 2320 23.12 30.14 -40.12
N PHE B 2321 22.24 31.00 -39.62
CA PHE B 2321 22.62 32.14 -38.82
C PHE B 2321 22.12 31.94 -37.40
N TYR B 2322 23.01 32.08 -36.43
CA TYR B 2322 22.68 31.93 -35.02
C TYR B 2322 22.78 33.29 -34.35
N ILE B 2323 21.69 33.74 -33.76
CA ILE B 2323 21.62 35.05 -33.10
C ILE B 2323 22.20 34.90 -31.70
N MET B 2324 23.17 35.72 -31.36
CA MET B 2324 23.84 35.66 -30.06
C MET B 2324 23.76 37.02 -29.40
N MET B 2325 22.96 37.12 -28.35
CA MET B 2325 22.99 38.34 -27.55
C MET B 2325 24.32 38.46 -26.84
N CYS B 2326 24.80 39.68 -26.68
CA CYS B 2326 26.03 39.96 -25.96
C CYS B 2326 25.71 40.80 -24.75
N LYS B 2327 25.73 40.19 -23.57
CA LYS B 2327 25.17 40.78 -22.38
C LYS B 2327 26.27 41.33 -21.48
N PRO B 2328 26.40 42.63 -21.33
CA PRO B 2328 27.42 43.18 -20.43
C PRO B 2328 26.88 43.36 -19.02
N LYS B 2329 27.81 43.48 -18.07
CA LYS B 2329 27.48 43.79 -16.69
C LYS B 2329 26.64 42.69 -16.04
N ASP B 2330 26.95 41.44 -16.40
CA ASP B 2330 26.21 40.30 -15.82
C ASP B 2330 27.12 39.08 -15.65
N ASP B 2331 27.08 38.45 -14.47
CA ASP B 2331 27.87 37.26 -14.19
C ASP B 2331 27.10 36.05 -14.65
N LEU B 2332 27.53 35.44 -15.75
CA LEU B 2332 26.81 34.35 -16.35
C LEU B 2332 27.33 32.99 -15.93
N ARG B 2333 28.25 32.92 -14.98
CA ARG B 2333 28.69 31.63 -14.48
C ARG B 2333 27.54 30.87 -13.84
N LYS B 2334 26.74 31.56 -13.02
CA LYS B 2334 25.60 30.93 -12.32
C LYS B 2334 24.55 30.52 -13.35
N ASP B 2335 24.35 31.33 -14.39
CA ASP B 2335 23.43 30.99 -15.51
C ASP B 2335 23.96 29.77 -16.24
N CYS B 2336 25.27 29.64 -16.43
CA CYS B 2336 25.91 28.52 -17.17
C CYS B 2336 25.80 27.21 -16.40
N ARG B 2337 26.13 27.15 -15.11
CA ARG B 2337 25.94 25.97 -14.29
C ARG B 2337 24.48 25.56 -14.25
N LEU B 2338 23.57 26.54 -14.26
CA LEU B 2338 22.16 26.20 -14.22
C LEU B 2338 21.72 25.55 -15.52
N MET B 2339 22.28 25.97 -16.65
CA MET B 2339 21.94 25.33 -17.90
C MET B 2339 22.42 23.88 -17.92
N GLU B 2340 23.58 23.62 -17.32
CA GLU B 2340 24.02 22.23 -17.21
C GLU B 2340 23.05 21.42 -16.36
N PHE B 2341 22.65 21.96 -15.21
CA PHE B 2341 21.68 21.26 -14.37
C PHE B 2341 20.38 21.00 -15.12
N ASN B 2342 19.90 22.00 -15.86
CA ASN B 2342 18.66 21.84 -16.59
C ASN B 2342 18.78 20.78 -17.69
N SER B 2343 19.95 20.68 -18.32
CA SER B 2343 20.14 19.63 -19.30
C SER B 2343 20.08 18.25 -18.65
N LEU B 2344 20.67 18.12 -17.46
CA LEU B 2344 20.55 16.86 -16.73
C LEU B 2344 19.08 16.53 -16.49
N ILE B 2345 18.31 17.49 -16.00
CA ILE B 2345 16.89 17.24 -15.78
C ILE B 2345 16.21 16.90 -17.09
N ASN B 2346 16.64 17.50 -18.19
CA ASN B 2346 16.01 17.24 -19.48
C ASN B 2346 16.21 15.79 -19.89
N LYS B 2347 17.40 15.25 -19.68
CA LYS B 2347 17.59 13.85 -20.05
C LYS B 2347 16.85 12.93 -19.10
N CYS B 2348 16.73 13.31 -17.82
CA CYS B 2348 15.87 12.55 -16.94
C CYS B 2348 14.42 12.55 -17.42
N LEU B 2349 13.94 13.69 -17.93
CA LEU B 2349 12.56 13.77 -18.39
C LEU B 2349 12.37 13.05 -19.71
N ARG B 2350 13.44 12.93 -20.49
CA ARG B 2350 13.36 12.14 -21.73
C ARG B 2350 13.23 10.66 -21.41
N LYS B 2351 14.05 10.16 -20.49
CA LYS B 2351 14.06 8.72 -20.24
C LYS B 2351 12.76 8.24 -19.59
N ASP B 2352 12.09 9.11 -18.84
CA ASP B 2352 10.86 8.71 -18.18
C ASP B 2352 9.73 8.53 -19.19
N ALA B 2353 8.85 7.57 -18.96
CA ALA B 2353 7.78 7.31 -19.91
C ALA B 2353 6.63 8.28 -19.72
N GLU B 2354 6.28 8.61 -18.48
CA GLU B 2354 5.22 9.57 -18.22
C GLU B 2354 5.57 10.94 -18.79
N SER B 2355 6.73 11.47 -18.40
CA SER B 2355 7.18 12.74 -18.95
C SER B 2355 7.25 12.69 -20.46
N ARG B 2356 7.91 11.69 -21.01
CA ARG B 2356 8.09 11.66 -22.46
C ARG B 2356 6.75 11.60 -23.18
N ARG B 2357 5.77 10.92 -22.58
CA ARG B 2357 4.45 10.89 -23.20
C ARG B 2357 3.80 12.27 -23.15
N ARG B 2358 4.02 13.00 -22.06
CA ARG B 2358 3.54 14.38 -22.04
C ARG B 2358 4.51 15.35 -22.69
N GLU B 2359 5.67 14.87 -23.12
CA GLU B 2359 6.67 15.69 -23.78
C GLU B 2359 7.12 16.84 -22.90
N LEU B 2360 7.31 16.57 -21.62
CA LEU B 2360 7.83 17.57 -20.71
C LEU B 2360 9.28 17.84 -21.06
N HIS B 2361 9.69 19.10 -20.94
CA HIS B 2361 10.98 19.50 -21.47
C HIS B 2361 11.25 20.93 -21.02
N ILE B 2362 12.50 21.20 -20.66
CA ILE B 2362 12.92 22.52 -20.22
C ILE B 2362 13.71 23.16 -21.35
N ARG B 2363 13.19 24.26 -21.89
CA ARG B 2363 13.89 24.96 -22.96
C ARG B 2363 15.19 25.54 -22.45
N THR B 2364 16.31 25.01 -22.94
CA THR B 2364 17.63 25.46 -22.53
C THR B 2364 18.24 26.26 -23.67
N TYR B 2365 19.01 27.28 -23.32
CA TYR B 2365 19.73 28.10 -24.28
C TYR B 2365 21.17 28.19 -23.82
N ALA B 2366 22.10 28.27 -24.76
CA ALA B 2366 23.51 28.34 -24.40
C ALA B 2366 23.85 29.66 -23.75
N VAL B 2367 24.61 29.60 -22.67
CA VAL B 2367 25.15 30.78 -22.00
C VAL B 2367 26.65 30.59 -21.89
N ILE B 2368 27.42 31.52 -22.44
CA ILE B 2368 28.87 31.44 -22.48
C ILE B 2368 29.44 32.70 -21.85
N PRO B 2369 29.95 32.63 -20.63
CA PRO B 2369 30.57 33.82 -20.04
C PRO B 2369 31.96 34.07 -20.60
N LEU B 2370 32.18 35.26 -21.17
CA LEU B 2370 33.49 35.57 -21.75
C LEU B 2370 34.46 36.06 -20.68
N ASN B 2371 33.97 36.81 -19.70
CA ASN B 2371 34.77 37.15 -18.54
C ASN B 2371 33.84 37.32 -17.36
N ASP B 2372 34.34 37.97 -16.31
CA ASP B 2372 33.59 38.03 -15.06
C ASP B 2372 32.26 38.74 -15.23
N GLU B 2373 32.24 39.82 -16.01
CA GLU B 2373 31.06 40.67 -16.08
C GLU B 2373 30.38 40.68 -17.43
N CYS B 2374 30.76 39.79 -18.35
CA CYS B 2374 30.21 39.83 -19.69
C CYS B 2374 30.14 38.42 -20.26
N GLY B 2375 29.30 38.25 -21.27
CA GLY B 2375 29.17 36.95 -21.91
C GLY B 2375 28.20 37.04 -23.06
N ILE B 2376 28.17 35.98 -23.87
CA ILE B 2376 27.26 35.87 -25.00
C ILE B 2376 26.23 34.81 -24.67
N ILE B 2377 24.97 35.12 -24.93
CA ILE B 2377 23.87 34.22 -24.64
C ILE B 2377 23.13 33.93 -25.93
N GLU B 2378 22.83 32.67 -26.18
CA GLU B 2378 22.08 32.32 -27.36
C GLU B 2378 20.69 32.91 -27.31
N TRP B 2379 20.35 33.71 -28.31
CA TRP B 2379 19.02 34.29 -28.38
C TRP B 2379 17.99 33.21 -28.74
N VAL B 2380 16.87 33.22 -28.01
CA VAL B 2380 15.77 32.31 -28.26
C VAL B 2380 14.78 33.02 -29.17
N ASN B 2381 14.57 32.48 -30.37
CA ASN B 2381 13.78 33.17 -31.37
C ASN B 2381 12.30 32.84 -31.22
N ASN B 2382 11.47 33.75 -31.70
CA ASN B 2382 10.02 33.57 -31.69
C ASN B 2382 9.45 33.58 -30.28
N THR B 2383 10.10 34.30 -29.37
CA THR B 2383 9.64 34.38 -27.98
C THR B 2383 9.50 35.84 -27.61
N ALA B 2384 8.47 36.15 -26.83
CA ALA B 2384 8.26 37.46 -26.28
C ALA B 2384 7.85 37.33 -24.82
N GLY B 2385 8.26 38.28 -24.00
CA GLY B 2385 7.92 38.22 -22.61
C GLY B 2385 6.42 38.14 -22.41
N LEU B 2386 6.01 37.68 -21.23
CA LEU B 2386 4.60 37.66 -20.91
C LEU B 2386 4.05 39.07 -20.78
N ARG B 2387 4.83 39.98 -20.20
CA ARG B 2387 4.34 41.34 -20.01
C ARG B 2387 4.14 42.08 -21.31
N PRO B 2388 5.05 42.06 -22.28
CA PRO B 2388 4.76 42.72 -23.55
C PRO B 2388 3.55 42.15 -24.27
N ILE B 2389 3.41 40.82 -24.27
CA ILE B 2389 2.22 40.20 -24.84
C ILE B 2389 0.97 40.77 -24.20
N LEU B 2390 0.86 40.69 -22.88
CA LEU B 2390 -0.34 41.16 -22.21
C LEU B 2390 -0.53 42.65 -22.39
N THR B 2391 0.55 43.40 -22.47
CA THR B 2391 0.43 44.84 -22.64
C THR B 2391 -0.19 45.18 -23.99
N LYS B 2392 0.28 44.53 -25.06
CA LYS B 2392 -0.32 44.82 -26.35
C LYS B 2392 -1.77 44.34 -26.40
N LEU B 2393 -2.05 43.18 -25.80
CA LEU B 2393 -3.42 42.69 -25.78
C LEU B 2393 -4.34 43.64 -25.04
N TYR B 2394 -3.85 44.28 -23.96
CA TYR B 2394 -4.67 45.23 -23.23
C TYR B 2394 -4.82 46.53 -24.01
N LYS B 2395 -3.76 46.97 -24.67
CA LYS B 2395 -3.86 48.21 -25.44
C LYS B 2395 -4.87 48.07 -26.57
N GLU B 2396 -4.94 46.90 -27.19
CA GLU B 2396 -5.94 46.72 -28.24
C GLU B 2396 -7.35 46.79 -27.66
N LYS B 2397 -7.55 46.30 -26.44
CA LYS B 2397 -8.85 46.43 -25.79
C LYS B 2397 -9.10 47.86 -25.34
N GLY B 2398 -8.08 48.70 -25.40
CA GLY B 2398 -8.17 50.03 -24.85
C GLY B 2398 -8.09 50.07 -23.34
N VAL B 2399 -8.15 48.92 -22.66
CA VAL B 2399 -8.08 48.89 -21.21
C VAL B 2399 -6.62 48.78 -20.79
N TYR B 2400 -5.92 49.92 -20.74
CA TYR B 2400 -4.51 49.95 -20.42
C TYR B 2400 -4.27 50.96 -19.32
N MET B 2401 -3.47 50.58 -18.33
CA MET B 2401 -3.21 51.39 -17.16
C MET B 2401 -1.88 52.09 -17.30
N THR B 2402 -1.87 53.40 -17.07
CA THR B 2402 -0.68 54.21 -17.26
C THR B 2402 0.31 53.99 -16.12
N GLY B 2403 1.60 54.12 -16.43
CA GLY B 2403 2.61 53.99 -15.40
C GLY B 2403 2.38 54.93 -14.23
N LYS B 2404 1.93 56.16 -14.51
CA LYS B 2404 1.61 57.09 -13.44
C LYS B 2404 0.40 56.61 -12.64
N GLU B 2405 -0.61 56.09 -13.35
CA GLU B 2405 -1.74 55.47 -12.67
C GLU B 2405 -1.27 54.38 -11.72
N LEU B 2406 -0.44 53.46 -12.20
CA LEU B 2406 0.15 52.47 -11.32
C LEU B 2406 0.83 53.12 -10.12
N ARG B 2407 1.69 54.11 -10.37
CA ARG B 2407 2.38 54.78 -9.27
C ARG B 2407 1.40 55.24 -8.21
N GLN B 2408 0.31 55.87 -8.62
CA GLN B 2408 -0.66 56.37 -7.65
C GLN B 2408 -1.37 55.22 -6.94
N CYS B 2409 -1.59 54.12 -7.64
CA CYS B 2409 -2.26 52.97 -7.01
C CYS B 2409 -1.36 52.34 -5.95
N MET B 2410 -0.05 52.34 -6.18
CA MET B 2410 0.86 51.69 -5.26
C MET B 2410 0.74 52.27 -3.87
N LEU B 2411 0.68 51.41 -2.87
CA LEU B 2411 0.74 51.81 -1.48
C LEU B 2411 2.18 51.89 -1.02
N PRO B 2412 2.45 52.57 0.08
CA PRO B 2412 3.78 52.50 0.69
C PRO B 2412 3.98 51.13 1.32
N LYS B 2413 5.23 50.66 1.27
CA LYS B 2413 5.53 49.39 1.92
C LYS B 2413 5.34 49.51 3.43
N SER B 2414 5.03 50.72 3.91
CA SER B 2414 4.48 50.90 5.25
C SER B 2414 3.14 50.20 5.40
N ALA B 2415 2.30 50.27 4.37
CA ALA B 2415 0.89 49.88 4.51
C ALA B 2415 0.76 48.48 5.08
N ALA B 2416 -0.37 48.26 5.75
CA ALA B 2416 -0.71 46.93 6.25
C ALA B 2416 -1.28 46.08 5.13
N LEU B 2417 -1.31 44.76 5.36
CA LEU B 2417 -1.75 43.85 4.32
C LEU B 2417 -3.20 44.12 3.91
N SER B 2418 -4.01 44.61 4.83
CA SER B 2418 -5.40 44.94 4.49
C SER B 2418 -5.45 45.93 3.34
N GLU B 2419 -4.72 47.03 3.46
CA GLU B 2419 -4.73 48.06 2.45
C GLU B 2419 -4.20 47.54 1.13
N LYS B 2420 -3.12 46.75 1.19
CA LYS B 2420 -2.49 46.17 -0.01
C LYS B 2420 -3.46 45.18 -0.66
N LEU B 2421 -4.27 44.52 0.12
CA LEU B 2421 -5.12 43.57 -0.58
C LEU B 2421 -6.36 44.25 -1.08
N LYS B 2422 -6.72 45.36 -0.47
CA LYS B 2422 -7.86 46.18 -0.97
C LYS B 2422 -7.48 46.87 -2.29
N VAL B 2423 -6.30 47.46 -2.37
CA VAL B 2423 -5.80 48.06 -3.61
C VAL B 2423 -5.76 47.02 -4.71
N PHE B 2424 -5.10 45.90 -4.47
CA PHE B 2424 -4.97 44.82 -5.48
C PHE B 2424 -6.33 44.43 -5.99
N ARG B 2425 -7.25 43.97 -5.13
CA ARG B 2425 -8.54 43.43 -5.60
C ARG B 2425 -9.41 44.49 -6.29
N GLU B 2426 -9.43 45.73 -5.80
CA GLU B 2426 -10.35 46.76 -6.34
C GLU B 2426 -9.80 47.48 -7.57
N PHE B 2427 -8.52 47.85 -7.62
CA PHE B 2427 -7.97 48.66 -8.70
C PHE B 2427 -7.17 47.83 -9.69
N LEU B 2428 -6.23 47.01 -9.23
CA LEU B 2428 -5.27 46.45 -10.16
C LEU B 2428 -5.84 45.26 -10.90
N LEU B 2429 -6.58 44.41 -10.21
CA LEU B 2429 -7.15 43.24 -10.86
C LEU B 2429 -8.29 43.64 -11.78
N PRO B 2430 -9.21 44.50 -11.34
CA PRO B 2430 -10.32 44.89 -12.23
C PRO B 2430 -9.84 45.54 -13.50
N ARG B 2431 -8.85 46.43 -13.42
CA ARG B 2431 -8.37 47.11 -14.61
C ARG B 2431 -7.70 46.13 -15.57
N HIS B 2432 -7.12 45.05 -15.04
CA HIS B 2432 -6.47 44.04 -15.86
C HIS B 2432 -7.32 42.79 -15.90
N PRO B 2433 -8.28 42.68 -16.80
CA PRO B 2433 -9.07 41.47 -16.88
C PRO B 2433 -8.27 40.35 -17.53
N PRO B 2434 -8.62 39.10 -17.26
CA PRO B 2434 -7.88 37.99 -17.87
C PRO B 2434 -8.00 38.03 -19.38
N ILE B 2435 -6.85 38.03 -20.06
CA ILE B 2435 -6.79 38.23 -21.50
C ILE B 2435 -5.89 37.22 -22.19
N PHE B 2436 -5.27 36.29 -21.47
CA PHE B 2436 -4.17 35.54 -22.04
C PHE B 2436 -4.65 34.52 -23.06
N HIS B 2437 -5.89 34.07 -22.95
CA HIS B 2437 -6.38 33.02 -23.84
C HIS B 2437 -6.49 33.53 -25.28
N GLU B 2438 -6.69 34.83 -25.45
CA GLU B 2438 -6.85 35.35 -26.80
C GLU B 2438 -5.52 35.40 -27.54
N TRP B 2439 -4.43 35.51 -26.81
CA TRP B 2439 -3.13 35.35 -27.46
C TRP B 2439 -3.03 33.98 -28.11
N PHE B 2440 -3.48 32.94 -27.41
CA PHE B 2440 -3.47 31.61 -27.98
C PHE B 2440 -4.41 31.52 -29.17
N LEU B 2441 -5.59 32.12 -29.04
CA LEU B 2441 -6.56 32.05 -30.14
C LEU B 2441 -6.03 32.70 -31.40
N ARG B 2442 -5.34 33.82 -31.26
CA ARG B 2442 -4.95 34.57 -32.45
C ARG B 2442 -3.59 34.12 -32.99
N THR B 2443 -2.74 33.57 -32.13
CA THR B 2443 -1.43 33.13 -32.59
C THR B 2443 -1.51 31.79 -33.29
N PHE B 2444 -2.38 30.91 -32.82
CA PHE B 2444 -2.55 29.57 -33.38
C PHE B 2444 -3.97 29.45 -33.91
N PRO B 2445 -4.23 29.92 -35.13
CA PRO B 2445 -5.60 29.91 -35.63
C PRO B 2445 -6.14 28.53 -35.89
N ASP B 2446 -5.31 27.59 -36.31
CA ASP B 2446 -5.79 26.26 -36.62
C ASP B 2446 -6.14 25.50 -35.35
N PRO B 2447 -7.28 24.82 -35.29
CA PRO B 2447 -7.67 24.16 -34.04
C PRO B 2447 -6.67 23.16 -33.53
N THR B 2448 -6.11 22.32 -34.39
CA THR B 2448 -5.12 21.35 -33.92
C THR B 2448 -3.88 22.06 -33.41
N SER B 2449 -3.41 23.06 -34.14
CA SER B 2449 -2.29 23.85 -33.66
C SER B 2449 -2.61 24.50 -32.33
N TRP B 2450 -3.81 25.06 -32.20
CA TRP B 2450 -4.18 25.71 -30.94
C TRP B 2450 -4.14 24.73 -29.79
N TYR B 2451 -4.70 23.53 -29.97
CA TYR B 2451 -4.73 22.59 -28.87
C TYR B 2451 -3.33 22.12 -28.53
N SER B 2452 -2.52 21.78 -29.55
CA SER B 2452 -1.15 21.36 -29.28
C SER B 2452 -0.42 22.43 -28.49
N SER B 2453 -0.57 23.69 -28.89
CA SER B 2453 0.23 24.74 -28.26
C SER B 2453 -0.29 25.10 -26.89
N ARG B 2454 -1.59 24.98 -26.64
CA ARG B 2454 -2.08 25.23 -25.29
C ARG B 2454 -1.64 24.12 -24.36
N SER B 2455 -1.66 22.87 -24.83
CA SER B 2455 -1.12 21.78 -24.02
C SER B 2455 0.37 22.00 -23.73
N ALA B 2456 1.12 22.42 -24.73
CA ALA B 2456 2.54 22.65 -24.52
C ALA B 2456 2.77 23.78 -23.54
N TYR B 2457 1.93 24.82 -23.58
CA TYR B 2457 2.07 25.90 -22.62
C TYR B 2457 1.82 25.41 -21.20
N CYS B 2458 0.74 24.65 -21.00
CA CYS B 2458 0.46 24.12 -19.67
C CYS B 2458 1.61 23.25 -19.17
N ARG B 2459 2.05 22.30 -19.98
CA ARG B 2459 3.12 21.40 -19.56
C ARG B 2459 4.43 22.14 -19.31
N SER B 2460 4.75 23.12 -20.14
CA SER B 2460 5.98 23.87 -19.96
C SER B 2460 5.97 24.65 -18.66
N THR B 2461 4.88 25.39 -18.42
CA THR B 2461 4.78 26.14 -17.18
C THR B 2461 4.85 25.21 -15.98
N ALA B 2462 4.25 24.02 -16.08
CA ALA B 2462 4.31 23.08 -14.97
C ALA B 2462 5.73 22.63 -14.69
N VAL B 2463 6.43 22.16 -15.72
CA VAL B 2463 7.79 21.67 -15.52
C VAL B 2463 8.64 22.76 -14.91
N MET B 2464 8.60 23.96 -15.47
CA MET B 2464 9.52 24.97 -14.99
C MET B 2464 9.07 25.56 -13.66
N SER B 2465 7.78 25.48 -13.35
CA SER B 2465 7.31 25.85 -12.02
C SER B 2465 7.91 24.94 -10.97
N MET B 2466 7.80 23.64 -11.16
CA MET B 2466 8.35 22.72 -10.15
C MET B 2466 9.87 22.84 -10.07
N VAL B 2467 10.55 22.95 -11.21
CA VAL B 2467 12.00 23.04 -11.17
C VAL B 2467 12.44 24.33 -10.49
N GLY B 2468 11.80 25.46 -10.82
CA GLY B 2468 12.17 26.70 -10.18
C GLY B 2468 11.83 26.72 -8.71
N TYR B 2469 10.78 26.00 -8.32
CA TYR B 2469 10.49 25.86 -6.91
C TYR B 2469 11.63 25.16 -6.19
N ILE B 2470 12.02 23.98 -6.65
CA ILE B 2470 13.03 23.24 -5.92
C ILE B 2470 14.37 23.98 -5.95
N LEU B 2471 14.64 24.72 -7.03
CA LEU B 2471 15.88 25.46 -7.11
C LEU B 2471 15.79 26.83 -6.46
N GLY B 2472 14.61 27.27 -6.04
CA GLY B 2472 14.50 28.59 -5.45
C GLY B 2472 14.56 29.71 -6.46
N LEU B 2473 14.16 29.44 -7.69
CA LEU B 2473 14.21 30.46 -8.73
C LEU B 2473 13.26 31.60 -8.40
N GLY B 2474 13.79 32.81 -8.41
CA GLY B 2474 12.99 33.97 -8.10
C GLY B 2474 13.09 35.00 -9.20
N ASP B 2475 12.41 36.12 -8.99
CA ASP B 2475 12.41 37.22 -9.95
C ASP B 2475 11.78 36.80 -11.26
N ARG B 2476 10.69 36.02 -11.19
CA ARG B 2476 9.98 35.52 -12.39
C ARG B 2476 9.02 36.61 -12.88
N HIS B 2477 9.51 37.81 -13.13
CA HIS B 2477 8.69 38.98 -13.58
C HIS B 2477 8.29 38.75 -15.03
N GLY B 2478 7.26 39.44 -15.51
CA GLY B 2478 6.81 39.32 -16.91
C GLY B 2478 7.95 39.16 -17.88
N GLU B 2479 9.00 39.97 -17.83
CA GLU B 2479 10.05 39.92 -18.88
C GLU B 2479 10.98 38.70 -18.72
N ASN B 2480 11.05 38.04 -17.55
CA ASN B 2480 11.87 36.80 -17.39
C ASN B 2480 11.09 35.55 -17.79
N ILE B 2481 9.79 35.61 -18.08
CA ILE B 2481 9.06 34.46 -18.63
C ILE B 2481 8.67 34.77 -20.06
N LEU B 2482 9.24 34.03 -20.99
CA LEU B 2482 8.97 34.22 -22.41
C LEU B 2482 8.15 33.05 -22.92
N PHE B 2483 7.28 33.33 -23.89
CA PHE B 2483 6.44 32.31 -24.48
C PHE B 2483 6.74 32.24 -25.97
N ASP B 2484 6.89 31.01 -26.47
CA ASP B 2484 7.30 30.76 -27.85
C ASP B 2484 6.12 30.93 -28.78
N SER B 2485 6.28 31.75 -29.82
CA SER B 2485 5.18 32.00 -30.73
C SER B 2485 4.84 30.78 -31.57
N LEU B 2486 5.83 29.92 -31.83
CA LEU B 2486 5.60 28.80 -32.71
C LEU B 2486 5.16 27.56 -31.95
N THR B 2487 5.62 27.41 -30.71
CA THR B 2487 5.32 26.21 -29.97
C THR B 2487 4.34 26.42 -28.82
N GLY B 2488 4.18 27.64 -28.34
CA GLY B 2488 3.40 27.91 -27.17
C GLY B 2488 4.12 27.63 -25.87
N GLU B 2489 5.33 27.09 -25.94
CA GLU B 2489 6.06 26.73 -24.75
C GLU B 2489 6.52 27.96 -24.00
N CYS B 2490 6.91 27.74 -22.75
CA CYS B 2490 7.39 28.77 -21.85
C CYS B 2490 8.90 28.66 -21.72
N VAL B 2491 9.59 29.79 -21.83
CA VAL B 2491 11.04 29.84 -21.69
C VAL B 2491 11.37 30.80 -20.56
N HIS B 2492 12.29 30.40 -19.70
CA HIS B 2492 12.70 31.21 -18.57
C HIS B 2492 14.11 31.72 -18.81
N VAL B 2493 14.35 32.97 -18.42
CA VAL B 2493 15.63 33.61 -18.61
C VAL B 2493 16.02 34.29 -17.30
N ASP B 2494 17.20 34.90 -17.30
CA ASP B 2494 17.67 35.64 -16.13
C ASP B 2494 17.65 34.77 -14.88
N PHE B 2495 18.50 33.76 -14.88
CA PHE B 2495 18.62 32.82 -13.76
C PHE B 2495 19.60 33.30 -12.70
N ASN B 2496 19.75 34.60 -12.54
CA ASN B 2496 20.72 35.10 -11.57
C ASN B 2496 20.24 34.91 -10.14
N CYS B 2497 19.00 35.27 -9.86
CA CYS B 2497 18.45 35.12 -8.52
C CYS B 2497 18.02 33.68 -8.30
N LEU B 2498 18.88 32.89 -7.70
CA LEU B 2498 18.61 31.48 -7.47
C LEU B 2498 18.75 31.19 -5.98
N PHE B 2499 18.21 30.05 -5.58
CA PHE B 2499 18.39 29.56 -4.22
C PHE B 2499 17.81 30.54 -3.21
N ASN B 2500 16.64 31.08 -3.53
CA ASN B 2500 15.88 31.90 -2.59
C ASN B 2500 16.61 33.18 -2.25
N LYS B 2501 17.38 33.70 -3.20
CA LYS B 2501 17.94 35.03 -3.02
C LYS B 2501 16.86 36.09 -3.04
N GLY B 2502 15.69 35.75 -3.59
CA GLY B 2502 14.63 36.74 -3.72
C GLY B 2502 14.08 37.19 -2.38
N GLU B 2503 14.05 36.28 -1.40
CA GLU B 2503 13.43 36.61 -0.13
C GLU B 2503 14.17 37.74 0.58
N THR B 2504 15.46 37.91 0.28
CA THR B 2504 16.20 39.00 0.90
C THR B 2504 16.11 40.29 0.12
N PHE B 2505 15.39 40.30 -1.00
CA PHE B 2505 15.14 41.53 -1.71
C PHE B 2505 14.48 42.54 -0.78
N GLU B 2506 14.51 43.81 -1.17
CA GLU B 2506 13.87 44.83 -0.36
C GLU B 2506 12.41 44.48 -0.11
N VAL B 2507 11.68 44.12 -1.16
CA VAL B 2507 10.33 43.57 -1.05
C VAL B 2507 10.42 42.07 -1.28
N PRO B 2508 10.53 41.26 -0.24
CA PRO B 2508 10.77 39.82 -0.45
C PRO B 2508 9.74 39.21 -1.37
N GLU B 2509 10.09 38.07 -1.95
CA GLU B 2509 9.19 37.33 -2.82
C GLU B 2509 8.54 36.21 -2.01
N ILE B 2510 7.20 36.24 -1.96
CA ILE B 2510 6.45 35.38 -1.07
C ILE B 2510 5.98 34.09 -1.73
N VAL B 2511 6.03 34.01 -3.05
CA VAL B 2511 5.39 32.94 -3.81
C VAL B 2511 6.46 31.96 -4.27
N PRO B 2512 6.15 30.68 -4.44
CA PRO B 2512 7.16 29.72 -4.92
C PRO B 2512 7.51 29.93 -6.37
N PHE B 2513 6.51 30.15 -7.22
CA PHE B 2513 6.71 30.40 -8.63
C PHE B 2513 5.63 31.35 -9.10
N ARG B 2514 5.75 31.79 -10.34
CA ARG B 2514 4.83 32.78 -10.88
C ARG B 2514 3.63 32.09 -11.51
N LEU B 2515 2.48 32.18 -10.86
CA LEU B 2515 1.22 31.75 -11.44
C LEU B 2515 0.19 32.83 -11.18
N THR B 2516 0.18 33.86 -12.03
CA THR B 2516 -0.81 34.91 -11.87
C THR B 2516 -2.11 34.50 -12.57
N HIS B 2517 -3.08 35.40 -12.56
CA HIS B 2517 -4.41 35.00 -13.01
C HIS B 2517 -4.51 34.97 -14.52
N ASN B 2518 -3.62 35.68 -15.21
CA ASN B 2518 -3.62 35.61 -16.67
C ASN B 2518 -3.04 34.30 -17.16
N MET B 2519 -2.01 33.79 -16.48
CA MET B 2519 -1.48 32.48 -16.86
C MET B 2519 -2.51 31.38 -16.62
N VAL B 2520 -3.17 31.41 -15.47
CA VAL B 2520 -4.23 30.44 -15.21
C VAL B 2520 -5.35 30.59 -16.23
N ASN B 2521 -5.61 31.82 -16.67
CA ASN B 2521 -6.57 32.02 -17.75
C ASN B 2521 -6.11 31.31 -19.01
N GLY B 2522 -4.85 31.46 -19.37
CA GLY B 2522 -4.35 30.78 -20.55
C GLY B 2522 -4.50 29.28 -20.46
N MET B 2523 -4.41 28.72 -19.25
CA MET B 2523 -4.48 27.27 -19.10
C MET B 2523 -5.83 26.71 -19.52
N GLY B 2524 -6.87 27.54 -19.53
CA GLY B 2524 -8.17 27.09 -19.96
C GLY B 2524 -9.24 27.27 -18.91
N PRO B 2525 -10.46 26.83 -19.21
CA PRO B 2525 -11.53 26.97 -18.21
C PRO B 2525 -11.34 26.09 -17.00
N MET B 2526 -10.62 24.97 -17.14
CA MET B 2526 -10.34 24.15 -15.96
C MET B 2526 -9.30 24.82 -15.07
N GLY B 2527 -8.35 25.52 -15.67
CA GLY B 2527 -7.37 26.23 -14.87
C GLY B 2527 -6.25 25.31 -14.44
N THR B 2528 -5.80 25.48 -13.20
CA THR B 2528 -4.68 24.69 -12.72
C THR B 2528 -5.01 23.20 -12.71
N GLU B 2529 -6.26 22.84 -12.45
CA GLU B 2529 -6.66 21.44 -12.50
C GLU B 2529 -6.67 20.96 -13.94
N GLY B 2530 -5.96 19.87 -14.21
CA GLY B 2530 -5.96 19.34 -15.56
C GLY B 2530 -4.60 18.97 -16.07
N LEU B 2531 -4.16 19.61 -17.15
CA LEU B 2531 -2.85 19.33 -17.70
C LEU B 2531 -1.75 19.91 -16.82
N PHE B 2532 -1.98 21.11 -16.28
CA PHE B 2532 -0.96 21.74 -15.46
C PHE B 2532 -0.66 20.93 -14.22
N ARG B 2533 -1.69 20.52 -13.49
CA ARG B 2533 -1.46 19.82 -12.23
C ARG B 2533 -0.82 18.46 -12.46
N ARG B 2534 -1.22 17.76 -13.52
CA ARG B 2534 -0.63 16.46 -13.76
C ARG B 2534 0.81 16.57 -14.22
N ALA B 2535 1.12 17.58 -15.04
CA ALA B 2535 2.52 17.82 -15.38
C ALA B 2535 3.34 18.18 -14.14
N CYS B 2536 2.78 18.99 -13.26
CA CYS B 2536 3.46 19.33 -12.02
C CYS B 2536 3.77 18.09 -11.21
N GLU B 2537 2.79 17.19 -11.07
CA GLU B 2537 2.99 16.01 -10.25
C GLU B 2537 3.97 15.05 -10.89
N VAL B 2538 3.92 14.92 -12.22
CA VAL B 2538 4.89 14.08 -12.92
C VAL B 2538 6.31 14.60 -12.70
N THR B 2539 6.49 15.91 -12.84
CA THR B 2539 7.81 16.48 -12.63
C THR B 2539 8.29 16.29 -11.19
N MET B 2540 7.40 16.49 -10.22
CA MET B 2540 7.80 16.33 -8.83
C MET B 2540 8.15 14.88 -8.53
N ARG B 2541 7.37 13.95 -9.05
CA ARG B 2541 7.68 12.54 -8.87
C ARG B 2541 9.05 12.20 -9.45
N LEU B 2542 9.34 12.72 -10.64
CA LEU B 2542 10.63 12.42 -11.26
C LEU B 2542 11.78 13.07 -10.51
N MET B 2543 11.59 14.28 -9.99
CA MET B 2543 12.68 14.94 -9.29
C MET B 2543 12.89 14.36 -7.90
N ARG B 2544 11.87 13.69 -7.35
CA ARG B 2544 12.09 12.98 -6.11
C ARG B 2544 12.71 11.61 -6.36
N ASP B 2545 12.43 11.00 -7.50
CA ASP B 2545 13.10 9.74 -7.84
C ASP B 2545 14.58 9.95 -8.08
N GLN B 2546 14.94 10.99 -8.83
CA GLN B 2546 16.32 11.30 -9.14
C GLN B 2546 16.93 12.26 -8.13
N ARG B 2547 16.51 12.17 -6.87
CA ARG B 2547 17.00 13.09 -5.87
C ARG B 2547 18.51 13.05 -5.75
N GLU B 2548 19.12 11.88 -5.91
CA GLU B 2548 20.55 11.74 -5.63
C GLU B 2548 21.44 12.31 -6.72
N PRO B 2549 21.26 12.00 -8.00
CA PRO B 2549 22.08 12.66 -9.02
C PRO B 2549 21.87 14.16 -9.06
N LEU B 2550 20.62 14.59 -9.06
CA LEU B 2550 20.32 16.01 -9.00
C LEU B 2550 21.03 16.66 -7.83
N MET B 2551 21.00 16.02 -6.67
CA MET B 2551 21.57 16.64 -5.48
C MET B 2551 23.08 16.66 -5.53
N SER B 2552 23.69 15.66 -6.16
CA SER B 2552 25.14 15.69 -6.35
C SER B 2552 25.56 16.85 -7.23
N VAL B 2553 24.95 16.97 -8.41
CA VAL B 2553 25.28 18.08 -9.30
C VAL B 2553 25.04 19.40 -8.60
N LEU B 2554 23.93 19.50 -7.85
CA LEU B 2554 23.60 20.76 -7.19
C LEU B 2554 24.61 21.09 -6.11
N LYS B 2555 25.04 20.11 -5.33
CA LYS B 2555 26.09 20.37 -4.35
C LYS B 2555 27.32 20.91 -5.02
N THR B 2556 27.71 20.34 -6.16
CA THR B 2556 28.88 20.84 -6.86
C THR B 2556 28.66 22.26 -7.36
N PHE B 2557 27.41 22.61 -7.63
CA PHE B 2557 27.11 23.96 -8.13
C PHE B 2557 27.08 24.97 -7.00
N LEU B 2558 26.65 24.57 -5.81
CA LEU B 2558 26.49 25.52 -4.71
C LEU B 2558 27.83 25.89 -4.10
N HIS B 2559 28.78 24.97 -4.10
CA HIS B 2559 30.11 25.24 -3.58
C HIS B 2559 31.06 25.72 -4.65
N ASP B 2560 30.55 26.18 -5.78
CA ASP B 2560 31.40 26.66 -6.85
C ASP B 2560 32.12 27.93 -6.41
N PRO B 2561 33.45 27.96 -6.43
CA PRO B 2561 34.15 29.17 -5.96
C PRO B 2561 34.17 30.29 -6.98
N LEU B 2562 33.90 29.99 -8.26
CA LEU B 2562 34.03 31.02 -9.28
C LEU B 2562 32.75 31.83 -9.41
N VAL B 2563 31.62 31.27 -9.01
CA VAL B 2563 30.38 32.02 -9.06
C VAL B 2563 30.50 33.22 -8.15
N GLU B 2564 29.72 34.26 -8.46
CA GLU B 2564 29.80 35.52 -7.72
C GLU B 2564 28.68 35.58 -6.69
N TRP B 2565 28.83 34.74 -5.65
CA TRP B 2565 27.79 34.65 -4.65
C TRP B 2565 27.65 35.94 -3.86
N SER B 2566 28.77 36.57 -3.50
CA SER B 2566 28.72 37.60 -2.48
C SER B 2566 28.59 38.99 -3.07
N LYS B 2567 28.80 39.13 -4.38
CA LYS B 2567 28.68 40.46 -4.98
C LYS B 2567 29.74 41.38 -4.37
N PRO B 2568 31.02 41.06 -4.54
CA PRO B 2568 32.06 41.78 -3.79
C PRO B 2568 32.43 43.10 -4.46
N VAL B 2569 32.86 44.05 -3.63
CA VAL B 2569 33.29 45.35 -4.12
C VAL B 2569 34.68 45.25 -4.74
N LYS B 2570 35.06 46.30 -5.48
CA LYS B 2570 36.38 46.53 -6.07
C LYS B 2570 36.83 45.40 -6.99
N GLY B 2571 35.94 44.49 -7.40
CA GLY B 2571 36.28 43.49 -8.38
C GLY B 2571 37.07 42.31 -7.85
N HIS B 2572 38.27 42.56 -7.34
CA HIS B 2572 39.17 41.48 -6.94
C HIS B 2572 39.99 41.85 -5.71
N THR B 2580 43.03 33.36 -2.31
CA THR B 2580 42.52 34.38 -3.22
C THR B 2580 42.20 33.73 -4.56
N GLY B 2581 41.38 34.42 -5.37
CA GLY B 2581 40.85 33.83 -6.56
C GLY B 2581 39.62 32.96 -6.33
N GLU B 2582 39.30 32.65 -5.08
CA GLU B 2582 38.13 31.88 -4.72
C GLU B 2582 37.23 32.72 -3.84
N VAL B 2583 35.94 32.41 -3.87
CA VAL B 2583 34.98 32.97 -2.94
C VAL B 2583 34.14 31.84 -2.41
N VAL B 2584 33.71 31.96 -1.16
CA VAL B 2584 32.96 30.91 -0.48
C VAL B 2584 31.52 31.34 -0.39
N ASN B 2585 30.61 30.40 -0.67
CA ASN B 2585 29.19 30.65 -0.48
C ASN B 2585 28.88 30.53 1.01
N GLU B 2586 28.61 31.66 1.66
CA GLU B 2586 28.29 31.63 3.07
C GLU B 2586 27.15 30.66 3.34
N LYS B 2587 26.17 30.63 2.46
CA LYS B 2587 24.93 29.90 2.69
C LYS B 2587 24.90 28.54 2.03
N ALA B 2588 26.04 28.01 1.60
CA ALA B 2588 26.03 26.74 0.86
C ALA B 2588 25.39 25.63 1.68
N LYS B 2589 25.73 25.52 2.96
CA LYS B 2589 25.10 24.52 3.81
C LYS B 2589 23.59 24.68 3.83
N THR B 2590 23.12 25.89 4.13
CA THR B 2590 21.69 26.15 4.20
C THR B 2590 21.02 25.88 2.87
N HIS B 2591 21.64 26.29 1.77
CA HIS B 2591 21.03 26.06 0.47
C HIS B 2591 20.91 24.58 0.17
N VAL B 2592 21.96 23.82 0.49
CA VAL B 2592 21.91 22.39 0.22
C VAL B 2592 20.82 21.73 1.04
N LEU B 2593 20.74 22.08 2.33
CA LEU B 2593 19.73 21.46 3.16
C LEU B 2593 18.32 21.86 2.75
N ASP B 2594 18.14 23.12 2.34
CA ASP B 2594 16.85 23.58 1.88
C ASP B 2594 16.41 22.83 0.64
N ILE B 2595 17.30 22.69 -0.34
CA ILE B 2595 16.94 21.96 -1.55
C ILE B 2595 16.63 20.51 -1.24
N GLU B 2596 17.43 19.90 -0.36
CA GLU B 2596 17.17 18.52 0.03
C GLU B 2596 15.79 18.39 0.65
N GLN B 2597 15.40 19.34 1.49
CA GLN B 2597 14.06 19.29 2.06
C GLN B 2597 13.00 19.43 0.99
N ARG B 2598 13.12 20.41 0.11
CA ARG B 2598 12.12 20.59 -0.93
C ARG B 2598 12.00 19.33 -1.78
N LEU B 2599 13.08 18.59 -1.95
CA LEU B 2599 13.04 17.38 -2.76
C LEU B 2599 12.43 16.22 -1.99
N GLN B 2600 12.48 16.26 -0.66
CA GLN B 2600 11.91 15.17 0.13
C GLN B 2600 10.44 15.41 0.41
N GLY B 2601 9.98 16.64 0.27
CA GLY B 2601 8.61 16.99 0.59
C GLY B 2601 8.43 17.73 1.89
N VAL B 2602 9.52 18.09 2.57
CA VAL B 2602 9.42 18.77 3.85
C VAL B 2602 9.10 20.24 3.63
N ILE B 2603 8.13 20.74 4.38
CA ILE B 2603 7.68 22.13 4.23
C ILE B 2603 8.32 23.03 5.28
N LYS B 2604 8.30 22.62 6.54
CA LYS B 2604 8.97 23.33 7.62
C LYS B 2604 8.28 24.63 7.99
N THR B 2605 7.28 25.05 7.24
CA THR B 2605 6.66 26.34 7.51
C THR B 2605 5.80 26.26 8.76
N ARG B 2606 5.39 25.06 9.15
CA ARG B 2606 4.72 24.89 10.42
C ARG B 2606 5.58 25.50 11.51
N ASN B 2607 5.08 26.57 12.13
CA ASN B 2607 5.86 27.25 13.15
C ASN B 2607 5.82 26.50 14.47
N ARG B 2608 4.69 25.90 14.80
CA ARG B 2608 4.48 25.42 16.17
C ARG B 2608 4.53 23.90 16.29
N VAL B 2609 4.63 23.16 15.19
CA VAL B 2609 5.09 21.77 15.23
C VAL B 2609 6.07 21.57 14.10
N THR B 2610 7.36 21.74 14.38
CA THR B 2610 8.33 21.79 13.29
C THR B 2610 8.54 20.41 12.67
N GLY B 2611 8.42 19.35 13.46
CA GLY B 2611 8.50 18.01 12.91
C GLY B 2611 7.36 17.78 11.95
N LEU B 2612 7.69 17.39 10.71
CA LEU B 2612 6.72 17.35 9.64
C LEU B 2612 6.89 16.10 8.80
N PRO B 2613 5.82 15.34 8.58
CA PRO B 2613 5.87 14.29 7.57
C PRO B 2613 5.97 14.88 6.18
N LEU B 2614 6.38 14.05 5.24
CA LEU B 2614 6.51 14.49 3.87
C LEU B 2614 5.15 14.52 3.18
N SER B 2615 4.97 15.48 2.27
CA SER B 2615 3.81 15.50 1.41
C SER B 2615 4.14 14.77 0.10
N ILE B 2616 3.10 14.47 -0.69
CA ILE B 2616 3.34 13.73 -1.93
C ILE B 2616 2.81 14.45 -3.17
N GLU B 2617 1.48 14.58 -3.25
CA GLU B 2617 0.84 15.49 -4.20
C GLU B 2617 0.07 16.55 -3.46
N GLY B 2618 -0.10 16.36 -2.15
CA GLY B 2618 -0.40 17.48 -1.29
C GLY B 2618 0.67 18.55 -1.41
N HIS B 2619 1.88 18.16 -1.78
CA HIS B 2619 2.93 19.14 -2.01
C HIS B 2619 2.61 20.02 -3.21
N VAL B 2620 2.26 19.41 -4.34
CA VAL B 2620 1.90 20.18 -5.52
C VAL B 2620 0.67 21.01 -5.26
N HIS B 2621 -0.33 20.43 -4.59
CA HIS B 2621 -1.52 21.18 -4.23
C HIS B 2621 -1.17 22.42 -3.41
N TYR B 2622 -0.32 22.24 -2.40
CA TYR B 2622 0.08 23.35 -1.55
C TYR B 2622 0.81 24.41 -2.35
N LEU B 2623 1.72 24.00 -3.24
CA LEU B 2623 2.45 24.98 -4.03
C LEU B 2623 1.53 25.79 -4.91
N ILE B 2624 0.59 25.12 -5.58
CA ILE B 2624 -0.32 25.85 -6.46
C ILE B 2624 -1.19 26.81 -5.67
N GLN B 2625 -1.69 26.38 -4.51
CA GLN B 2625 -2.57 27.24 -3.75
C GLN B 2625 -1.82 28.41 -3.13
N GLU B 2626 -0.53 28.25 -2.88
CA GLU B 2626 0.26 29.38 -2.40
C GLU B 2626 0.62 30.33 -3.53
N ALA B 2627 0.87 29.78 -4.72
CA ALA B 2627 1.28 30.62 -5.83
C ALA B 2627 0.11 31.43 -6.38
N THR B 2628 -1.11 30.91 -6.24
CA THR B 2628 -2.28 31.64 -6.71
C THR B 2628 -2.99 32.44 -5.63
N ASP B 2629 -2.48 32.42 -4.39
CA ASP B 2629 -3.15 33.12 -3.31
C ASP B 2629 -3.02 34.62 -3.49
N GLU B 2630 -4.14 35.34 -3.33
CA GLU B 2630 -4.10 36.78 -3.53
C GLU B 2630 -3.56 37.50 -2.31
N ASN B 2631 -3.71 36.91 -1.12
CA ASN B 2631 -3.09 37.50 0.05
C ASN B 2631 -1.58 37.56 -0.09
N LEU B 2632 -1.01 36.63 -0.87
CA LEU B 2632 0.42 36.66 -1.13
C LEU B 2632 0.74 37.51 -2.35
N LEU B 2633 -0.08 37.40 -3.39
CA LEU B 2633 0.20 38.12 -4.63
C LEU B 2633 0.13 39.63 -4.42
N CYS B 2634 -0.72 40.07 -3.51
CA CYS B 2634 -0.85 41.51 -3.29
C CYS B 2634 0.40 42.10 -2.68
N GLN B 2635 1.16 41.30 -1.95
CA GLN B 2635 2.33 41.83 -1.26
C GLN B 2635 3.54 41.90 -2.19
N MET B 2636 3.52 41.16 -3.29
CA MET B 2636 4.67 41.14 -4.17
C MET B 2636 4.95 42.53 -4.72
N TYR B 2637 6.21 42.76 -5.07
CA TYR B 2637 6.62 44.04 -5.61
C TYR B 2637 5.91 44.31 -6.94
N LEU B 2638 5.60 45.57 -7.21
CA LEU B 2638 4.81 45.89 -8.39
C LEU B 2638 5.56 45.59 -9.68
N GLY B 2639 6.88 45.73 -9.67
CA GLY B 2639 7.65 45.39 -10.85
C GLY B 2639 7.42 43.95 -11.27
N TRP B 2640 7.20 43.07 -10.30
CA TRP B 2640 6.74 41.72 -10.59
C TRP B 2640 5.38 41.74 -11.29
N THR B 2641 4.67 42.85 -11.23
CA THR B 2641 3.33 42.99 -11.77
C THR B 2641 2.47 41.79 -11.40
N PRO B 2642 2.17 41.61 -10.12
CA PRO B 2642 1.30 40.47 -9.75
C PRO B 2642 -0.07 40.56 -10.37
N TYR B 2643 -0.50 41.77 -10.75
CA TYR B 2643 -1.87 41.95 -11.23
C TYR B 2643 -2.06 41.43 -12.63
N MET B 2644 -0.96 41.30 -13.39
CA MET B 2644 -1.07 40.87 -14.77
C MET B 2644 -1.11 39.36 -14.86
#